data_2K7Z
#
_entry.id   2K7Z
#
_cell.length_a   1.000
_cell.length_b   1.000
_cell.length_c   1.000
_cell.angle_alpha   90.00
_cell.angle_beta   90.00
_cell.angle_gamma   90.00
#
_symmetry.space_group_name_H-M   'P 1'
#
_entity_poly.entity_id   1
_entity_poly.type   'polypeptide(L)'
_entity_poly.pdbx_seq_one_letter_code
;MRGSESQTLDKVYQMKSKPRGYCLIINNHNFAKAREKVPKLHSIRDRNGTHLDAGALTTTFEELHFEIKPHDDCTVEQIY
EILKIYQLMDHSNMDCFICCILSHGDKGIIYGTDGQEAPIYELTSQFTGLKCPSLAGKPKVFFIQAAQGDNYQKGIPVET
DSEEQPYLEMDLSSPQTRYIPDEADFLLGMATVNNCVSYRNPAEGTWYIQSLCQSLRERCPRGDDILTILTEVNYEVSNK
DDKKNMGKQMPQPTFTLRKKLVFPSD
;
_entity_poly.pdbx_strand_id   A
#
# COMPACT_ATOMS: atom_id res chain seq x y z
N LYS A 11 -12.08 -14.42 -14.19
CA LYS A 11 -11.16 -14.75 -15.29
C LYS A 11 -10.63 -13.49 -15.95
N VAL A 12 -9.63 -13.65 -16.84
CA VAL A 12 -9.12 -12.58 -17.70
C VAL A 12 -10.25 -11.88 -18.46
N TYR A 13 -10.30 -10.54 -18.35
CA TYR A 13 -11.30 -9.68 -18.99
C TYR A 13 -12.76 -10.03 -18.62
N GLN A 14 -12.98 -10.68 -17.46
CA GLN A 14 -14.31 -11.12 -17.00
C GLN A 14 -14.93 -10.18 -15.94
N MET A 15 -14.22 -9.11 -15.57
CA MET A 15 -14.63 -8.13 -14.54
C MET A 15 -15.70 -7.12 -15.02
N LYS A 16 -16.18 -7.27 -16.27
CA LYS A 16 -17.13 -6.41 -16.99
C LYS A 16 -18.47 -6.20 -16.27
N SER A 17 -18.57 -5.13 -15.49
CA SER A 17 -19.74 -4.82 -14.67
C SER A 17 -20.00 -3.31 -14.59
N LYS A 18 -21.11 -2.92 -13.94
CA LYS A 18 -21.43 -1.51 -13.60
C LYS A 18 -20.26 -0.82 -12.87
N PRO A 19 -19.85 -1.28 -11.67
CA PRO A 19 -18.72 -0.70 -10.94
C PRO A 19 -17.40 -1.03 -11.65
N ARG A 20 -16.53 -0.02 -11.72
CA ARG A 20 -15.18 -0.11 -12.30
C ARG A 20 -14.19 -0.79 -11.36
N GLY A 21 -14.06 -0.24 -10.15
CA GLY A 21 -13.18 -0.73 -9.11
C GLY A 21 -13.05 0.31 -8.00
N TYR A 22 -12.99 -0.16 -6.76
CA TYR A 22 -12.88 0.65 -5.54
C TYR A 22 -11.43 0.59 -5.05
N CYS A 23 -10.69 1.70 -5.16
CA CYS A 23 -9.31 1.82 -4.69
C CYS A 23 -9.22 2.72 -3.46
N LEU A 24 -8.47 2.28 -2.44
CA LEU A 24 -8.24 3.04 -1.20
C LEU A 24 -6.89 3.74 -1.19
N ILE A 25 -6.87 4.99 -0.71
CA ILE A 25 -5.64 5.80 -0.63
C ILE A 25 -5.67 6.66 0.65
N ILE A 26 -4.73 6.39 1.57
CA ILE A 26 -4.55 7.12 2.83
C ILE A 26 -3.63 8.35 2.62
N ASN A 27 -4.20 9.56 2.61
CA ASN A 27 -3.49 10.84 2.57
C ASN A 27 -2.98 11.25 3.98
N ASN A 28 -2.42 10.31 4.73
CA ASN A 28 -1.79 10.60 6.04
C ASN A 28 -0.48 11.37 5.81
N HIS A 29 -0.57 12.72 5.86
CA HIS A 29 0.60 13.59 5.76
C HIS A 29 1.38 13.70 7.08
N ASN A 30 0.72 13.50 8.23
CA ASN A 30 1.37 13.57 9.55
C ASN A 30 2.35 12.41 9.75
N PHE A 31 3.65 12.69 9.62
CA PHE A 31 4.71 11.68 9.77
C PHE A 31 5.50 11.80 11.08
N ALA A 32 5.06 12.64 12.03
CA ALA A 32 5.77 12.91 13.30
C ALA A 32 6.11 11.64 14.10
N LYS A 33 5.17 10.70 14.18
CA LYS A 33 5.37 9.39 14.84
C LYS A 33 5.52 8.25 13.83
N ALA A 34 5.69 8.60 12.56
CA ALA A 34 5.90 7.68 11.44
C ALA A 34 7.33 7.74 10.90
N ARG A 35 8.12 8.79 11.15
CA ARG A 35 9.52 8.94 10.69
C ARG A 35 10.43 7.75 11.05
N GLU A 36 10.10 7.04 12.13
CA GLU A 36 10.86 5.90 12.65
C GLU A 36 10.38 4.59 12.01
N LYS A 37 9.11 4.23 12.20
CA LYS A 37 8.49 3.01 11.64
C LYS A 37 8.47 3.03 10.11
N VAL A 38 8.24 4.21 9.52
CA VAL A 38 8.12 4.45 8.09
C VAL A 38 9.21 5.46 7.66
N PRO A 39 10.48 5.02 7.50
CA PRO A 39 11.58 5.89 7.09
C PRO A 39 11.40 6.47 5.67
N LYS A 40 10.43 5.94 4.91
CA LYS A 40 10.07 6.38 3.57
C LYS A 40 9.14 7.62 3.58
N LEU A 41 8.66 8.05 4.76
CA LEU A 41 7.78 9.21 4.93
C LEU A 41 8.52 10.52 5.23
N HIS A 42 9.83 10.46 5.50
CA HIS A 42 10.67 11.65 5.67
C HIS A 42 11.56 11.94 4.44
N SER A 43 11.36 11.19 3.35
CA SER A 43 12.12 11.25 2.08
C SER A 43 11.28 11.77 0.90
N ILE A 44 10.05 12.23 1.18
CA ILE A 44 9.10 12.81 0.23
C ILE A 44 9.55 14.21 -0.23
N ARG A 45 8.77 14.85 -1.12
CA ARG A 45 9.03 16.21 -1.60
C ARG A 45 8.12 17.22 -0.91
N ASP A 46 8.65 17.95 0.08
CA ASP A 46 7.93 19.04 0.77
C ASP A 46 8.06 20.39 0.05
N ARG A 47 9.23 20.69 -0.55
CA ARG A 47 9.55 21.99 -1.18
C ARG A 47 8.53 22.38 -2.27
N ASN A 48 8.27 21.45 -3.18
CA ASN A 48 7.31 21.60 -4.29
C ASN A 48 6.57 20.27 -4.50
N GLY A 49 5.28 20.27 -4.16
CA GLY A 49 4.41 19.09 -4.26
C GLY A 49 3.57 18.91 -3.00
N THR A 50 2.36 19.50 -2.96
CA THR A 50 1.47 19.36 -1.79
C THR A 50 0.54 18.16 -1.97
N HIS A 51 -0.35 18.23 -2.95
CA HIS A 51 -1.27 17.17 -3.33
C HIS A 51 -0.74 16.31 -4.49
N LEU A 52 0.52 16.49 -4.91
CA LEU A 52 1.12 15.73 -5.99
C LEU A 52 1.36 14.28 -5.54
N ASP A 53 2.05 14.09 -4.41
CA ASP A 53 2.44 12.77 -3.89
C ASP A 53 1.23 11.93 -3.43
N ALA A 54 0.12 12.59 -3.06
CA ALA A 54 -1.15 11.98 -2.66
C ALA A 54 -2.18 11.89 -3.81
N GLY A 55 -2.13 12.83 -4.74
CA GLY A 55 -2.97 12.85 -5.94
C GLY A 55 -2.44 11.95 -7.04
N ALA A 56 -1.13 11.68 -7.12
CA ALA A 56 -0.52 10.79 -8.11
C ALA A 56 -1.06 9.35 -8.05
N LEU A 57 -1.46 8.91 -6.86
CA LEU A 57 -2.09 7.60 -6.68
C LEU A 57 -3.56 7.65 -7.14
N THR A 58 -4.28 8.75 -6.86
CA THR A 58 -5.71 8.93 -7.20
C THR A 58 -5.91 9.18 -8.69
N THR A 59 -5.14 10.11 -9.27
CA THR A 59 -5.21 10.53 -10.68
C THR A 59 -5.14 9.34 -11.64
N THR A 60 -4.38 8.29 -11.27
CA THR A 60 -4.22 7.04 -12.01
C THR A 60 -5.56 6.33 -12.21
N PHE A 61 -6.42 6.34 -11.19
CA PHE A 61 -7.77 5.77 -11.27
C PHE A 61 -8.79 6.79 -11.78
N GLU A 62 -8.57 8.10 -11.56
CA GLU A 62 -9.42 9.16 -12.12
C GLU A 62 -9.46 9.11 -13.66
N GLU A 63 -8.29 9.08 -14.32
CA GLU A 63 -8.25 9.00 -15.79
C GLU A 63 -8.89 7.72 -16.36
N LEU A 64 -8.95 6.65 -15.56
CA LEU A 64 -9.64 5.40 -15.89
C LEU A 64 -11.14 5.42 -15.53
N HIS A 65 -11.64 6.50 -14.92
CA HIS A 65 -13.03 6.65 -14.44
C HIS A 65 -13.39 5.69 -13.28
N PHE A 66 -12.40 5.23 -12.51
CA PHE A 66 -12.60 4.33 -11.37
C PHE A 66 -13.11 5.06 -10.11
N GLU A 67 -13.51 4.30 -9.09
CA GLU A 67 -13.98 4.83 -7.80
C GLU A 67 -12.81 4.83 -6.80
N ILE A 68 -12.39 6.02 -6.39
CA ILE A 68 -11.31 6.21 -5.42
C ILE A 68 -11.90 6.67 -4.10
N LYS A 69 -11.35 6.16 -3.00
CA LYS A 69 -11.63 6.58 -1.63
C LYS A 69 -10.37 7.24 -1.04
N PRO A 70 -10.13 8.53 -1.34
CA PRO A 70 -9.09 9.32 -0.70
C PRO A 70 -9.51 9.65 0.74
N HIS A 71 -8.75 9.14 1.72
CA HIS A 71 -8.96 9.42 3.14
C HIS A 71 -7.91 10.40 3.65
N ASP A 72 -8.30 11.30 4.57
CA ASP A 72 -7.44 12.27 5.24
C ASP A 72 -6.49 11.62 6.28
N ASP A 73 -5.83 12.43 7.12
CA ASP A 73 -5.00 12.01 8.25
C ASP A 73 -5.77 11.14 9.25
N CYS A 74 -5.68 9.83 9.07
CA CYS A 74 -6.28 8.80 9.90
C CYS A 74 -5.19 7.85 10.36
N THR A 75 -4.81 7.93 11.65
CA THR A 75 -3.92 6.95 12.30
C THR A 75 -4.55 5.55 12.27
N VAL A 76 -3.76 4.53 12.62
CA VAL A 76 -4.19 3.12 12.69
C VAL A 76 -5.53 2.90 13.42
N GLU A 77 -5.80 3.67 14.48
CA GLU A 77 -7.06 3.66 15.25
C GLU A 77 -8.25 3.99 14.34
N GLN A 78 -8.09 4.94 13.41
CA GLN A 78 -9.11 5.30 12.43
C GLN A 78 -9.15 4.31 11.26
N ILE A 79 -8.03 3.68 10.88
CA ILE A 79 -8.01 2.65 9.82
C ILE A 79 -8.92 1.45 10.15
N TYR A 80 -9.14 1.16 11.44
CA TYR A 80 -10.13 0.18 11.88
C TYR A 80 -11.53 0.46 11.31
N GLU A 81 -11.89 1.73 11.12
CA GLU A 81 -13.19 2.10 10.55
C GLU A 81 -13.30 1.77 9.06
N ILE A 82 -12.21 1.40 8.41
CA ILE A 82 -12.16 0.94 7.01
C ILE A 82 -12.20 -0.59 6.95
N LEU A 83 -11.62 -1.28 7.95
CA LEU A 83 -11.59 -2.74 8.03
C LEU A 83 -12.99 -3.36 8.07
N LYS A 84 -13.96 -2.66 8.69
CA LYS A 84 -15.37 -3.05 8.73
C LYS A 84 -16.12 -2.78 7.42
N ILE A 85 -15.72 -1.77 6.64
CA ILE A 85 -16.40 -1.37 5.40
C ILE A 85 -16.36 -2.52 4.38
N TYR A 86 -15.23 -3.24 4.30
CA TYR A 86 -15.06 -4.38 3.41
C TYR A 86 -16.17 -5.43 3.56
N GLN A 87 -16.64 -5.64 4.80
CA GLN A 87 -17.76 -6.52 5.10
C GLN A 87 -19.12 -5.89 4.71
N LEU A 88 -19.31 -4.59 4.99
CA LEU A 88 -20.52 -3.84 4.61
C LEU A 88 -20.78 -3.82 3.10
N MET A 89 -19.73 -3.96 2.28
CA MET A 89 -19.86 -3.95 0.81
C MET A 89 -20.50 -5.24 0.27
N ASP A 90 -20.08 -6.40 0.78
CA ASP A 90 -20.54 -7.75 0.43
C ASP A 90 -20.64 -7.98 -1.11
N HIS A 91 -19.61 -7.55 -1.84
CA HIS A 91 -19.52 -7.61 -3.30
C HIS A 91 -19.72 -9.03 -3.87
N SER A 92 -20.85 -9.22 -4.57
CA SER A 92 -21.21 -10.50 -5.21
C SER A 92 -20.60 -10.65 -6.61
N ASN A 93 -20.66 -9.59 -7.44
CA ASN A 93 -20.19 -9.61 -8.84
C ASN A 93 -18.77 -9.03 -8.98
N MET A 94 -18.51 -7.91 -8.31
CA MET A 94 -17.21 -7.23 -8.25
C MET A 94 -16.11 -8.16 -7.78
N ASP A 95 -15.17 -8.44 -8.68
CA ASP A 95 -14.06 -9.37 -8.52
C ASP A 95 -12.68 -8.67 -8.59
N CYS A 96 -12.67 -7.34 -8.46
CA CYS A 96 -11.49 -6.49 -8.48
C CYS A 96 -11.48 -5.52 -7.28
N PHE A 97 -10.33 -5.39 -6.61
CA PHE A 97 -10.14 -4.42 -5.52
C PHE A 97 -8.65 -4.19 -5.26
N ILE A 98 -8.30 -3.01 -4.73
CA ILE A 98 -6.93 -2.64 -4.42
C ILE A 98 -6.83 -1.89 -3.08
N CYS A 99 -5.96 -2.39 -2.20
CA CYS A 99 -5.68 -1.86 -0.86
C CYS A 99 -4.25 -1.27 -0.82
N CYS A 100 -4.15 0.06 -0.74
CA CYS A 100 -2.87 0.78 -0.64
C CYS A 100 -2.72 1.42 0.75
N ILE A 101 -1.84 0.86 1.58
CA ILE A 101 -1.57 1.34 2.95
C ILE A 101 -0.24 2.08 3.00
N LEU A 102 -0.23 3.23 3.69
CA LEU A 102 0.96 4.05 3.93
C LEU A 102 1.71 3.61 5.19
N SER A 103 0.98 3.43 6.30
CA SER A 103 1.49 3.17 7.63
C SER A 103 1.80 1.68 7.85
N HIS A 104 3.09 1.34 7.95
CA HIS A 104 3.58 -0.02 8.13
C HIS A 104 4.77 -0.03 9.09
N GLY A 105 4.66 -0.77 10.20
CA GLY A 105 5.75 -0.97 11.13
C GLY A 105 6.85 -1.88 10.56
N ASP A 106 7.99 -1.96 11.27
CA ASP A 106 9.17 -2.71 10.81
C ASP A 106 9.20 -4.17 11.28
N LYS A 107 8.03 -4.74 11.60
CA LYS A 107 7.78 -6.14 12.01
C LYS A 107 8.50 -6.52 13.32
N GLY A 108 7.77 -6.48 14.44
CA GLY A 108 8.29 -6.81 15.77
C GLY A 108 8.58 -5.59 16.65
N ILE A 109 8.60 -4.40 16.05
CA ILE A 109 8.60 -3.10 16.74
C ILE A 109 7.42 -2.95 17.71
N ILE A 110 7.51 -1.95 18.58
CA ILE A 110 6.40 -1.57 19.46
C ILE A 110 5.31 -0.78 18.72
N TYR A 111 4.17 -0.60 19.38
CA TYR A 111 3.07 0.25 18.94
C TYR A 111 3.50 1.67 18.56
N GLY A 112 2.65 2.42 17.86
CA GLY A 112 2.90 3.81 17.49
C GLY A 112 1.61 4.59 17.26
N THR A 113 1.78 5.91 17.12
CA THR A 113 0.67 6.83 16.86
C THR A 113 0.36 6.88 15.35
N ASP A 114 1.29 7.36 14.53
CA ASP A 114 1.10 7.46 13.08
C ASP A 114 1.33 6.13 12.33
N GLY A 115 2.18 5.25 12.89
CA GLY A 115 2.47 3.94 12.31
C GLY A 115 1.34 2.95 12.53
N GLN A 116 1.50 2.04 13.49
CA GLN A 116 0.48 1.07 13.87
C GLN A 116 0.67 0.61 15.32
N GLU A 117 -0.43 0.30 16.01
CA GLU A 117 -0.47 -0.23 17.38
C GLU A 117 -1.26 -1.54 17.49
N ALA A 118 -1.67 -2.09 16.35
CA ALA A 118 -2.55 -3.23 16.22
C ALA A 118 -1.92 -4.38 15.40
N PRO A 119 -2.39 -5.62 15.59
CA PRO A 119 -1.88 -6.80 14.91
C PRO A 119 -2.29 -6.84 13.43
N ILE A 120 -1.47 -6.26 12.55
CA ILE A 120 -1.71 -6.25 11.09
C ILE A 120 -2.04 -7.64 10.54
N TYR A 121 -1.31 -8.67 11.00
CA TYR A 121 -1.47 -10.08 10.62
C TYR A 121 -2.84 -10.65 11.01
N GLU A 122 -3.49 -10.12 12.06
CA GLU A 122 -4.86 -10.50 12.42
C GLU A 122 -5.86 -9.77 11.53
N LEU A 123 -5.72 -8.45 11.37
CA LEU A 123 -6.64 -7.64 10.55
C LEU A 123 -6.73 -8.16 9.11
N THR A 124 -5.58 -8.40 8.48
CA THR A 124 -5.54 -8.94 7.11
C THR A 124 -6.05 -10.38 7.05
N SER A 125 -6.01 -11.12 8.18
CA SER A 125 -6.55 -12.48 8.31
C SER A 125 -8.08 -12.52 8.51
N GLN A 126 -8.77 -11.37 8.56
CA GLN A 126 -10.23 -11.29 8.65
C GLN A 126 -10.95 -11.66 7.34
N PHE A 127 -10.19 -11.95 6.27
CA PHE A 127 -10.73 -12.30 4.94
C PHE A 127 -10.57 -13.80 4.61
N THR A 128 -10.05 -14.60 5.56
CA THR A 128 -9.76 -16.02 5.38
C THR A 128 -11.03 -16.82 5.07
N GLY A 129 -10.96 -17.70 4.06
CA GLY A 129 -12.06 -18.56 3.61
C GLY A 129 -12.56 -19.59 4.65
N LEU A 130 -11.92 -19.67 5.82
CA LEU A 130 -12.31 -20.52 6.95
C LEU A 130 -12.91 -19.74 8.13
N LYS A 131 -12.78 -18.40 8.11
CA LYS A 131 -13.27 -17.49 9.17
C LYS A 131 -14.41 -16.64 8.62
N CYS A 132 -14.27 -16.13 7.39
CA CYS A 132 -15.30 -15.38 6.68
C CYS A 132 -15.14 -15.48 5.14
N PRO A 133 -15.53 -16.60 4.50
CA PRO A 133 -15.50 -16.76 3.04
C PRO A 133 -16.55 -15.88 2.33
N SER A 134 -16.23 -14.60 2.17
CA SER A 134 -17.05 -13.61 1.45
C SER A 134 -16.29 -13.04 0.23
N LEU A 135 -15.17 -12.36 0.50
CA LEU A 135 -14.31 -11.81 -0.55
C LEU A 135 -13.42 -12.88 -1.19
N ALA A 136 -13.17 -14.02 -0.53
CA ALA A 136 -12.33 -15.11 -1.03
C ALA A 136 -12.79 -15.69 -2.39
N GLY A 137 -14.05 -15.49 -2.77
CA GLY A 137 -14.58 -15.83 -4.10
C GLY A 137 -13.98 -15.01 -5.24
N LYS A 138 -13.22 -13.95 -4.94
CA LYS A 138 -12.49 -13.15 -5.92
C LYS A 138 -11.08 -12.78 -5.44
N PRO A 139 -10.14 -12.50 -6.36
CA PRO A 139 -8.79 -12.06 -6.01
C PRO A 139 -8.78 -10.63 -5.43
N LYS A 140 -7.59 -10.20 -4.99
CA LYS A 140 -7.34 -8.88 -4.38
C LYS A 140 -5.92 -8.41 -4.69
N VAL A 141 -5.72 -7.09 -4.62
CA VAL A 141 -4.41 -6.45 -4.83
C VAL A 141 -4.03 -5.56 -3.65
N PHE A 142 -2.73 -5.56 -3.34
CA PHE A 142 -2.14 -4.77 -2.28
C PHE A 142 -0.88 -4.05 -2.79
N PHE A 143 -0.94 -2.71 -2.89
CA PHE A 143 0.20 -1.87 -3.24
C PHE A 143 0.94 -1.41 -1.99
N ILE A 144 2.28 -1.34 -2.08
CA ILE A 144 3.18 -0.94 -1.00
C ILE A 144 4.23 0.03 -1.56
N GLN A 145 4.48 1.12 -0.83
CA GLN A 145 5.56 2.06 -1.14
C GLN A 145 6.94 1.49 -0.79
N ALA A 146 7.54 0.76 -1.74
CA ALA A 146 8.90 0.26 -1.64
C ALA A 146 9.99 1.29 -2.03
N ALA A 147 9.63 2.57 -2.23
CA ALA A 147 10.51 3.62 -2.78
C ALA A 147 11.89 3.69 -2.12
N GLN A 148 11.94 3.57 -0.78
CA GLN A 148 13.17 3.53 0.01
C GLN A 148 14.17 4.64 -0.37
N GLY A 149 13.64 5.86 -0.59
CA GLY A 149 14.43 7.02 -1.02
C GLY A 149 15.57 7.38 -0.06
N ASP A 150 15.38 7.08 1.23
CA ASP A 150 16.38 7.17 2.28
C ASP A 150 16.61 5.82 2.99
N ASN A 151 17.66 5.76 3.79
CA ASN A 151 18.08 4.57 4.52
C ASN A 151 17.01 4.11 5.52
N TYR A 152 16.46 2.91 5.31
CA TYR A 152 15.43 2.32 6.16
C TYR A 152 15.97 1.61 7.41
N GLN A 153 17.29 1.67 7.66
CA GLN A 153 17.93 1.09 8.85
C GLN A 153 17.62 1.80 10.17
N LYS A 154 17.06 3.02 10.13
CA LYS A 154 16.59 3.73 11.32
C LYS A 154 15.47 2.92 12.00
N GLY A 155 15.54 2.78 13.32
CA GLY A 155 14.56 2.04 14.10
C GLY A 155 15.07 1.74 15.52
N ILE A 156 14.59 2.50 16.50
CA ILE A 156 14.97 2.38 17.92
C ILE A 156 13.73 2.18 18.83
N PRO A 157 13.92 1.69 20.07
CA PRO A 157 12.83 1.50 21.04
C PRO A 157 12.37 2.80 21.71
N VAL A 158 13.25 3.81 21.79
CA VAL A 158 12.95 5.12 22.39
C VAL A 158 11.92 5.89 21.56
N GLU A 159 11.39 6.98 22.12
CA GLU A 159 10.49 7.90 21.41
C GLU A 159 11.24 9.11 20.87
N THR A 160 10.54 9.89 20.03
CA THR A 160 11.06 11.08 19.36
C THR A 160 9.96 12.14 19.35
N ASP A 161 10.27 13.41 19.64
CA ASP A 161 9.30 14.52 19.66
C ASP A 161 9.73 15.67 18.76
N SER A 162 10.86 16.31 19.10
CA SER A 162 11.40 17.48 18.39
C SER A 162 12.60 17.07 17.54
N GLU A 163 12.33 16.59 16.32
CA GLU A 163 13.35 16.02 15.41
C GLU A 163 13.57 16.86 14.14
N GLU A 164 13.37 18.19 14.20
CA GLU A 164 13.41 19.15 13.07
C GLU A 164 14.49 18.85 12.01
N GLN A 165 15.77 18.99 12.42
CA GLN A 165 16.97 18.79 11.61
C GLN A 165 17.86 17.72 12.26
N PRO A 166 18.33 17.89 13.52
CA PRO A 166 19.09 16.87 14.24
C PRO A 166 18.17 15.72 14.74
N TYR A 167 17.56 15.02 13.79
CA TYR A 167 16.78 13.80 14.02
C TYR A 167 17.61 12.63 14.55
N LEU A 168 16.98 11.46 14.72
CA LEU A 168 17.65 10.24 15.14
C LEU A 168 18.17 9.45 13.94
N GLU A 169 19.31 8.80 14.15
CA GLU A 169 20.07 8.05 13.15
C GLU A 169 20.75 6.83 13.78
N MET A 170 20.32 5.63 13.40
CA MET A 170 20.91 4.36 13.85
C MET A 170 20.88 3.33 12.72
N ASP A 171 21.57 2.21 12.95
CA ASP A 171 21.60 1.04 12.09
C ASP A 171 21.40 -0.25 12.89
N LEU A 172 21.09 -1.35 12.20
CA LEU A 172 20.96 -2.69 12.76
C LEU A 172 21.77 -3.71 11.95
N SER A 173 22.11 -4.83 12.59
CA SER A 173 22.81 -5.96 11.98
C SER A 173 21.88 -6.74 11.05
N SER A 174 22.08 -6.59 9.73
CA SER A 174 21.30 -7.23 8.66
C SER A 174 19.86 -6.66 8.53
N PRO A 175 19.16 -6.90 7.40
CA PRO A 175 17.78 -6.45 7.21
C PRO A 175 16.78 -7.23 8.08
N GLN A 176 15.54 -6.73 8.12
CA GLN A 176 14.43 -7.37 8.85
C GLN A 176 13.15 -7.34 8.02
N THR A 177 12.80 -8.50 7.45
CA THR A 177 11.52 -8.71 6.77
C THR A 177 11.06 -10.17 6.91
N ARG A 178 9.85 -10.35 7.45
CA ARG A 178 9.16 -11.63 7.60
C ARG A 178 7.74 -11.58 6.99
N TYR A 179 7.49 -10.60 6.12
CA TYR A 179 6.19 -10.40 5.48
C TYR A 179 6.08 -11.25 4.21
N ILE A 180 5.66 -12.50 4.38
CA ILE A 180 5.43 -13.45 3.28
C ILE A 180 4.27 -14.39 3.64
N PRO A 181 3.01 -14.00 3.39
CA PRO A 181 1.85 -14.86 3.65
C PRO A 181 1.72 -16.04 2.68
N ASP A 182 2.45 -16.04 1.55
CA ASP A 182 2.41 -17.04 0.46
C ASP A 182 0.99 -17.38 -0.05
N GLU A 183 0.03 -16.48 0.21
CA GLU A 183 -1.37 -16.61 -0.15
C GLU A 183 -1.57 -16.45 -1.65
N ALA A 184 -1.71 -17.59 -2.35
CA ALA A 184 -2.04 -17.62 -3.76
C ALA A 184 -3.40 -16.95 -4.06
N ASP A 185 -3.65 -16.68 -5.34
CA ASP A 185 -4.87 -16.04 -5.85
C ASP A 185 -4.95 -14.55 -5.44
N PHE A 186 -3.81 -13.92 -5.13
CA PHE A 186 -3.67 -12.52 -4.72
C PHE A 186 -2.44 -11.83 -5.33
N LEU A 187 -2.44 -10.49 -5.29
CA LEU A 187 -1.36 -9.65 -5.81
C LEU A 187 -0.77 -8.79 -4.69
N LEU A 188 0.54 -8.92 -4.48
CA LEU A 188 1.29 -8.17 -3.48
C LEU A 188 2.43 -7.40 -4.15
N GLY A 189 2.63 -6.14 -3.75
CA GLY A 189 3.73 -5.28 -4.23
C GLY A 189 4.85 -5.05 -3.20
N MET A 190 5.03 -5.97 -2.25
CA MET A 190 6.08 -5.88 -1.23
C MET A 190 7.49 -5.97 -1.86
N ALA A 191 8.46 -5.37 -1.18
CA ALA A 191 9.88 -5.42 -1.52
C ALA A 191 10.62 -6.44 -0.66
N PRO A 202 23.82 -11.46 -6.53
CA PRO A 202 22.51 -10.85 -6.73
C PRO A 202 22.64 -9.49 -7.43
N ALA A 203 21.67 -9.19 -8.29
CA ALA A 203 21.56 -7.89 -8.95
C ALA A 203 21.00 -6.82 -8.00
N GLU A 204 21.14 -5.54 -8.39
CA GLU A 204 20.66 -4.38 -7.63
C GLU A 204 19.16 -4.05 -7.88
N GLY A 205 18.46 -4.94 -8.58
CA GLY A 205 17.06 -4.81 -8.98
C GLY A 205 16.09 -4.89 -7.80
N THR A 206 15.55 -3.75 -7.40
CA THR A 206 14.59 -3.63 -6.28
C THR A 206 13.33 -2.89 -6.72
N TRP A 207 12.23 -3.04 -5.98
CA TRP A 207 10.99 -2.30 -6.20
C TRP A 207 11.09 -0.89 -5.61
N TYR A 208 10.29 0.04 -6.14
CA TYR A 208 10.26 1.45 -5.75
C TYR A 208 9.08 2.17 -6.42
N ILE A 209 8.91 3.48 -6.14
CA ILE A 209 7.95 4.33 -6.88
C ILE A 209 8.56 4.99 -8.12
N GLN A 210 9.91 4.98 -8.26
CA GLN A 210 10.68 5.65 -9.31
C GLN A 210 10.19 5.24 -10.72
N SER A 211 9.40 6.11 -11.35
CA SER A 211 8.67 5.84 -12.60
C SER A 211 7.71 4.64 -12.55
N LEU A 212 7.46 4.02 -11.39
CA LEU A 212 6.62 2.83 -11.28
C LEU A 212 5.12 3.19 -11.30
N CYS A 213 4.72 4.19 -10.51
CA CYS A 213 3.34 4.68 -10.49
C CYS A 213 2.90 5.28 -11.84
N GLN A 214 3.80 6.01 -12.52
CA GLN A 214 3.50 6.60 -13.83
C GLN A 214 3.61 5.60 -14.99
N SER A 215 4.31 4.47 -14.83
CA SER A 215 4.37 3.41 -15.84
C SER A 215 3.15 2.49 -15.74
N LEU A 216 2.74 2.08 -14.53
CA LEU A 216 1.56 1.23 -14.35
C LEU A 216 0.29 1.87 -14.92
N ARG A 217 0.10 3.18 -14.67
CA ARG A 217 -1.04 3.93 -15.20
C ARG A 217 -1.01 4.02 -16.72
N GLU A 218 0.17 4.08 -17.33
CA GLU A 218 0.29 4.08 -18.79
C GLU A 218 -0.03 2.70 -19.37
N ARG A 219 0.31 1.61 -18.67
CA ARG A 219 -0.01 0.25 -19.12
C ARG A 219 -1.47 -0.19 -18.87
N CYS A 220 -2.19 0.48 -17.96
CA CYS A 220 -3.63 0.28 -17.71
C CYS A 220 -4.49 0.37 -18.99
N PRO A 221 -4.58 1.52 -19.69
CA PRO A 221 -5.41 1.67 -20.90
C PRO A 221 -4.87 0.89 -22.11
N ARG A 222 -3.66 0.31 -22.01
CA ARG A 222 -3.06 -0.53 -23.04
C ARG A 222 -3.64 -1.94 -23.05
N GLY A 223 -4.37 -2.33 -22.00
CA GLY A 223 -4.93 -3.67 -21.83
C GLY A 223 -3.94 -4.69 -21.30
N ASP A 224 -2.79 -4.26 -20.75
CA ASP A 224 -1.82 -5.14 -20.10
C ASP A 224 -2.34 -5.54 -18.70
N ASP A 225 -2.10 -6.80 -18.33
CA ASP A 225 -2.44 -7.32 -17.01
C ASP A 225 -1.72 -6.59 -15.87
N ILE A 226 -2.09 -6.81 -14.59
CA ILE A 226 -1.32 -6.22 -13.47
C ILE A 226 -0.18 -7.15 -12.99
N LEU A 227 0.02 -8.27 -13.70
CA LEU A 227 0.99 -9.30 -13.33
C LEU A 227 2.40 -8.98 -13.84
N THR A 228 2.53 -8.31 -15.00
CA THR A 228 3.83 -8.00 -15.60
C THR A 228 4.24 -6.53 -15.42
N ILE A 229 3.52 -5.78 -14.58
CA ILE A 229 3.65 -4.32 -14.40
C ILE A 229 4.65 -3.97 -13.30
N LEU A 230 4.48 -4.55 -12.12
CA LEU A 230 5.36 -4.31 -10.97
C LEU A 230 6.83 -4.64 -11.26
N THR A 231 7.07 -5.47 -12.28
CA THR A 231 8.37 -5.94 -12.75
C THR A 231 8.67 -5.46 -14.18
N GLU A 232 7.93 -4.47 -14.72
CA GLU A 232 8.13 -3.93 -16.06
C GLU A 232 9.30 -2.93 -16.13
N VAL A 233 9.52 -2.16 -15.06
CA VAL A 233 10.56 -1.12 -14.99
C VAL A 233 11.96 -1.75 -14.88
N PRO A 251 14.87 -10.96 -11.13
CA PRO A 251 14.54 -10.36 -9.83
C PRO A 251 13.81 -11.35 -8.89
N GLN A 252 13.38 -10.85 -7.73
CA GLN A 252 12.64 -11.59 -6.70
C GLN A 252 11.19 -11.08 -6.50
N PRO A 253 10.33 -11.21 -7.54
CA PRO A 253 8.95 -10.72 -7.51
C PRO A 253 8.07 -11.56 -6.56
N THR A 254 7.53 -10.91 -5.52
CA THR A 254 6.68 -11.55 -4.50
C THR A 254 5.22 -11.58 -4.95
N PHE A 255 4.81 -12.63 -5.67
CA PHE A 255 3.42 -12.83 -6.11
C PHE A 255 3.11 -14.32 -6.25
N THR A 256 1.82 -14.69 -6.15
CA THR A 256 1.36 -16.07 -6.31
C THR A 256 -0.07 -16.09 -6.87
N LEU A 257 -0.25 -16.44 -8.15
CA LEU A 257 -1.56 -16.58 -8.78
C LEU A 257 -1.61 -17.81 -9.69
N ARG A 258 -2.83 -18.23 -10.03
CA ARG A 258 -3.11 -19.36 -10.93
C ARG A 258 -3.82 -18.96 -12.22
N LYS A 259 -4.39 -17.74 -12.27
CA LYS A 259 -5.10 -17.18 -13.42
C LYS A 259 -4.51 -15.81 -13.77
N LYS A 260 -4.79 -15.34 -14.98
CA LYS A 260 -4.37 -14.06 -15.51
C LYS A 260 -5.17 -12.90 -14.89
N LEU A 261 -4.56 -12.21 -13.92
CA LEU A 261 -5.14 -11.07 -13.21
C LEU A 261 -4.93 -9.76 -13.99
N VAL A 262 -5.95 -9.34 -14.74
CA VAL A 262 -5.91 -8.09 -15.51
C VAL A 262 -6.81 -7.05 -14.87
N PHE A 263 -6.39 -5.78 -14.90
CA PHE A 263 -7.18 -4.63 -14.46
C PHE A 263 -7.54 -3.76 -15.68
N PRO A 264 -8.53 -4.16 -16.48
CA PRO A 264 -8.98 -3.37 -17.62
C PRO A 264 -9.72 -2.10 -17.16
N SER A 265 -9.81 -1.10 -18.03
CA SER A 265 -10.54 0.14 -17.76
C SER A 265 -12.06 0.00 -17.86
N ASP A 266 -12.53 -1.06 -18.53
CA ASP A 266 -13.94 -1.41 -18.80
C ASP A 266 -14.45 -2.52 -17.86
N LYS A 11 -13.46 -13.99 -15.72
CA LYS A 11 -12.63 -14.24 -16.91
C LYS A 11 -11.78 -13.01 -17.25
N VAL A 12 -10.71 -13.23 -18.03
CA VAL A 12 -9.87 -12.15 -18.59
C VAL A 12 -10.72 -11.19 -19.43
N TYR A 13 -10.42 -9.88 -19.34
CA TYR A 13 -11.12 -8.78 -20.03
C TYR A 13 -12.67 -8.80 -19.94
N GLN A 14 -13.24 -9.61 -19.05
CA GLN A 14 -14.67 -9.90 -18.91
C GLN A 14 -15.28 -9.23 -17.66
N MET A 15 -14.49 -8.37 -16.98
CA MET A 15 -14.96 -7.48 -15.92
C MET A 15 -15.92 -6.44 -16.51
N LYS A 16 -17.22 -6.75 -16.46
CA LYS A 16 -18.31 -5.93 -17.01
C LYS A 16 -19.43 -5.81 -15.97
N SER A 17 -19.63 -4.62 -15.43
CA SER A 17 -20.72 -4.32 -14.49
C SER A 17 -21.00 -2.81 -14.44
N LYS A 18 -22.03 -2.40 -13.69
CA LYS A 18 -22.33 -0.99 -13.36
C LYS A 18 -21.12 -0.29 -12.71
N PRO A 19 -20.63 -0.73 -11.53
CA PRO A 19 -19.49 -0.10 -10.87
C PRO A 19 -18.19 -0.41 -11.63
N ARG A 20 -17.39 0.64 -11.88
CA ARG A 20 -16.11 0.58 -12.58
C ARG A 20 -15.02 -0.14 -11.78
N GLY A 21 -14.84 0.22 -10.51
CA GLY A 21 -13.85 -0.32 -9.58
C GLY A 21 -13.98 0.35 -8.21
N TYR A 22 -13.35 -0.20 -7.16
CA TYR A 22 -13.42 0.28 -5.77
C TYR A 22 -12.03 0.29 -5.11
N CYS A 23 -11.15 1.23 -5.51
CA CYS A 23 -9.79 1.33 -4.98
C CYS A 23 -9.76 2.06 -3.62
N LEU A 24 -8.75 1.76 -2.80
CA LEU A 24 -8.57 2.36 -1.48
C LEU A 24 -7.46 3.42 -1.52
N ILE A 25 -7.79 4.61 -1.00
CA ILE A 25 -6.90 5.76 -0.92
C ILE A 25 -6.83 6.24 0.53
N ILE A 26 -5.92 5.65 1.31
CA ILE A 26 -5.67 6.00 2.70
C ILE A 26 -4.29 6.64 2.81
N ASN A 27 -4.26 7.90 3.25
CA ASN A 27 -3.03 8.65 3.47
C ASN A 27 -3.10 9.36 4.84
N ASN A 28 -2.23 9.00 5.80
CA ASN A 28 -2.16 9.73 7.06
C ASN A 28 -1.64 11.17 6.84
N HIS A 29 -1.84 12.04 7.83
CA HIS A 29 -1.32 13.42 7.81
C HIS A 29 -0.55 13.76 9.09
N ASN A 30 -0.89 13.13 10.22
CA ASN A 30 -0.10 13.20 11.44
C ASN A 30 1.25 12.50 11.24
N PHE A 31 2.32 13.28 11.12
CA PHE A 31 3.72 12.82 11.05
C PHE A 31 4.58 13.35 12.22
N ALA A 32 3.98 14.06 13.17
CA ALA A 32 4.68 14.70 14.29
C ALA A 32 5.29 13.67 15.27
N LYS A 33 4.55 12.58 15.54
CA LYS A 33 5.00 11.44 16.34
C LYS A 33 5.58 10.34 15.45
N ALA A 34 5.91 10.63 14.18
CA ALA A 34 6.54 9.67 13.30
C ALA A 34 8.07 9.75 13.33
N ARG A 35 8.67 10.88 13.76
CA ARG A 35 10.12 11.10 13.88
C ARG A 35 10.83 10.08 14.79
N GLU A 36 10.21 9.68 15.90
CA GLU A 36 10.80 8.79 16.90
C GLU A 36 11.03 7.38 16.36
N LYS A 37 10.28 7.01 15.31
CA LYS A 37 10.32 5.69 14.67
C LYS A 37 10.92 5.75 13.27
N VAL A 38 10.57 6.80 12.53
CA VAL A 38 10.96 7.06 11.15
C VAL A 38 11.75 8.38 11.13
N PRO A 39 13.04 8.36 11.53
CA PRO A 39 13.87 9.55 11.50
C PRO A 39 14.10 10.06 10.06
N LYS A 40 13.89 9.21 9.03
CA LYS A 40 13.95 9.58 7.62
C LYS A 40 12.86 10.56 7.17
N LEU A 41 11.88 10.94 8.02
CA LEU A 41 10.83 11.92 7.69
C LEU A 41 11.27 13.39 7.86
N HIS A 42 12.57 13.65 8.06
CA HIS A 42 13.13 15.00 8.06
C HIS A 42 12.96 15.69 6.69
N SER A 43 12.03 16.65 6.58
CA SER A 43 11.81 17.47 5.37
C SER A 43 11.60 16.65 4.08
N ILE A 44 10.54 15.82 4.06
CA ILE A 44 10.15 14.93 2.95
C ILE A 44 8.99 15.45 2.10
N ARG A 45 8.67 16.75 2.24
CA ARG A 45 7.56 17.42 1.56
C ARG A 45 7.95 18.83 1.08
N ASP A 46 8.11 18.97 -0.24
CA ASP A 46 8.51 20.21 -0.93
C ASP A 46 7.57 21.39 -0.66
N ARG A 47 6.26 21.15 -0.79
CA ARG A 47 5.20 22.13 -0.50
C ARG A 47 4.43 21.71 0.74
N ASN A 48 3.58 20.68 0.61
CA ASN A 48 2.76 20.08 1.65
C ASN A 48 2.41 18.64 1.27
N GLY A 49 1.85 17.89 2.23
CA GLY A 49 1.38 16.51 2.09
C GLY A 49 -0.14 16.37 2.08
N THR A 50 -0.87 17.43 1.71
CA THR A 50 -2.34 17.46 1.61
C THR A 50 -2.81 16.76 0.33
N HIS A 51 -2.67 17.42 -0.82
CA HIS A 51 -3.16 16.94 -2.12
C HIS A 51 -2.03 16.57 -3.10
N LEU A 52 -0.77 16.56 -2.63
CA LEU A 52 0.43 16.29 -3.43
C LEU A 52 0.90 14.83 -3.35
N ASP A 53 0.73 14.18 -2.20
CA ASP A 53 1.04 12.76 -1.99
C ASP A 53 -0.20 11.89 -2.20
N ALA A 54 -1.40 12.34 -1.79
CA ALA A 54 -2.64 11.61 -2.06
C ALA A 54 -3.13 11.84 -3.51
N GLY A 55 -3.18 13.09 -3.97
CA GLY A 55 -3.70 13.46 -5.28
C GLY A 55 -2.95 12.79 -6.44
N ALA A 56 -1.62 12.71 -6.35
CA ALA A 56 -0.78 11.99 -7.33
C ALA A 56 -1.10 10.48 -7.43
N LEU A 57 -1.41 9.84 -6.30
CA LEU A 57 -1.84 8.44 -6.27
C LEU A 57 -3.28 8.29 -6.77
N THR A 58 -4.19 9.18 -6.38
CA THR A 58 -5.57 9.19 -6.90
C THR A 58 -5.58 9.39 -8.40
N THR A 59 -4.98 10.48 -8.91
CA THR A 59 -4.98 10.85 -10.34
C THR A 59 -4.45 9.73 -11.24
N THR A 60 -3.49 8.93 -10.74
CA THR A 60 -2.93 7.75 -11.41
C THR A 60 -4.01 6.76 -11.83
N PHE A 61 -5.10 6.64 -11.05
CA PHE A 61 -6.22 5.80 -11.40
C PHE A 61 -7.47 6.62 -11.78
N GLU A 62 -7.60 7.89 -11.37
CA GLU A 62 -8.75 8.75 -11.68
C GLU A 62 -9.02 8.88 -13.19
N GLU A 63 -7.95 8.75 -13.99
CA GLU A 63 -8.01 8.62 -15.45
C GLU A 63 -8.87 7.45 -15.97
N LEU A 64 -9.16 6.43 -15.15
CA LEU A 64 -10.09 5.33 -15.45
C LEU A 64 -11.56 5.71 -15.18
N HIS A 65 -11.84 6.86 -14.55
CA HIS A 65 -13.18 7.37 -14.29
C HIS A 65 -14.05 6.41 -13.43
N PHE A 66 -13.52 5.98 -12.28
CA PHE A 66 -14.09 4.95 -11.40
C PHE A 66 -14.30 5.44 -9.95
N GLU A 67 -14.84 4.59 -9.08
CA GLU A 67 -15.14 4.94 -7.68
C GLU A 67 -13.85 5.06 -6.86
N ILE A 68 -13.56 6.27 -6.37
CA ILE A 68 -12.36 6.59 -5.59
C ILE A 68 -12.79 7.34 -4.32
N LYS A 69 -12.24 6.91 -3.18
CA LYS A 69 -12.47 7.47 -1.85
C LYS A 69 -11.19 8.11 -1.28
N PRO A 70 -10.82 9.33 -1.71
CA PRO A 70 -9.62 10.03 -1.25
C PRO A 70 -9.73 10.42 0.23
N HIS A 71 -9.10 9.63 1.11
CA HIS A 71 -9.11 9.83 2.55
C HIS A 71 -7.72 10.20 3.08
N ASP A 72 -7.60 11.47 3.48
CA ASP A 72 -6.42 12.07 4.09
C ASP A 72 -6.64 12.33 5.58
N ASP A 73 -5.53 12.36 6.33
CA ASP A 73 -5.51 12.51 7.80
C ASP A 73 -6.24 11.36 8.52
N CYS A 74 -5.99 10.13 8.06
CA CYS A 74 -6.55 8.91 8.63
C CYS A 74 -5.43 8.02 9.20
N THR A 75 -5.07 8.25 10.46
CA THR A 75 -4.13 7.38 11.19
C THR A 75 -4.73 5.99 11.41
N VAL A 76 -3.87 4.98 11.67
CA VAL A 76 -4.26 3.59 11.92
C VAL A 76 -5.39 3.44 12.96
N GLU A 77 -5.37 4.28 14.01
CA GLU A 77 -6.37 4.36 15.08
C GLU A 77 -7.80 4.58 14.52
N GLN A 78 -7.92 5.28 13.39
CA GLN A 78 -9.17 5.47 12.63
C GLN A 78 -9.37 4.36 11.59
N ILE A 79 -8.30 3.90 10.91
CA ILE A 79 -8.40 2.85 9.87
C ILE A 79 -9.10 1.59 10.39
N TYR A 80 -9.01 1.29 11.69
CA TYR A 80 -9.75 0.20 12.33
C TYR A 80 -11.26 0.24 12.05
N GLU A 81 -11.85 1.45 11.95
CA GLU A 81 -13.27 1.60 11.62
C GLU A 81 -13.56 1.34 10.13
N ILE A 82 -12.55 1.12 9.28
CA ILE A 82 -12.68 0.78 7.86
C ILE A 82 -12.61 -0.74 7.66
N LEU A 83 -11.75 -1.44 8.40
CA LEU A 83 -11.60 -2.90 8.33
C LEU A 83 -12.93 -3.61 8.63
N LYS A 84 -13.69 -3.10 9.61
CA LYS A 84 -15.05 -3.57 9.92
C LYS A 84 -16.10 -3.26 8.83
N ILE A 85 -15.83 -2.33 7.91
CA ILE A 85 -16.75 -2.00 6.81
C ILE A 85 -16.69 -3.09 5.74
N TYR A 86 -15.50 -3.63 5.44
CA TYR A 86 -15.32 -4.67 4.42
C TYR A 86 -16.24 -5.88 4.66
N GLN A 87 -16.39 -6.31 5.92
CA GLN A 87 -17.33 -7.38 6.30
C GLN A 87 -18.80 -6.94 6.34
N LEU A 88 -19.08 -5.64 6.55
CA LEU A 88 -20.43 -5.08 6.53
C LEU A 88 -20.98 -4.97 5.10
N MET A 89 -20.11 -4.72 4.11
CA MET A 89 -20.53 -4.55 2.71
C MET A 89 -20.99 -5.86 2.07
N ASP A 90 -20.17 -6.92 2.20
CA ASP A 90 -20.39 -8.26 1.64
C ASP A 90 -20.90 -8.25 0.18
N HIS A 91 -20.28 -7.41 -0.68
CA HIS A 91 -20.68 -7.23 -2.08
C HIS A 91 -20.78 -8.54 -2.86
N SER A 92 -19.86 -9.49 -2.60
CA SER A 92 -19.80 -10.84 -3.21
C SER A 92 -19.67 -10.84 -4.75
N ASN A 93 -19.45 -9.66 -5.34
CA ASN A 93 -19.40 -9.38 -6.77
C ASN A 93 -18.55 -8.14 -7.00
N MET A 94 -17.74 -8.14 -8.06
CA MET A 94 -16.87 -7.02 -8.47
C MET A 94 -16.01 -6.50 -7.30
N ASP A 95 -15.16 -7.38 -6.76
CA ASP A 95 -14.23 -7.11 -5.66
C ASP A 95 -12.78 -6.96 -6.15
N CYS A 96 -12.62 -6.70 -7.45
CA CYS A 96 -11.38 -6.40 -8.16
C CYS A 96 -11.01 -4.93 -7.95
N PHE A 97 -9.89 -4.69 -7.28
CA PHE A 97 -9.35 -3.36 -6.98
C PHE A 97 -7.91 -3.48 -6.48
N ILE A 98 -7.32 -2.34 -6.10
CA ILE A 98 -5.99 -2.27 -5.51
C ILE A 98 -6.07 -1.59 -4.13
N CYS A 99 -5.11 -1.95 -3.27
CA CYS A 99 -4.96 -1.42 -1.93
C CYS A 99 -3.60 -0.70 -1.84
N CYS A 100 -3.60 0.62 -2.07
CA CYS A 100 -2.42 1.50 -1.96
C CYS A 100 -2.36 2.23 -0.60
N ILE A 101 -3.08 1.69 0.39
CA ILE A 101 -3.11 2.11 1.80
C ILE A 101 -1.74 1.96 2.46
N LEU A 102 -1.63 2.41 3.73
CA LEU A 102 -0.37 2.33 4.48
C LEU A 102 0.80 2.95 3.68
N SER A 103 0.49 3.99 2.88
CA SER A 103 1.43 4.75 2.05
C SER A 103 2.53 5.42 2.89
N HIS A 104 2.25 5.65 4.17
CA HIS A 104 3.18 6.11 5.19
C HIS A 104 3.42 5.03 6.25
N GLY A 105 4.55 5.20 6.95
CA GLY A 105 5.06 4.23 7.89
C GLY A 105 5.91 3.16 7.21
N ASP A 106 6.56 2.33 8.02
CA ASP A 106 7.39 1.22 7.54
C ASP A 106 7.12 -0.06 8.36
N LYS A 107 7.61 -1.21 7.90
CA LYS A 107 7.49 -2.48 8.63
C LYS A 107 8.74 -2.83 9.45
N GLY A 108 9.84 -2.09 9.23
CA GLY A 108 11.12 -2.22 9.91
C GLY A 108 11.39 -1.13 10.94
N ILE A 109 10.35 -0.50 11.48
CA ILE A 109 10.43 0.56 12.50
C ILE A 109 9.69 0.12 13.78
N ILE A 110 9.76 0.95 14.82
CA ILE A 110 8.98 0.78 16.04
C ILE A 110 7.54 1.31 15.85
N TYR A 111 6.62 0.82 16.69
CA TYR A 111 5.24 1.30 16.79
C TYR A 111 5.19 2.71 17.43
N GLY A 112 4.00 3.30 17.51
CA GLY A 112 3.80 4.57 18.22
C GLY A 112 2.34 4.98 18.22
N THR A 113 2.05 6.18 17.72
CA THR A 113 0.70 6.75 17.60
C THR A 113 0.42 7.25 16.18
N ASP A 114 1.32 8.05 15.59
CA ASP A 114 1.19 8.57 14.21
C ASP A 114 1.61 7.58 13.12
N GLY A 115 2.45 6.60 13.50
CA GLY A 115 2.96 5.58 12.59
C GLY A 115 1.90 4.52 12.33
N GLN A 116 2.09 3.36 12.96
CA GLN A 116 1.24 2.20 12.79
C GLN A 116 1.14 1.47 14.12
N GLU A 117 0.04 0.75 14.29
CA GLU A 117 -0.36 -0.01 15.47
C GLU A 117 -1.23 -1.18 15.00
N ALA A 118 -1.64 -2.04 15.94
CA ALA A 118 -2.39 -3.28 15.73
C ALA A 118 -1.67 -4.32 14.85
N PRO A 119 -2.08 -5.60 14.93
CA PRO A 119 -1.55 -6.65 14.08
C PRO A 119 -2.06 -6.52 12.63
N ILE A 120 -1.26 -5.90 11.75
CA ILE A 120 -1.52 -5.82 10.30
C ILE A 120 -1.92 -7.18 9.71
N TYR A 121 -1.27 -8.27 10.16
CA TYR A 121 -1.55 -9.64 9.76
C TYR A 121 -2.99 -10.08 10.08
N GLU A 122 -3.60 -9.60 11.17
CA GLU A 122 -5.00 -9.92 11.50
C GLU A 122 -5.95 -9.08 10.64
N LEU A 123 -5.68 -7.78 10.50
CA LEU A 123 -6.45 -6.88 9.65
C LEU A 123 -6.50 -7.41 8.20
N THR A 124 -5.35 -7.79 7.63
CA THR A 124 -5.29 -8.40 6.29
C THR A 124 -5.80 -9.85 6.24
N SER A 125 -6.05 -10.48 7.39
CA SER A 125 -6.65 -11.82 7.53
C SER A 125 -8.14 -11.74 7.91
N GLN A 126 -8.80 -10.61 7.63
CA GLN A 126 -10.26 -10.52 7.73
C GLN A 126 -11.01 -11.12 6.52
N PHE A 127 -10.37 -11.18 5.35
CA PHE A 127 -10.95 -11.73 4.11
C PHE A 127 -10.40 -13.13 3.78
N THR A 128 -9.83 -13.86 4.74
CA THR A 128 -9.23 -15.18 4.52
C THR A 128 -10.22 -16.16 3.89
N GLY A 129 -9.74 -17.01 2.98
CA GLY A 129 -10.55 -18.05 2.33
C GLY A 129 -11.16 -19.09 3.28
N LEU A 130 -10.78 -19.10 4.56
CA LEU A 130 -11.33 -19.96 5.61
C LEU A 130 -12.26 -19.22 6.59
N LYS A 131 -12.26 -17.88 6.58
CA LYS A 131 -13.08 -17.04 7.46
C LYS A 131 -14.20 -16.36 6.68
N CYS A 132 -13.90 -15.94 5.44
CA CYS A 132 -14.86 -15.33 4.53
C CYS A 132 -14.45 -15.53 3.05
N PRO A 133 -14.60 -16.75 2.49
CA PRO A 133 -14.28 -17.01 1.08
C PRO A 133 -15.20 -16.29 0.08
N SER A 134 -16.29 -15.67 0.53
CA SER A 134 -17.24 -14.92 -0.31
C SER A 134 -16.52 -13.88 -1.19
N LEU A 135 -15.66 -13.07 -0.56
CA LEU A 135 -14.82 -12.04 -1.21
C LEU A 135 -13.42 -12.56 -1.53
N ALA A 136 -12.89 -13.54 -0.77
CA ALA A 136 -11.59 -14.16 -1.06
C ALA A 136 -11.61 -15.05 -2.32
N GLY A 137 -12.80 -15.42 -2.81
CA GLY A 137 -12.99 -16.22 -4.02
C GLY A 137 -12.41 -15.59 -5.29
N LYS A 138 -12.12 -14.28 -5.25
CA LYS A 138 -11.48 -13.53 -6.33
C LYS A 138 -10.14 -12.93 -5.90
N PRO A 139 -9.27 -12.64 -6.88
CA PRO A 139 -7.94 -12.11 -6.61
C PRO A 139 -7.94 -10.66 -6.16
N LYS A 140 -6.84 -10.24 -5.52
CA LYS A 140 -6.66 -8.92 -4.91
C LYS A 140 -5.24 -8.40 -5.14
N VAL A 141 -5.05 -7.09 -4.95
CA VAL A 141 -3.78 -6.38 -5.15
C VAL A 141 -3.47 -5.43 -3.99
N PHE A 142 -2.21 -5.44 -3.54
CA PHE A 142 -1.72 -4.59 -2.45
C PHE A 142 -0.36 -3.98 -2.81
N PHE A 143 -0.25 -2.65 -2.69
CA PHE A 143 0.98 -1.87 -2.92
C PHE A 143 1.48 -1.21 -1.65
N ILE A 144 2.79 -0.89 -1.62
CA ILE A 144 3.50 -0.39 -0.45
C ILE A 144 4.46 0.73 -0.87
N GLN A 145 4.12 1.98 -0.51
CA GLN A 145 4.92 3.18 -0.83
C GLN A 145 5.96 3.53 0.27
N ALA A 146 6.31 2.56 1.13
CA ALA A 146 7.24 2.74 2.24
C ALA A 146 8.63 3.21 1.80
N ALA A 147 9.08 2.78 0.60
CA ALA A 147 10.38 3.09 0.00
C ALA A 147 11.57 2.82 0.95
N GLN A 148 11.43 1.83 1.84
CA GLN A 148 12.40 1.50 2.88
C GLN A 148 13.42 0.48 2.35
N GLY A 149 14.71 0.81 2.44
CA GLY A 149 15.77 -0.08 1.98
C GLY A 149 17.15 0.50 2.25
N ASP A 150 17.67 0.29 3.46
CA ASP A 150 19.03 0.70 3.81
C ASP A 150 19.67 -0.29 4.81
N ASN A 151 20.96 -0.54 4.63
CA ASN A 151 21.80 -1.39 5.49
C ASN A 151 23.30 -1.13 5.21
N TYR A 152 24.18 -1.62 6.10
CA TYR A 152 25.63 -1.45 6.03
C TYR A 152 26.11 0.01 5.89
N GLN A 153 25.28 0.96 6.32
CA GLN A 153 25.52 2.39 6.28
C GLN A 153 25.14 3.05 7.61
N LYS A 154 25.72 4.23 7.85
CA LYS A 154 25.50 5.10 9.01
C LYS A 154 25.53 6.57 8.53
N GLY A 155 25.03 7.48 9.35
CA GLY A 155 24.98 8.91 9.03
C GLY A 155 25.56 9.78 10.13
N ILE A 156 24.70 10.57 10.78
CA ILE A 156 25.03 11.41 11.94
C ILE A 156 25.70 10.62 13.08
N PRO A 157 26.42 11.29 14.00
CA PRO A 157 27.08 10.65 15.15
C PRO A 157 26.10 10.21 16.25
N VAL A 158 24.88 10.75 16.26
CA VAL A 158 23.80 10.42 17.19
C VAL A 158 23.09 9.12 16.76
N GLU A 159 22.01 8.75 17.47
CA GLU A 159 21.19 7.58 17.12
C GLU A 159 20.00 7.99 16.25
N THR A 160 19.10 8.82 16.80
CA THR A 160 17.85 9.25 16.16
C THR A 160 17.96 10.69 15.63
N ASP A 161 16.99 11.15 14.82
CA ASP A 161 16.96 12.54 14.34
C ASP A 161 16.88 13.55 15.50
N SER A 162 17.35 14.79 15.26
CA SER A 162 17.45 15.91 16.20
C SER A 162 16.17 16.17 17.01
N GLU A 163 16.02 15.49 18.15
CA GLU A 163 14.90 15.66 19.05
C GLU A 163 14.86 17.05 19.72
N GLU A 164 13.80 17.83 19.45
CA GLU A 164 13.57 19.15 20.07
C GLU A 164 13.47 19.07 21.60
N GLN A 165 12.36 18.51 22.11
CA GLN A 165 12.06 18.38 23.53
C GLN A 165 11.73 16.92 23.90
N PRO A 166 10.62 16.33 23.40
CA PRO A 166 10.32 14.93 23.64
C PRO A 166 11.31 14.07 22.85
N TYR A 167 12.42 13.69 23.48
CA TYR A 167 13.31 12.64 22.99
C TYR A 167 12.64 11.25 22.95
N LEU A 168 13.43 10.27 22.55
CA LEU A 168 13.08 8.86 22.39
C LEU A 168 13.85 7.98 23.39
N GLU A 169 13.57 6.68 23.35
CA GLU A 169 14.22 5.67 24.19
C GLU A 169 15.11 4.69 23.40
N MET A 170 14.75 4.41 22.15
CA MET A 170 15.46 3.53 21.21
C MET A 170 14.76 3.58 19.85
N ASP A 171 15.45 3.09 18.82
CA ASP A 171 14.93 2.89 17.47
C ASP A 171 15.69 1.74 16.79
N LEU A 172 15.22 1.32 15.61
CA LEU A 172 15.86 0.32 14.76
C LEU A 172 15.76 0.74 13.28
N SER A 173 16.43 -0.01 12.40
CA SER A 173 16.40 0.18 10.95
C SER A 173 16.34 -1.17 10.24
N SER A 174 16.04 -1.14 8.93
CA SER A 174 15.83 -2.28 8.05
C SER A 174 14.61 -3.16 8.46
N PRO A 175 14.08 -4.01 7.55
CA PRO A 175 12.93 -4.87 7.84
C PRO A 175 13.30 -6.00 8.83
N GLN A 176 12.87 -5.85 10.09
CA GLN A 176 13.04 -6.86 11.14
C GLN A 176 12.09 -8.06 11.02
N THR A 177 11.17 -8.03 10.04
CA THR A 177 10.15 -9.04 9.79
C THR A 177 10.14 -9.45 8.31
N ARG A 178 9.56 -10.62 8.04
CA ARG A 178 9.42 -11.25 6.73
C ARG A 178 7.93 -11.44 6.41
N TYR A 179 7.47 -10.82 5.32
CA TYR A 179 6.09 -10.90 4.86
C TYR A 179 6.00 -11.79 3.62
N ILE A 180 5.69 -13.06 3.82
CA ILE A 180 5.50 -14.05 2.75
C ILE A 180 4.64 -15.24 3.26
N PRO A 181 3.30 -15.13 3.24
CA PRO A 181 2.41 -16.25 3.57
C PRO A 181 2.33 -17.28 2.42
N ASP A 182 1.64 -18.40 2.66
CA ASP A 182 1.44 -19.52 1.73
C ASP A 182 0.07 -19.46 1.01
N GLU A 183 -0.59 -18.29 1.05
CA GLU A 183 -1.88 -18.02 0.44
C GLU A 183 -1.72 -17.72 -1.06
N ALA A 184 -2.35 -18.55 -1.91
CA ALA A 184 -2.42 -18.34 -3.36
C ALA A 184 -3.56 -17.39 -3.75
N ASP A 185 -3.66 -17.07 -5.06
CA ASP A 185 -4.69 -16.20 -5.66
C ASP A 185 -4.63 -14.74 -5.17
N PHE A 186 -3.43 -14.28 -4.80
CA PHE A 186 -3.19 -12.94 -4.28
C PHE A 186 -1.94 -12.30 -4.91
N LEU A 187 -1.96 -10.97 -4.98
CA LEU A 187 -0.89 -10.16 -5.55
C LEU A 187 -0.33 -9.18 -4.50
N LEU A 188 0.96 -9.31 -4.22
CA LEU A 188 1.67 -8.47 -3.26
C LEU A 188 2.93 -7.87 -3.89
N GLY A 189 3.02 -6.54 -3.91
CA GLY A 189 4.20 -5.82 -4.43
C GLY A 189 5.22 -5.44 -3.33
N MET A 190 5.27 -6.18 -2.21
CA MET A 190 6.17 -5.91 -1.09
C MET A 190 7.57 -6.48 -1.36
N ALA A 191 8.59 -5.76 -0.88
CA ALA A 191 9.99 -6.15 -0.96
C ALA A 191 10.69 -5.82 0.37
N PRO A 202 29.00 -5.39 -9.02
CA PRO A 202 27.69 -4.88 -8.62
C PRO A 202 26.59 -5.91 -8.94
N ALA A 203 25.54 -5.91 -8.11
CA ALA A 203 24.34 -6.73 -8.26
C ALA A 203 23.14 -5.84 -8.64
N GLU A 204 21.94 -6.44 -8.71
CA GLU A 204 20.70 -5.74 -9.08
C GLU A 204 20.42 -4.53 -8.16
N GLY A 205 20.42 -4.77 -6.84
CA GLY A 205 20.13 -3.77 -5.82
C GLY A 205 18.64 -3.47 -5.67
N THR A 206 18.32 -2.30 -5.12
CA THR A 206 16.94 -1.81 -5.00
C THR A 206 16.23 -1.75 -6.36
N TRP A 207 14.92 -1.96 -6.34
CA TRP A 207 14.06 -1.78 -7.51
C TRP A 207 13.76 -0.29 -7.76
N TYR A 208 13.17 -0.01 -8.92
CA TYR A 208 12.82 1.33 -9.41
C TYR A 208 11.35 1.69 -9.09
N ILE A 209 11.12 2.34 -7.95
CA ILE A 209 9.78 2.73 -7.49
C ILE A 209 9.23 3.92 -8.28
N GLN A 210 10.06 4.94 -8.51
CA GLN A 210 9.69 6.11 -9.33
C GLN A 210 9.24 5.68 -10.73
N SER A 211 9.92 4.68 -11.31
CA SER A 211 9.58 4.13 -12.61
C SER A 211 8.35 3.23 -12.55
N LEU A 212 8.05 2.58 -11.41
CA LEU A 212 6.85 1.77 -11.23
C LEU A 212 5.59 2.65 -11.28
N CYS A 213 5.57 3.78 -10.56
CA CYS A 213 4.40 4.66 -10.52
C CYS A 213 4.01 5.22 -11.90
N GLN A 214 4.97 5.38 -12.81
CA GLN A 214 4.71 5.72 -14.21
C GLN A 214 4.40 4.47 -15.06
N SER A 215 5.15 3.38 -14.86
CA SER A 215 5.00 2.12 -15.61
C SER A 215 3.77 1.32 -15.21
N LEU A 216 3.05 1.72 -14.17
CA LEU A 216 1.73 1.18 -13.81
C LEU A 216 0.60 2.06 -14.35
N ARG A 217 0.74 3.40 -14.26
CA ARG A 217 -0.29 4.33 -14.72
C ARG A 217 -0.42 4.32 -16.24
N GLU A 218 0.69 4.18 -16.96
CA GLU A 218 0.69 4.17 -18.43
C GLU A 218 0.39 2.79 -19.04
N ARG A 219 0.08 1.79 -18.19
CA ARG A 219 -0.13 0.39 -18.57
C ARG A 219 -1.44 -0.19 -18.00
N CYS A 220 -1.89 0.26 -16.81
CA CYS A 220 -3.22 -0.01 -16.24
C CYS A 220 -4.37 0.21 -17.27
N PRO A 221 -4.57 1.42 -17.85
CA PRO A 221 -5.60 1.69 -18.85
C PRO A 221 -5.30 1.08 -20.23
N ARG A 222 -4.23 0.30 -20.36
CA ARG A 222 -3.89 -0.48 -21.55
C ARG A 222 -4.31 -1.94 -21.41
N GLY A 223 -4.81 -2.35 -20.25
CA GLY A 223 -5.14 -3.74 -19.96
C GLY A 223 -3.93 -4.62 -19.67
N ASP A 224 -2.74 -4.04 -19.47
CA ASP A 224 -1.57 -4.78 -18.99
C ASP A 224 -1.83 -5.28 -17.57
N ASP A 225 -1.84 -6.60 -17.40
CA ASP A 225 -2.01 -7.27 -16.11
C ASP A 225 -1.03 -6.79 -15.04
N ILE A 226 -1.53 -6.44 -13.85
CA ILE A 226 -0.69 -5.95 -12.73
C ILE A 226 0.48 -6.92 -12.43
N LEU A 227 0.29 -8.21 -12.70
CA LEU A 227 1.30 -9.26 -12.69
C LEU A 227 2.60 -8.82 -13.38
N THR A 228 2.50 -8.44 -14.66
CA THR A 228 3.64 -8.01 -15.47
C THR A 228 4.15 -6.65 -15.02
N ILE A 229 3.25 -5.75 -14.63
CA ILE A 229 3.55 -4.39 -14.12
C ILE A 229 4.58 -4.40 -13.00
N LEU A 230 4.45 -5.33 -12.03
CA LEU A 230 5.43 -5.48 -10.95
C LEU A 230 6.86 -5.66 -11.47
N THR A 231 7.02 -6.40 -12.56
CA THR A 231 8.29 -6.74 -13.21
C THR A 231 8.60 -5.85 -14.42
N GLU A 232 7.83 -4.78 -14.65
CA GLU A 232 8.00 -3.91 -15.81
C GLU A 232 9.37 -3.23 -15.78
N VAL A 233 9.77 -2.74 -14.59
CA VAL A 233 11.04 -2.06 -14.35
C VAL A 233 12.22 -3.02 -14.22
N PRO A 251 12.61 -14.58 -8.27
CA PRO A 251 13.40 -13.35 -8.37
C PRO A 251 13.52 -12.61 -7.03
N GLN A 252 12.38 -12.43 -6.34
CA GLN A 252 12.22 -11.69 -5.07
C GLN A 252 10.72 -11.60 -4.70
N PRO A 253 9.87 -10.93 -5.50
CA PRO A 253 8.44 -10.78 -5.19
C PRO A 253 7.66 -12.09 -5.36
N THR A 254 6.41 -12.08 -4.87
CA THR A 254 5.50 -13.24 -4.87
C THR A 254 4.19 -12.91 -5.60
N PHE A 255 3.89 -13.68 -6.64
CA PHE A 255 2.72 -13.50 -7.50
C PHE A 255 2.21 -14.87 -7.98
N THR A 256 1.05 -15.32 -7.51
CA THR A 256 0.45 -16.61 -7.91
C THR A 256 -1.07 -16.53 -7.96
N LEU A 257 -1.63 -16.55 -9.18
CA LEU A 257 -3.07 -16.42 -9.42
C LEU A 257 -3.49 -17.37 -10.55
N ARG A 258 -4.53 -18.18 -10.32
CA ARG A 258 -5.10 -19.07 -11.35
C ARG A 258 -5.92 -18.31 -12.40
N LYS A 259 -6.37 -17.10 -12.08
CA LYS A 259 -7.11 -16.19 -12.97
C LYS A 259 -6.24 -15.00 -13.35
N LYS A 260 -6.66 -14.30 -14.41
CA LYS A 260 -5.99 -13.09 -14.89
C LYS A 260 -6.20 -11.93 -13.90
N LEU A 261 -5.25 -11.00 -13.88
CA LEU A 261 -5.25 -9.78 -13.07
C LEU A 261 -5.19 -8.51 -13.95
N VAL A 262 -5.80 -8.58 -15.14
CA VAL A 262 -6.01 -7.43 -16.03
C VAL A 262 -7.12 -6.55 -15.49
N PHE A 263 -6.88 -5.23 -15.48
CA PHE A 263 -7.86 -4.23 -15.11
C PHE A 263 -8.46 -3.61 -16.38
N PRO A 264 -9.80 -3.57 -16.51
CA PRO A 264 -10.46 -2.96 -17.66
C PRO A 264 -10.34 -1.44 -17.63
N SER A 265 -10.36 -0.83 -18.81
CA SER A 265 -10.34 0.63 -18.98
C SER A 265 -11.69 1.28 -18.66
N ASP A 266 -12.77 0.49 -18.71
CA ASP A 266 -14.18 0.82 -18.47
C ASP A 266 -14.91 -0.40 -17.90
N LYS A 11 -14.07 -12.22 -17.06
CA LYS A 11 -13.16 -12.44 -18.18
C LYS A 11 -12.16 -11.29 -18.29
N VAL A 12 -11.12 -11.47 -19.09
CA VAL A 12 -10.23 -10.38 -19.50
C VAL A 12 -11.01 -9.34 -20.32
N TYR A 13 -10.52 -8.09 -20.36
CA TYR A 13 -11.07 -6.94 -21.11
C TYR A 13 -12.57 -6.66 -20.87
N GLN A 14 -13.19 -7.33 -19.89
CA GLN A 14 -14.62 -7.26 -19.57
C GLN A 14 -14.98 -5.99 -18.76
N MET A 15 -13.98 -5.30 -18.20
CA MET A 15 -14.15 -4.07 -17.43
C MET A 15 -14.52 -2.88 -18.34
N LYS A 16 -15.77 -2.88 -18.82
CA LYS A 16 -16.34 -1.89 -19.74
C LYS A 16 -17.28 -0.93 -19.00
N SER A 17 -16.76 -0.20 -18.00
CA SER A 17 -17.56 0.67 -17.12
C SER A 17 -18.69 -0.03 -16.35
N LYS A 18 -18.70 -1.37 -16.32
CA LYS A 18 -19.61 -2.22 -15.53
C LYS A 18 -19.46 -1.99 -14.02
N PRO A 19 -18.27 -2.22 -13.41
CA PRO A 19 -18.11 -2.01 -11.97
C PRO A 19 -18.12 -0.52 -11.63
N ARG A 20 -18.14 -0.22 -10.32
CA ARG A 20 -17.97 1.14 -9.81
C ARG A 20 -16.57 1.44 -9.30
N GLY A 21 -15.78 0.42 -8.95
CA GLY A 21 -14.48 0.56 -8.29
C GLY A 21 -14.58 1.06 -6.85
N TYR A 22 -13.94 0.35 -5.93
CA TYR A 22 -13.85 0.71 -4.51
C TYR A 22 -12.42 0.40 -4.04
N CYS A 23 -11.44 1.06 -4.69
CA CYS A 23 -10.07 1.00 -4.19
C CYS A 23 -9.94 1.67 -2.82
N LEU A 24 -8.75 1.51 -2.22
CA LEU A 24 -8.39 2.09 -0.93
C LEU A 24 -7.04 2.78 -1.07
N ILE A 25 -7.02 4.09 -1.37
CA ILE A 25 -5.82 4.94 -1.29
C ILE A 25 -5.86 5.77 -0.02
N ILE A 26 -4.79 5.68 0.77
CA ILE A 26 -4.57 6.55 1.94
C ILE A 26 -3.51 7.59 1.59
N ASN A 27 -3.68 8.80 2.11
CA ASN A 27 -2.73 9.91 1.97
C ASN A 27 -2.30 10.43 3.36
N ASN A 28 -1.50 11.50 3.39
CA ASN A 28 -0.97 12.10 4.62
C ASN A 28 -0.79 13.62 4.42
N HIS A 29 -0.73 14.37 5.53
CA HIS A 29 -0.56 15.82 5.51
C HIS A 29 0.75 16.24 6.20
N ASN A 30 1.09 15.58 7.30
CA ASN A 30 2.39 15.70 7.93
C ASN A 30 3.42 14.79 7.25
N PHE A 31 4.70 15.03 7.53
CA PHE A 31 5.83 14.22 7.05
C PHE A 31 7.02 14.25 8.02
N ALA A 32 6.87 14.92 9.18
CA ALA A 32 7.93 15.09 10.17
C ALA A 32 8.21 13.82 10.99
N LYS A 33 7.17 13.01 11.24
CA LYS A 33 7.26 11.76 12.00
C LYS A 33 7.21 10.52 11.09
N ALA A 34 7.25 10.71 9.77
CA ALA A 34 7.24 9.64 8.77
C ALA A 34 8.63 9.27 8.26
N ARG A 35 9.65 10.10 8.48
CA ARG A 35 10.98 9.95 7.88
C ARG A 35 11.63 8.59 8.17
N GLU A 36 11.42 8.07 9.39
CA GLU A 36 11.85 6.73 9.80
C GLU A 36 10.75 5.67 9.67
N LYS A 37 9.47 6.07 9.73
CA LYS A 37 8.34 5.16 9.73
C LYS A 37 8.00 4.68 8.32
N VAL A 38 7.87 5.64 7.41
CA VAL A 38 7.46 5.50 6.02
C VAL A 38 8.16 6.55 5.15
N PRO A 39 9.44 6.31 4.78
CA PRO A 39 10.22 7.25 3.97
C PRO A 39 9.63 7.48 2.59
N LYS A 40 8.73 6.60 2.12
CA LYS A 40 7.93 6.79 0.92
C LYS A 40 7.14 8.10 0.89
N LEU A 41 6.80 8.67 2.05
CA LEU A 41 6.06 9.94 2.15
C LEU A 41 6.98 11.17 2.08
N HIS A 42 8.15 11.03 1.44
CA HIS A 42 9.07 12.14 1.16
C HIS A 42 8.80 12.83 -0.19
N SER A 43 8.30 12.09 -1.20
CA SER A 43 8.07 12.62 -2.55
C SER A 43 6.86 13.58 -2.57
N ILE A 44 6.02 13.55 -1.53
CA ILE A 44 4.88 14.44 -1.29
C ILE A 44 5.30 15.86 -0.85
N ARG A 45 6.60 16.14 -0.69
CA ARG A 45 7.12 17.46 -0.27
C ARG A 45 6.67 18.60 -1.19
N ASP A 46 6.31 18.30 -2.44
CA ASP A 46 5.67 19.21 -3.39
C ASP A 46 4.28 19.66 -2.89
N ARG A 47 4.26 20.63 -1.97
CA ARG A 47 3.07 21.33 -1.48
C ARG A 47 2.29 22.10 -2.58
N ASN A 48 2.89 22.27 -3.75
CA ASN A 48 2.33 22.96 -4.90
C ASN A 48 1.08 22.23 -5.45
N GLY A 49 -0.10 22.66 -5.00
CA GLY A 49 -1.39 22.08 -5.39
C GLY A 49 -1.92 21.09 -4.34
N THR A 50 -3.07 21.40 -3.75
CA THR A 50 -3.73 20.57 -2.72
C THR A 50 -4.00 19.15 -3.20
N HIS A 51 -4.72 19.00 -4.31
CA HIS A 51 -5.00 17.70 -4.93
C HIS A 51 -3.92 17.29 -5.95
N LEU A 52 -2.75 17.95 -6.01
CA LEU A 52 -1.68 17.58 -6.95
C LEU A 52 -0.82 16.41 -6.45
N ASP A 53 -0.84 16.12 -5.15
CA ASP A 53 -0.23 14.91 -4.60
C ASP A 53 -1.21 13.73 -4.62
N ALA A 54 -2.38 13.89 -3.99
CA ALA A 54 -3.36 12.81 -3.81
C ALA A 54 -4.32 12.67 -5.01
N GLY A 55 -4.82 13.79 -5.53
CA GLY A 55 -5.76 13.81 -6.66
C GLY A 55 -5.07 13.42 -7.96
N ALA A 56 -3.88 13.95 -8.26
CA ALA A 56 -3.10 13.57 -9.44
C ALA A 56 -2.68 12.08 -9.46
N LEU A 57 -2.72 11.39 -8.31
CA LEU A 57 -2.62 9.93 -8.22
C LEU A 57 -3.94 9.26 -8.57
N THR A 58 -5.02 9.57 -7.82
CA THR A 58 -6.34 8.98 -8.07
C THR A 58 -6.85 9.25 -9.47
N THR A 59 -6.74 10.48 -9.99
CA THR A 59 -7.23 10.88 -11.33
C THR A 59 -6.75 9.92 -12.42
N THR A 60 -5.51 9.42 -12.31
CA THR A 60 -4.93 8.47 -13.26
C THR A 60 -5.64 7.12 -13.22
N PHE A 61 -6.10 6.67 -12.05
CA PHE A 61 -6.91 5.47 -11.93
C PHE A 61 -8.40 5.76 -12.17
N GLU A 62 -8.86 7.00 -12.00
CA GLU A 62 -10.27 7.38 -12.20
C GLU A 62 -10.70 7.21 -13.68
N GLU A 63 -9.76 7.37 -14.63
CA GLU A 63 -9.98 7.06 -16.05
C GLU A 63 -9.99 5.54 -16.38
N LEU A 64 -9.72 4.64 -15.42
CA LEU A 64 -9.75 3.18 -15.59
C LEU A 64 -11.15 2.60 -15.33
N HIS A 65 -12.18 3.44 -15.19
CA HIS A 65 -13.59 3.04 -15.06
C HIS A 65 -13.90 2.43 -13.68
N PHE A 66 -13.24 2.92 -12.63
CA PHE A 66 -13.39 2.43 -11.25
C PHE A 66 -12.97 3.53 -10.24
N GLU A 67 -13.74 3.77 -9.18
CA GLU A 67 -13.43 4.72 -8.09
C GLU A 67 -12.26 4.20 -7.22
N ILE A 68 -11.54 5.16 -6.61
CA ILE A 68 -10.31 4.88 -5.85
C ILE A 68 -10.36 5.31 -4.39
N LYS A 69 -11.21 6.30 -4.08
CA LYS A 69 -11.34 6.87 -2.74
C LYS A 69 -9.99 7.41 -2.24
N PRO A 70 -9.60 8.63 -2.67
CA PRO A 70 -8.43 9.31 -2.12
C PRO A 70 -8.75 9.72 -0.68
N HIS A 71 -8.47 8.83 0.27
CA HIS A 71 -8.56 9.15 1.69
C HIS A 71 -7.45 10.12 2.06
N ASP A 72 -7.76 10.98 3.01
CA ASP A 72 -6.88 11.99 3.59
C ASP A 72 -5.98 11.39 4.70
N ASP A 73 -5.24 12.24 5.39
CA ASP A 73 -4.43 11.91 6.56
C ASP A 73 -5.27 11.22 7.64
N CYS A 74 -5.02 9.91 7.83
CA CYS A 74 -5.73 9.10 8.81
C CYS A 74 -4.78 8.14 9.53
N THR A 75 -4.47 8.47 10.80
CA THR A 75 -3.71 7.59 11.71
C THR A 75 -4.43 6.27 11.98
N VAL A 76 -3.74 5.30 12.60
CA VAL A 76 -4.28 3.96 12.93
C VAL A 76 -5.65 3.98 13.61
N GLU A 77 -5.91 4.99 14.44
CA GLU A 77 -7.18 5.25 15.11
C GLU A 77 -8.36 5.25 14.11
N GLN A 78 -8.15 5.88 12.94
CA GLN A 78 -9.08 5.86 11.83
C GLN A 78 -8.92 4.61 10.95
N ILE A 79 -7.68 4.15 10.66
CA ILE A 79 -7.45 2.96 9.82
C ILE A 79 -8.20 1.73 10.35
N TYR A 80 -8.28 1.55 11.68
CA TYR A 80 -9.08 0.49 12.31
C TYR A 80 -10.55 0.50 11.88
N GLU A 81 -11.13 1.69 11.70
CA GLU A 81 -12.51 1.82 11.22
C GLU A 81 -12.62 1.50 9.71
N ILE A 82 -11.53 1.54 8.96
CA ILE A 82 -11.52 1.15 7.54
C ILE A 82 -11.48 -0.37 7.40
N LEU A 83 -10.77 -1.07 8.31
CA LEU A 83 -10.67 -2.54 8.32
C LEU A 83 -12.02 -3.24 8.47
N LYS A 84 -12.98 -2.63 9.18
CA LYS A 84 -14.36 -3.12 9.29
C LYS A 84 -15.23 -2.75 8.09
N ILE A 85 -15.05 -1.57 7.47
CA ILE A 85 -15.86 -1.13 6.31
C ILE A 85 -15.82 -2.15 5.16
N TYR A 86 -14.72 -2.88 5.03
CA TYR A 86 -14.59 -4.00 4.08
C TYR A 86 -15.70 -5.05 4.20
N GLN A 87 -16.27 -5.24 5.40
CA GLN A 87 -17.40 -6.14 5.66
C GLN A 87 -18.77 -5.47 5.41
N LEU A 88 -18.84 -4.14 5.25
CA LEU A 88 -20.05 -3.38 4.92
C LEU A 88 -20.26 -3.30 3.40
N MET A 89 -19.21 -3.52 2.62
CA MET A 89 -19.27 -3.43 1.16
C MET A 89 -19.93 -4.66 0.52
N ASP A 90 -19.57 -5.87 0.99
CA ASP A 90 -20.07 -7.17 0.53
C ASP A 90 -20.08 -7.31 -1.02
N HIS A 91 -19.05 -6.78 -1.70
CA HIS A 91 -18.96 -6.81 -3.16
C HIS A 91 -19.08 -8.23 -3.72
N SER A 92 -20.04 -8.48 -4.62
CA SER A 92 -20.22 -9.77 -5.28
C SER A 92 -19.73 -9.80 -6.74
N ASN A 93 -19.71 -8.63 -7.40
CA ASN A 93 -19.33 -8.43 -8.81
C ASN A 93 -18.09 -7.55 -9.00
N MET A 94 -17.54 -6.98 -7.92
CA MET A 94 -16.35 -6.15 -7.98
C MET A 94 -15.12 -6.98 -7.66
N ASP A 95 -14.29 -7.18 -8.68
CA ASP A 95 -13.11 -8.04 -8.67
C ASP A 95 -11.82 -7.25 -8.96
N CYS A 96 -11.91 -5.91 -8.95
CA CYS A 96 -10.79 -4.99 -9.16
C CYS A 96 -10.75 -3.96 -8.02
N PHE A 97 -9.67 -3.98 -7.25
CA PHE A 97 -9.38 -3.10 -6.13
C PHE A 97 -7.94 -3.33 -5.65
N ILE A 98 -7.45 -2.47 -4.76
CA ILE A 98 -6.11 -2.55 -4.17
C ILE A 98 -6.20 -2.18 -2.68
N CYS A 99 -5.25 -2.68 -1.88
CA CYS A 99 -5.07 -2.31 -0.49
C CYS A 99 -3.68 -1.66 -0.32
N CYS A 100 -3.54 -0.39 -0.74
CA CYS A 100 -2.31 0.39 -0.62
C CYS A 100 -2.40 1.37 0.55
N ILE A 101 -1.53 1.20 1.55
CA ILE A 101 -1.54 1.95 2.81
C ILE A 101 -0.16 2.61 3.04
N LEU A 102 -0.18 3.66 3.86
CA LEU A 102 0.99 4.43 4.26
C LEU A 102 1.42 4.15 5.71
N SER A 103 0.98 3.02 6.25
CA SER A 103 1.25 2.54 7.61
C SER A 103 1.76 1.09 7.55
N HIS A 104 2.06 0.50 8.71
CA HIS A 104 2.52 -0.89 8.83
C HIS A 104 3.86 -1.07 8.10
N GLY A 105 4.81 -0.17 8.38
CA GLY A 105 6.11 -0.14 7.72
C GLY A 105 6.88 -1.45 7.92
N ASP A 106 6.74 -2.03 9.11
CA ASP A 106 7.31 -3.32 9.49
C ASP A 106 6.73 -3.82 10.82
N LYS A 107 7.22 -4.97 11.31
CA LYS A 107 6.76 -5.61 12.56
C LYS A 107 7.46 -5.07 13.82
N GLY A 108 8.36 -4.09 13.68
CA GLY A 108 9.13 -3.48 14.77
C GLY A 108 9.21 -1.95 14.73
N ILE A 109 8.43 -1.30 13.87
CA ILE A 109 8.43 0.17 13.72
C ILE A 109 7.77 0.84 14.93
N ILE A 110 8.13 2.11 15.17
CA ILE A 110 7.58 2.94 16.25
C ILE A 110 6.16 3.39 15.89
N TYR A 111 5.24 3.44 16.86
CA TYR A 111 3.87 3.94 16.74
C TYR A 111 3.76 5.48 16.56
N GLY A 112 4.68 6.11 15.82
CA GLY A 112 4.74 7.57 15.64
C GLY A 112 3.46 8.12 14.98
N THR A 113 3.12 9.38 15.25
CA THR A 113 1.87 10.00 14.77
C THR A 113 1.68 9.86 13.25
N ASP A 114 2.73 10.05 12.45
CA ASP A 114 2.71 9.95 11.00
C ASP A 114 3.18 8.57 10.49
N GLY A 115 3.06 7.55 11.34
CA GLY A 115 3.47 6.19 11.02
C GLY A 115 3.20 5.25 12.19
N GLN A 116 1.91 5.03 12.46
CA GLN A 116 1.43 4.11 13.49
C GLN A 116 1.51 2.64 13.02
N GLU A 117 1.37 1.70 13.98
CA GLU A 117 1.48 0.26 13.75
C GLU A 117 0.24 -0.49 14.23
N ALA A 118 0.13 -1.77 13.83
CA ALA A 118 -1.00 -2.63 14.17
C ALA A 118 -0.74 -4.11 13.83
N PRO A 119 -1.53 -5.05 14.39
CA PRO A 119 -1.42 -6.48 14.14
C PRO A 119 -1.92 -6.88 12.74
N ILE A 120 -1.00 -7.00 11.80
CA ILE A 120 -1.27 -7.46 10.42
C ILE A 120 -1.90 -8.87 10.39
N TYR A 121 -1.78 -9.65 11.48
CA TYR A 121 -2.38 -10.98 11.65
C TYR A 121 -3.68 -10.99 12.49
N GLU A 122 -4.23 -9.81 12.84
CA GLU A 122 -5.52 -9.65 13.52
C GLU A 122 -6.50 -8.72 12.76
N LEU A 123 -5.95 -7.85 11.90
CA LEU A 123 -6.69 -6.98 11.00
C LEU A 123 -7.11 -7.71 9.71
N THR A 124 -6.21 -7.82 8.73
CA THR A 124 -6.50 -8.44 7.42
C THR A 124 -6.78 -9.95 7.51
N SER A 125 -6.47 -10.60 8.63
CA SER A 125 -6.89 -11.98 8.95
C SER A 125 -8.41 -12.19 8.83
N GLN A 126 -9.20 -11.13 9.04
CA GLN A 126 -10.66 -11.15 8.91
C GLN A 126 -11.13 -11.39 7.47
N PHE A 127 -10.25 -11.26 6.46
CA PHE A 127 -10.54 -11.54 5.05
C PHE A 127 -10.72 -13.04 4.77
N THR A 128 -10.41 -13.91 5.74
CA THR A 128 -10.52 -15.36 5.65
C THR A 128 -11.92 -15.79 5.23
N GLY A 129 -12.04 -16.60 4.16
CA GLY A 129 -13.33 -17.08 3.64
C GLY A 129 -14.19 -17.88 4.64
N LEU A 130 -13.59 -18.43 5.69
CA LEU A 130 -14.32 -19.11 6.77
C LEU A 130 -14.78 -18.17 7.89
N LYS A 131 -14.36 -16.89 7.86
CA LYS A 131 -14.66 -15.87 8.88
C LYS A 131 -15.44 -14.70 8.29
N CYS A 132 -15.19 -14.35 7.02
CA CYS A 132 -15.90 -13.34 6.24
C CYS A 132 -15.80 -13.64 4.72
N PRO A 133 -16.61 -14.57 4.16
CA PRO A 133 -16.63 -14.88 2.73
C PRO A 133 -17.21 -13.72 1.89
N SER A 134 -16.40 -12.70 1.65
CA SER A 134 -16.74 -11.48 0.90
C SER A 134 -15.68 -11.11 -0.15
N LEU A 135 -14.40 -11.33 0.17
CA LEU A 135 -13.27 -11.07 -0.74
C LEU A 135 -12.47 -12.34 -1.09
N ALA A 136 -13.02 -13.52 -0.79
CA ALA A 136 -12.39 -14.81 -1.08
C ALA A 136 -12.65 -15.33 -2.51
N GLY A 137 -13.72 -14.89 -3.18
CA GLY A 137 -14.09 -15.33 -4.54
C GLY A 137 -13.44 -14.52 -5.68
N LYS A 138 -12.58 -13.57 -5.32
CA LYS A 138 -11.99 -12.52 -6.16
C LYS A 138 -10.51 -12.37 -5.84
N PRO A 139 -9.72 -11.79 -6.78
CA PRO A 139 -8.32 -11.47 -6.56
C PRO A 139 -8.18 -10.31 -5.56
N LYS A 140 -6.93 -10.03 -5.18
CA LYS A 140 -6.51 -8.94 -4.30
C LYS A 140 -5.21 -8.38 -4.87
N VAL A 141 -4.99 -7.08 -4.67
CA VAL A 141 -3.76 -6.36 -5.02
C VAL A 141 -3.23 -5.65 -3.78
N PHE A 142 -1.90 -5.59 -3.65
CA PHE A 142 -1.19 -5.00 -2.53
C PHE A 142 0.09 -4.31 -3.01
N PHE A 143 0.31 -3.05 -2.63
CA PHE A 143 1.48 -2.26 -3.03
C PHE A 143 2.12 -1.60 -1.83
N ILE A 144 3.43 -1.85 -1.65
CA ILE A 144 4.23 -1.32 -0.57
C ILE A 144 5.55 -0.80 -1.10
N GLN A 145 5.90 0.40 -0.63
CA GLN A 145 7.16 1.05 -0.90
C GLN A 145 8.12 0.85 0.27
N ALA A 146 9.25 0.19 -0.03
CA ALA A 146 10.36 -0.03 0.89
C ALA A 146 11.67 0.09 0.11
N ALA A 147 12.68 0.72 0.71
CA ALA A 147 14.01 0.88 0.14
C ALA A 147 15.09 0.56 1.19
N GLN A 148 16.36 0.73 0.85
CA GLN A 148 17.50 0.59 1.75
C GLN A 148 18.43 1.81 1.62
N GLY A 149 19.37 1.95 2.55
CA GLY A 149 20.39 3.00 2.54
C GLY A 149 21.76 2.45 2.93
N ASP A 150 22.81 3.22 2.59
CA ASP A 150 24.19 2.87 2.92
C ASP A 150 24.49 3.11 4.41
N ASN A 151 25.62 2.56 4.89
CA ASN A 151 26.03 2.71 6.30
C ASN A 151 26.29 4.17 6.68
N TYR A 152 26.02 4.53 7.95
CA TYR A 152 26.19 5.89 8.46
C TYR A 152 27.58 6.10 9.05
N GLN A 153 28.15 7.28 8.84
CA GLN A 153 29.47 7.63 9.39
C GLN A 153 29.36 8.12 10.84
N LYS A 154 28.38 9.00 11.11
CA LYS A 154 28.14 9.60 12.42
C LYS A 154 26.68 10.04 12.58
N GLY A 155 25.85 9.18 13.19
CA GLY A 155 24.45 9.47 13.49
C GLY A 155 24.27 10.12 14.86
N ILE A 156 23.05 10.60 15.12
CA ILE A 156 22.66 11.28 16.36
C ILE A 156 21.36 10.68 16.94
N PRO A 157 21.09 10.88 18.25
CA PRO A 157 19.87 10.37 18.91
C PRO A 157 18.62 11.20 18.59
N VAL A 158 18.78 12.47 18.19
CA VAL A 158 17.68 13.35 17.80
C VAL A 158 16.96 12.84 16.53
N GLU A 159 15.83 13.45 16.22
CA GLU A 159 15.09 13.19 14.98
C GLU A 159 15.84 13.70 13.74
N THR A 160 15.21 13.51 12.58
CA THR A 160 15.71 13.95 11.28
C THR A 160 15.72 15.48 11.17
N ASP A 161 16.91 16.08 11.06
CA ASP A 161 17.08 17.53 10.90
C ASP A 161 17.54 17.86 9.46
N SER A 162 18.84 17.72 9.16
CA SER A 162 19.38 17.96 7.82
C SER A 162 19.19 16.72 6.91
N GLU A 163 18.01 16.59 6.30
CA GLU A 163 17.61 15.47 5.44
C GLU A 163 17.28 15.90 3.99
N GLU A 164 17.80 17.06 3.56
CA GLU A 164 17.52 17.76 2.30
C GLU A 164 17.41 16.86 1.05
N GLN A 165 18.49 16.13 0.72
CA GLN A 165 18.53 15.10 -0.32
C GLN A 165 18.74 13.71 0.30
N PRO A 166 19.87 13.45 1.01
CA PRO A 166 20.11 12.18 1.69
C PRO A 166 19.25 12.06 2.97
N TYR A 167 17.95 11.87 2.77
CA TYR A 167 16.98 11.47 3.79
C TYR A 167 17.28 10.09 4.38
N LEU A 168 16.43 9.64 5.31
CA LEU A 168 16.55 8.34 5.98
C LEU A 168 15.76 7.28 5.21
N GLU A 169 16.36 6.10 5.05
CA GLU A 169 15.74 4.95 4.36
C GLU A 169 16.42 3.62 4.70
N MET A 170 16.67 3.34 5.99
CA MET A 170 17.39 2.15 6.43
C MET A 170 16.52 1.22 7.27
N ASP A 171 17.03 -0.01 7.50
CA ASP A 171 16.47 -0.97 8.45
C ASP A 171 16.72 -0.55 9.91
N LEU A 172 16.13 -1.29 10.85
CA LEU A 172 16.13 -0.98 12.28
C LEU A 172 15.92 -2.24 13.11
N SER A 173 16.46 -2.26 14.34
CA SER A 173 16.29 -3.34 15.32
C SER A 173 16.49 -4.76 14.74
N SER A 174 17.66 -5.00 14.12
CA SER A 174 18.05 -6.25 13.41
C SER A 174 17.47 -6.27 11.97
N PRO A 175 17.91 -7.16 11.06
CA PRO A 175 17.33 -7.24 9.72
C PRO A 175 15.91 -7.82 9.77
N GLN A 176 14.90 -6.96 9.86
CA GLN A 176 13.51 -7.41 9.99
C GLN A 176 13.07 -8.18 8.73
N THR A 177 12.29 -9.26 8.94
CA THR A 177 11.77 -10.09 7.85
C THR A 177 10.39 -9.62 7.38
N ARG A 178 9.94 -10.19 6.25
CA ARG A 178 8.65 -9.92 5.62
C ARG A 178 7.79 -11.18 5.65
N TYR A 179 6.48 -10.99 5.44
CA TYR A 179 5.53 -12.09 5.25
C TYR A 179 4.94 -11.99 3.84
N ILE A 180 4.53 -13.13 3.29
CA ILE A 180 3.86 -13.24 1.99
C ILE A 180 2.78 -14.34 2.07
N PRO A 181 1.79 -14.34 1.17
CA PRO A 181 0.81 -15.43 1.04
C PRO A 181 1.43 -16.66 0.37
N ASP A 182 1.16 -17.84 0.92
CA ASP A 182 1.61 -19.15 0.39
C ASP A 182 0.60 -19.76 -0.61
N GLU A 183 -0.48 -19.03 -0.94
CA GLU A 183 -1.54 -19.44 -1.86
C GLU A 183 -1.32 -18.95 -3.30
N ALA A 184 -2.33 -19.14 -4.17
CA ALA A 184 -2.33 -18.69 -5.56
C ALA A 184 -3.66 -17.98 -5.90
N ASP A 185 -3.71 -17.35 -7.08
CA ASP A 185 -4.82 -16.53 -7.60
C ASP A 185 -4.95 -15.16 -6.94
N PHE A 186 -3.82 -14.58 -6.53
CA PHE A 186 -3.71 -13.30 -5.86
C PHE A 186 -2.48 -12.50 -6.33
N LEU A 187 -2.56 -11.17 -6.26
CA LEU A 187 -1.52 -10.23 -6.65
C LEU A 187 -0.89 -9.60 -5.40
N LEU A 188 0.43 -9.75 -5.25
CA LEU A 188 1.18 -9.19 -4.14
C LEU A 188 2.42 -8.45 -4.63
N GLY A 189 2.45 -7.14 -4.42
CA GLY A 189 3.60 -6.27 -4.69
C GLY A 189 4.37 -5.86 -3.44
N MET A 190 4.18 -6.55 -2.31
CA MET A 190 4.96 -6.34 -1.09
C MET A 190 6.38 -6.94 -1.20
N ALA A 191 6.59 -7.93 -2.07
CA ALA A 191 7.85 -8.66 -2.22
C ALA A 191 8.94 -7.81 -2.90
N PRO A 202 27.05 -11.27 -6.28
CA PRO A 202 26.23 -10.41 -7.12
C PRO A 202 26.66 -8.94 -7.01
N ALA A 203 26.35 -8.15 -8.03
CA ALA A 203 26.53 -6.70 -8.01
C ALA A 203 25.61 -6.03 -6.97
N GLU A 204 25.90 -4.77 -6.66
CA GLU A 204 25.09 -3.92 -5.77
C GLU A 204 23.62 -3.77 -6.21
N GLY A 205 23.35 -3.94 -7.51
CA GLY A 205 22.03 -3.84 -8.12
C GLY A 205 21.51 -2.39 -8.17
N THR A 206 20.46 -2.19 -8.98
CA THR A 206 19.78 -0.88 -9.11
C THR A 206 18.27 -1.10 -9.20
N TRP A 207 17.55 -0.71 -8.15
CA TRP A 207 16.09 -0.75 -8.09
C TRP A 207 15.60 0.39 -7.20
N TYR A 208 14.44 0.97 -7.53
CA TYR A 208 13.81 2.05 -6.77
C TYR A 208 12.30 1.93 -6.85
N ILE A 209 11.60 2.32 -5.78
CA ILE A 209 10.13 2.30 -5.73
C ILE A 209 9.51 3.65 -6.11
N GLN A 210 10.27 4.75 -5.99
CA GLN A 210 9.82 6.06 -6.43
C GLN A 210 9.37 6.03 -7.90
N SER A 211 10.10 5.27 -8.74
CA SER A 211 9.81 5.06 -10.16
C SER A 211 8.87 3.87 -10.43
N LEU A 212 8.23 3.27 -9.41
CA LEU A 212 7.22 2.22 -9.58
C LEU A 212 5.82 2.84 -9.61
N CYS A 213 5.41 3.54 -8.54
CA CYS A 213 4.06 4.11 -8.42
C CYS A 213 3.77 5.26 -9.40
N GLN A 214 4.79 6.07 -9.73
CA GLN A 214 4.66 7.08 -10.77
C GLN A 214 4.74 6.50 -12.19
N SER A 215 5.29 5.30 -12.37
CA SER A 215 5.34 4.62 -13.66
C SER A 215 4.07 3.85 -13.93
N LEU A 216 3.63 2.97 -13.01
CA LEU A 216 2.42 2.18 -13.19
C LEU A 216 1.20 3.04 -13.56
N ARG A 217 1.13 4.28 -13.08
CA ARG A 217 0.08 5.23 -13.43
C ARG A 217 0.14 5.62 -14.92
N GLU A 218 1.33 5.94 -15.45
CA GLU A 218 1.53 6.34 -16.86
C GLU A 218 1.76 5.15 -17.81
N ARG A 219 1.87 3.93 -17.25
CA ARG A 219 2.15 2.68 -17.96
C ARG A 219 0.99 1.69 -17.98
N CYS A 220 0.08 1.74 -17.01
CA CYS A 220 -1.20 1.02 -17.02
C CYS A 220 -1.96 1.25 -18.34
N PRO A 221 -2.38 2.47 -18.71
CA PRO A 221 -3.14 2.74 -19.94
C PRO A 221 -2.28 2.57 -21.22
N ARG A 222 -1.95 1.32 -21.56
CA ARG A 222 -1.08 0.93 -22.70
C ARG A 222 -1.50 -0.35 -23.42
N GLY A 223 -2.08 -1.32 -22.72
CA GLY A 223 -2.46 -2.62 -23.29
C GLY A 223 -1.78 -3.83 -22.68
N ASP A 224 -1.30 -3.73 -21.43
CA ASP A 224 -0.55 -4.78 -20.75
C ASP A 224 -1.16 -5.08 -19.36
N ASP A 225 -1.30 -6.36 -18.98
CA ASP A 225 -1.82 -6.77 -17.67
C ASP A 225 -1.01 -6.20 -16.49
N ILE A 226 -1.65 -6.02 -15.32
CA ILE A 226 -0.94 -5.52 -14.12
C ILE A 226 0.21 -6.44 -13.70
N LEU A 227 0.13 -7.71 -14.10
CA LEU A 227 1.14 -8.76 -13.91
C LEU A 227 2.49 -8.44 -14.55
N THR A 228 2.55 -7.44 -15.45
CA THR A 228 3.77 -6.96 -16.10
C THR A 228 4.11 -5.50 -15.74
N ILE A 229 3.43 -4.92 -14.74
CA ILE A 229 3.62 -3.53 -14.32
C ILE A 229 4.33 -3.43 -12.95
N LEU A 230 4.12 -4.42 -12.08
CA LEU A 230 4.81 -4.49 -10.79
C LEU A 230 6.26 -4.92 -10.99
N THR A 231 7.20 -4.26 -10.30
CA THR A 231 8.65 -4.53 -10.34
C THR A 231 9.26 -4.66 -11.74
N GLU A 232 8.62 -4.07 -12.77
CA GLU A 232 9.04 -4.14 -14.18
C GLU A 232 10.12 -3.11 -14.53
N VAL A 233 10.12 -1.99 -13.80
CA VAL A 233 11.02 -0.86 -13.99
C VAL A 233 12.46 -1.22 -13.62
N PRO A 251 13.87 -11.64 -11.35
CA PRO A 251 13.54 -10.80 -10.18
C PRO A 251 12.83 -11.53 -9.03
N GLN A 252 12.53 -12.83 -9.22
CA GLN A 252 11.80 -13.71 -8.31
C GLN A 252 10.42 -13.13 -7.92
N PRO A 253 9.45 -13.13 -8.85
CA PRO A 253 8.12 -12.58 -8.59
C PRO A 253 7.35 -13.40 -7.57
N THR A 254 6.38 -12.76 -6.91
CA THR A 254 5.53 -13.36 -5.86
C THR A 254 4.04 -13.15 -6.19
N PHE A 255 3.67 -13.35 -7.46
CA PHE A 255 2.29 -13.30 -7.92
C PHE A 255 1.99 -14.52 -8.79
N THR A 256 0.77 -15.04 -8.70
CA THR A 256 0.28 -16.14 -9.54
C THR A 256 -1.23 -16.05 -9.67
N LEU A 257 -1.74 -16.07 -10.91
CA LEU A 257 -3.16 -16.08 -11.20
C LEU A 257 -3.45 -17.02 -12.38
N ARG A 258 -4.63 -17.67 -12.36
CA ARG A 258 -5.08 -18.60 -13.41
C ARG A 258 -5.65 -17.85 -14.61
N LYS A 259 -6.45 -16.81 -14.34
CA LYS A 259 -6.99 -15.89 -15.33
C LYS A 259 -5.99 -14.78 -15.69
N LYS A 260 -6.38 -13.92 -16.65
CA LYS A 260 -5.61 -12.76 -17.10
C LYS A 260 -6.10 -11.47 -16.42
N LEU A 261 -5.42 -11.07 -15.35
CA LEU A 261 -5.73 -9.88 -14.56
C LEU A 261 -5.23 -8.59 -15.24
N VAL A 262 -6.10 -7.94 -16.02
CA VAL A 262 -5.76 -6.70 -16.72
C VAL A 262 -6.50 -5.54 -16.06
N PHE A 263 -5.74 -4.64 -15.42
CA PHE A 263 -6.21 -3.34 -14.96
C PHE A 263 -6.65 -2.42 -16.10
N PRO A 264 -5.82 -2.16 -17.14
CA PRO A 264 -6.22 -1.29 -18.25
C PRO A 264 -7.36 -1.87 -19.10
N SER A 265 -7.99 -1.01 -19.92
CA SER A 265 -9.13 -1.40 -20.76
C SER A 265 -8.76 -2.40 -21.88
N ASP A 266 -7.48 -2.42 -22.29
CA ASP A 266 -6.84 -3.31 -23.27
C ASP A 266 -5.90 -4.30 -22.55
N LYS A 11 -10.72 -17.59 -15.10
CA LYS A 11 -9.28 -17.83 -14.91
C LYS A 11 -8.40 -16.67 -15.39
N VAL A 12 -9.01 -15.70 -16.08
CA VAL A 12 -8.44 -14.52 -16.75
C VAL A 12 -9.59 -13.62 -17.20
N TYR A 13 -9.37 -12.30 -17.27
CA TYR A 13 -10.33 -11.29 -17.73
C TYR A 13 -11.71 -11.42 -17.03
N GLN A 14 -11.68 -11.31 -15.70
CA GLN A 14 -12.89 -11.31 -14.89
C GLN A 14 -13.50 -9.90 -14.71
N MET A 15 -12.80 -8.83 -15.12
CA MET A 15 -13.24 -7.43 -15.02
C MET A 15 -14.34 -7.08 -16.04
N LYS A 16 -15.40 -7.89 -16.10
CA LYS A 16 -16.61 -7.69 -16.93
C LYS A 16 -17.72 -6.93 -16.18
N SER A 17 -17.44 -6.50 -14.95
CA SER A 17 -18.27 -5.59 -14.15
C SER A 17 -18.45 -4.23 -14.85
N LYS A 18 -19.26 -3.36 -14.24
CA LYS A 18 -19.47 -1.98 -14.69
C LYS A 18 -18.28 -1.06 -14.31
N PRO A 19 -18.09 0.08 -15.01
CA PRO A 19 -17.12 1.13 -14.64
C PRO A 19 -17.58 1.90 -13.39
N ARG A 20 -16.97 3.05 -13.08
CA ARG A 20 -17.23 3.78 -11.81
C ARG A 20 -16.98 2.86 -10.59
N GLY A 21 -15.96 2.01 -10.66
CA GLY A 21 -15.49 1.23 -9.52
C GLY A 21 -15.09 2.11 -8.33
N TYR A 22 -14.85 1.52 -7.16
CA TYR A 22 -14.52 2.26 -5.92
C TYR A 22 -13.19 1.73 -5.35
N CYS A 23 -12.06 2.37 -5.70
CA CYS A 23 -10.75 2.02 -5.13
C CYS A 23 -10.63 2.41 -3.64
N LEU A 24 -9.58 1.90 -2.98
CA LEU A 24 -9.25 2.20 -1.59
C LEU A 24 -7.88 2.91 -1.51
N ILE A 25 -7.92 4.24 -1.37
CA ILE A 25 -6.76 5.12 -1.17
C ILE A 25 -6.91 5.82 0.19
N ILE A 26 -5.80 5.99 0.91
CA ILE A 26 -5.71 6.62 2.22
C ILE A 26 -4.62 7.71 2.19
N ASN A 27 -4.97 8.93 2.61
CA ASN A 27 -4.06 10.06 2.78
C ASN A 27 -3.93 10.42 4.26
N ASN A 28 -2.79 11.03 4.63
CA ASN A 28 -2.52 11.58 5.95
C ASN A 28 -1.78 12.92 5.80
N HIS A 29 -2.19 13.92 6.59
CA HIS A 29 -1.60 15.26 6.64
C HIS A 29 -1.00 15.59 8.03
N ASN A 30 -0.80 14.58 8.87
CA ASN A 30 -0.15 14.73 10.15
C ASN A 30 1.37 14.72 10.01
N PHE A 31 2.05 15.59 10.77
CA PHE A 31 3.52 15.64 10.84
C PHE A 31 4.05 15.55 12.28
N ALA A 32 3.15 15.47 13.28
CA ALA A 32 3.49 15.42 14.71
C ALA A 32 4.22 14.14 15.12
N LYS A 33 3.90 13.02 14.44
CA LYS A 33 4.49 11.70 14.67
C LYS A 33 4.95 11.05 13.35
N ALA A 34 5.29 11.88 12.36
CA ALA A 34 5.88 11.47 11.09
C ALA A 34 7.40 11.68 11.03
N ARG A 35 7.92 12.55 11.92
CA ARG A 35 9.31 12.96 12.04
C ARG A 35 10.24 11.75 12.23
N GLU A 36 10.84 11.28 11.12
CA GLU A 36 11.68 10.08 10.98
C GLU A 36 10.90 8.76 11.14
N LYS A 37 9.73 8.76 11.80
CA LYS A 37 8.87 7.58 11.99
C LYS A 37 8.37 6.95 10.70
N VAL A 38 8.29 7.70 9.59
CA VAL A 38 7.74 7.18 8.34
C VAL A 38 8.51 7.72 7.13
N PRO A 39 9.13 6.86 6.30
CA PRO A 39 9.91 7.29 5.14
C PRO A 39 9.03 7.94 4.05
N LYS A 40 7.82 7.41 3.83
CA LYS A 40 6.85 8.01 2.89
C LYS A 40 6.30 9.38 3.34
N LEU A 41 6.59 9.82 4.57
CA LEU A 41 6.19 11.13 5.10
C LEU A 41 7.38 12.10 5.21
N HIS A 42 8.54 11.74 4.64
CA HIS A 42 9.70 12.63 4.53
C HIS A 42 9.62 13.55 3.30
N SER A 43 9.27 13.01 2.12
CA SER A 43 9.22 13.76 0.85
C SER A 43 8.03 14.73 0.75
N ILE A 44 7.07 14.60 1.68
CA ILE A 44 5.90 15.45 1.86
C ILE A 44 6.07 16.25 3.16
N ARG A 45 5.67 17.52 3.14
CA ARG A 45 5.53 18.36 4.33
C ARG A 45 4.08 18.76 4.56
N ASP A 46 3.75 19.07 5.82
CA ASP A 46 2.46 19.58 6.29
C ASP A 46 2.16 20.98 5.72
N ARG A 47 3.11 21.91 5.87
CA ARG A 47 2.99 23.29 5.41
C ARG A 47 2.79 23.31 3.89
N ASN A 48 1.84 24.13 3.44
CA ASN A 48 1.43 24.23 2.04
C ASN A 48 0.90 22.89 1.49
N GLY A 49 -0.01 22.27 2.25
CA GLY A 49 -0.74 21.04 1.93
C GLY A 49 -1.21 20.99 0.48
N THR A 50 -0.54 20.17 -0.33
CA THR A 50 -0.73 20.04 -1.78
C THR A 50 -1.11 18.60 -2.15
N HIS A 51 -1.73 18.44 -3.32
CA HIS A 51 -2.06 17.15 -3.90
C HIS A 51 -0.89 16.48 -4.64
N LEU A 52 0.34 16.99 -4.57
CA LEU A 52 1.51 16.37 -5.21
C LEU A 52 1.83 14.96 -4.69
N ASP A 53 1.43 14.63 -3.45
CA ASP A 53 1.59 13.30 -2.88
C ASP A 53 0.34 12.45 -3.15
N ALA A 54 -0.81 12.84 -2.57
CA ALA A 54 -2.07 12.10 -2.67
C ALA A 54 -2.71 12.15 -4.07
N GLY A 55 -2.79 13.34 -4.68
CA GLY A 55 -3.37 13.55 -6.01
C GLY A 55 -2.57 12.86 -7.11
N ALA A 56 -1.23 12.77 -6.99
CA ALA A 56 -0.41 11.96 -7.88
C ALA A 56 -0.78 10.46 -7.85
N LEU A 57 -1.15 9.93 -6.68
CA LEU A 57 -1.67 8.57 -6.56
C LEU A 57 -3.08 8.49 -7.17
N THR A 58 -3.97 9.43 -6.88
CA THR A 58 -5.32 9.47 -7.46
C THR A 58 -5.30 9.59 -8.99
N THR A 59 -4.59 10.58 -9.56
CA THR A 59 -4.53 10.85 -11.00
C THR A 59 -4.05 9.65 -11.80
N THR A 60 -3.18 8.82 -11.18
CA THR A 60 -2.66 7.57 -11.73
C THR A 60 -3.77 6.54 -11.97
N PHE A 61 -4.85 6.57 -11.18
CA PHE A 61 -6.03 5.75 -11.39
C PHE A 61 -7.16 6.53 -12.09
N GLU A 62 -7.23 7.87 -12.02
CA GLU A 62 -8.25 8.68 -12.73
C GLU A 62 -8.33 8.37 -14.23
N GLU A 63 -7.20 7.99 -14.85
CA GLU A 63 -7.12 7.52 -16.24
C GLU A 63 -8.03 6.31 -16.55
N LEU A 64 -8.45 5.54 -15.53
CA LEU A 64 -9.40 4.44 -15.64
C LEU A 64 -10.87 4.92 -15.77
N HIS A 65 -11.13 6.22 -15.61
CA HIS A 65 -12.47 6.83 -15.73
C HIS A 65 -13.49 6.23 -14.75
N PHE A 66 -13.14 6.21 -13.46
CA PHE A 66 -13.89 5.56 -12.39
C PHE A 66 -13.98 6.42 -11.12
N GLU A 67 -14.64 5.93 -10.07
CA GLU A 67 -14.86 6.67 -8.82
C GLU A 67 -13.66 6.51 -7.87
N ILE A 68 -13.14 7.63 -7.36
CA ILE A 68 -11.99 7.63 -6.45
C ILE A 68 -12.35 8.43 -5.21
N LYS A 69 -12.42 7.73 -4.06
CA LYS A 69 -12.71 8.32 -2.76
C LYS A 69 -11.49 8.22 -1.84
N PRO A 70 -10.49 9.10 -1.98
CA PRO A 70 -9.28 9.08 -1.16
C PRO A 70 -9.63 9.48 0.28
N HIS A 71 -9.52 8.54 1.22
CA HIS A 71 -9.75 8.77 2.64
C HIS A 71 -8.80 9.85 3.20
N ASP A 72 -9.29 10.65 4.14
CA ASP A 72 -8.54 11.68 4.87
C ASP A 72 -7.72 11.08 6.01
N ASP A 73 -7.01 11.95 6.75
CA ASP A 73 -6.10 11.60 7.84
C ASP A 73 -6.75 10.68 8.88
N CYS A 74 -6.39 9.40 8.80
CA CYS A 74 -6.93 8.33 9.63
C CYS A 74 -5.77 7.59 10.30
N THR A 75 -5.63 7.79 11.62
CA THR A 75 -4.68 7.06 12.46
C THR A 75 -4.99 5.55 12.50
N VAL A 76 -4.12 4.73 13.10
CA VAL A 76 -4.35 3.27 13.25
C VAL A 76 -5.71 2.93 13.87
N GLU A 77 -6.15 3.72 14.86
CA GLU A 77 -7.43 3.56 15.54
C GLU A 77 -8.60 3.76 14.56
N GLN A 78 -8.43 4.63 13.55
CA GLN A 78 -9.40 4.80 12.48
C GLN A 78 -9.33 3.63 11.48
N ILE A 79 -8.13 3.17 11.08
CA ILE A 79 -7.98 2.06 10.12
C ILE A 79 -8.66 0.78 10.60
N TYR A 80 -8.58 0.50 11.91
CA TYR A 80 -9.26 -0.62 12.55
C TYR A 80 -10.78 -0.59 12.30
N GLU A 81 -11.36 0.60 12.12
CA GLU A 81 -12.77 0.76 11.83
C GLU A 81 -13.11 0.61 10.34
N ILE A 82 -12.11 0.53 9.45
CA ILE A 82 -12.27 0.32 8.00
C ILE A 82 -12.06 -1.16 7.64
N LEU A 83 -11.19 -1.88 8.37
CA LEU A 83 -10.94 -3.32 8.17
C LEU A 83 -12.21 -4.17 8.32
N LYS A 84 -13.16 -3.77 9.19
CA LYS A 84 -14.45 -4.44 9.31
C LYS A 84 -15.44 -4.08 8.19
N ILE A 85 -15.30 -2.91 7.55
CA ILE A 85 -16.25 -2.42 6.53
C ILE A 85 -16.24 -3.33 5.30
N TYR A 86 -15.09 -3.94 4.98
CA TYR A 86 -14.94 -4.89 3.88
C TYR A 86 -16.00 -6.02 3.95
N GLN A 87 -16.34 -6.48 5.17
CA GLN A 87 -17.42 -7.45 5.41
C GLN A 87 -18.82 -6.82 5.34
N LEU A 88 -18.98 -5.57 5.79
CA LEU A 88 -20.26 -4.85 5.75
C LEU A 88 -20.74 -4.60 4.31
N MET A 89 -19.81 -4.44 3.36
CA MET A 89 -20.14 -4.17 1.96
C MET A 89 -20.88 -5.32 1.28
N ASP A 90 -20.34 -6.55 1.35
CA ASP A 90 -20.82 -7.80 0.72
C ASP A 90 -21.19 -7.68 -0.78
N HIS A 91 -20.66 -6.66 -1.47
CA HIS A 91 -20.89 -6.31 -2.87
C HIS A 91 -20.66 -7.46 -3.87
N SER A 92 -21.74 -8.03 -4.41
CA SER A 92 -21.67 -9.14 -5.37
C SER A 92 -21.53 -8.71 -6.84
N ASN A 93 -21.29 -7.41 -7.11
CA ASN A 93 -21.22 -6.83 -8.46
C ASN A 93 -19.80 -6.66 -9.02
N MET A 94 -18.85 -6.27 -8.15
CA MET A 94 -17.45 -6.07 -8.51
C MET A 94 -16.73 -7.43 -8.60
N ASP A 95 -15.64 -7.47 -9.37
CA ASP A 95 -14.82 -8.67 -9.50
C ASP A 95 -13.39 -8.54 -8.97
N CYS A 96 -12.86 -7.32 -8.86
CA CYS A 96 -11.57 -7.02 -8.25
C CYS A 96 -11.50 -5.55 -7.84
N PHE A 97 -10.45 -5.19 -7.11
CA PHE A 97 -10.18 -3.86 -6.56
C PHE A 97 -8.74 -3.80 -6.03
N ILE A 98 -8.34 -2.63 -5.51
CA ILE A 98 -7.01 -2.33 -5.00
C ILE A 98 -7.14 -1.62 -3.64
N CYS A 99 -6.32 -2.03 -2.68
CA CYS A 99 -6.23 -1.45 -1.34
C CYS A 99 -4.81 -0.91 -1.11
N CYS A 100 -4.63 0.41 -1.16
CA CYS A 100 -3.35 1.07 -0.94
C CYS A 100 -3.23 1.51 0.53
N ILE A 101 -2.85 0.58 1.43
CA ILE A 101 -2.69 0.87 2.86
C ILE A 101 -1.36 1.59 3.12
N LEU A 102 -1.45 2.86 3.54
CA LEU A 102 -0.31 3.76 3.77
C LEU A 102 -0.33 4.42 5.16
N SER A 103 -1.11 3.88 6.09
CA SER A 103 -1.23 4.32 7.49
C SER A 103 0.03 3.99 8.29
N HIS A 104 0.40 2.71 8.37
CA HIS A 104 1.54 2.23 9.13
C HIS A 104 2.74 2.02 8.18
N GLY A 105 3.67 2.97 8.17
CA GLY A 105 4.87 2.93 7.34
C GLY A 105 5.63 1.62 7.46
N ASP A 106 5.89 1.21 8.71
CA ASP A 106 6.56 -0.04 9.03
C ASP A 106 5.95 -0.71 10.28
N LYS A 107 6.62 -1.75 10.80
CA LYS A 107 6.19 -2.50 11.99
C LYS A 107 7.15 -2.38 13.18
N GLY A 108 8.44 -2.13 12.93
CA GLY A 108 9.45 -1.90 13.97
C GLY A 108 9.63 -0.42 14.35
N ILE A 109 8.88 0.47 13.70
CA ILE A 109 8.75 1.89 14.06
C ILE A 109 8.06 2.07 15.43
N ILE A 110 8.04 3.31 15.92
CA ILE A 110 7.45 3.67 17.22
C ILE A 110 6.01 4.16 17.02
N TYR A 111 5.12 3.75 17.93
CA TYR A 111 3.71 4.14 18.01
C TYR A 111 3.49 5.67 18.12
N GLY A 112 2.21 6.10 18.13
CA GLY A 112 1.87 7.47 18.51
C GLY A 112 0.49 7.95 18.05
N THR A 113 0.42 8.55 16.85
CA THR A 113 -0.82 9.03 16.24
C THR A 113 -0.75 8.91 14.70
N ASP A 114 0.29 9.49 14.09
CA ASP A 114 0.56 9.41 12.65
C ASP A 114 1.27 8.08 12.31
N GLY A 115 2.58 7.98 12.60
CA GLY A 115 3.38 6.79 12.31
C GLY A 115 3.12 5.63 13.26
N GLN A 116 1.85 5.32 13.51
CA GLN A 116 1.42 4.16 14.28
C GLN A 116 1.72 2.84 13.54
N GLU A 117 1.54 1.75 14.28
CA GLU A 117 1.85 0.38 13.91
C GLU A 117 0.68 -0.55 14.27
N ALA A 118 0.63 -1.73 13.66
CA ALA A 118 -0.32 -2.78 14.03
C ALA A 118 0.10 -4.15 13.46
N PRO A 119 -0.43 -5.25 14.01
CA PRO A 119 -0.22 -6.60 13.50
C PRO A 119 -0.96 -6.82 12.17
N ILE A 120 -0.32 -6.45 11.05
CA ILE A 120 -0.84 -6.69 9.68
C ILE A 120 -1.26 -8.15 9.44
N TYR A 121 -0.56 -9.10 10.07
CA TYR A 121 -0.91 -10.52 10.05
C TYR A 121 -2.25 -10.80 10.75
N GLU A 122 -2.65 -10.05 11.79
CA GLU A 122 -3.96 -10.21 12.45
C GLU A 122 -5.05 -9.44 11.69
N LEU A 123 -4.75 -8.24 11.17
CA LEU A 123 -5.67 -7.45 10.36
C LEU A 123 -6.08 -8.21 9.09
N THR A 124 -5.10 -8.78 8.37
CA THR A 124 -5.37 -9.56 7.17
C THR A 124 -5.93 -10.97 7.46
N SER A 125 -5.71 -11.51 8.67
CA SER A 125 -6.26 -12.82 9.08
C SER A 125 -7.79 -12.84 9.15
N GLN A 126 -8.43 -11.69 9.45
CA GLN A 126 -9.89 -11.61 9.51
C GLN A 126 -10.56 -11.84 8.14
N PHE A 127 -9.80 -11.80 7.04
CA PHE A 127 -10.30 -12.02 5.68
C PHE A 127 -10.37 -13.51 5.28
N THR A 128 -10.15 -14.43 6.23
CA THR A 128 -10.15 -15.88 5.99
C THR A 128 -11.52 -16.36 5.47
N GLY A 129 -11.53 -17.23 4.45
CA GLY A 129 -12.74 -17.77 3.81
C GLY A 129 -13.69 -18.57 4.73
N LEU A 130 -13.23 -18.90 5.94
CA LEU A 130 -14.00 -19.57 6.98
C LEU A 130 -14.49 -18.63 8.09
N LYS A 131 -13.89 -17.43 8.23
CA LYS A 131 -14.20 -16.46 9.28
C LYS A 131 -14.89 -15.21 8.73
N CYS A 132 -14.68 -14.92 7.44
CA CYS A 132 -15.31 -13.82 6.70
C CYS A 132 -15.64 -14.31 5.26
N PRO A 133 -16.68 -15.14 5.08
CA PRO A 133 -17.09 -15.62 3.75
C PRO A 133 -17.64 -14.51 2.85
N SER A 134 -17.89 -13.32 3.40
CA SER A 134 -18.24 -12.07 2.70
C SER A 134 -17.09 -11.64 1.78
N LEU A 135 -17.05 -12.23 0.57
CA LEU A 135 -16.14 -11.88 -0.52
C LEU A 135 -14.67 -12.29 -0.25
N ALA A 136 -14.41 -13.28 0.61
CA ALA A 136 -13.05 -13.74 0.92
C ALA A 136 -12.30 -14.29 -0.31
N GLY A 137 -12.93 -15.19 -1.07
CA GLY A 137 -12.33 -15.82 -2.24
C GLY A 137 -12.22 -14.90 -3.47
N LYS A 138 -12.61 -13.62 -3.34
CA LYS A 138 -12.34 -12.59 -4.35
C LYS A 138 -10.87 -12.18 -4.31
N PRO A 139 -10.32 -11.68 -5.43
CA PRO A 139 -8.95 -11.22 -5.50
C PRO A 139 -8.74 -9.91 -4.72
N LYS A 140 -7.46 -9.56 -4.50
CA LYS A 140 -7.04 -8.31 -3.87
C LYS A 140 -5.69 -7.85 -4.44
N VAL A 141 -5.48 -6.54 -4.50
CA VAL A 141 -4.22 -5.93 -4.92
C VAL A 141 -3.72 -4.95 -3.85
N PHE A 142 -2.45 -5.09 -3.46
CA PHE A 142 -1.79 -4.23 -2.49
C PHE A 142 -0.49 -3.63 -3.06
N PHE A 143 -0.55 -2.35 -3.44
CA PHE A 143 0.64 -1.59 -3.84
C PHE A 143 1.26 -0.89 -2.64
N ILE A 144 2.38 -1.44 -2.16
CA ILE A 144 3.23 -0.77 -1.16
C ILE A 144 3.84 0.51 -1.75
N GLN A 145 4.03 1.55 -0.92
CA GLN A 145 4.70 2.81 -1.29
C GLN A 145 6.05 2.99 -0.56
N ALA A 146 6.64 1.89 -0.06
CA ALA A 146 7.90 1.86 0.67
C ALA A 146 9.11 1.49 -0.21
N ALA A 147 8.92 1.54 -1.54
CA ALA A 147 9.96 1.24 -2.51
C ALA A 147 10.96 2.41 -2.62
N GLN A 148 12.24 2.10 -2.49
CA GLN A 148 13.35 3.04 -2.61
C GLN A 148 14.65 2.29 -2.94
N GLY A 149 15.73 3.03 -3.22
CA GLY A 149 17.05 2.47 -3.51
C GLY A 149 18.04 2.72 -2.38
N ASP A 150 18.65 3.90 -2.38
CA ASP A 150 19.58 4.32 -1.33
C ASP A 150 18.86 4.42 0.03
N ASN A 151 19.15 3.47 0.93
CA ASN A 151 18.65 3.46 2.30
C ASN A 151 19.64 4.09 3.31
N TYR A 152 20.73 4.71 2.84
CA TYR A 152 21.76 5.29 3.71
C TYR A 152 21.37 6.68 4.22
N GLN A 153 21.18 6.81 5.54
CA GLN A 153 20.92 8.10 6.18
C GLN A 153 22.24 8.79 6.51
N LYS A 154 22.30 10.13 6.36
CA LYS A 154 23.47 10.95 6.72
C LYS A 154 23.90 10.67 8.17
N GLY A 155 22.95 10.80 9.09
CA GLY A 155 23.17 10.77 10.53
C GLY A 155 23.95 11.99 11.01
N ILE A 156 23.72 12.39 12.26
CA ILE A 156 24.43 13.50 12.90
C ILE A 156 24.78 13.14 14.36
N PRO A 157 25.77 13.83 14.97
CA PRO A 157 26.16 13.59 16.36
C PRO A 157 25.19 14.20 17.38
N VAL A 158 24.31 15.11 16.95
CA VAL A 158 23.26 15.70 17.77
C VAL A 158 22.08 14.74 17.96
N GLU A 159 21.12 15.13 18.78
CA GLU A 159 19.86 14.41 18.98
C GLU A 159 18.80 14.91 17.98
N THR A 160 17.58 14.36 18.05
CA THR A 160 16.46 14.74 17.17
C THR A 160 16.12 16.24 17.28
N ASP A 161 15.51 16.83 16.23
CA ASP A 161 14.99 18.21 16.28
C ASP A 161 13.78 18.30 17.24
N SER A 162 13.41 19.54 17.61
CA SER A 162 12.34 19.91 18.56
C SER A 162 11.16 18.93 18.62
N GLU A 163 11.16 18.05 19.62
CA GLU A 163 10.16 17.04 19.86
C GLU A 163 9.26 17.38 21.05
N GLU A 164 8.02 16.90 21.03
CA GLU A 164 7.07 17.00 22.14
C GLU A 164 7.47 16.07 23.31
N GLN A 165 6.67 16.03 24.40
CA GLN A 165 6.85 15.12 25.54
C GLN A 165 7.35 13.70 25.14
N PRO A 166 6.63 12.95 24.28
CA PRO A 166 7.10 11.70 23.71
C PRO A 166 8.18 11.94 22.63
N TYR A 167 9.41 12.17 23.12
CA TYR A 167 10.66 12.20 22.36
C TYR A 167 10.92 10.91 21.57
N LEU A 168 12.04 10.87 20.83
CA LEU A 168 12.40 9.76 19.97
C LEU A 168 13.76 9.21 20.38
N GLU A 169 13.77 7.98 20.92
CA GLU A 169 14.97 7.30 21.39
C GLU A 169 15.90 6.94 20.23
N MET A 170 15.46 6.03 19.36
CA MET A 170 16.16 5.49 18.19
C MET A 170 15.22 4.56 17.41
N ASP A 171 15.72 4.03 16.29
CA ASP A 171 15.07 3.06 15.43
C ASP A 171 15.74 1.66 15.57
N LEU A 172 15.28 0.69 14.78
CA LEU A 172 15.86 -0.66 14.66
C LEU A 172 17.35 -0.65 14.25
N SER A 173 18.04 -1.81 14.34
CA SER A 173 19.44 -1.91 13.88
C SER A 173 19.58 -2.22 12.38
N SER A 174 18.70 -3.08 11.85
CA SER A 174 18.70 -3.63 10.46
C SER A 174 17.69 -4.78 10.33
N PRO A 175 17.79 -5.88 11.12
CA PRO A 175 16.89 -7.04 11.02
C PRO A 175 15.51 -6.74 11.62
N GLN A 176 14.73 -5.88 10.96
CA GLN A 176 13.34 -5.61 11.35
C GLN A 176 12.41 -6.78 11.01
N THR A 177 11.18 -6.74 11.52
CA THR A 177 10.05 -7.58 11.14
C THR A 177 9.80 -7.51 9.62
N ARG A 178 10.28 -8.56 8.93
CA ARG A 178 10.03 -8.86 7.52
C ARG A 178 8.54 -9.08 7.25
N TYR A 179 8.20 -9.22 5.96
CA TYR A 179 6.84 -9.40 5.49
C TYR A 179 6.81 -10.49 4.43
N ILE A 180 6.20 -11.63 4.78
CA ILE A 180 5.96 -12.77 3.90
C ILE A 180 4.91 -13.70 4.55
N PRO A 181 3.61 -13.51 4.26
CA PRO A 181 2.57 -14.44 4.69
C PRO A 181 2.56 -15.73 3.86
N ASP A 182 1.93 -16.78 4.40
CA ASP A 182 1.71 -18.09 3.76
C ASP A 182 0.30 -18.16 3.10
N GLU A 183 -0.31 -17.01 2.77
CA GLU A 183 -1.61 -16.92 2.06
C GLU A 183 -1.46 -17.14 0.53
N ALA A 184 -2.59 -17.12 -0.21
CA ALA A 184 -2.66 -17.29 -1.66
C ALA A 184 -3.87 -16.51 -2.24
N ASP A 185 -3.93 -16.39 -3.58
CA ASP A 185 -4.95 -15.62 -4.34
C ASP A 185 -4.88 -14.11 -4.05
N PHE A 186 -3.66 -13.60 -3.89
CA PHE A 186 -3.38 -12.22 -3.52
C PHE A 186 -2.17 -11.64 -4.26
N LEU A 187 -2.00 -10.32 -4.16
CA LEU A 187 -0.91 -9.57 -4.76
C LEU A 187 -0.33 -8.56 -3.77
N LEU A 188 1.01 -8.56 -3.64
CA LEU A 188 1.81 -7.64 -2.84
C LEU A 188 2.81 -6.88 -3.71
N GLY A 189 2.98 -5.57 -3.46
CA GLY A 189 3.90 -4.73 -4.23
C GLY A 189 5.38 -4.96 -3.87
N MET A 190 5.69 -5.14 -2.57
CA MET A 190 7.04 -5.44 -2.09
C MET A 190 7.53 -6.81 -2.59
N ALA A 191 8.71 -6.84 -3.21
CA ALA A 191 9.32 -8.08 -3.70
C ALA A 191 10.52 -8.54 -2.86
N PRO A 202 28.75 -2.34 -7.88
CA PRO A 202 27.56 -1.48 -7.87
C PRO A 202 27.05 -1.20 -6.44
N ALA A 203 27.62 -0.17 -5.79
CA ALA A 203 27.19 0.29 -4.47
C ALA A 203 26.13 1.41 -4.54
N GLU A 204 26.26 2.35 -5.48
CA GLU A 204 25.31 3.45 -5.73
C GLU A 204 24.23 3.07 -6.78
N GLY A 205 23.96 1.77 -6.96
CA GLY A 205 23.00 1.28 -7.94
C GLY A 205 21.55 1.66 -7.59
N THR A 206 20.78 2.06 -8.61
CA THR A 206 19.37 2.46 -8.50
C THR A 206 18.41 1.30 -8.78
N TRP A 207 17.19 1.41 -8.27
CA TRP A 207 16.14 0.41 -8.43
C TRP A 207 15.19 0.77 -9.59
N TYR A 208 14.53 -0.24 -10.14
CA TYR A 208 13.61 -0.14 -11.28
C TYR A 208 12.18 0.26 -10.89
N ILE A 209 11.99 0.79 -9.66
CA ILE A 209 10.68 1.19 -9.13
C ILE A 209 10.34 2.66 -9.45
N GLN A 210 11.34 3.54 -9.61
CA GLN A 210 11.13 4.92 -10.07
C GLN A 210 10.47 4.99 -11.45
N SER A 211 10.57 3.90 -12.21
CA SER A 211 9.93 3.74 -13.50
C SER A 211 8.64 2.90 -13.44
N LEU A 212 8.35 2.24 -12.32
CA LEU A 212 7.10 1.49 -12.11
C LEU A 212 5.92 2.46 -11.98
N CYS A 213 6.00 3.44 -11.08
CA CYS A 213 4.92 4.42 -10.88
C CYS A 213 4.59 5.19 -12.17
N GLN A 214 5.61 5.55 -12.97
CA GLN A 214 5.40 6.19 -14.26
C GLN A 214 4.94 5.22 -15.36
N SER A 215 5.26 3.92 -15.28
CA SER A 215 4.80 2.90 -16.25
C SER A 215 3.37 2.43 -15.98
N LEU A 216 2.95 2.36 -14.71
CA LEU A 216 1.58 1.98 -14.34
C LEU A 216 0.59 3.14 -14.44
N ARG A 217 1.05 4.40 -14.56
CA ARG A 217 0.19 5.57 -14.76
C ARG A 217 0.01 5.95 -16.23
N GLU A 218 0.81 5.36 -17.13
CA GLU A 218 0.76 5.63 -18.57
C GLU A 218 -0.10 4.61 -19.29
N ARG A 219 -1.42 4.63 -19.00
CA ARG A 219 -2.38 3.67 -19.55
C ARG A 219 -2.01 2.26 -19.05
N CYS A 220 -2.13 2.01 -17.74
CA CYS A 220 -1.99 0.66 -17.19
C CYS A 220 -2.87 -0.37 -17.95
N PRO A 221 -4.17 -0.11 -18.14
CA PRO A 221 -5.08 -1.04 -18.78
C PRO A 221 -4.94 -1.08 -20.31
N ARG A 222 -4.29 -2.14 -20.82
CA ARG A 222 -4.04 -2.33 -22.27
C ARG A 222 -4.24 -3.76 -22.74
N GLY A 223 -3.79 -4.75 -21.97
CA GLY A 223 -3.90 -6.16 -22.30
C GLY A 223 -3.03 -7.05 -21.39
N ASP A 224 -1.88 -6.55 -20.97
CA ASP A 224 -0.99 -7.20 -20.01
C ASP A 224 -1.59 -7.15 -18.60
N ASP A 225 -1.47 -8.25 -17.85
CA ASP A 225 -1.91 -8.33 -16.46
C ASP A 225 -1.06 -7.48 -15.50
N ILE A 226 -1.69 -6.88 -14.48
CA ILE A 226 -0.97 -6.05 -13.51
C ILE A 226 0.14 -6.80 -12.77
N LEU A 227 -0.01 -8.13 -12.68
CA LEU A 227 0.97 -9.06 -12.13
C LEU A 227 2.31 -9.01 -12.88
N THR A 228 2.31 -8.64 -14.18
CA THR A 228 3.54 -8.45 -14.95
C THR A 228 4.07 -7.03 -14.74
N ILE A 229 3.22 -6.00 -14.87
CA ILE A 229 3.58 -4.57 -14.76
C ILE A 229 4.39 -4.27 -13.50
N LEU A 230 4.11 -4.98 -12.40
CA LEU A 230 4.88 -5.04 -11.16
C LEU A 230 6.40 -5.01 -11.39
N THR A 231 6.98 -3.81 -11.26
CA THR A 231 8.41 -3.52 -11.49
C THR A 231 8.97 -4.11 -12.80
N GLU A 232 8.13 -4.29 -13.83
CA GLU A 232 8.51 -4.92 -15.11
C GLU A 232 9.61 -4.15 -15.88
N VAL A 233 9.91 -2.92 -15.46
CA VAL A 233 11.00 -2.10 -15.95
C VAL A 233 12.38 -2.71 -15.65
N PRO A 251 13.20 -14.23 -12.03
CA PRO A 251 14.12 -13.68 -11.03
C PRO A 251 13.80 -14.16 -9.61
N GLN A 252 12.85 -13.49 -8.93
CA GLN A 252 12.34 -13.89 -7.61
C GLN A 252 10.93 -13.28 -7.41
N PRO A 253 9.91 -13.75 -8.14
CA PRO A 253 8.55 -13.26 -7.98
C PRO A 253 7.93 -13.72 -6.65
N THR A 254 7.16 -12.82 -6.04
CA THR A 254 6.46 -13.02 -4.77
C THR A 254 4.94 -13.13 -4.95
N PHE A 255 4.41 -12.83 -6.14
CA PHE A 255 2.98 -12.96 -6.47
C PHE A 255 2.56 -14.44 -6.44
N THR A 256 1.42 -14.74 -5.81
CA THR A 256 0.87 -16.11 -5.76
C THR A 256 -0.66 -16.09 -5.89
N LEU A 257 -1.13 -16.16 -7.14
CA LEU A 257 -2.55 -16.19 -7.46
C LEU A 257 -2.91 -17.52 -8.13
N ARG A 258 -4.10 -18.05 -7.80
CA ARG A 258 -4.62 -19.28 -8.40
C ARG A 258 -5.07 -19.07 -9.84
N LYS A 259 -5.30 -17.82 -10.24
CA LYS A 259 -5.83 -17.37 -11.54
C LYS A 259 -5.05 -16.14 -12.03
N LYS A 260 -5.22 -15.77 -13.29
CA LYS A 260 -4.58 -14.61 -13.92
C LYS A 260 -5.39 -13.33 -13.65
N LEU A 261 -4.85 -12.46 -12.78
CA LEU A 261 -5.44 -11.17 -12.42
C LEU A 261 -5.04 -10.05 -13.38
N VAL A 262 -5.88 -9.77 -14.37
CA VAL A 262 -5.64 -8.68 -15.32
C VAL A 262 -6.39 -7.42 -14.86
N PHE A 263 -5.79 -6.25 -15.14
CA PHE A 263 -6.43 -4.95 -15.01
C PHE A 263 -6.65 -4.34 -16.40
N PRO A 264 -7.68 -4.79 -17.16
CA PRO A 264 -8.09 -4.17 -18.42
C PRO A 264 -8.81 -2.83 -18.20
N SER A 265 -9.25 -2.19 -19.29
CA SER A 265 -9.88 -0.87 -19.27
C SER A 265 -11.41 -0.92 -19.12
N ASP A 266 -11.94 -2.08 -18.71
CA ASP A 266 -13.37 -2.41 -18.68
C ASP A 266 -14.00 -2.15 -17.29
N LYS A 11 -13.05 -13.61 -15.20
CA LYS A 11 -11.73 -13.10 -15.59
C LYS A 11 -11.80 -11.65 -16.11
N VAL A 12 -10.67 -10.94 -16.14
CA VAL A 12 -10.64 -9.54 -16.62
C VAL A 12 -11.10 -9.39 -18.07
N TYR A 13 -10.43 -10.05 -19.01
CA TYR A 13 -10.78 -9.96 -20.44
C TYR A 13 -12.23 -10.37 -20.75
N GLN A 14 -12.90 -11.03 -19.79
CA GLN A 14 -14.30 -11.42 -19.81
C GLN A 14 -15.22 -10.35 -19.18
N MET A 15 -14.88 -9.80 -18.00
CA MET A 15 -15.67 -8.74 -17.36
C MET A 15 -15.56 -7.42 -18.14
N LYS A 16 -16.57 -7.13 -18.98
CA LYS A 16 -16.64 -5.91 -19.78
C LYS A 16 -17.90 -5.13 -19.44
N SER A 17 -17.98 -3.86 -19.88
CA SER A 17 -19.09 -2.95 -19.55
C SER A 17 -19.32 -2.82 -18.03
N LYS A 18 -18.25 -3.01 -17.24
CA LYS A 18 -18.24 -2.91 -15.77
C LYS A 18 -17.34 -1.73 -15.36
N PRO A 19 -17.77 -0.47 -15.59
CA PRO A 19 -17.07 0.73 -15.14
C PRO A 19 -17.16 0.86 -13.60
N ARG A 20 -16.83 2.06 -13.07
CA ARG A 20 -16.90 2.40 -11.65
C ARG A 20 -15.83 1.67 -10.82
N GLY A 21 -14.69 1.37 -11.43
CA GLY A 21 -13.53 0.68 -10.84
C GLY A 21 -13.25 1.11 -9.40
N TYR A 22 -13.48 0.23 -8.43
CA TYR A 22 -13.38 0.54 -7.00
C TYR A 22 -11.91 0.55 -6.55
N CYS A 23 -11.43 1.69 -6.03
CA CYS A 23 -10.05 1.82 -5.53
C CYS A 23 -10.01 2.57 -4.18
N LEU A 24 -9.35 1.97 -3.18
CA LEU A 24 -9.15 2.57 -1.86
C LEU A 24 -7.77 3.21 -1.77
N ILE A 25 -7.75 4.50 -1.41
CA ILE A 25 -6.54 5.30 -1.26
C ILE A 25 -6.69 6.18 -0.02
N ILE A 26 -5.71 6.14 0.89
CA ILE A 26 -5.68 7.01 2.06
C ILE A 26 -4.61 8.08 1.84
N ASN A 27 -4.85 9.29 2.33
CA ASN A 27 -3.92 10.40 2.33
C ASN A 27 -3.68 10.91 3.77
N ASN A 28 -2.61 11.68 3.97
CA ASN A 28 -2.31 12.36 5.22
C ASN A 28 -1.75 13.76 4.96
N HIS A 29 -1.97 14.65 5.93
CA HIS A 29 -1.41 16.00 5.91
C HIS A 29 -0.38 16.22 7.04
N ASN A 30 -0.44 15.43 8.12
CA ASN A 30 0.46 15.54 9.26
C ASN A 30 1.75 14.73 9.03
N PHE A 31 2.73 15.34 8.35
CA PHE A 31 4.03 14.72 8.08
C PHE A 31 5.16 15.21 9.01
N ALA A 32 4.81 16.01 10.03
CA ALA A 32 5.75 16.59 11.00
C ALA A 32 6.56 15.55 11.80
N LYS A 33 6.05 14.31 11.82
CA LYS A 33 6.64 13.14 12.49
C LYS A 33 6.96 12.02 11.50
N ALA A 34 6.20 11.94 10.42
CA ALA A 34 6.43 10.98 9.35
C ALA A 34 7.83 11.11 8.73
N ARG A 35 8.45 12.29 8.84
CA ARG A 35 9.79 12.61 8.34
C ARG A 35 10.84 11.52 8.60
N GLU A 36 10.76 10.88 9.76
CA GLU A 36 11.67 9.80 10.17
C GLU A 36 11.01 8.43 9.98
N LYS A 37 9.75 8.29 10.43
CA LYS A 37 8.98 7.05 10.30
C LYS A 37 8.92 6.54 8.86
N VAL A 38 8.95 7.45 7.88
CA VAL A 38 8.93 7.15 6.45
C VAL A 38 9.57 8.26 5.60
N PRO A 39 10.68 7.97 4.88
CA PRO A 39 11.36 8.95 4.02
C PRO A 39 10.48 9.42 2.85
N LYS A 40 9.44 8.64 2.49
CA LYS A 40 8.46 8.99 1.48
C LYS A 40 7.71 10.27 1.87
N LEU A 41 7.07 10.29 3.05
CA LEU A 41 6.34 11.45 3.57
C LEU A 41 7.25 12.64 3.96
N HIS A 42 8.58 12.49 3.86
CA HIS A 42 9.54 13.59 3.95
C HIS A 42 9.75 14.28 2.58
N SER A 43 9.81 13.52 1.48
CA SER A 43 10.06 14.06 0.13
C SER A 43 8.84 14.73 -0.51
N ILE A 44 7.63 14.44 0.01
CA ILE A 44 6.39 15.13 -0.35
C ILE A 44 6.47 16.64 -0.10
N ARG A 45 5.48 17.41 -0.60
CA ARG A 45 5.42 18.87 -0.47
C ARG A 45 6.59 19.57 -1.18
N ASP A 46 6.89 19.13 -2.42
CA ASP A 46 7.90 19.75 -3.28
C ASP A 46 7.66 21.26 -3.47
N ARG A 47 6.37 21.66 -3.57
CA ARG A 47 5.94 23.05 -3.70
C ARG A 47 4.68 23.36 -2.90
N ASN A 48 4.32 24.65 -2.87
CA ASN A 48 3.09 25.15 -2.26
C ASN A 48 1.86 24.69 -3.06
N GLY A 49 1.16 23.68 -2.54
CA GLY A 49 -0.06 23.13 -3.10
C GLY A 49 -0.50 21.87 -2.36
N THR A 50 -1.78 21.79 -2.01
CA THR A 50 -2.39 20.59 -1.41
C THR A 50 -2.85 19.61 -2.49
N HIS A 51 -3.37 18.42 -2.14
CA HIS A 51 -3.88 17.38 -3.05
C HIS A 51 -2.94 16.99 -4.23
N LEU A 52 -1.66 17.40 -4.17
CA LEU A 52 -0.67 17.28 -5.24
C LEU A 52 0.11 15.97 -5.14
N ASP A 53 0.43 15.52 -3.93
CA ASP A 53 1.10 14.24 -3.69
C ASP A 53 0.09 13.09 -3.65
N ALA A 54 -1.07 13.30 -3.02
CA ALA A 54 -2.13 12.31 -2.90
C ALA A 54 -2.89 12.09 -4.22
N GLY A 55 -3.14 13.20 -4.93
CA GLY A 55 -3.80 13.17 -6.23
C GLY A 55 -3.04 12.32 -7.24
N ALA A 56 -1.72 12.15 -7.09
CA ALA A 56 -0.90 11.29 -7.95
C ALA A 56 -1.29 9.80 -7.87
N LEU A 57 -1.78 9.33 -6.72
CA LEU A 57 -2.24 7.95 -6.55
C LEU A 57 -3.66 7.82 -7.10
N THR A 58 -4.55 8.76 -6.75
CA THR A 58 -5.96 8.82 -7.15
C THR A 58 -6.15 9.03 -8.65
N THR A 59 -5.45 10.00 -9.23
CA THR A 59 -5.51 10.33 -10.67
C THR A 59 -5.28 9.11 -11.54
N THR A 60 -4.47 8.15 -11.08
CA THR A 60 -4.16 6.89 -11.76
C THR A 60 -5.41 6.16 -12.22
N PHE A 61 -6.42 6.10 -11.33
CA PHE A 61 -7.72 5.48 -11.60
C PHE A 61 -8.73 6.53 -12.09
N GLU A 62 -8.61 7.79 -11.66
CA GLU A 62 -9.50 8.87 -12.09
C GLU A 62 -9.43 9.09 -13.62
N GLU A 63 -8.22 9.19 -14.18
CA GLU A 63 -8.01 9.37 -15.63
C GLU A 63 -8.59 8.23 -16.48
N LEU A 64 -8.73 7.03 -15.87
CA LEU A 64 -9.31 5.82 -16.44
C LEU A 64 -10.85 5.76 -16.22
N HIS A 65 -11.47 6.79 -15.63
CA HIS A 65 -12.92 6.93 -15.40
C HIS A 65 -13.45 5.93 -14.34
N PHE A 66 -12.82 5.91 -13.16
CA PHE A 66 -13.14 4.99 -12.07
C PHE A 66 -13.51 5.69 -10.76
N GLU A 67 -14.01 4.93 -9.77
CA GLU A 67 -14.50 5.43 -8.48
C GLU A 67 -13.46 5.20 -7.38
N ILE A 68 -12.76 6.26 -7.02
CA ILE A 68 -11.74 6.24 -5.97
C ILE A 68 -12.33 6.82 -4.68
N LYS A 69 -11.91 6.25 -3.55
CA LYS A 69 -12.21 6.76 -2.21
C LYS A 69 -10.93 7.34 -1.59
N PRO A 70 -10.56 8.60 -1.93
CA PRO A 70 -9.43 9.31 -1.33
C PRO A 70 -9.76 9.75 0.10
N HIS A 71 -9.46 8.89 1.09
CA HIS A 71 -9.60 9.21 2.50
C HIS A 71 -8.58 10.26 2.97
N ASP A 72 -8.94 10.99 4.02
CA ASP A 72 -8.10 11.99 4.70
C ASP A 72 -7.23 11.36 5.80
N ASP A 73 -6.47 12.22 6.51
CA ASP A 73 -5.55 11.87 7.58
C ASP A 73 -6.17 10.93 8.64
N CYS A 74 -5.86 9.63 8.53
CA CYS A 74 -6.42 8.55 9.32
C CYS A 74 -5.30 7.65 9.84
N THR A 75 -4.93 7.82 11.11
CA THR A 75 -3.98 6.95 11.82
C THR A 75 -4.49 5.52 11.94
N VAL A 76 -3.66 4.58 12.40
CA VAL A 76 -4.03 3.17 12.63
C VAL A 76 -5.36 2.97 13.37
N GLU A 77 -5.64 3.84 14.34
CA GLU A 77 -6.87 3.83 15.12
C GLU A 77 -8.10 3.94 14.21
N GLN A 78 -8.01 4.78 13.17
CA GLN A 78 -9.02 4.95 12.13
C GLN A 78 -8.96 3.82 11.10
N ILE A 79 -7.78 3.32 10.71
CA ILE A 79 -7.66 2.20 9.75
C ILE A 79 -8.49 0.99 10.19
N TYR A 80 -8.48 0.65 11.48
CA TYR A 80 -9.32 -0.41 12.04
C TYR A 80 -10.82 -0.17 11.80
N GLU A 81 -11.26 1.09 11.81
CA GLU A 81 -12.64 1.46 11.50
C GLU A 81 -12.98 1.29 10.02
N ILE A 82 -11.99 1.09 9.13
CA ILE A 82 -12.18 0.85 7.69
C ILE A 82 -12.22 -0.67 7.42
N LEU A 83 -11.35 -1.45 8.06
CA LEU A 83 -11.30 -2.91 7.94
C LEU A 83 -12.63 -3.59 8.31
N LYS A 84 -13.39 -3.03 9.25
CA LYS A 84 -14.72 -3.52 9.62
C LYS A 84 -15.79 -3.21 8.56
N ILE A 85 -15.66 -2.09 7.82
CA ILE A 85 -16.66 -1.65 6.83
C ILE A 85 -16.80 -2.68 5.73
N TYR A 86 -15.67 -3.24 5.28
CA TYR A 86 -15.63 -4.27 4.25
C TYR A 86 -16.54 -5.47 4.60
N GLN A 87 -16.64 -5.82 5.88
CA GLN A 87 -17.56 -6.84 6.37
C GLN A 87 -19.00 -6.29 6.50
N LEU A 88 -19.18 -5.08 7.05
CA LEU A 88 -20.49 -4.41 7.15
C LEU A 88 -21.24 -4.22 5.82
N MET A 89 -20.53 -4.27 4.68
CA MET A 89 -21.14 -4.17 3.35
C MET A 89 -21.88 -5.45 2.96
N ASP A 90 -21.39 -6.62 3.37
CA ASP A 90 -21.93 -7.96 3.04
C ASP A 90 -22.17 -8.20 1.53
N HIS A 91 -21.42 -7.52 0.66
CA HIS A 91 -21.58 -7.60 -0.80
C HIS A 91 -21.21 -8.99 -1.37
N SER A 92 -21.75 -9.29 -2.56
CA SER A 92 -21.55 -10.58 -3.26
C SER A 92 -21.03 -10.42 -4.70
N ASN A 93 -20.58 -9.21 -5.08
CA ASN A 93 -20.08 -8.89 -6.41
C ASN A 93 -18.90 -7.90 -6.30
N MET A 94 -17.66 -8.37 -6.50
CA MET A 94 -16.46 -7.53 -6.48
C MET A 94 -15.23 -8.23 -7.08
N ASP A 95 -15.23 -8.33 -8.40
CA ASP A 95 -14.19 -9.02 -9.20
C ASP A 95 -12.92 -8.16 -9.36
N CYS A 96 -12.99 -6.88 -8.99
CA CYS A 96 -11.91 -5.90 -9.02
C CYS A 96 -11.95 -5.05 -7.74
N PHE A 97 -10.85 -5.02 -7.00
CA PHE A 97 -10.68 -4.23 -5.77
C PHE A 97 -9.21 -4.10 -5.40
N ILE A 98 -8.82 -2.92 -4.88
CA ILE A 98 -7.44 -2.59 -4.50
C ILE A 98 -7.43 -1.81 -3.20
N CYS A 99 -6.47 -2.13 -2.34
CA CYS A 99 -6.20 -1.43 -1.09
C CYS A 99 -4.71 -1.05 -1.02
N CYS A 100 -4.38 0.20 -1.34
CA CYS A 100 -3.02 0.72 -1.11
C CYS A 100 -2.90 1.34 0.29
N ILE A 101 -1.68 1.34 0.84
CA ILE A 101 -1.39 1.93 2.15
C ILE A 101 -0.70 3.28 1.95
N LEU A 102 -1.05 4.27 2.79
CA LEU A 102 -0.42 5.59 2.79
C LEU A 102 0.91 5.65 3.55
N SER A 103 0.98 4.87 4.65
CA SER A 103 2.12 4.79 5.56
C SER A 103 3.26 3.98 4.93
N HIS A 104 4.33 3.76 5.70
CA HIS A 104 5.38 2.80 5.33
C HIS A 104 4.96 1.35 5.57
N GLY A 105 4.46 1.05 6.78
CA GLY A 105 4.09 -0.29 7.24
C GLY A 105 5.14 -1.37 6.95
N ASP A 106 6.36 -1.20 7.50
CA ASP A 106 7.54 -2.03 7.19
C ASP A 106 7.29 -3.51 7.44
N LYS A 107 7.21 -3.95 8.71
CA LYS A 107 6.93 -5.34 9.09
C LYS A 107 6.13 -5.39 10.40
N GLY A 108 4.88 -4.93 10.38
CA GLY A 108 4.03 -4.91 11.57
C GLY A 108 4.62 -4.12 12.74
N ILE A 109 5.31 -3.01 12.43
CA ILE A 109 6.01 -2.17 13.40
C ILE A 109 5.07 -1.69 14.51
N ILE A 110 5.61 -1.46 15.70
CA ILE A 110 4.88 -0.92 16.84
C ILE A 110 4.38 0.50 16.60
N TYR A 111 3.35 0.86 17.36
CA TYR A 111 2.70 2.17 17.32
C TYR A 111 3.50 3.25 18.08
N GLY A 112 3.13 4.53 17.95
CA GLY A 112 3.75 5.61 18.74
C GLY A 112 3.46 7.02 18.24
N THR A 113 3.65 7.22 16.94
CA THR A 113 3.45 8.51 16.25
C THR A 113 2.66 8.28 14.96
N ASP A 114 2.45 9.30 14.14
CA ASP A 114 1.67 9.23 12.88
C ASP A 114 2.02 7.98 12.05
N GLY A 115 3.31 7.66 11.94
CA GLY A 115 3.86 6.44 11.38
C GLY A 115 3.68 5.26 12.32
N GLN A 116 2.41 4.94 12.61
CA GLN A 116 1.96 3.78 13.37
C GLN A 116 0.96 2.99 12.52
N GLU A 117 1.06 1.66 12.59
CA GLU A 117 0.18 0.74 11.87
C GLU A 117 0.22 -0.63 12.56
N ALA A 118 -0.71 -1.53 12.26
CA ALA A 118 -0.74 -2.88 12.82
C ALA A 118 -0.21 -3.90 11.79
N PRO A 119 0.17 -5.13 12.21
CA PRO A 119 0.65 -6.15 11.30
C PRO A 119 -0.46 -6.64 10.37
N ILE A 120 -0.12 -6.92 9.11
CA ILE A 120 -1.05 -7.48 8.12
C ILE A 120 -1.77 -8.72 8.64
N TYR A 121 -1.07 -9.55 9.44
CA TYR A 121 -1.56 -10.76 10.11
C TYR A 121 -2.66 -10.48 11.16
N GLU A 122 -2.90 -9.23 11.56
CA GLU A 122 -4.03 -8.82 12.41
C GLU A 122 -5.17 -8.22 11.58
N LEU A 123 -4.86 -7.48 10.51
CA LEU A 123 -5.87 -6.86 9.66
C LEU A 123 -6.58 -7.92 8.80
N THR A 124 -5.81 -8.72 8.04
CA THR A 124 -6.33 -9.76 7.15
C THR A 124 -6.83 -10.99 7.89
N SER A 125 -6.53 -11.11 9.20
CA SER A 125 -7.09 -12.16 10.08
C SER A 125 -8.63 -12.17 10.04
N GLN A 126 -9.25 -10.99 9.88
CA GLN A 126 -10.70 -10.80 9.75
C GLN A 126 -11.25 -11.21 8.36
N PHE A 127 -10.38 -11.60 7.43
CA PHE A 127 -10.70 -12.08 6.08
C PHE A 127 -10.41 -13.58 5.90
N THR A 128 -10.21 -14.33 7.00
CA THR A 128 -9.95 -15.77 6.92
C THR A 128 -11.09 -16.52 6.23
N GLY A 129 -10.77 -17.44 5.30
CA GLY A 129 -11.74 -18.26 4.57
C GLY A 129 -12.60 -19.20 5.44
N LEU A 130 -12.25 -19.35 6.72
CA LEU A 130 -13.05 -20.09 7.70
C LEU A 130 -14.01 -19.19 8.50
N LYS A 131 -13.89 -17.86 8.35
CA LYS A 131 -14.69 -16.86 9.07
C LYS A 131 -15.56 -16.06 8.10
N CYS A 132 -15.01 -15.71 6.93
CA CYS A 132 -15.73 -15.05 5.85
C CYS A 132 -15.08 -15.37 4.48
N PRO A 133 -15.30 -16.58 3.91
CA PRO A 133 -14.74 -16.96 2.60
C PRO A 133 -15.29 -16.13 1.44
N SER A 134 -16.45 -15.52 1.63
CA SER A 134 -17.17 -14.66 0.67
C SER A 134 -16.25 -13.65 -0.01
N LEU A 135 -15.34 -13.04 0.77
CA LEU A 135 -14.36 -12.07 0.28
C LEU A 135 -12.90 -12.56 0.38
N ALA A 136 -12.69 -13.81 0.81
CA ALA A 136 -11.38 -14.45 0.96
C ALA A 136 -11.00 -15.33 -0.23
N GLY A 137 -11.99 -15.96 -0.90
CA GLY A 137 -11.73 -16.80 -2.08
C GLY A 137 -11.70 -16.03 -3.40
N LYS A 138 -12.07 -14.73 -3.38
CA LYS A 138 -11.97 -13.84 -4.53
C LYS A 138 -10.60 -13.17 -4.63
N PRO A 139 -10.20 -12.72 -5.84
CA PRO A 139 -8.96 -12.00 -6.04
C PRO A 139 -8.99 -10.63 -5.36
N LYS A 140 -7.81 -10.16 -4.94
CA LYS A 140 -7.58 -8.86 -4.31
C LYS A 140 -6.18 -8.34 -4.68
N VAL A 141 -6.01 -7.01 -4.63
CA VAL A 141 -4.76 -6.30 -4.95
C VAL A 141 -4.32 -5.45 -3.76
N PHE A 142 -3.03 -5.51 -3.44
CA PHE A 142 -2.40 -4.75 -2.36
C PHE A 142 -1.10 -4.11 -2.84
N PHE A 143 -1.15 -2.79 -3.08
CA PHE A 143 0.04 -1.99 -3.40
C PHE A 143 0.72 -1.54 -2.12
N ILE A 144 1.85 -2.19 -1.80
CA ILE A 144 2.73 -1.86 -0.69
C ILE A 144 3.96 -1.12 -1.20
N GLN A 145 4.54 -0.25 -0.36
CA GLN A 145 5.78 0.47 -0.63
C GLN A 145 6.88 -0.04 0.30
N ALA A 146 7.80 -0.84 -0.23
CA ALA A 146 8.97 -1.37 0.49
C ALA A 146 10.25 -0.56 0.22
N ALA A 147 10.12 0.67 -0.28
CA ALA A 147 11.25 1.56 -0.63
C ALA A 147 12.11 1.93 0.58
N GLN A 148 11.56 1.82 1.80
CA GLN A 148 12.29 1.87 3.07
C GLN A 148 13.48 0.90 3.15
N GLY A 149 13.46 -0.21 2.38
CA GLY A 149 14.54 -1.21 2.38
C GLY A 149 15.87 -0.68 1.84
N ASP A 150 15.98 -0.45 0.53
CA ASP A 150 17.20 0.11 -0.07
C ASP A 150 17.38 1.59 0.32
N ASN A 151 18.52 1.92 0.93
CA ASN A 151 18.82 3.28 1.35
C ASN A 151 20.28 3.64 1.07
N TYR A 152 20.53 4.33 -0.05
CA TYR A 152 21.88 4.71 -0.46
C TYR A 152 22.31 6.07 0.13
N GLN A 153 21.62 7.15 -0.27
CA GLN A 153 21.80 8.48 0.30
C GLN A 153 20.75 8.70 1.38
N LYS A 154 21.17 8.73 2.65
CA LYS A 154 20.31 9.14 3.76
C LYS A 154 19.82 10.57 3.55
N GLY A 155 18.69 10.91 4.17
CA GLY A 155 18.20 12.29 4.22
C GLY A 155 19.21 13.22 4.92
N ILE A 156 18.95 14.52 4.81
CA ILE A 156 19.71 15.58 5.47
C ILE A 156 19.96 15.31 6.98
N PRO A 157 21.01 15.91 7.58
CA PRO A 157 21.32 15.71 9.00
C PRO A 157 20.28 16.34 9.95
N VAL A 158 19.36 17.15 9.43
CA VAL A 158 18.24 17.79 10.15
C VAL A 158 16.97 16.93 10.19
N GLU A 159 17.05 15.63 9.85
CA GLU A 159 15.91 14.70 9.78
C GLU A 159 15.07 14.74 11.06
N THR A 160 15.69 14.41 12.19
CA THR A 160 15.09 14.41 13.53
C THR A 160 15.62 15.56 14.38
N ASP A 161 15.13 16.78 14.07
CA ASP A 161 15.49 18.03 14.76
C ASP A 161 14.28 18.74 15.38
N SER A 162 13.28 19.07 14.55
CA SER A 162 12.04 19.76 14.95
C SER A 162 11.06 18.83 15.66
N GLU A 163 11.52 18.20 16.74
CA GLU A 163 10.82 17.18 17.52
C GLU A 163 10.93 17.59 18.99
N GLU A 164 9.78 17.90 19.62
CA GLU A 164 9.71 18.22 21.04
C GLU A 164 9.93 16.96 21.91
N GLN A 165 9.57 17.01 23.21
CA GLN A 165 9.50 15.85 24.13
C GLN A 165 9.25 14.49 23.47
N PRO A 166 8.17 14.29 22.69
CA PRO A 166 7.98 13.12 21.84
C PRO A 166 8.89 13.18 20.60
N TYR A 167 10.20 12.96 20.82
CA TYR A 167 11.18 12.72 19.74
C TYR A 167 10.87 11.45 18.95
N LEU A 168 11.55 11.27 17.82
CA LEU A 168 11.36 10.18 16.88
C LEU A 168 12.69 9.44 16.67
N GLU A 169 12.76 8.19 17.11
CA GLU A 169 13.93 7.34 16.92
C GLU A 169 13.49 5.89 16.62
N MET A 170 13.70 5.43 15.37
CA MET A 170 13.41 4.06 14.95
C MET A 170 14.44 3.50 13.97
N ASP A 171 14.80 2.22 14.12
CA ASP A 171 15.81 1.55 13.29
C ASP A 171 15.39 0.10 12.96
N LEU A 172 14.68 -0.10 11.84
CA LEU A 172 14.20 -1.41 11.39
C LEU A 172 14.47 -1.63 9.89
N SER A 173 15.43 -2.51 9.58
CA SER A 173 15.82 -2.88 8.22
C SER A 173 15.78 -4.40 8.01
N SER A 174 16.51 -5.14 8.85
CA SER A 174 16.56 -6.61 8.84
C SER A 174 15.17 -7.26 9.03
N PRO A 175 15.03 -8.55 8.64
CA PRO A 175 13.79 -9.31 8.81
C PRO A 175 13.55 -9.64 10.29
N GLN A 176 12.34 -9.33 10.78
CA GLN A 176 11.92 -9.58 12.17
C GLN A 176 10.66 -10.46 12.28
N THR A 177 9.72 -10.30 11.35
CA THR A 177 8.49 -11.09 11.20
C THR A 177 8.24 -11.32 9.71
N ARG A 178 7.59 -12.44 9.38
CA ARG A 178 7.14 -12.78 8.02
C ARG A 178 6.25 -11.66 7.49
N TYR A 179 6.69 -11.05 6.38
CA TYR A 179 5.96 -9.98 5.70
C TYR A 179 5.57 -10.37 4.27
N ILE A 180 5.47 -11.67 3.98
CA ILE A 180 5.09 -12.20 2.66
C ILE A 180 3.69 -12.81 2.72
N PRO A 181 2.91 -12.75 1.61
CA PRO A 181 1.58 -13.37 1.51
C PRO A 181 1.63 -14.90 1.41
N ASP A 182 2.59 -15.44 0.65
CA ASP A 182 2.81 -16.86 0.35
C ASP A 182 1.61 -17.58 -0.31
N GLU A 183 0.92 -16.90 -1.24
CA GLU A 183 -0.31 -17.38 -1.88
C GLU A 183 -0.19 -17.30 -3.40
N ALA A 184 -0.41 -18.42 -4.10
CA ALA A 184 -0.30 -18.54 -5.56
C ALA A 184 -1.52 -18.01 -6.34
N ASP A 185 -2.42 -17.28 -5.67
CA ASP A 185 -3.69 -16.78 -6.17
C ASP A 185 -3.96 -15.31 -5.77
N PHE A 186 -2.96 -14.59 -5.26
CA PHE A 186 -3.08 -13.19 -4.82
C PHE A 186 -1.99 -12.27 -5.36
N LEU A 187 -2.34 -10.99 -5.53
CA LEU A 187 -1.44 -9.96 -6.04
C LEU A 187 -0.93 -9.04 -4.95
N LEU A 188 0.39 -8.94 -4.87
CA LEU A 188 1.13 -8.11 -3.94
C LEU A 188 2.36 -7.54 -4.64
N GLY A 189 2.50 -6.22 -4.62
CA GLY A 189 3.64 -5.50 -5.20
C GLY A 189 4.66 -5.13 -4.14
N MET A 190 5.40 -6.12 -3.63
CA MET A 190 6.46 -5.92 -2.64
C MET A 190 7.83 -6.20 -3.23
N ALA A 191 8.85 -5.53 -2.70
CA ALA A 191 10.26 -5.69 -3.05
C ALA A 191 11.11 -5.76 -1.78
N PRO A 202 30.10 -8.20 -9.59
CA PRO A 202 29.19 -7.91 -10.69
C PRO A 202 28.48 -6.56 -10.50
N ALA A 203 28.84 -5.55 -11.30
CA ALA A 203 28.27 -4.20 -11.23
C ALA A 203 26.84 -4.12 -11.82
N GLU A 204 25.90 -4.82 -11.18
CA GLU A 204 24.50 -4.95 -11.62
C GLU A 204 23.56 -4.78 -10.42
N GLY A 205 23.02 -3.56 -10.25
CA GLY A 205 22.05 -3.23 -9.21
C GLY A 205 20.60 -3.46 -9.67
N THR A 206 19.64 -2.88 -8.94
CA THR A 206 18.21 -2.86 -9.30
C THR A 206 17.58 -1.51 -8.96
N TRP A 207 16.45 -1.19 -9.60
CA TRP A 207 15.65 0.00 -9.30
C TRP A 207 14.80 -0.17 -8.03
N TYR A 208 14.07 0.90 -7.67
CA TYR A 208 13.24 0.98 -6.46
C TYR A 208 11.77 1.28 -6.79
N ILE A 209 10.92 1.21 -5.76
CA ILE A 209 9.47 1.43 -5.89
C ILE A 209 9.14 2.88 -6.29
N GLN A 210 10.05 3.83 -6.04
CA GLN A 210 9.92 5.23 -6.44
C GLN A 210 9.60 5.38 -7.94
N SER A 211 10.16 4.51 -8.78
CA SER A 211 9.84 4.46 -10.20
C SER A 211 8.75 3.44 -10.55
N LEU A 212 8.56 2.39 -9.75
CA LEU A 212 7.46 1.43 -9.93
C LEU A 212 6.10 2.14 -9.94
N CYS A 213 5.87 3.09 -9.02
CA CYS A 213 4.62 3.86 -8.97
C CYS A 213 4.38 4.67 -10.27
N GLN A 214 5.35 5.51 -10.67
CA GLN A 214 5.23 6.29 -11.91
C GLN A 214 5.26 5.43 -13.19
N SER A 215 5.74 4.18 -13.10
CA SER A 215 5.77 3.23 -14.21
C SER A 215 4.49 2.40 -14.30
N LEU A 216 3.92 1.93 -13.18
CA LEU A 216 2.66 1.20 -13.21
C LEU A 216 1.50 2.11 -13.63
N ARG A 217 1.53 3.39 -13.22
CA ARG A 217 0.51 4.37 -13.57
C ARG A 217 0.47 4.68 -15.08
N GLU A 218 1.63 4.65 -15.77
CA GLU A 218 1.72 4.92 -17.22
C GLU A 218 1.45 3.69 -18.09
N ARG A 219 1.21 2.53 -17.45
CA ARG A 219 1.10 1.22 -18.10
C ARG A 219 -0.32 0.65 -18.08
N CYS A 220 -1.13 0.97 -17.06
CA CYS A 220 -2.57 0.68 -17.03
C CYS A 220 -3.31 1.02 -18.35
N PRO A 221 -3.31 2.28 -18.83
CA PRO A 221 -3.98 2.69 -20.08
C PRO A 221 -3.22 2.21 -21.35
N ARG A 222 -3.02 0.89 -21.49
CA ARG A 222 -2.36 0.26 -22.63
C ARG A 222 -3.08 -1.01 -23.10
N GLY A 223 -3.38 -1.92 -22.17
CA GLY A 223 -4.03 -3.20 -22.45
C GLY A 223 -3.12 -4.42 -22.24
N ASP A 224 -2.11 -4.31 -21.37
CA ASP A 224 -1.14 -5.35 -21.02
C ASP A 224 -1.63 -6.20 -19.83
N ASP A 225 -1.42 -5.72 -18.59
CA ASP A 225 -1.78 -6.39 -17.33
C ASP A 225 -1.50 -5.52 -16.09
N ILE A 226 -1.68 -6.08 -14.88
CA ILE A 226 -1.21 -5.48 -13.61
C ILE A 226 -0.17 -6.37 -12.91
N LEU A 227 0.17 -7.51 -13.52
CA LEU A 227 1.03 -8.53 -12.94
C LEU A 227 2.48 -8.27 -13.29
N THR A 228 2.79 -8.35 -14.59
CA THR A 228 4.14 -8.15 -15.11
C THR A 228 4.65 -6.76 -14.75
N ILE A 229 3.75 -5.78 -14.64
CA ILE A 229 3.99 -4.39 -14.27
C ILE A 229 4.85 -4.26 -13.01
N LEU A 230 4.54 -5.06 -11.98
CA LEU A 230 5.29 -5.06 -10.72
C LEU A 230 6.76 -5.45 -10.90
N THR A 231 7.08 -6.15 -11.99
CA THR A 231 8.41 -6.61 -12.38
C THR A 231 8.81 -6.15 -13.79
N GLU A 232 8.23 -5.04 -14.25
CA GLU A 232 8.53 -4.41 -15.55
C GLU A 232 9.58 -3.30 -15.44
N VAL A 233 9.97 -2.94 -14.20
CA VAL A 233 11.00 -1.96 -13.89
C VAL A 233 12.19 -2.64 -13.25
N PRO A 251 13.89 -10.15 -10.42
CA PRO A 251 14.78 -10.30 -9.27
C PRO A 251 14.05 -10.89 -8.06
N GLN A 252 12.95 -10.24 -7.65
CA GLN A 252 12.06 -10.65 -6.56
C GLN A 252 10.58 -10.54 -7.00
N PRO A 253 10.09 -11.45 -7.86
CA PRO A 253 8.70 -11.48 -8.30
C PRO A 253 7.77 -11.96 -7.17
N THR A 254 7.26 -11.01 -6.38
CA THR A 254 6.31 -11.27 -5.29
C THR A 254 4.87 -11.48 -5.77
N PHE A 255 4.61 -11.33 -7.08
CA PHE A 255 3.34 -11.56 -7.74
C PHE A 255 3.13 -13.04 -8.11
N THR A 256 1.99 -13.63 -7.74
CA THR A 256 1.67 -15.02 -8.10
C THR A 256 0.15 -15.26 -8.14
N LEU A 257 -0.42 -15.44 -9.35
CA LEU A 257 -1.85 -15.73 -9.55
C LEU A 257 -2.09 -16.78 -10.64
N ARG A 258 -3.35 -17.25 -10.72
CA ARG A 258 -3.84 -18.26 -11.68
C ARG A 258 -4.94 -17.72 -12.60
N LYS A 259 -5.18 -16.41 -12.55
CA LYS A 259 -6.23 -15.71 -13.29
C LYS A 259 -5.68 -14.40 -13.86
N LYS A 260 -6.49 -13.74 -14.68
CA LYS A 260 -6.17 -12.45 -15.29
C LYS A 260 -6.66 -11.33 -14.39
N LEU A 261 -5.74 -10.47 -13.97
CA LEU A 261 -5.96 -9.33 -13.08
C LEU A 261 -5.67 -7.98 -13.75
N VAL A 262 -5.55 -7.95 -15.09
CA VAL A 262 -5.33 -6.74 -15.91
C VAL A 262 -6.28 -5.61 -15.52
N PHE A 263 -5.80 -4.38 -15.59
CA PHE A 263 -6.59 -3.18 -15.32
C PHE A 263 -6.80 -2.40 -16.62
N PRO A 264 -7.75 -2.83 -17.47
CA PRO A 264 -8.11 -2.13 -18.70
C PRO A 264 -8.77 -0.78 -18.37
N SER A 265 -8.82 0.13 -19.36
CA SER A 265 -9.49 1.42 -19.22
C SER A 265 -11.04 1.34 -19.29
N ASP A 266 -11.58 0.23 -19.79
CA ASP A 266 -13.02 -0.10 -19.93
C ASP A 266 -13.42 -1.25 -19.00
N LYS A 11 -13.41 -12.76 -17.29
CA LYS A 11 -12.39 -13.10 -18.30
C LYS A 11 -11.35 -11.98 -18.40
N VAL A 12 -10.17 -12.32 -18.91
CA VAL A 12 -9.12 -11.34 -19.22
C VAL A 12 -9.64 -10.28 -20.21
N TYR A 13 -9.09 -9.06 -20.14
CA TYR A 13 -9.43 -7.91 -21.00
C TYR A 13 -10.93 -7.56 -21.06
N GLN A 14 -11.74 -8.11 -20.14
CA GLN A 14 -13.20 -8.05 -20.14
C GLN A 14 -13.77 -7.28 -18.95
N MET A 15 -12.89 -6.59 -18.20
CA MET A 15 -13.25 -5.71 -17.08
C MET A 15 -14.16 -4.53 -17.48
N LYS A 16 -14.37 -4.29 -18.79
CA LYS A 16 -15.36 -3.33 -19.32
C LYS A 16 -16.79 -3.59 -18.83
N SER A 17 -17.10 -4.82 -18.41
CA SER A 17 -18.37 -5.15 -17.74
C SER A 17 -18.40 -4.52 -16.35
N LYS A 18 -19.00 -3.31 -16.27
CA LYS A 18 -19.32 -2.54 -15.06
C LYS A 18 -18.28 -2.74 -13.93
N PRO A 19 -17.02 -2.33 -14.15
CA PRO A 19 -15.92 -2.64 -13.27
C PRO A 19 -16.11 -2.02 -11.89
N ARG A 20 -16.37 -0.70 -11.89
CA ARG A 20 -16.51 0.13 -10.68
C ARG A 20 -15.37 -0.12 -9.68
N GLY A 21 -14.14 -0.19 -10.20
CA GLY A 21 -12.91 -0.45 -9.45
C GLY A 21 -12.69 0.55 -8.32
N TYR A 22 -13.19 0.20 -7.13
CA TYR A 22 -13.15 1.01 -5.93
C TYR A 22 -11.81 0.80 -5.20
N CYS A 23 -10.82 1.64 -5.49
CA CYS A 23 -9.55 1.59 -4.76
C CYS A 23 -9.68 2.15 -3.33
N LEU A 24 -8.66 1.92 -2.52
CA LEU A 24 -8.56 2.47 -1.17
C LEU A 24 -7.57 3.64 -1.17
N ILE A 25 -8.06 4.84 -0.81
CA ILE A 25 -7.25 6.04 -0.62
C ILE A 25 -7.32 6.42 0.85
N ILE A 26 -6.19 6.86 1.42
CA ILE A 26 -6.09 7.28 2.81
C ILE A 26 -5.10 8.46 2.89
N ASN A 27 -5.58 9.65 3.24
CA ASN A 27 -4.72 10.82 3.43
C ASN A 27 -4.86 11.39 4.85
N ASN A 28 -3.99 10.96 5.76
CA ASN A 28 -3.91 11.40 7.15
C ASN A 28 -3.77 12.92 7.29
N HIS A 29 -4.90 13.60 7.54
CA HIS A 29 -4.97 15.06 7.72
C HIS A 29 -4.01 15.59 8.83
N ASN A 30 -3.57 14.71 9.74
CA ASN A 30 -2.57 14.98 10.74
C ASN A 30 -1.19 15.27 10.11
N PHE A 31 -0.51 14.25 9.58
CA PHE A 31 0.85 14.33 9.03
C PHE A 31 1.94 14.73 10.06
N ALA A 32 1.59 14.83 11.34
CA ALA A 32 2.47 15.34 12.39
C ALA A 32 3.40 14.26 12.97
N LYS A 33 3.05 12.99 12.79
CA LYS A 33 3.82 11.82 13.29
C LYS A 33 4.31 10.90 12.17
N ALA A 34 4.02 11.23 10.90
CA ALA A 34 4.40 10.44 9.73
C ALA A 34 5.80 10.78 9.21
N ARG A 35 6.35 11.95 9.60
CA ARG A 35 7.68 12.44 9.18
C ARG A 35 8.83 11.45 9.44
N GLU A 36 8.66 10.62 10.46
CA GLU A 36 9.63 9.62 10.92
C GLU A 36 9.22 8.23 10.47
N LYS A 37 7.96 7.87 10.68
CA LYS A 37 7.42 6.54 10.41
C LYS A 37 7.37 6.23 8.91
N VAL A 38 7.18 7.28 8.09
CA VAL A 38 7.01 7.20 6.65
C VAL A 38 7.64 8.43 5.94
N PRO A 39 8.97 8.65 6.04
CA PRO A 39 9.63 9.87 5.56
C PRO A 39 9.46 10.09 4.04
N LYS A 40 9.33 8.98 3.29
CA LYS A 40 9.05 8.95 1.85
C LYS A 40 7.79 9.73 1.46
N LEU A 41 6.85 10.00 2.39
CA LEU A 41 5.68 10.88 2.17
C LEU A 41 6.07 12.33 1.85
N HIS A 42 7.34 12.69 2.08
CA HIS A 42 7.91 14.00 1.74
C HIS A 42 8.90 13.88 0.56
N SER A 43 8.95 12.72 -0.11
CA SER A 43 9.87 12.42 -1.22
C SER A 43 9.15 11.94 -2.49
N ILE A 44 7.82 11.95 -2.49
CA ILE A 44 6.94 11.60 -3.63
C ILE A 44 7.00 12.62 -4.79
N ARG A 45 7.62 13.76 -4.55
CA ARG A 45 7.75 14.93 -5.42
C ARG A 45 9.02 15.70 -5.08
N ASP A 46 9.30 16.72 -5.91
CA ASP A 46 10.45 17.62 -5.77
C ASP A 46 10.23 18.69 -4.70
N ARG A 47 8.96 18.95 -4.34
CA ARG A 47 8.54 19.86 -3.26
C ARG A 47 8.40 19.11 -1.93
N ASN A 48 8.29 19.86 -0.83
CA ASN A 48 8.27 19.32 0.54
C ASN A 48 7.05 18.43 0.82
N GLY A 49 5.83 18.98 0.64
CA GLY A 49 4.58 18.26 0.79
C GLY A 49 3.40 19.15 0.41
N THR A 50 2.28 18.52 0.01
CA THR A 50 1.04 19.17 -0.45
C THR A 50 0.00 18.09 -0.80
N HIS A 51 -1.26 18.48 -0.99
CA HIS A 51 -2.37 17.62 -1.44
C HIS A 51 -2.10 16.92 -2.79
N LEU A 52 -1.14 17.43 -3.58
CA LEU A 52 -0.71 16.82 -4.84
C LEU A 52 -0.21 15.38 -4.66
N ASP A 53 0.34 15.03 -3.49
CA ASP A 53 0.66 13.66 -3.09
C ASP A 53 -0.59 12.77 -3.10
N ALA A 54 -1.62 13.17 -2.34
CA ALA A 54 -2.91 12.47 -2.26
C ALA A 54 -3.66 12.41 -3.60
N GLY A 55 -3.22 13.18 -4.59
CA GLY A 55 -3.71 13.13 -5.97
C GLY A 55 -2.89 12.22 -6.89
N ALA A 56 -1.63 11.86 -6.56
CA ALA A 56 -0.74 11.10 -7.43
C ALA A 56 -1.30 9.70 -7.77
N LEU A 57 -1.84 9.03 -6.76
CA LEU A 57 -2.51 7.73 -6.90
C LEU A 57 -3.97 7.87 -7.40
N THR A 58 -4.65 8.98 -7.09
CA THR A 58 -6.04 9.22 -7.48
C THR A 58 -6.14 9.56 -8.97
N THR A 59 -5.36 10.54 -9.44
CA THR A 59 -5.33 10.93 -10.86
C THR A 59 -4.91 9.78 -11.77
N THR A 60 -4.07 8.87 -11.24
CA THR A 60 -3.62 7.67 -11.94
C THR A 60 -4.80 6.78 -12.29
N PHE A 61 -5.62 6.40 -11.30
CA PHE A 61 -6.79 5.58 -11.56
C PHE A 61 -7.95 6.35 -12.21
N GLU A 62 -8.05 7.68 -12.02
CA GLU A 62 -9.10 8.48 -12.67
C GLU A 62 -9.02 8.35 -14.20
N GLU A 63 -7.83 8.49 -14.81
CA GLU A 63 -7.68 8.30 -16.26
C GLU A 63 -7.79 6.84 -16.73
N LEU A 64 -7.86 5.88 -15.80
CA LEU A 64 -8.03 4.44 -16.09
C LEU A 64 -9.51 3.99 -16.02
N HIS A 65 -10.46 4.92 -15.95
CA HIS A 65 -11.91 4.66 -15.95
C HIS A 65 -12.37 3.86 -14.70
N PHE A 66 -12.13 4.43 -13.53
CA PHE A 66 -12.44 3.86 -12.21
C PHE A 66 -13.02 4.89 -11.23
N GLU A 67 -13.37 4.45 -10.02
CA GLU A 67 -13.99 5.27 -8.98
C GLU A 67 -13.04 5.47 -7.79
N ILE A 68 -12.62 6.72 -7.58
CA ILE A 68 -11.65 7.12 -6.57
C ILE A 68 -12.11 8.41 -5.90
N LYS A 69 -11.85 8.55 -4.60
CA LYS A 69 -12.06 9.77 -3.84
C LYS A 69 -10.97 9.97 -2.78
N PRO A 70 -10.67 11.23 -2.40
CA PRO A 70 -9.76 11.57 -1.31
C PRO A 70 -10.40 11.27 0.06
N HIS A 71 -10.39 10.00 0.45
CA HIS A 71 -10.77 9.59 1.81
C HIS A 71 -9.65 9.97 2.80
N ASP A 72 -9.60 11.25 3.16
CA ASP A 72 -8.68 11.81 4.16
C ASP A 72 -8.91 11.22 5.56
N ASP A 73 -8.31 10.07 5.87
CA ASP A 73 -8.43 9.37 7.15
C ASP A 73 -7.06 9.10 7.78
N CYS A 74 -7.03 8.72 9.06
CA CYS A 74 -5.80 8.51 9.82
C CYS A 74 -4.97 7.33 9.28
N THR A 75 -3.84 7.01 9.93
CA THR A 75 -2.96 5.92 9.51
C THR A 75 -3.44 4.55 9.98
N VAL A 76 -3.54 4.36 11.31
CA VAL A 76 -4.03 3.11 11.90
C VAL A 76 -4.97 3.40 13.08
N GLU A 77 -4.76 4.50 13.81
CA GLU A 77 -5.58 4.93 14.96
C GLU A 77 -7.08 5.06 14.64
N GLN A 78 -7.43 5.29 13.36
CA GLN A 78 -8.81 5.33 12.86
C GLN A 78 -9.10 4.26 11.79
N ILE A 79 -8.11 3.86 10.98
CA ILE A 79 -8.26 2.82 9.96
C ILE A 79 -8.72 1.48 10.56
N TYR A 80 -8.55 1.26 11.86
CA TYR A 80 -9.18 0.14 12.58
C TYR A 80 -10.67 -0.03 12.24
N GLU A 81 -11.43 1.06 12.04
CA GLU A 81 -12.83 0.94 11.61
C GLU A 81 -12.95 0.53 10.13
N ILE A 82 -12.08 1.00 9.24
CA ILE A 82 -12.09 0.64 7.81
C ILE A 82 -11.56 -0.78 7.59
N LEU A 83 -10.64 -1.25 8.44
CA LEU A 83 -10.02 -2.56 8.35
C LEU A 83 -11.05 -3.71 8.49
N LYS A 84 -12.08 -3.51 9.33
CA LYS A 84 -13.16 -4.48 9.49
C LYS A 84 -14.25 -4.34 8.41
N ILE A 85 -14.44 -3.14 7.83
CA ILE A 85 -15.45 -2.88 6.81
C ILE A 85 -15.26 -3.78 5.58
N TYR A 86 -14.01 -4.15 5.26
CA TYR A 86 -13.68 -5.08 4.17
C TYR A 86 -14.46 -6.41 4.25
N GLN A 87 -14.79 -6.89 5.47
CA GLN A 87 -15.64 -8.06 5.68
C GLN A 87 -17.14 -7.71 5.65
N LEU A 88 -17.53 -6.54 6.20
CA LEU A 88 -18.92 -6.07 6.22
C LEU A 88 -19.50 -5.81 4.82
N MET A 89 -18.64 -5.69 3.81
CA MET A 89 -19.06 -5.55 2.43
C MET A 89 -19.81 -6.81 1.97
N ASP A 90 -19.16 -7.99 2.01
CA ASP A 90 -19.67 -9.27 1.50
C ASP A 90 -20.47 -9.19 0.16
N HIS A 91 -20.06 -8.28 -0.72
CA HIS A 91 -20.69 -8.06 -2.02
C HIS A 91 -20.58 -9.30 -2.93
N SER A 92 -21.38 -9.31 -4.01
CA SER A 92 -21.43 -10.43 -4.99
C SER A 92 -21.02 -10.03 -6.41
N ASN A 93 -21.15 -8.74 -6.75
CA ASN A 93 -20.74 -8.12 -8.00
C ASN A 93 -19.73 -7.00 -7.69
N MET A 94 -19.08 -6.45 -8.72
CA MET A 94 -18.03 -5.42 -8.61
C MET A 94 -16.91 -5.77 -7.62
N ASP A 95 -16.62 -7.06 -7.47
CA ASP A 95 -15.58 -7.60 -6.59
C ASP A 95 -14.15 -7.29 -7.09
N CYS A 96 -14.01 -6.70 -8.30
CA CYS A 96 -12.73 -6.25 -8.85
C CYS A 96 -12.33 -4.87 -8.27
N PHE A 97 -11.24 -4.84 -7.50
CA PHE A 97 -10.72 -3.63 -6.86
C PHE A 97 -9.28 -3.85 -6.34
N ILE A 98 -8.72 -2.82 -5.70
CA ILE A 98 -7.35 -2.80 -5.17
C ILE A 98 -7.33 -2.29 -3.72
N CYS A 99 -6.84 -3.12 -2.82
CA CYS A 99 -6.58 -2.80 -1.41
C CYS A 99 -5.25 -2.03 -1.26
N CYS A 100 -5.25 -0.73 -1.60
CA CYS A 100 -4.16 0.19 -1.27
C CYS A 100 -4.28 0.71 0.18
N ILE A 101 -3.81 -0.07 1.16
CA ILE A 101 -3.67 0.41 2.53
C ILE A 101 -2.46 1.37 2.59
N LEU A 102 -2.72 2.68 2.45
CA LEU A 102 -1.73 3.73 2.72
C LEU A 102 -1.31 3.70 4.19
N SER A 103 -0.15 4.31 4.47
CA SER A 103 0.44 4.45 5.80
C SER A 103 0.49 3.12 6.56
N HIS A 104 1.28 2.16 6.06
CA HIS A 104 1.35 0.80 6.63
C HIS A 104 2.65 0.55 7.42
N GLY A 105 3.35 1.64 7.76
CA GLY A 105 4.72 1.65 8.24
C GLY A 105 5.73 1.27 7.16
N ASP A 106 7.01 1.57 7.41
CA ASP A 106 8.13 1.24 6.51
C ASP A 106 8.64 -0.21 6.68
N LYS A 107 7.91 -1.04 7.45
CA LYS A 107 8.21 -2.44 7.77
C LYS A 107 9.53 -2.66 8.55
N GLY A 108 10.15 -1.57 9.03
CA GLY A 108 11.42 -1.58 9.75
C GLY A 108 11.57 -0.40 10.71
N ILE A 109 10.45 0.10 11.27
CA ILE A 109 10.39 1.22 12.22
C ILE A 109 9.57 0.85 13.47
N ILE A 110 9.55 1.72 14.47
CA ILE A 110 8.67 1.61 15.63
C ILE A 110 7.28 2.18 15.34
N TYR A 111 6.25 1.69 16.04
CA TYR A 111 4.87 2.19 15.97
C TYR A 111 4.72 3.67 16.38
N GLY A 112 3.50 4.19 16.30
CA GLY A 112 3.21 5.53 16.83
C GLY A 112 1.76 5.94 16.66
N THR A 113 1.52 6.87 15.74
CA THR A 113 0.20 7.48 15.52
C THR A 113 -0.11 7.47 14.02
N ASP A 114 0.72 8.19 13.26
CA ASP A 114 0.61 8.35 11.81
C ASP A 114 1.48 7.30 11.06
N GLY A 115 2.04 6.31 11.78
CA GLY A 115 2.92 5.26 11.23
C GLY A 115 2.28 3.88 11.16
N GLN A 116 2.00 3.29 12.33
CA GLN A 116 1.18 2.09 12.53
C GLN A 116 0.82 1.97 14.01
N GLU A 117 -0.10 1.05 14.35
CA GLU A 117 -0.41 0.62 15.72
C GLU A 117 -0.67 -0.91 15.85
N ALA A 118 -0.47 -1.69 14.77
CA ALA A 118 -0.69 -3.14 14.75
C ALA A 118 0.09 -3.86 13.63
N PRO A 119 0.22 -5.20 13.72
CA PRO A 119 0.88 -6.02 12.70
C PRO A 119 -0.01 -6.28 11.48
N ILE A 120 0.64 -6.36 10.31
CA ILE A 120 -0.01 -6.68 9.04
C ILE A 120 -0.55 -8.13 8.99
N TYR A 121 -0.23 -8.97 9.97
CA TYR A 121 -0.74 -10.33 10.11
C TYR A 121 -2.00 -10.42 10.99
N GLU A 122 -2.46 -9.30 11.56
CA GLU A 122 -3.69 -9.25 12.36
C GLU A 122 -4.71 -8.27 11.78
N LEU A 123 -4.24 -7.17 11.15
CA LEU A 123 -5.08 -6.20 10.45
C LEU A 123 -5.80 -6.83 9.25
N THR A 124 -5.13 -6.98 8.10
CA THR A 124 -5.73 -7.57 6.89
C THR A 124 -6.25 -8.99 7.14
N SER A 125 -5.74 -9.66 8.18
CA SER A 125 -6.26 -10.94 8.63
C SER A 125 -7.67 -10.92 9.24
N GLN A 126 -8.27 -9.74 9.50
CA GLN A 126 -9.67 -9.64 9.92
C GLN A 126 -10.66 -10.23 8.89
N PHE A 127 -10.26 -10.40 7.62
CA PHE A 127 -11.09 -10.95 6.56
C PHE A 127 -10.45 -12.16 5.84
N THR A 128 -9.46 -12.83 6.46
CA THR A 128 -8.73 -13.96 5.86
C THR A 128 -9.65 -15.05 5.32
N GLY A 129 -9.33 -15.60 4.15
CA GLY A 129 -10.08 -16.69 3.52
C GLY A 129 -10.13 -18.02 4.29
N LEU A 130 -9.47 -18.09 5.46
CA LEU A 130 -9.43 -19.21 6.40
C LEU A 130 -10.02 -18.89 7.79
N LYS A 131 -10.36 -17.61 8.05
CA LYS A 131 -10.92 -17.13 9.32
C LYS A 131 -12.32 -16.53 9.11
N CYS A 132 -12.54 -15.88 7.97
CA CYS A 132 -13.86 -15.43 7.51
C CYS A 132 -13.85 -15.16 5.98
N PRO A 133 -13.91 -16.21 5.12
CA PRO A 133 -13.96 -16.06 3.67
C PRO A 133 -15.28 -15.40 3.22
N SER A 134 -15.26 -14.07 3.15
CA SER A 134 -16.35 -13.24 2.63
C SER A 134 -16.11 -12.95 1.15
N LEU A 135 -15.21 -12.01 0.84
CA LEU A 135 -14.86 -11.61 -0.52
C LEU A 135 -13.57 -12.27 -1.03
N ALA A 136 -13.02 -13.25 -0.30
CA ALA A 136 -11.84 -14.01 -0.70
C ALA A 136 -12.06 -14.89 -1.94
N GLY A 137 -13.30 -15.28 -2.23
CA GLY A 137 -13.66 -16.10 -3.40
C GLY A 137 -13.45 -15.42 -4.74
N LYS A 138 -13.26 -14.08 -4.76
CA LYS A 138 -12.93 -13.30 -5.97
C LYS A 138 -11.54 -12.70 -5.88
N PRO A 139 -10.91 -12.45 -7.04
CA PRO A 139 -9.55 -11.97 -7.10
C PRO A 139 -9.45 -10.53 -6.54
N LYS A 140 -8.26 -10.17 -6.06
CA LYS A 140 -7.98 -8.83 -5.54
C LYS A 140 -6.52 -8.44 -5.78
N VAL A 141 -6.20 -7.16 -5.56
CA VAL A 141 -4.85 -6.62 -5.65
C VAL A 141 -4.44 -6.00 -4.31
N PHE A 142 -3.21 -6.29 -3.87
CA PHE A 142 -2.66 -5.79 -2.62
C PHE A 142 -1.30 -5.11 -2.87
N PHE A 143 -1.33 -3.79 -3.09
CA PHE A 143 -0.12 -3.00 -3.24
C PHE A 143 0.43 -2.53 -1.88
N ILE A 144 1.64 -1.97 -1.91
CA ILE A 144 2.34 -1.43 -0.75
C ILE A 144 2.68 0.04 -1.01
N GLN A 145 2.62 0.86 0.05
CA GLN A 145 2.99 2.28 0.02
C GLN A 145 4.34 2.51 0.73
N ALA A 146 5.19 1.49 0.81
CA ALA A 146 6.52 1.50 1.40
C ALA A 146 7.56 1.21 0.31
N ALA A 147 8.63 2.00 0.28
CA ALA A 147 9.70 1.92 -0.72
C ALA A 147 11.10 1.93 -0.08
N GLN A 148 11.15 1.52 1.19
CA GLN A 148 12.33 1.37 2.02
C GLN A 148 12.12 0.16 2.95
N GLY A 149 13.21 -0.30 3.57
CA GLY A 149 13.22 -1.50 4.42
C GLY A 149 14.34 -2.48 4.04
N ASP A 150 15.60 -2.01 4.06
CA ASP A 150 16.80 -2.81 3.83
C ASP A 150 17.89 -2.39 4.83
N ASN A 151 18.91 -3.22 5.01
CA ASN A 151 20.03 -2.89 5.91
C ASN A 151 20.93 -1.81 5.27
N TYR A 152 21.48 -0.93 6.09
CA TYR A 152 22.41 0.11 5.64
C TYR A 152 23.45 0.39 6.73
N GLN A 153 24.57 1.02 6.33
CA GLN A 153 25.61 1.50 7.26
C GLN A 153 25.08 2.61 8.17
N LYS A 154 25.91 3.06 9.13
CA LYS A 154 25.60 4.18 10.04
C LYS A 154 25.21 5.45 9.28
N GLY A 155 23.89 5.73 9.20
CA GLY A 155 23.33 6.89 8.51
C GLY A 155 22.08 6.53 7.70
N ILE A 156 20.92 7.02 8.13
CA ILE A 156 19.59 6.75 7.55
C ILE A 156 18.96 8.05 7.01
N PRO A 157 17.94 7.96 6.12
CA PRO A 157 17.25 9.13 5.58
C PRO A 157 16.22 9.75 6.53
N VAL A 158 15.78 9.01 7.56
CA VAL A 158 14.85 9.49 8.60
C VAL A 158 15.51 10.60 9.43
N GLU A 159 14.75 11.60 9.85
CA GLU A 159 15.24 12.68 10.70
C GLU A 159 14.15 13.17 11.66
N THR A 160 14.55 13.45 12.90
CA THR A 160 13.65 13.82 13.99
C THR A 160 14.39 14.70 14.98
N ASP A 161 14.25 16.02 14.82
CA ASP A 161 14.88 17.02 15.69
C ASP A 161 13.91 17.52 16.77
N SER A 162 12.73 17.98 16.35
CA SER A 162 11.69 18.49 17.25
C SER A 162 11.18 17.44 18.24
N GLU A 163 10.92 16.21 17.76
CA GLU A 163 10.43 15.04 18.51
C GLU A 163 9.84 15.38 19.90
N GLU A 164 8.57 15.87 19.91
CA GLU A 164 7.82 16.19 21.13
C GLU A 164 7.64 14.95 22.02
N GLN A 165 6.95 15.06 23.17
CA GLN A 165 6.67 13.96 24.13
C GLN A 165 6.68 12.53 23.55
N PRO A 166 5.86 12.22 22.51
CA PRO A 166 6.03 11.01 21.71
C PRO A 166 7.25 11.12 20.79
N TYR A 167 8.43 10.87 21.36
CA TYR A 167 9.70 10.68 20.65
C TYR A 167 9.65 9.47 19.69
N LEU A 168 10.81 9.13 19.10
CA LEU A 168 10.99 7.99 18.22
C LEU A 168 12.25 7.19 18.58
N GLU A 169 12.37 6.00 17.99
CA GLU A 169 13.55 5.15 18.10
C GLU A 169 13.55 4.04 17.02
N MET A 170 14.46 3.08 17.11
CA MET A 170 14.55 1.94 16.19
C MET A 170 15.10 0.67 16.89
N ASP A 171 14.23 -0.08 17.58
CA ASP A 171 14.55 -1.40 18.15
C ASP A 171 13.50 -2.45 17.79
N LEU A 172 13.97 -3.67 17.56
CA LEU A 172 13.15 -4.86 17.31
C LEU A 172 13.85 -6.09 17.91
N SER A 173 13.13 -6.87 18.74
CA SER A 173 13.64 -8.09 19.36
C SER A 173 13.78 -9.22 18.33
N SER A 174 12.66 -9.71 17.81
CA SER A 174 12.58 -10.74 16.77
C SER A 174 12.82 -10.15 15.36
N PRO A 175 13.20 -10.99 14.38
CA PRO A 175 13.45 -10.54 13.01
C PRO A 175 12.13 -10.20 12.28
N GLN A 176 12.23 -9.31 11.28
CA GLN A 176 11.12 -8.88 10.43
C GLN A 176 11.52 -9.00 8.96
N THR A 177 11.05 -10.06 8.30
CA THR A 177 11.23 -10.33 6.87
C THR A 177 10.26 -11.41 6.40
N ARG A 178 10.32 -11.79 5.12
CA ARG A 178 9.47 -12.80 4.47
C ARG A 178 7.97 -12.58 4.71
N TYR A 179 7.50 -11.34 4.49
CA TYR A 179 6.08 -11.03 4.61
C TYR A 179 5.21 -11.77 3.58
N ILE A 180 5.64 -11.81 2.30
CA ILE A 180 4.94 -12.48 1.19
C ILE A 180 4.38 -13.87 1.59
N PRO A 181 3.04 -14.02 1.77
CA PRO A 181 2.43 -15.29 2.12
C PRO A 181 2.37 -16.27 0.94
N ASP A 182 1.89 -17.51 1.19
CA ASP A 182 1.67 -18.59 0.20
C ASP A 182 0.16 -18.75 -0.13
N GLU A 183 -0.64 -17.71 0.14
CA GLU A 183 -2.06 -17.59 -0.26
C GLU A 183 -2.21 -17.54 -1.80
N ALA A 184 -3.44 -17.37 -2.29
CA ALA A 184 -3.75 -17.22 -3.70
C ALA A 184 -4.90 -16.24 -3.92
N ASP A 185 -5.34 -16.11 -5.18
CA ASP A 185 -6.45 -15.26 -5.63
C ASP A 185 -6.08 -13.76 -5.55
N PHE A 186 -4.77 -13.46 -5.51
CA PHE A 186 -4.23 -12.11 -5.42
C PHE A 186 -2.74 -12.04 -5.78
N LEU A 187 -2.17 -10.84 -5.64
CA LEU A 187 -0.74 -10.58 -5.76
C LEU A 187 -0.28 -9.56 -4.72
N LEU A 188 1.04 -9.44 -4.56
CA LEU A 188 1.68 -8.42 -3.73
C LEU A 188 2.47 -7.46 -4.61
N GLY A 189 2.23 -6.16 -4.45
CA GLY A 189 2.97 -5.08 -5.13
C GLY A 189 4.47 -5.03 -4.87
N MET A 190 4.96 -5.84 -3.91
CA MET A 190 6.36 -6.05 -3.61
C MET A 190 7.05 -6.88 -4.71
N ALA A 191 8.31 -7.25 -4.48
CA ALA A 191 9.04 -8.18 -5.32
C ALA A 191 10.10 -8.92 -4.47
N PRO A 202 28.11 -13.80 -9.88
CA PRO A 202 27.79 -13.00 -8.71
C PRO A 202 27.14 -11.68 -9.11
N ALA A 203 26.06 -11.30 -8.42
CA ALA A 203 25.34 -10.05 -8.63
C ALA A 203 24.80 -9.52 -7.29
N GLU A 204 24.16 -8.34 -7.31
CA GLU A 204 23.51 -7.73 -6.15
C GLU A 204 21.99 -7.60 -6.31
N GLY A 205 21.47 -7.51 -7.54
CA GLY A 205 20.04 -7.44 -7.89
C GLY A 205 19.22 -6.53 -6.98
N THR A 206 19.25 -5.21 -7.22
CA THR A 206 18.61 -4.19 -6.38
C THR A 206 17.35 -3.61 -7.06
N TRP A 207 16.17 -3.85 -6.47
CA TRP A 207 14.88 -3.33 -6.95
C TRP A 207 14.49 -2.01 -6.25
N TYR A 208 13.53 -1.29 -6.85
CA TYR A 208 13.09 0.05 -6.44
C TYR A 208 11.57 0.22 -6.52
N ILE A 209 10.90 0.31 -5.36
CA ILE A 209 9.45 0.51 -5.30
C ILE A 209 9.06 2.00 -5.48
N GLN A 210 9.96 2.94 -5.16
CA GLN A 210 9.72 4.37 -5.31
C GLN A 210 9.44 4.76 -6.77
N SER A 211 10.02 4.02 -7.71
CA SER A 211 9.74 4.14 -9.13
C SER A 211 8.56 3.26 -9.59
N LEU A 212 8.22 2.19 -8.87
CA LEU A 212 7.13 1.28 -9.22
C LEU A 212 5.79 2.04 -9.34
N CYS A 213 5.48 2.93 -8.39
CA CYS A 213 4.29 3.78 -8.44
C CYS A 213 4.31 4.74 -9.63
N GLN A 214 5.38 5.54 -9.78
CA GLN A 214 5.48 6.51 -10.88
C GLN A 214 5.65 5.86 -12.27
N SER A 215 6.05 4.59 -12.33
CA SER A 215 6.04 3.73 -13.51
C SER A 215 4.65 3.17 -13.78
N LEU A 216 4.02 2.45 -12.84
CA LEU A 216 2.74 1.76 -13.08
C LEU A 216 1.66 2.71 -13.62
N ARG A 217 1.65 3.96 -13.12
CA ARG A 217 0.74 5.02 -13.58
C ARG A 217 0.90 5.39 -15.05
N GLU A 218 2.10 5.22 -15.62
CA GLU A 218 2.47 5.48 -17.00
C GLU A 218 2.64 4.17 -17.80
N ARG A 219 2.37 3.02 -17.18
CA ARG A 219 2.51 1.68 -17.78
C ARG A 219 1.20 0.90 -17.86
N CYS A 220 0.22 1.20 -17.00
CA CYS A 220 -1.16 0.72 -17.08
C CYS A 220 -1.79 0.96 -18.48
N PRO A 221 -1.85 2.20 -19.01
CA PRO A 221 -2.43 2.48 -20.32
C PRO A 221 -1.52 2.02 -21.48
N ARG A 222 -1.35 0.69 -21.62
CA ARG A 222 -0.57 0.05 -22.70
C ARG A 222 -1.26 -1.19 -23.28
N GLY A 223 -1.74 -2.09 -22.42
CA GLY A 223 -2.40 -3.35 -22.81
C GLY A 223 -1.97 -4.57 -21.98
N ASP A 224 -0.90 -4.44 -21.20
CA ASP A 224 -0.31 -5.50 -20.37
C ASP A 224 -1.06 -5.72 -19.04
N ASP A 225 -0.72 -6.83 -18.34
CA ASP A 225 -1.35 -7.16 -17.05
C ASP A 225 -0.82 -6.32 -15.89
N ILE A 226 -1.67 -6.05 -14.87
CA ILE A 226 -1.24 -5.37 -13.64
C ILE A 226 -0.54 -6.33 -12.67
N LEU A 227 -0.07 -7.47 -13.19
CA LEU A 227 0.69 -8.50 -12.49
C LEU A 227 2.19 -8.41 -12.81
N THR A 228 2.53 -8.03 -14.05
CA THR A 228 3.92 -7.84 -14.46
C THR A 228 4.38 -6.39 -14.25
N ILE A 229 3.51 -5.38 -14.41
CA ILE A 229 3.89 -3.95 -14.36
C ILE A 229 4.72 -3.59 -13.13
N LEU A 230 4.27 -3.99 -11.94
CA LEU A 230 4.98 -3.80 -10.67
C LEU A 230 6.43 -4.34 -10.71
N THR A 231 6.65 -5.47 -11.39
CA THR A 231 7.97 -6.10 -11.50
C THR A 231 8.68 -5.77 -12.83
N GLU A 232 8.07 -4.93 -13.68
CA GLU A 232 8.58 -4.49 -15.00
C GLU A 232 9.65 -3.40 -14.88
N VAL A 233 9.76 -2.73 -13.73
CA VAL A 233 10.84 -1.75 -13.46
C VAL A 233 12.23 -2.39 -13.47
N PRO A 251 13.78 -14.39 -12.97
CA PRO A 251 13.33 -13.55 -11.86
C PRO A 251 12.45 -14.29 -10.85
N GLN A 252 12.19 -13.65 -9.70
CA GLN A 252 11.39 -14.19 -8.59
C GLN A 252 10.29 -13.18 -8.16
N PRO A 253 9.28 -12.94 -9.00
CA PRO A 253 8.15 -12.05 -8.67
C PRO A 253 7.23 -12.65 -7.59
N THR A 254 6.35 -11.83 -6.99
CA THR A 254 5.51 -12.20 -5.84
C THR A 254 4.02 -12.08 -6.16
N PHE A 255 3.47 -13.09 -6.85
CA PHE A 255 2.06 -13.14 -7.25
C PHE A 255 1.50 -14.57 -7.23
N THR A 256 0.19 -14.73 -7.03
CA THR A 256 -0.47 -16.05 -6.94
C THR A 256 -1.93 -16.01 -7.39
N LEU A 257 -2.15 -16.06 -8.71
CA LEU A 257 -3.48 -16.09 -9.32
C LEU A 257 -3.61 -17.27 -10.30
N ARG A 258 -4.86 -17.70 -10.52
CA ARG A 258 -5.24 -18.73 -11.52
C ARG A 258 -5.68 -18.08 -12.84
N LYS A 259 -6.39 -16.96 -12.75
CA LYS A 259 -6.79 -16.12 -13.88
C LYS A 259 -5.76 -15.02 -14.15
N LYS A 260 -6.02 -14.21 -15.19
CA LYS A 260 -5.19 -13.07 -15.59
C LYS A 260 -5.85 -11.75 -15.14
N LEU A 261 -5.06 -10.91 -14.46
CA LEU A 261 -5.49 -9.66 -13.83
C LEU A 261 -4.90 -8.47 -14.61
N VAL A 262 -5.67 -7.92 -15.55
CA VAL A 262 -5.27 -6.81 -16.41
C VAL A 262 -6.13 -5.60 -16.07
N PHE A 263 -5.50 -4.42 -15.95
CA PHE A 263 -6.16 -3.14 -15.75
C PHE A 263 -5.89 -2.26 -16.99
N PRO A 264 -6.63 -2.48 -18.09
CA PRO A 264 -6.54 -1.65 -19.28
C PRO A 264 -7.15 -0.27 -19.03
N SER A 265 -6.98 0.64 -19.99
CA SER A 265 -7.53 2.00 -19.94
C SER A 265 -8.88 2.12 -20.70
N ASP A 266 -9.50 0.99 -21.07
CA ASP A 266 -10.76 0.84 -21.82
C ASP A 266 -11.54 -0.38 -21.29
N LYS A 11 -10.95 -16.45 -16.02
CA LYS A 11 -10.12 -16.24 -17.22
C LYS A 11 -9.78 -14.75 -17.37
N VAL A 12 -8.96 -14.41 -18.38
CA VAL A 12 -8.75 -13.03 -18.81
C VAL A 12 -10.10 -12.32 -19.06
N TYR A 13 -10.18 -11.04 -18.72
CA TYR A 13 -11.39 -10.21 -18.87
C TYR A 13 -12.62 -10.90 -18.26
N GLN A 14 -12.47 -11.50 -17.07
CA GLN A 14 -13.57 -12.07 -16.29
C GLN A 14 -14.66 -11.03 -15.99
N MET A 15 -14.26 -9.78 -15.68
CA MET A 15 -15.17 -8.65 -15.51
C MET A 15 -16.00 -8.38 -16.78
N LYS A 16 -17.32 -8.55 -16.67
CA LYS A 16 -18.30 -8.27 -17.74
C LYS A 16 -19.21 -7.09 -17.46
N SER A 17 -19.35 -6.73 -16.17
CA SER A 17 -20.14 -5.59 -15.69
C SER A 17 -19.24 -4.37 -15.49
N LYS A 18 -19.81 -3.29 -14.92
CA LYS A 18 -19.10 -2.07 -14.51
C LYS A 18 -17.82 -2.37 -13.70
N PRO A 19 -16.80 -1.49 -13.79
CA PRO A 19 -15.51 -1.68 -13.12
C PRO A 19 -15.64 -1.64 -11.59
N ARG A 20 -16.36 -0.63 -11.06
CA ARG A 20 -16.61 -0.38 -9.62
C ARG A 20 -15.40 -0.64 -8.70
N GLY A 21 -14.19 -0.38 -9.20
CA GLY A 21 -12.94 -0.75 -8.53
C GLY A 21 -12.61 0.23 -7.42
N TYR A 22 -12.99 -0.13 -6.19
CA TYR A 22 -12.79 0.66 -4.97
C TYR A 22 -11.29 0.72 -4.62
N CYS A 23 -10.62 1.80 -5.04
CA CYS A 23 -9.21 2.03 -4.74
C CYS A 23 -9.03 2.56 -3.30
N LEU A 24 -7.90 2.19 -2.67
CA LEU A 24 -7.56 2.54 -1.30
C LEU A 24 -6.33 3.44 -1.28
N ILE A 25 -6.48 4.63 -0.69
CA ILE A 25 -5.42 5.62 -0.52
C ILE A 25 -5.65 6.34 0.81
N ILE A 26 -4.79 6.07 1.81
CA ILE A 26 -4.81 6.73 3.11
C ILE A 26 -3.60 7.64 3.24
N ASN A 27 -3.86 8.93 3.45
CA ASN A 27 -2.83 9.94 3.68
C ASN A 27 -2.91 10.52 5.10
N ASN A 28 -1.76 10.93 5.62
CA ASN A 28 -1.59 11.57 6.91
C ASN A 28 -0.78 12.85 6.76
N HIS A 29 -1.19 13.89 7.49
CA HIS A 29 -0.51 15.18 7.55
C HIS A 29 -0.48 15.75 8.98
N ASN A 30 -0.49 14.89 10.01
CA ASN A 30 -0.49 15.32 11.39
C ASN A 30 0.92 15.20 12.02
N PHE A 31 1.19 16.02 13.04
CA PHE A 31 2.48 16.04 13.77
C PHE A 31 2.38 15.34 15.15
N ALA A 32 1.37 14.48 15.33
CA ALA A 32 1.13 13.74 16.56
C ALA A 32 1.96 12.44 16.62
N LYS A 33 3.28 12.55 16.83
CA LYS A 33 4.24 11.42 16.89
C LYS A 33 4.48 10.72 15.53
N ALA A 34 3.88 11.25 14.47
CA ALA A 34 4.01 10.75 13.12
C ALA A 34 5.45 10.83 12.61
N ARG A 35 6.26 11.78 13.10
CA ARG A 35 7.66 11.96 12.73
C ARG A 35 8.55 10.73 13.01
N GLU A 36 8.12 9.82 13.88
CA GLU A 36 8.82 8.57 14.18
C GLU A 36 8.21 7.33 13.51
N LYS A 37 7.03 7.46 12.88
CA LYS A 37 6.30 6.37 12.23
C LYS A 37 6.13 6.61 10.73
N VAL A 38 6.39 7.83 10.29
CA VAL A 38 6.20 8.31 8.93
C VAL A 38 7.46 9.11 8.53
N PRO A 39 8.55 8.44 8.13
CA PRO A 39 9.79 9.12 7.74
C PRO A 39 9.61 9.97 6.46
N LYS A 40 8.51 9.76 5.71
CA LYS A 40 8.15 10.50 4.49
C LYS A 40 7.62 11.93 4.75
N LEU A 41 7.45 12.33 6.02
CA LEU A 41 7.04 13.68 6.43
C LEU A 41 8.09 14.77 6.15
N HIS A 42 9.20 14.46 5.45
CA HIS A 42 10.15 15.45 4.95
C HIS A 42 9.83 15.98 3.54
N SER A 43 8.89 15.33 2.82
CA SER A 43 8.47 15.71 1.46
C SER A 43 7.09 16.39 1.44
N ILE A 44 6.61 16.79 2.62
CA ILE A 44 5.34 17.49 2.86
C ILE A 44 5.59 18.98 3.17
N ARG A 45 4.50 19.74 3.33
CA ARG A 45 4.49 21.19 3.62
C ARG A 45 3.37 21.52 4.60
N ASP A 46 3.73 22.05 5.77
CA ASP A 46 2.83 22.46 6.86
C ASP A 46 1.72 23.40 6.33
N ARG A 47 2.12 24.60 5.88
CA ARG A 47 1.22 25.58 5.28
C ARG A 47 1.12 25.33 3.76
N ASN A 48 -0.11 25.45 3.22
CA ASN A 48 -0.40 25.28 1.79
C ASN A 48 0.16 23.95 1.23
N GLY A 49 0.01 22.86 2.01
CA GLY A 49 0.52 21.53 1.71
C GLY A 49 0.14 21.01 0.32
N THR A 50 1.15 20.81 -0.54
CA THR A 50 0.95 20.41 -1.93
C THR A 50 0.56 18.94 -2.06
N HIS A 51 -0.72 18.69 -2.36
CA HIS A 51 -1.26 17.34 -2.57
C HIS A 51 -0.97 16.75 -3.96
N LEU A 52 -0.05 17.35 -4.74
CA LEU A 52 0.32 16.91 -6.09
C LEU A 52 0.69 15.42 -6.12
N ASP A 53 1.53 14.96 -5.17
CA ASP A 53 1.94 13.57 -5.06
C ASP A 53 0.76 12.63 -4.74
N ALA A 54 -0.11 13.01 -3.80
CA ALA A 54 -1.31 12.25 -3.42
C ALA A 54 -2.34 12.20 -4.55
N GLY A 55 -2.67 13.34 -5.15
CA GLY A 55 -3.60 13.46 -6.28
C GLY A 55 -3.10 12.74 -7.52
N ALA A 56 -1.78 12.71 -7.76
CA ALA A 56 -1.14 11.95 -8.84
C ALA A 56 -1.39 10.43 -8.77
N LEU A 57 -1.79 9.89 -7.60
CA LEU A 57 -2.20 8.49 -7.44
C LEU A 57 -3.70 8.30 -7.70
N THR A 58 -4.52 9.31 -7.36
CA THR A 58 -5.96 9.30 -7.62
C THR A 58 -6.25 9.45 -9.11
N THR A 59 -5.68 10.49 -9.74
CA THR A 59 -5.90 10.81 -11.16
C THR A 59 -5.68 9.60 -12.08
N THR A 60 -4.73 8.72 -11.72
CA THR A 60 -4.39 7.46 -12.39
C THR A 60 -5.61 6.62 -12.74
N PHE A 61 -6.43 6.30 -11.74
CA PHE A 61 -7.63 5.51 -11.94
C PHE A 61 -8.84 6.40 -12.28
N GLU A 62 -8.79 7.69 -11.91
CA GLU A 62 -9.85 8.68 -12.20
C GLU A 62 -10.09 8.77 -13.71
N GLU A 63 -9.03 9.00 -14.50
CA GLU A 63 -9.11 9.03 -15.96
C GLU A 63 -9.61 7.71 -16.59
N LEU A 64 -9.49 6.60 -15.86
CA LEU A 64 -9.96 5.27 -16.23
C LEU A 64 -11.40 4.99 -15.76
N HIS A 65 -12.12 5.98 -15.21
CA HIS A 65 -13.50 5.85 -14.72
C HIS A 65 -13.62 4.83 -13.57
N PHE A 66 -12.76 4.95 -12.56
CA PHE A 66 -12.76 4.11 -11.35
C PHE A 66 -13.23 4.85 -10.10
N GLU A 67 -13.36 4.11 -9.00
CA GLU A 67 -13.93 4.57 -7.75
C GLU A 67 -12.84 4.72 -6.68
N ILE A 68 -12.33 5.95 -6.51
CA ILE A 68 -11.23 6.22 -5.59
C ILE A 68 -11.77 6.97 -4.38
N LYS A 69 -11.45 6.46 -3.18
CA LYS A 69 -11.79 7.11 -1.90
C LYS A 69 -10.49 7.48 -1.15
N PRO A 70 -9.87 8.62 -1.50
CA PRO A 70 -8.69 9.13 -0.81
C PRO A 70 -9.08 9.63 0.59
N HIS A 71 -8.60 8.96 1.63
CA HIS A 71 -8.81 9.34 3.02
C HIS A 71 -7.66 10.25 3.50
N ASP A 72 -7.99 11.50 3.84
CA ASP A 72 -7.04 12.48 4.38
C ASP A 72 -7.34 12.73 5.87
N ASP A 73 -6.29 12.97 6.67
CA ASP A 73 -6.36 13.19 8.13
C ASP A 73 -7.18 12.11 8.86
N CYS A 74 -6.85 10.84 8.58
CA CYS A 74 -7.53 9.68 9.17
C CYS A 74 -6.52 8.83 9.94
N THR A 75 -6.44 8.99 11.26
CA THR A 75 -5.56 8.18 12.11
C THR A 75 -6.06 6.73 12.20
N VAL A 76 -5.15 5.78 12.44
CA VAL A 76 -5.46 4.35 12.58
C VAL A 76 -6.63 4.05 13.53
N GLU A 77 -6.79 4.86 14.59
CA GLU A 77 -7.89 4.84 15.55
C GLU A 77 -9.27 4.91 14.87
N GLN A 78 -9.42 5.78 13.86
CA GLN A 78 -10.64 5.86 13.06
C GLN A 78 -10.62 4.93 11.84
N ILE A 79 -9.44 4.60 11.27
CA ILE A 79 -9.33 3.66 10.13
C ILE A 79 -9.94 2.29 10.46
N TYR A 80 -10.00 1.90 11.74
CA TYR A 80 -10.71 0.68 12.17
C TYR A 80 -12.15 0.61 11.66
N GLU A 81 -12.82 1.75 11.48
CA GLU A 81 -14.15 1.85 10.90
C GLU A 81 -14.19 1.44 9.42
N ILE A 82 -13.05 1.42 8.73
CA ILE A 82 -12.90 0.98 7.34
C ILE A 82 -12.64 -0.53 7.30
N LEU A 83 -11.79 -1.05 8.20
CA LEU A 83 -11.46 -2.48 8.28
C LEU A 83 -12.69 -3.35 8.57
N LYS A 84 -13.59 -2.90 9.44
CA LYS A 84 -14.88 -3.58 9.67
C LYS A 84 -15.72 -3.67 8.39
N ILE A 85 -15.76 -2.61 7.56
CA ILE A 85 -16.58 -2.57 6.33
C ILE A 85 -16.24 -3.74 5.41
N TYR A 86 -14.95 -4.10 5.30
CA TYR A 86 -14.49 -5.23 4.48
C TYR A 86 -15.19 -6.55 4.85
N GLN A 87 -15.58 -6.73 6.12
CA GLN A 87 -16.36 -7.86 6.60
C GLN A 87 -17.87 -7.59 6.57
N LEU A 88 -18.32 -6.33 6.66
CA LEU A 88 -19.73 -5.99 6.48
C LEU A 88 -20.20 -6.10 5.03
N MET A 89 -19.30 -5.96 4.06
CA MET A 89 -19.60 -6.09 2.65
C MET A 89 -20.06 -7.53 2.32
N ASP A 90 -19.16 -8.51 2.43
CA ASP A 90 -19.38 -9.91 2.04
C ASP A 90 -20.02 -10.10 0.63
N HIS A 91 -19.93 -9.09 -0.22
CA HIS A 91 -20.49 -9.11 -1.57
C HIS A 91 -19.62 -9.91 -2.53
N SER A 92 -20.20 -10.27 -3.67
CA SER A 92 -19.52 -11.05 -4.70
C SER A 92 -19.23 -10.27 -5.99
N ASN A 93 -19.62 -8.99 -6.05
CA ASN A 93 -19.47 -8.07 -7.18
C ASN A 93 -18.07 -7.47 -7.39
N MET A 94 -17.21 -7.48 -6.36
CA MET A 94 -15.82 -7.02 -6.46
C MET A 94 -15.03 -7.93 -7.41
N ASP A 95 -14.96 -7.57 -8.68
CA ASP A 95 -14.21 -8.32 -9.69
C ASP A 95 -12.70 -8.13 -9.51
N CYS A 96 -12.26 -6.90 -9.23
CA CYS A 96 -10.87 -6.55 -8.97
C CYS A 96 -10.75 -5.24 -8.19
N PHE A 97 -9.61 -5.06 -7.49
CA PHE A 97 -9.30 -3.90 -6.66
C PHE A 97 -7.82 -3.96 -6.20
N ILE A 98 -7.34 -2.84 -5.64
CA ILE A 98 -5.95 -2.66 -5.20
C ILE A 98 -5.92 -2.10 -3.78
N CYS A 99 -5.08 -2.69 -2.93
CA CYS A 99 -4.84 -2.25 -1.57
C CYS A 99 -3.50 -1.51 -1.51
N CYS A 100 -3.50 -0.20 -1.78
CA CYS A 100 -2.32 0.66 -1.61
C CYS A 100 -2.36 1.36 -0.25
N ILE A 101 -1.21 1.49 0.40
CA ILE A 101 -1.05 2.14 1.71
C ILE A 101 0.24 2.96 1.70
N LEU A 102 0.12 4.24 2.06
CA LEU A 102 1.24 5.14 2.28
C LEU A 102 1.88 4.86 3.65
N SER A 103 1.35 5.46 4.72
CA SER A 103 1.87 5.37 6.08
C SER A 103 1.46 4.05 6.74
N HIS A 104 2.45 3.18 6.96
CA HIS A 104 2.28 1.86 7.58
C HIS A 104 3.33 1.57 8.66
N GLY A 105 4.14 2.57 9.04
CA GLY A 105 5.20 2.45 10.01
C GLY A 105 6.24 1.38 9.69
N ASP A 106 6.73 0.77 10.77
CA ASP A 106 7.65 -0.35 10.71
C ASP A 106 6.96 -1.67 11.08
N LYS A 107 7.61 -2.79 10.74
CA LYS A 107 7.15 -4.15 11.01
C LYS A 107 7.66 -4.66 12.38
N GLY A 108 8.40 -3.82 13.12
CA GLY A 108 8.87 -4.06 14.48
C GLY A 108 8.24 -3.18 15.56
N ILE A 109 7.27 -2.31 15.22
CA ILE A 109 6.65 -1.35 16.14
C ILE A 109 5.12 -1.38 16.06
N ILE A 110 4.45 -1.15 17.20
CA ILE A 110 2.99 -1.13 17.32
C ILE A 110 2.47 0.18 17.95
N TYR A 111 3.28 0.89 18.74
CA TYR A 111 2.93 2.19 19.30
C TYR A 111 2.95 3.30 18.24
N GLY A 112 2.31 4.44 18.56
CA GLY A 112 2.21 5.60 17.67
C GLY A 112 0.79 6.13 17.58
N THR A 113 0.47 7.15 18.39
CA THR A 113 -0.86 7.80 18.40
C THR A 113 -1.34 8.23 17.00
N ASP A 114 -0.43 8.52 16.07
CA ASP A 114 -0.73 8.77 14.65
C ASP A 114 -0.36 7.62 13.71
N GLY A 115 0.82 7.01 13.90
CA GLY A 115 1.33 5.95 13.04
C GLY A 115 0.45 4.69 13.03
N GLN A 116 0.54 3.91 14.11
CA GLN A 116 -0.18 2.65 14.29
C GLN A 116 -0.57 2.50 15.76
N GLU A 117 -1.75 1.92 16.02
CA GLU A 117 -2.28 1.70 17.37
C GLU A 117 -2.83 0.25 17.51
N ALA A 118 -2.55 -0.61 16.53
CA ALA A 118 -3.01 -2.01 16.48
C ALA A 118 -2.08 -2.88 15.63
N PRO A 119 -2.15 -4.21 15.77
CA PRO A 119 -1.41 -5.18 14.94
C PRO A 119 -1.98 -5.26 13.53
N ILE A 120 -1.12 -5.46 12.53
CA ILE A 120 -1.53 -5.64 11.12
C ILE A 120 -2.01 -7.06 10.81
N TYR A 121 -1.43 -8.06 11.46
CA TYR A 121 -1.77 -9.48 11.29
C TYR A 121 -3.24 -9.78 11.62
N GLU A 122 -3.80 -9.13 12.65
CA GLU A 122 -5.20 -9.32 13.03
C GLU A 122 -6.15 -8.60 12.06
N LEU A 123 -5.81 -7.39 11.64
CA LEU A 123 -6.58 -6.62 10.66
C LEU A 123 -6.71 -7.40 9.35
N THR A 124 -5.59 -7.85 8.78
CA THR A 124 -5.59 -8.64 7.54
C THR A 124 -6.23 -10.02 7.71
N SER A 125 -6.30 -10.56 8.93
CA SER A 125 -6.97 -11.83 9.25
C SER A 125 -8.44 -11.85 8.82
N GLN A 126 -9.10 -10.68 8.80
CA GLN A 126 -10.47 -10.50 8.34
C GLN A 126 -10.64 -10.77 6.83
N PHE A 127 -9.55 -10.73 6.05
CA PHE A 127 -9.53 -11.02 4.61
C PHE A 127 -9.22 -12.51 4.31
N THR A 128 -9.17 -13.37 5.33
CA THR A 128 -8.85 -14.79 5.18
C THR A 128 -9.99 -15.55 4.52
N GLY A 129 -9.68 -16.43 3.55
CA GLY A 129 -10.64 -17.31 2.87
C GLY A 129 -11.38 -18.31 3.76
N LEU A 130 -11.03 -18.41 5.05
CA LEU A 130 -11.70 -19.22 6.06
C LEU A 130 -12.62 -18.40 6.98
N LYS A 131 -12.51 -17.07 6.97
CA LYS A 131 -13.26 -16.14 7.82
C LYS A 131 -14.21 -15.27 6.99
N CYS A 132 -13.78 -14.86 5.80
CA CYS A 132 -14.55 -14.13 4.81
C CYS A 132 -14.37 -14.74 3.42
N PRO A 133 -14.87 -15.97 3.16
CA PRO A 133 -14.78 -16.60 1.84
C PRO A 133 -15.53 -15.81 0.76
N SER A 134 -16.53 -15.00 1.16
CA SER A 134 -17.37 -14.21 0.25
C SER A 134 -16.56 -13.19 -0.56
N LEU A 135 -15.64 -12.47 0.10
CA LEU A 135 -14.75 -11.49 -0.53
C LEU A 135 -13.32 -12.02 -0.78
N ALA A 136 -13.03 -13.27 -0.41
CA ALA A 136 -11.74 -13.93 -0.62
C ALA A 136 -11.73 -14.92 -1.80
N GLY A 137 -12.87 -15.13 -2.48
CA GLY A 137 -12.98 -15.96 -3.68
C GLY A 137 -12.59 -15.24 -4.98
N LYS A 138 -12.18 -13.96 -4.90
CA LYS A 138 -11.74 -13.12 -6.01
C LYS A 138 -10.30 -12.63 -5.78
N PRO A 139 -9.59 -12.28 -6.86
CA PRO A 139 -8.23 -11.76 -6.77
C PRO A 139 -8.18 -10.33 -6.19
N LYS A 140 -6.96 -9.90 -5.84
CA LYS A 140 -6.64 -8.59 -5.27
C LYS A 140 -5.22 -8.21 -5.68
N VAL A 141 -4.99 -6.90 -5.81
CA VAL A 141 -3.69 -6.29 -6.08
C VAL A 141 -3.19 -5.50 -4.86
N PHE A 142 -1.87 -5.30 -4.76
CA PHE A 142 -1.25 -4.51 -3.70
C PHE A 142 0.03 -3.86 -4.24
N PHE A 143 0.14 -2.54 -4.05
CA PHE A 143 1.32 -1.75 -4.38
C PHE A 143 1.71 -0.91 -3.17
N ILE A 144 2.53 -1.46 -2.27
CA ILE A 144 3.06 -0.73 -1.12
C ILE A 144 3.84 0.50 -1.58
N GLN A 145 3.81 1.57 -0.79
CA GLN A 145 4.58 2.79 -1.06
C GLN A 145 5.79 2.85 -0.11
N ALA A 146 6.99 2.87 -0.70
CA ALA A 146 8.27 3.00 0.01
C ALA A 146 9.14 4.03 -0.71
N ALA A 147 9.38 5.16 -0.05
CA ALA A 147 10.21 6.25 -0.55
C ALA A 147 11.48 6.34 0.30
N GLN A 148 12.58 6.86 -0.27
CA GLN A 148 13.88 7.04 0.41
C GLN A 148 14.48 5.72 0.93
N GLY A 149 14.21 4.60 0.25
CA GLY A 149 14.61 3.26 0.67
C GLY A 149 13.54 2.62 1.56
N ASP A 150 13.94 1.69 2.43
CA ASP A 150 13.05 1.07 3.40
C ASP A 150 12.97 1.93 4.66
N ASN A 151 11.85 1.81 5.37
CA ASN A 151 11.71 2.45 6.67
C ASN A 151 12.51 1.64 7.70
N TYR A 152 13.19 2.33 8.60
CA TYR A 152 13.95 1.76 9.70
C TYR A 152 13.53 2.44 10.99
N GLN A 153 12.90 1.70 11.91
CA GLN A 153 12.54 2.20 13.23
C GLN A 153 12.31 1.03 14.18
N LYS A 154 12.72 1.21 15.44
CA LYS A 154 12.52 0.24 16.52
C LYS A 154 11.49 0.68 17.57
N GLY A 155 11.14 1.97 17.59
CA GLY A 155 10.24 2.61 18.54
C GLY A 155 10.76 2.58 19.98
N ILE A 156 10.31 3.53 20.80
CA ILE A 156 10.73 3.64 22.20
C ILE A 156 9.53 3.84 23.13
N PRO A 157 9.68 3.49 24.43
CA PRO A 157 8.62 3.66 25.43
C PRO A 157 8.42 5.13 25.84
N VAL A 158 9.46 5.96 25.71
CA VAL A 158 9.43 7.38 26.00
C VAL A 158 8.70 8.18 24.91
N GLU A 159 8.72 9.51 25.01
CA GLU A 159 8.25 10.39 23.96
C GLU A 159 9.43 11.12 23.31
N THR A 160 9.25 11.52 22.05
CA THR A 160 10.11 12.42 21.31
C THR A 160 10.12 13.78 22.02
N ASP A 161 11.18 14.07 22.79
CA ASP A 161 11.42 15.39 23.37
C ASP A 161 12.09 16.31 22.34
N SER A 162 11.66 17.58 22.30
CA SER A 162 12.28 18.65 21.52
C SER A 162 12.44 18.29 20.03
N GLU A 163 11.32 18.00 19.35
CA GLU A 163 11.24 17.49 17.96
C GLU A 163 10.73 18.52 16.93
N GLU A 164 10.84 19.81 17.29
CA GLU A 164 10.46 21.01 16.51
C GLU A 164 10.76 20.91 15.00
N GLN A 165 12.05 20.94 14.63
CA GLN A 165 12.60 20.75 13.30
C GLN A 165 13.37 19.42 13.21
N PRO A 166 14.46 19.21 13.96
CA PRO A 166 15.19 17.95 13.97
C PRO A 166 14.37 16.88 14.72
N TYR A 167 13.53 16.18 13.97
CA TYR A 167 12.85 14.96 14.39
C TYR A 167 13.81 13.82 14.78
N LEU A 168 13.23 12.67 15.15
CA LEU A 168 13.97 11.47 15.52
C LEU A 168 13.96 10.45 14.38
N GLU A 169 15.02 9.65 14.33
CA GLU A 169 15.24 8.59 13.33
C GLU A 169 16.32 7.65 13.88
N MET A 170 15.99 6.36 14.05
CA MET A 170 16.88 5.34 14.60
C MET A 170 16.71 4.02 13.84
N ASP A 171 17.80 3.34 13.53
CA ASP A 171 17.79 2.06 12.82
C ASP A 171 17.97 0.85 13.77
N LEU A 172 18.06 -0.34 13.17
CA LEU A 172 18.34 -1.59 13.86
C LEU A 172 19.39 -2.40 13.09
N SER A 173 20.37 -2.97 13.79
CA SER A 173 21.36 -3.88 13.20
C SER A 173 20.79 -5.28 12.92
N SER A 174 19.72 -5.68 13.62
CA SER A 174 19.01 -6.95 13.45
C SER A 174 18.30 -7.05 12.10
N PRO A 175 18.00 -8.28 11.62
CA PRO A 175 17.29 -8.48 10.36
C PRO A 175 15.83 -8.03 10.45
N GLN A 176 15.27 -7.59 9.31
CA GLN A 176 13.89 -7.14 9.18
C GLN A 176 13.32 -7.60 7.84
N THR A 177 12.27 -8.42 7.88
CA THR A 177 11.50 -8.88 6.72
C THR A 177 10.03 -8.48 6.84
N ARG A 178 9.32 -8.49 5.70
CA ARG A 178 7.87 -8.27 5.64
C ARG A 178 7.12 -9.59 5.86
N TYR A 179 5.83 -9.48 6.15
CA TYR A 179 4.94 -10.63 6.25
C TYR A 179 4.62 -11.19 4.85
N ILE A 180 4.60 -12.52 4.71
CA ILE A 180 4.22 -13.20 3.47
C ILE A 180 2.79 -13.76 3.61
N PRO A 181 1.94 -13.64 2.55
CA PRO A 181 0.58 -14.17 2.54
C PRO A 181 0.58 -15.71 2.53
N ASP A 182 1.43 -16.32 1.69
CA ASP A 182 1.53 -17.77 1.44
C ASP A 182 0.24 -18.37 0.85
N GLU A 183 -0.44 -17.60 0.00
CA GLU A 183 -1.69 -17.96 -0.66
C GLU A 183 -1.52 -17.97 -2.20
N ALA A 184 -2.58 -18.36 -2.92
CA ALA A 184 -2.67 -18.31 -4.37
C ALA A 184 -3.86 -17.45 -4.80
N ASP A 185 -3.97 -17.16 -6.10
CA ASP A 185 -5.05 -16.35 -6.68
C ASP A 185 -5.01 -14.88 -6.25
N PHE A 186 -3.85 -14.40 -5.78
CA PHE A 186 -3.62 -13.04 -5.27
C PHE A 186 -2.28 -12.42 -5.72
N LEU A 187 -2.16 -11.09 -5.58
CA LEU A 187 -0.97 -10.33 -5.89
C LEU A 187 -0.55 -9.45 -4.71
N LEU A 188 0.75 -9.50 -4.36
CA LEU A 188 1.32 -8.69 -3.29
C LEU A 188 2.72 -8.18 -3.61
N GLY A 189 2.90 -6.85 -3.72
CA GLY A 189 4.21 -6.22 -3.95
C GLY A 189 5.07 -6.05 -2.68
N MET A 190 4.91 -6.93 -1.68
CA MET A 190 5.61 -6.89 -0.39
C MET A 190 6.42 -8.15 -0.10
N ALA A 191 6.47 -9.11 -1.03
CA ALA A 191 7.25 -10.33 -0.90
C ALA A 191 8.75 -10.04 -0.79
N PRO A 202 24.79 -10.80 -1.28
CA PRO A 202 23.53 -10.56 -0.58
C PRO A 202 22.52 -11.68 -0.89
N ALA A 203 22.38 -12.05 -2.16
CA ALA A 203 21.43 -13.05 -2.62
C ALA A 203 19.96 -12.74 -2.25
N GLU A 204 19.61 -11.44 -2.29
CA GLU A 204 18.30 -10.93 -1.87
C GLU A 204 17.53 -10.29 -3.03
N GLY A 205 18.09 -9.22 -3.61
CA GLY A 205 17.52 -8.46 -4.73
C GLY A 205 17.23 -6.99 -4.39
N THR A 206 17.28 -6.63 -3.09
CA THR A 206 17.06 -5.27 -2.55
C THR A 206 15.87 -4.55 -3.21
N TRP A 207 14.74 -5.27 -3.35
CA TRP A 207 13.56 -4.77 -4.04
C TRP A 207 12.95 -3.55 -3.35
N TYR A 208 12.43 -2.66 -4.19
CA TYR A 208 11.88 -1.38 -3.78
C TYR A 208 10.79 -0.91 -4.72
N ILE A 209 10.11 0.17 -4.33
CA ILE A 209 9.01 0.79 -5.07
C ILE A 209 9.55 1.86 -6.03
N GLN A 210 10.85 1.83 -6.34
CA GLN A 210 11.54 2.75 -7.25
C GLN A 210 10.85 2.74 -8.62
N SER A 211 9.96 3.72 -8.82
CA SER A 211 9.08 3.85 -9.99
C SER A 211 8.08 2.70 -10.19
N LEU A 212 7.98 1.73 -9.24
CA LEU A 212 7.18 0.49 -9.33
C LEU A 212 5.72 0.81 -9.62
N CYS A 213 5.13 1.74 -8.88
CA CYS A 213 3.79 2.24 -9.17
C CYS A 213 3.80 3.49 -10.06
N GLN A 214 4.86 4.32 -10.00
CA GLN A 214 4.94 5.58 -10.75
C GLN A 214 4.95 5.39 -12.29
N SER A 215 5.30 4.20 -12.77
CA SER A 215 5.31 3.85 -14.18
C SER A 215 4.05 3.13 -14.64
N LEU A 216 3.46 2.25 -13.82
CA LEU A 216 2.15 1.69 -14.15
C LEU A 216 1.02 2.72 -13.97
N ARG A 217 1.26 3.83 -13.25
CA ARG A 217 0.27 4.91 -13.10
C ARG A 217 0.19 5.89 -14.27
N GLU A 218 1.06 5.74 -15.28
CA GLU A 218 1.12 6.61 -16.45
C GLU A 218 0.75 5.81 -17.70
N ARG A 219 -0.55 5.73 -17.98
CA ARG A 219 -1.08 5.01 -19.15
C ARG A 219 -0.88 3.49 -19.00
N CYS A 220 -1.34 2.92 -17.89
CA CYS A 220 -1.45 1.46 -17.68
C CYS A 220 -2.19 0.73 -18.82
N PRO A 221 -3.44 1.12 -19.17
CA PRO A 221 -4.23 0.45 -20.20
C PRO A 221 -3.67 0.73 -21.61
N ARG A 222 -2.89 -0.22 -22.13
CA ARG A 222 -2.28 -0.14 -23.46
C ARG A 222 -2.47 -1.40 -24.31
N GLY A 223 -2.47 -2.57 -23.68
CA GLY A 223 -2.61 -3.88 -24.35
C GLY A 223 -2.11 -5.05 -23.50
N ASP A 224 -1.20 -4.78 -22.55
CA ASP A 224 -0.76 -5.76 -21.55
C ASP A 224 -1.61 -5.73 -20.27
N ASP A 225 -1.37 -6.69 -19.39
CA ASP A 225 -2.07 -6.84 -18.10
C ASP A 225 -1.26 -6.32 -16.91
N ILE A 226 -1.94 -5.95 -15.82
CA ILE A 226 -1.34 -5.30 -14.63
C ILE A 226 -0.16 -6.13 -14.09
N LEU A 227 -0.33 -7.46 -14.09
CA LEU A 227 0.65 -8.44 -13.67
C LEU A 227 1.88 -8.43 -14.58
N THR A 228 1.70 -8.61 -15.90
CA THR A 228 2.81 -8.53 -16.86
C THR A 228 3.47 -7.15 -16.87
N ILE A 229 2.73 -6.05 -16.72
CA ILE A 229 3.29 -4.70 -16.65
C ILE A 229 4.34 -4.63 -15.56
N LEU A 230 3.92 -4.53 -14.29
CA LEU A 230 4.76 -4.33 -13.09
C LEU A 230 5.94 -3.36 -13.27
N THR A 231 5.84 -2.47 -14.28
CA THR A 231 6.91 -1.65 -14.90
C THR A 231 8.28 -2.32 -14.96
N GLU A 232 8.34 -3.65 -15.12
CA GLU A 232 9.57 -4.47 -15.03
C GLU A 232 10.47 -4.16 -13.79
N VAL A 233 9.93 -3.55 -12.72
CA VAL A 233 10.72 -3.11 -11.54
C VAL A 233 10.96 -4.25 -10.55
N PRO A 251 15.37 -14.06 -6.74
CA PRO A 251 14.20 -13.31 -6.31
C PRO A 251 12.90 -13.95 -6.82
N GLN A 252 12.32 -14.85 -6.02
CA GLN A 252 11.04 -15.50 -6.33
C GLN A 252 9.92 -14.50 -6.73
N PRO A 253 8.96 -14.92 -7.58
CA PRO A 253 7.88 -14.06 -8.04
C PRO A 253 6.97 -13.65 -6.88
N THR A 254 6.64 -12.36 -6.83
CA THR A 254 5.75 -11.75 -5.83
C THR A 254 4.26 -11.92 -6.17
N PHE A 255 3.97 -12.48 -7.34
CA PHE A 255 2.65 -12.77 -7.87
C PHE A 255 2.28 -14.25 -7.66
N THR A 256 1.09 -14.49 -7.11
CA THR A 256 0.56 -15.83 -6.83
C THR A 256 -0.71 -16.15 -7.66
N LEU A 257 -1.00 -15.27 -8.63
CA LEU A 257 -2.10 -15.40 -9.58
C LEU A 257 -1.79 -16.44 -10.65
N ARG A 258 -2.74 -17.37 -10.82
CA ARG A 258 -2.74 -18.39 -11.87
C ARG A 258 -3.52 -17.93 -13.13
N LYS A 259 -4.24 -16.82 -13.01
CA LYS A 259 -5.11 -16.21 -14.04
C LYS A 259 -4.49 -14.89 -14.54
N LYS A 260 -5.20 -14.21 -15.44
CA LYS A 260 -4.76 -12.98 -16.11
C LYS A 260 -5.57 -11.77 -15.63
N LEU A 261 -4.94 -10.91 -14.83
CA LEU A 261 -5.55 -9.73 -14.21
C LEU A 261 -5.26 -8.45 -15.02
N VAL A 262 -6.22 -8.06 -15.85
CA VAL A 262 -6.10 -6.89 -16.73
C VAL A 262 -7.06 -5.80 -16.26
N PHE A 263 -6.72 -4.55 -16.57
CA PHE A 263 -7.55 -3.38 -16.31
C PHE A 263 -7.79 -2.67 -17.65
N PRO A 264 -8.75 -3.18 -18.46
CA PRO A 264 -9.14 -2.51 -19.69
C PRO A 264 -9.89 -1.18 -19.42
N SER A 265 -10.13 -0.39 -20.47
CA SER A 265 -10.89 0.86 -20.35
C SER A 265 -12.38 0.66 -20.05
N ASP A 266 -12.92 -0.53 -20.33
CA ASP A 266 -14.29 -0.98 -20.06
C ASP A 266 -14.53 -1.58 -18.67
N LYS A 11 -13.92 -13.56 -14.34
CA LYS A 11 -13.02 -13.99 -15.41
C LYS A 11 -12.17 -12.82 -15.93
N VAL A 12 -11.07 -13.15 -16.61
CA VAL A 12 -10.22 -12.16 -17.28
C VAL A 12 -10.97 -11.44 -18.39
N TYR A 13 -10.62 -10.17 -18.64
CA TYR A 13 -11.20 -9.33 -19.69
C TYR A 13 -12.73 -9.22 -19.60
N GLN A 14 -13.31 -9.39 -18.40
CA GLN A 14 -14.74 -9.32 -18.19
C GLN A 14 -15.20 -7.93 -17.72
N MET A 15 -14.31 -7.17 -17.07
CA MET A 15 -14.58 -5.81 -16.59
C MET A 15 -14.86 -4.82 -17.72
N LYS A 16 -14.50 -5.15 -18.98
CA LYS A 16 -14.83 -4.45 -20.23
C LYS A 16 -16.31 -4.06 -20.44
N SER A 17 -17.19 -4.53 -19.56
CA SER A 17 -18.63 -4.31 -19.56
C SER A 17 -19.06 -3.11 -18.70
N LYS A 18 -18.51 -2.97 -17.48
CA LYS A 18 -18.81 -1.90 -16.51
C LYS A 18 -17.75 -1.86 -15.38
N PRO A 19 -17.55 -0.69 -14.73
CA PRO A 19 -16.49 -0.51 -13.72
C PRO A 19 -16.80 -1.20 -12.39
N ARG A 20 -17.64 -0.57 -11.55
CA ARG A 20 -18.14 -1.11 -10.26
C ARG A 20 -17.03 -1.74 -9.40
N GLY A 21 -15.86 -1.10 -9.32
CA GLY A 21 -14.64 -1.68 -8.76
C GLY A 21 -13.71 -0.64 -8.11
N TYR A 22 -14.08 -0.15 -6.93
CA TYR A 22 -13.40 0.95 -6.23
C TYR A 22 -12.19 0.45 -5.42
N CYS A 23 -11.35 1.37 -4.93
CA CYS A 23 -10.17 1.03 -4.12
C CYS A 23 -10.02 1.97 -2.91
N LEU A 24 -9.00 1.71 -2.09
CA LEU A 24 -8.71 2.41 -0.85
C LEU A 24 -7.34 3.10 -0.94
N ILE A 25 -7.29 4.37 -0.52
CA ILE A 25 -6.09 5.20 -0.53
C ILE A 25 -5.99 5.94 0.79
N ILE A 26 -4.94 5.64 1.57
CA ILE A 26 -4.68 6.32 2.83
C ILE A 26 -3.95 7.65 2.52
N ASN A 27 -4.16 8.67 3.36
CA ASN A 27 -3.46 9.95 3.30
C ASN A 27 -3.24 10.48 4.73
N ASN A 28 -2.04 11.01 4.99
CA ASN A 28 -1.70 11.65 6.26
C ASN A 28 -0.72 12.80 5.99
N HIS A 29 -1.04 14.00 6.51
CA HIS A 29 -0.17 15.17 6.41
C HIS A 29 0.86 15.23 7.55
N ASN A 30 0.54 14.63 8.71
CA ASN A 30 1.36 14.64 9.91
C ASN A 30 1.91 13.24 10.19
N PHE A 31 3.18 13.18 10.60
CA PHE A 31 3.90 11.95 10.87
C PHE A 31 3.89 11.61 12.38
N ALA A 32 2.86 12.03 13.12
CA ALA A 32 2.78 11.88 14.58
C ALA A 32 2.90 10.42 15.03
N LYS A 33 2.29 9.50 14.29
CA LYS A 33 2.39 8.06 14.48
C LYS A 33 3.71 7.49 13.96
N ALA A 34 4.36 8.20 13.03
CA ALA A 34 5.65 7.82 12.47
C ALA A 34 6.81 8.22 13.37
N ARG A 35 6.65 9.26 14.21
CA ARG A 35 7.62 9.66 15.23
C ARG A 35 8.14 8.44 16.02
N GLU A 36 7.31 7.44 16.26
CA GLU A 36 7.72 6.19 16.90
C GLU A 36 8.55 5.29 15.97
N LYS A 37 7.97 4.82 14.86
CA LYS A 37 8.62 3.88 13.93
C LYS A 37 9.73 4.49 13.07
N VAL A 38 9.39 5.56 12.36
CA VAL A 38 10.27 6.27 11.42
C VAL A 38 10.35 7.75 11.85
N PRO A 39 11.11 8.06 12.93
CA PRO A 39 11.26 9.44 13.40
C PRO A 39 11.89 10.36 12.33
N LYS A 40 12.62 9.79 11.37
CA LYS A 40 13.20 10.53 10.26
C LYS A 40 12.15 11.26 9.41
N LEU A 41 10.88 10.84 9.42
CA LEU A 41 9.80 11.51 8.67
C LEU A 41 9.48 12.92 9.18
N HIS A 42 9.85 13.26 10.43
CA HIS A 42 9.68 14.61 10.98
C HIS A 42 11.00 15.40 11.02
N SER A 43 12.04 14.90 10.35
CA SER A 43 13.40 15.47 10.33
C SER A 43 13.91 15.82 8.93
N ILE A 44 13.07 15.61 7.91
CA ILE A 44 13.35 15.89 6.50
C ILE A 44 13.53 17.40 6.24
N ARG A 45 13.89 17.76 4.99
CA ARG A 45 13.93 19.16 4.53
C ARG A 45 12.88 19.50 3.47
N ASP A 46 12.29 18.49 2.85
CA ASP A 46 11.30 18.63 1.78
C ASP A 46 10.05 19.36 2.28
N ARG A 47 9.48 18.84 3.40
CA ARG A 47 8.28 19.33 4.12
C ARG A 47 7.16 19.83 3.19
N ASN A 48 7.02 19.21 2.03
CA ASN A 48 6.16 19.61 0.91
C ASN A 48 4.70 19.79 1.34
N GLY A 49 4.17 18.87 2.14
CA GLY A 49 2.83 18.94 2.72
C GLY A 49 1.77 19.38 1.72
N THR A 50 1.62 18.64 0.61
CA THR A 50 0.72 19.04 -0.47
C THR A 50 -0.23 17.91 -0.85
N HIS A 51 -1.47 18.25 -1.24
CA HIS A 51 -2.48 17.28 -1.67
C HIS A 51 -2.27 16.77 -3.10
N LEU A 52 -1.53 17.52 -3.94
CA LEU A 52 -1.21 17.15 -5.32
C LEU A 52 -0.55 15.76 -5.40
N ASP A 53 0.30 15.41 -4.42
CA ASP A 53 0.95 14.10 -4.34
C ASP A 53 -0.06 12.97 -4.12
N ALA A 54 -0.98 13.13 -3.17
CA ALA A 54 -2.08 12.18 -2.95
C ALA A 54 -3.02 12.10 -4.17
N GLY A 55 -3.27 13.23 -4.84
CA GLY A 55 -4.10 13.30 -6.03
C GLY A 55 -3.46 12.68 -7.27
N ALA A 56 -2.13 12.73 -7.42
CA ALA A 56 -1.40 12.13 -8.53
C ALA A 56 -1.63 10.61 -8.63
N LEU A 57 -1.63 9.94 -7.47
CA LEU A 57 -1.93 8.51 -7.39
C LEU A 57 -3.41 8.22 -7.66
N THR A 58 -4.32 9.12 -7.25
CA THR A 58 -5.75 9.01 -7.54
C THR A 58 -6.03 9.18 -9.03
N THR A 59 -5.63 10.30 -9.63
CA THR A 59 -5.90 10.61 -11.04
C THR A 59 -5.40 9.54 -12.00
N THR A 60 -4.32 8.84 -11.60
CA THR A 60 -3.72 7.71 -12.30
C THR A 60 -4.74 6.62 -12.61
N PHE A 61 -5.57 6.29 -11.62
CA PHE A 61 -6.61 5.27 -11.76
C PHE A 61 -7.99 5.92 -12.02
N GLU A 62 -8.19 7.22 -11.73
CA GLU A 62 -9.48 7.91 -11.91
C GLU A 62 -9.98 7.80 -13.36
N GLU A 63 -9.07 7.80 -14.34
CA GLU A 63 -9.34 7.54 -15.76
C GLU A 63 -10.05 6.21 -16.03
N LEU A 64 -9.91 5.22 -15.13
CA LEU A 64 -10.61 3.94 -15.17
C LEU A 64 -12.11 4.04 -14.81
N HIS A 65 -12.62 5.26 -14.57
CA HIS A 65 -14.03 5.54 -14.25
C HIS A 65 -14.48 4.92 -12.91
N PHE A 66 -13.53 4.50 -12.07
CA PHE A 66 -13.76 3.92 -10.75
C PHE A 66 -13.85 5.00 -9.67
N GLU A 67 -14.46 4.67 -8.53
CA GLU A 67 -14.49 5.55 -7.36
C GLU A 67 -13.22 5.38 -6.51
N ILE A 68 -12.88 6.42 -5.74
CA ILE A 68 -11.74 6.46 -4.84
C ILE A 68 -12.20 6.93 -3.46
N LYS A 69 -11.55 6.39 -2.43
CA LYS A 69 -11.75 6.74 -1.02
C LYS A 69 -10.50 7.45 -0.50
N PRO A 70 -10.36 8.78 -0.71
CA PRO A 70 -9.23 9.58 -0.22
C PRO A 70 -9.32 9.76 1.30
N HIS A 71 -8.86 8.75 2.06
CA HIS A 71 -8.87 8.79 3.53
C HIS A 71 -7.74 9.67 4.09
N ASP A 72 -7.97 10.98 4.12
CA ASP A 72 -7.09 11.96 4.78
C ASP A 72 -7.15 11.91 6.31
N ASP A 73 -6.01 12.23 6.96
CA ASP A 73 -5.79 12.28 8.42
C ASP A 73 -6.47 11.11 9.15
N CYS A 74 -6.13 9.89 8.74
CA CYS A 74 -6.68 8.64 9.26
C CYS A 74 -5.52 7.67 9.53
N THR A 75 -5.22 7.47 10.81
CA THR A 75 -4.25 6.47 11.29
C THR A 75 -4.93 5.12 11.52
N VAL A 76 -4.18 4.13 12.03
CA VAL A 76 -4.67 2.76 12.26
C VAL A 76 -5.98 2.72 13.04
N GLU A 77 -6.13 3.61 14.03
CA GLU A 77 -7.35 3.80 14.83
C GLU A 77 -8.60 4.01 13.95
N GLN A 78 -8.45 4.60 12.76
CA GLN A 78 -9.48 4.72 11.74
C GLN A 78 -9.39 3.65 10.64
N ILE A 79 -8.20 3.16 10.26
CA ILE A 79 -8.05 2.07 9.28
C ILE A 79 -8.85 0.83 9.67
N TYR A 80 -8.87 0.48 10.96
CA TYR A 80 -9.67 -0.64 11.45
C TYR A 80 -11.17 -0.47 11.17
N GLU A 81 -11.66 0.77 11.11
CA GLU A 81 -13.05 1.06 10.76
C GLU A 81 -13.35 0.75 9.29
N ILE A 82 -12.33 0.60 8.44
CA ILE A 82 -12.47 0.23 7.02
C ILE A 82 -12.48 -1.29 6.85
N LEU A 83 -11.78 -2.03 7.72
CA LEU A 83 -11.73 -3.49 7.68
C LEU A 83 -13.12 -4.14 7.84
N LYS A 84 -14.02 -3.48 8.58
CA LYS A 84 -15.42 -3.90 8.72
C LYS A 84 -16.29 -3.51 7.52
N ILE A 85 -16.00 -2.37 6.87
CA ILE A 85 -16.79 -1.85 5.72
C ILE A 85 -16.81 -2.87 4.59
N TYR A 86 -15.72 -3.61 4.38
CA TYR A 86 -15.63 -4.68 3.39
C TYR A 86 -16.77 -5.70 3.50
N GLN A 87 -17.24 -5.98 4.72
CA GLN A 87 -18.40 -6.82 4.97
C GLN A 87 -19.72 -6.09 4.71
N LEU A 88 -19.82 -4.78 5.02
CA LEU A 88 -21.01 -3.95 4.80
C LEU A 88 -21.24 -3.59 3.33
N MET A 89 -20.20 -3.69 2.49
CA MET A 89 -20.28 -3.40 1.06
C MET A 89 -21.22 -4.39 0.36
N ASP A 90 -20.93 -5.70 0.47
CA ASP A 90 -21.67 -6.81 -0.15
C ASP A 90 -21.84 -6.66 -1.69
N HIS A 91 -20.75 -6.84 -2.45
CA HIS A 91 -20.72 -6.72 -3.92
C HIS A 91 -20.23 -7.98 -4.61
N SER A 92 -21.10 -8.61 -5.41
CA SER A 92 -20.75 -9.78 -6.21
C SER A 92 -20.15 -9.45 -7.59
N ASN A 93 -20.05 -8.16 -7.95
CA ASN A 93 -19.45 -7.64 -9.19
C ASN A 93 -18.13 -6.89 -8.98
N MET A 94 -17.75 -6.57 -7.73
CA MET A 94 -16.56 -5.77 -7.43
C MET A 94 -15.28 -6.59 -7.61
N ASP A 95 -14.74 -6.59 -8.83
CA ASP A 95 -13.60 -7.42 -9.24
C ASP A 95 -12.27 -6.63 -9.29
N CYS A 96 -12.29 -5.40 -8.77
CA CYS A 96 -11.13 -4.52 -8.63
C CYS A 96 -11.10 -3.97 -7.20
N PHE A 97 -9.96 -4.15 -6.51
CA PHE A 97 -9.71 -3.59 -5.17
C PHE A 97 -8.20 -3.47 -4.95
N ILE A 98 -7.75 -2.30 -4.47
CA ILE A 98 -6.35 -2.00 -4.14
C ILE A 98 -6.30 -1.23 -2.82
N CYS A 99 -5.23 -1.44 -2.04
CA CYS A 99 -4.90 -0.69 -0.84
C CYS A 99 -3.61 0.11 -1.08
N CYS A 100 -3.73 1.42 -1.36
CA CYS A 100 -2.61 2.33 -1.54
C CYS A 100 -2.31 3.08 -0.24
N ILE A 101 -1.02 3.18 0.11
CA ILE A 101 -0.53 3.78 1.35
C ILE A 101 0.61 4.77 1.03
N LEU A 102 1.01 5.57 2.03
CA LEU A 102 2.08 6.58 1.98
C LEU A 102 3.32 6.19 2.82
N SER A 103 3.24 5.07 3.54
CA SER A 103 4.29 4.53 4.38
C SER A 103 3.95 3.10 4.78
N HIS A 104 4.98 2.37 5.16
CA HIS A 104 4.90 1.04 5.71
C HIS A 104 6.27 0.69 6.29
N GLY A 105 6.25 0.09 7.48
CA GLY A 105 7.43 -0.50 8.12
C GLY A 105 7.80 -1.86 7.50
N ASP A 106 8.52 -2.66 8.27
CA ASP A 106 9.05 -3.95 7.82
C ASP A 106 8.27 -5.10 8.47
N LYS A 107 8.43 -6.33 7.95
CA LYS A 107 7.68 -7.50 8.41
C LYS A 107 8.04 -7.94 9.82
N GLY A 108 9.22 -7.54 10.30
CA GLY A 108 9.71 -7.81 11.64
C GLY A 108 9.02 -7.02 12.74
N ILE A 109 8.32 -5.93 12.40
CA ILE A 109 7.57 -5.09 13.33
C ILE A 109 6.14 -4.88 12.85
N ILE A 110 5.29 -4.38 13.74
CA ILE A 110 3.93 -4.01 13.38
C ILE A 110 3.90 -2.59 12.81
N TYR A 111 3.30 -2.43 11.63
CA TYR A 111 3.10 -1.14 10.93
C TYR A 111 1.62 -0.89 10.66
N GLY A 112 1.27 0.16 9.90
CA GLY A 112 -0.09 0.38 9.41
C GLY A 112 -0.24 1.53 8.43
N THR A 113 0.01 2.74 8.94
CA THR A 113 0.01 4.03 8.22
C THR A 113 1.43 4.59 8.24
N ASP A 114 1.83 5.16 9.38
CA ASP A 114 3.08 5.86 9.58
C ASP A 114 3.96 5.18 10.65
N GLY A 115 3.33 4.56 11.66
CA GLY A 115 4.07 3.83 12.69
C GLY A 115 3.25 3.25 13.85
N GLN A 116 2.01 2.85 13.58
CA GLN A 116 1.06 2.31 14.56
C GLN A 116 0.99 0.77 14.50
N GLU A 117 0.17 0.19 15.40
CA GLU A 117 -0.03 -1.25 15.54
C GLU A 117 -1.19 -1.77 14.66
N ALA A 118 -0.90 -2.13 13.40
CA ALA A 118 -1.84 -2.78 12.47
C ALA A 118 -1.25 -4.07 11.86
N PRO A 119 -1.21 -5.19 12.62
CA PRO A 119 -0.69 -6.45 12.13
C PRO A 119 -1.59 -7.02 11.03
N ILE A 120 -1.13 -6.97 9.77
CA ILE A 120 -1.88 -7.49 8.61
C ILE A 120 -2.44 -8.89 8.87
N TYR A 121 -1.69 -9.74 9.58
CA TYR A 121 -2.08 -11.08 10.03
C TYR A 121 -3.44 -11.11 10.76
N GLU A 122 -3.82 -10.06 11.48
CA GLU A 122 -5.10 -9.93 12.15
C GLU A 122 -6.14 -9.23 11.26
N LEU A 123 -5.72 -8.26 10.44
CA LEU A 123 -6.60 -7.55 9.49
C LEU A 123 -7.14 -8.52 8.42
N THR A 124 -6.24 -9.25 7.75
CA THR A 124 -6.61 -10.23 6.72
C THR A 124 -7.22 -11.50 7.30
N SER A 125 -7.02 -11.79 8.60
CA SER A 125 -7.70 -12.89 9.29
C SER A 125 -9.23 -12.74 9.27
N GLN A 126 -9.74 -11.51 9.10
CA GLN A 126 -11.16 -11.22 8.91
C GLN A 126 -11.65 -11.44 7.46
N PHE A 127 -10.86 -12.07 6.57
CA PHE A 127 -11.27 -12.47 5.22
C PHE A 127 -11.49 -13.99 5.05
N THR A 128 -11.44 -14.78 6.13
CA THR A 128 -11.64 -16.25 6.07
C THR A 128 -13.00 -16.62 5.50
N GLY A 129 -13.04 -17.55 4.52
CA GLY A 129 -14.28 -18.00 3.87
C GLY A 129 -15.33 -18.61 4.82
N LEU A 130 -14.93 -19.00 6.03
CA LEU A 130 -15.80 -19.57 7.07
C LEU A 130 -16.14 -18.60 8.21
N LYS A 131 -15.49 -17.42 8.27
CA LYS A 131 -15.69 -16.40 9.31
C LYS A 131 -16.17 -15.07 8.74
N CYS A 132 -15.97 -14.86 7.43
CA CYS A 132 -16.37 -13.69 6.67
C CYS A 132 -16.74 -14.11 5.23
N PRO A 133 -17.93 -14.71 5.03
CA PRO A 133 -18.39 -15.11 3.69
C PRO A 133 -18.72 -13.92 2.77
N SER A 134 -18.73 -12.68 3.30
CA SER A 134 -18.84 -11.45 2.54
C SER A 134 -17.61 -11.27 1.64
N LEU A 135 -17.71 -11.88 0.45
CA LEU A 135 -16.76 -11.76 -0.65
C LEU A 135 -15.35 -12.26 -0.26
N ALA A 136 -15.28 -13.29 0.59
CA ALA A 136 -14.02 -13.88 1.05
C ALA A 136 -13.11 -14.31 -0.10
N GLY A 137 -13.70 -14.91 -1.15
CA GLY A 137 -13.04 -15.34 -2.37
C GLY A 137 -12.67 -14.21 -3.33
N LYS A 138 -12.94 -12.95 -2.99
CA LYS A 138 -12.60 -11.79 -3.82
C LYS A 138 -11.10 -11.48 -3.71
N PRO A 139 -10.41 -11.22 -4.83
CA PRO A 139 -9.00 -10.84 -4.83
C PRO A 139 -8.80 -9.47 -4.20
N LYS A 140 -7.54 -9.15 -3.90
CA LYS A 140 -7.10 -7.86 -3.35
C LYS A 140 -5.65 -7.60 -3.76
N VAL A 141 -5.23 -6.34 -3.71
CA VAL A 141 -3.88 -5.89 -4.04
C VAL A 141 -3.48 -4.76 -3.09
N PHE A 142 -2.19 -4.58 -2.87
CA PHE A 142 -1.63 -3.47 -2.11
C PHE A 142 -0.21 -3.15 -2.61
N PHE A 143 0.20 -1.88 -2.49
CA PHE A 143 1.52 -1.42 -2.93
C PHE A 143 2.35 -0.99 -1.73
N ILE A 144 3.54 -1.59 -1.55
CA ILE A 144 4.44 -1.21 -0.46
C ILE A 144 5.09 0.15 -0.72
N GLN A 145 5.31 0.92 0.35
CA GLN A 145 6.08 2.15 0.29
C GLN A 145 7.58 1.84 0.39
N ALA A 146 8.32 2.06 -0.69
CA ALA A 146 9.78 1.97 -0.72
C ALA A 146 10.39 3.37 -0.55
N ALA A 147 11.00 3.62 0.61
CA ALA A 147 11.72 4.86 0.92
C ALA A 147 13.19 4.58 1.29
N GLN A 148 13.97 5.64 1.53
CA GLN A 148 15.34 5.54 2.04
C GLN A 148 15.35 4.95 3.46
N GLY A 149 15.73 3.66 3.54
CA GLY A 149 15.91 2.86 4.74
C GLY A 149 16.81 3.52 5.77
N ASP A 150 16.21 4.14 6.79
CA ASP A 150 16.88 4.83 7.90
C ASP A 150 17.09 3.91 9.12
N ASN A 151 16.91 2.59 8.96
CA ASN A 151 17.09 1.64 10.06
C ASN A 151 18.57 1.54 10.46
N TYR A 152 18.84 1.01 11.67
CA TYR A 152 20.18 0.86 12.22
C TYR A 152 20.94 2.21 12.30
N GLN A 153 20.21 3.31 12.53
CA GLN A 153 20.80 4.64 12.66
C GLN A 153 21.74 4.73 13.87
N LYS A 154 22.68 5.68 13.84
CA LYS A 154 23.62 5.92 14.95
C LYS A 154 23.07 6.91 15.97
N GLY A 155 22.41 7.97 15.49
CA GLY A 155 21.81 9.03 16.29
C GLY A 155 21.28 10.14 15.37
N ILE A 156 20.36 10.93 15.88
CA ILE A 156 19.69 12.03 15.17
C ILE A 156 19.65 13.31 16.05
N PRO A 157 19.46 14.50 15.44
CA PRO A 157 19.40 15.76 16.18
C PRO A 157 18.05 15.97 16.90
N VAL A 158 16.99 15.33 16.42
CA VAL A 158 15.67 15.35 17.05
C VAL A 158 15.65 14.54 18.35
N GLU A 159 14.51 14.55 19.03
CA GLU A 159 14.30 13.78 20.25
C GLU A 159 12.81 13.49 20.40
N THR A 160 12.51 12.48 21.21
CA THR A 160 11.16 12.12 21.59
C THR A 160 10.62 13.18 22.57
N ASP A 161 9.40 13.69 22.31
CA ASP A 161 8.67 14.54 23.25
C ASP A 161 7.22 14.07 23.39
N SER A 162 6.68 14.18 24.60
CA SER A 162 5.28 13.85 24.92
C SER A 162 4.89 12.43 24.50
N GLU A 163 5.68 11.45 24.95
CA GLU A 163 5.47 10.02 24.76
C GLU A 163 4.75 9.43 25.98
N GLU A 164 3.65 8.71 25.73
CA GLU A 164 2.93 7.93 26.73
C GLU A 164 3.79 6.77 27.27
N GLN A 165 3.23 5.91 28.13
CA GLN A 165 3.85 4.63 28.57
C GLN A 165 4.65 3.93 27.46
N PRO A 166 4.03 3.57 26.31
CA PRO A 166 4.76 3.02 25.17
C PRO A 166 5.59 4.12 24.48
N TYR A 167 6.71 4.47 25.12
CA TYR A 167 7.81 5.24 24.55
C TYR A 167 8.45 4.56 23.33
N LEU A 168 9.49 5.18 22.79
CA LEU A 168 10.24 4.68 21.64
C LEU A 168 11.38 3.78 22.11
N GLU A 169 11.49 2.64 21.43
CA GLU A 169 12.58 1.68 21.63
C GLU A 169 13.85 2.10 20.85
N MET A 170 14.90 1.28 20.92
CA MET A 170 16.17 1.51 20.22
C MET A 170 16.26 0.72 18.92
N ASP A 171 16.18 -0.63 19.00
CA ASP A 171 16.28 -1.54 17.86
C ASP A 171 15.38 -2.78 18.07
N LEU A 172 15.46 -3.75 17.16
CA LEU A 172 14.62 -4.95 17.18
C LEU A 172 15.34 -6.10 17.89
N SER A 173 14.94 -6.41 19.13
CA SER A 173 15.46 -7.57 19.86
C SER A 173 15.00 -8.89 19.23
N SER A 174 15.83 -9.93 19.35
CA SER A 174 15.66 -11.27 18.75
C SER A 174 15.68 -11.26 17.21
N PRO A 175 15.85 -12.44 16.56
CA PRO A 175 15.77 -12.56 15.11
C PRO A 175 14.32 -12.36 14.62
N GLN A 176 14.04 -11.17 14.08
CA GLN A 176 12.74 -10.83 13.48
C GLN A 176 12.32 -11.81 12.39
N THR A 177 11.02 -11.83 12.07
CA THR A 177 10.44 -12.74 11.06
C THR A 177 10.03 -11.99 9.80
N ARG A 178 9.98 -12.71 8.66
CA ARG A 178 9.55 -12.19 7.37
C ARG A 178 8.05 -12.43 7.13
N TYR A 179 7.54 -12.04 5.96
CA TYR A 179 6.17 -12.29 5.54
C TYR A 179 6.13 -12.88 4.14
N ILE A 180 5.90 -14.20 4.07
CA ILE A 180 5.74 -14.96 2.82
C ILE A 180 4.71 -16.10 3.01
N PRO A 181 3.40 -15.80 2.90
CA PRO A 181 2.36 -16.83 3.01
C PRO A 181 2.28 -17.76 1.78
N ASP A 182 2.96 -17.38 0.68
CA ASP A 182 3.00 -18.11 -0.60
C ASP A 182 1.59 -18.32 -1.20
N GLU A 183 0.72 -17.30 -1.05
CA GLU A 183 -0.67 -17.32 -1.52
C GLU A 183 -0.74 -17.37 -3.06
N ALA A 184 -1.26 -18.49 -3.57
CA ALA A 184 -1.48 -18.71 -4.99
C ALA A 184 -2.73 -17.98 -5.54
N ASP A 185 -3.35 -17.09 -4.75
CA ASP A 185 -4.59 -16.36 -5.06
C ASP A 185 -4.54 -14.87 -4.66
N PHE A 186 -3.36 -14.33 -4.34
CA PHE A 186 -3.17 -12.96 -3.87
C PHE A 186 -1.88 -12.31 -4.38
N LEU A 187 -1.98 -11.05 -4.82
CA LEU A 187 -0.83 -10.28 -5.31
C LEU A 187 -0.18 -9.46 -4.18
N LEU A 188 1.14 -9.60 -4.06
CA LEU A 188 1.97 -8.86 -3.13
C LEU A 188 3.19 -8.23 -3.82
N GLY A 189 3.19 -6.90 -3.95
CA GLY A 189 4.30 -6.12 -4.49
C GLY A 189 5.23 -5.65 -3.37
N MET A 190 6.23 -6.47 -3.03
CA MET A 190 7.28 -6.14 -2.04
C MET A 190 8.66 -6.58 -2.54
N ALA A 191 9.61 -5.65 -2.60
CA ALA A 191 11.01 -5.93 -2.92
C ALA A 191 11.83 -6.22 -1.65
N PRO A 202 30.18 -3.63 -3.63
CA PRO A 202 29.81 -2.22 -3.45
C PRO A 202 28.64 -1.77 -4.34
N ALA A 203 28.13 -2.65 -5.21
CA ALA A 203 27.02 -2.41 -6.14
C ALA A 203 25.67 -2.29 -5.40
N GLU A 204 25.46 -1.13 -4.75
CA GLU A 204 24.28 -0.84 -3.94
C GLU A 204 23.77 0.58 -4.24
N GLY A 205 23.01 0.71 -5.34
CA GLY A 205 22.36 1.96 -5.74
C GLY A 205 20.96 2.13 -5.15
N THR A 206 20.21 3.09 -5.68
CA THR A 206 18.81 3.35 -5.32
C THR A 206 17.86 2.31 -5.92
N TRP A 207 16.59 2.36 -5.49
CA TRP A 207 15.52 1.49 -5.99
C TRP A 207 15.03 1.92 -7.37
N TYR A 208 14.34 1.00 -8.07
CA TYR A 208 13.79 1.23 -9.42
C TYR A 208 12.29 1.59 -9.39
N ILE A 209 11.75 1.92 -8.21
CA ILE A 209 10.33 2.26 -8.01
C ILE A 209 9.90 3.51 -8.80
N GLN A 210 10.81 4.47 -9.04
CA GLN A 210 10.50 5.68 -9.81
C GLN A 210 9.96 5.34 -11.19
N SER A 211 10.68 4.45 -11.91
CA SER A 211 10.27 3.97 -13.22
C SER A 211 9.02 3.09 -13.14
N LEU A 212 8.91 2.23 -12.12
CA LEU A 212 7.69 1.46 -11.89
C LEU A 212 6.47 2.38 -11.72
N CYS A 213 6.56 3.41 -10.88
CA CYS A 213 5.45 4.33 -10.63
C CYS A 213 5.06 5.13 -11.88
N GLN A 214 6.05 5.71 -12.59
CA GLN A 214 5.78 6.44 -13.84
C GLN A 214 5.28 5.52 -14.96
N SER A 215 5.58 4.21 -14.92
CA SER A 215 5.17 3.22 -15.92
C SER A 215 3.80 2.60 -15.60
N LEU A 216 3.52 2.27 -14.33
CA LEU A 216 2.21 1.78 -13.87
C LEU A 216 1.13 2.87 -13.91
N ARG A 217 1.48 4.15 -14.13
CA ARG A 217 0.52 5.25 -14.23
C ARG A 217 0.26 5.77 -15.65
N GLU A 218 0.99 5.28 -16.66
CA GLU A 218 0.91 5.80 -18.02
C GLU A 218 0.04 4.91 -18.91
N ARG A 219 -1.27 4.90 -18.63
CA ARG A 219 -2.26 4.06 -19.30
C ARG A 219 -2.08 2.61 -18.81
N CYS A 220 -2.44 2.34 -17.54
CA CYS A 220 -2.53 0.98 -16.99
C CYS A 220 -3.27 0.00 -17.95
N PRO A 221 -4.44 0.36 -18.50
CA PRO A 221 -5.19 -0.49 -19.41
C PRO A 221 -4.57 -0.55 -20.82
N ARG A 222 -3.86 -1.64 -21.10
CA ARG A 222 -3.20 -1.90 -22.41
C ARG A 222 -3.45 -3.29 -22.95
N GLY A 223 -3.34 -4.31 -22.09
CA GLY A 223 -3.55 -5.71 -22.44
C GLY A 223 -2.95 -6.72 -21.46
N ASP A 224 -1.93 -6.27 -20.70
CA ASP A 224 -1.27 -7.04 -19.64
C ASP A 224 -1.99 -6.85 -18.27
N ASP A 225 -1.52 -7.56 -17.24
CA ASP A 225 -2.10 -7.60 -15.89
C ASP A 225 -1.18 -6.92 -14.86
N ILE A 226 -1.72 -6.39 -13.74
CA ILE A 226 -0.91 -5.74 -12.69
C ILE A 226 0.24 -6.64 -12.21
N LEU A 227 0.00 -7.96 -12.21
CA LEU A 227 0.98 -9.01 -11.90
C LEU A 227 2.27 -8.86 -12.71
N THR A 228 2.18 -8.37 -13.95
CA THR A 228 3.34 -8.12 -14.81
C THR A 228 3.85 -6.70 -14.68
N ILE A 229 2.97 -5.71 -14.46
CA ILE A 229 3.34 -4.30 -14.28
C ILE A 229 4.41 -4.16 -13.18
N LEU A 230 4.23 -4.82 -12.03
CA LEU A 230 5.22 -4.76 -10.94
C LEU A 230 6.62 -5.28 -11.29
N THR A 231 6.75 -6.07 -12.36
CA THR A 231 8.01 -6.63 -12.86
C THR A 231 8.30 -6.14 -14.30
N GLU A 232 7.69 -5.03 -14.73
CA GLU A 232 7.87 -4.46 -16.07
C GLU A 232 9.22 -3.75 -16.25
N VAL A 233 9.77 -3.21 -15.16
CA VAL A 233 11.06 -2.51 -15.12
C VAL A 233 12.15 -3.47 -14.64
N PRO A 251 15.14 -9.78 -5.20
CA PRO A 251 14.34 -8.57 -5.02
C PRO A 251 12.98 -8.63 -5.74
N GLN A 252 12.73 -9.65 -6.56
CA GLN A 252 11.48 -9.87 -7.30
C GLN A 252 10.27 -9.90 -6.33
N PRO A 253 9.16 -9.19 -6.65
CA PRO A 253 7.96 -9.19 -5.81
C PRO A 253 7.27 -10.57 -5.77
N THR A 254 6.44 -10.81 -4.75
CA THR A 254 5.73 -12.10 -4.56
C THR A 254 4.38 -12.04 -5.26
N PHE A 255 4.37 -12.22 -6.58
CA PHE A 255 3.17 -12.17 -7.41
C PHE A 255 2.67 -13.58 -7.76
N THR A 256 1.45 -13.93 -7.31
CA THR A 256 0.85 -15.24 -7.57
C THR A 256 -0.68 -15.18 -7.53
N LEU A 257 -1.34 -15.77 -8.52
CA LEU A 257 -2.80 -15.88 -8.57
C LEU A 257 -3.25 -17.12 -9.37
N ARG A 258 -4.51 -17.54 -9.14
CA ARG A 258 -5.17 -18.66 -9.84
C ARG A 258 -5.79 -18.25 -11.17
N LYS A 259 -6.04 -16.95 -11.35
CA LYS A 259 -6.66 -16.32 -12.53
C LYS A 259 -5.89 -15.06 -12.92
N LYS A 260 -6.14 -14.57 -14.13
CA LYS A 260 -5.45 -13.41 -14.71
C LYS A 260 -6.12 -12.08 -14.29
N LEU A 261 -5.50 -11.40 -13.32
CA LEU A 261 -5.98 -10.14 -12.72
C LEU A 261 -5.59 -8.90 -13.56
N VAL A 262 -6.33 -8.66 -14.65
CA VAL A 262 -6.10 -7.50 -15.54
C VAL A 262 -6.91 -6.31 -15.05
N PHE A 263 -6.40 -5.09 -15.26
CA PHE A 263 -7.10 -3.84 -15.00
C PHE A 263 -7.32 -3.11 -16.33
N PRO A 264 -8.36 -3.49 -17.11
CA PRO A 264 -8.73 -2.81 -18.33
C PRO A 264 -9.34 -1.42 -18.04
N SER A 265 -9.67 -0.68 -19.12
CA SER A 265 -10.17 0.71 -19.06
C SER A 265 -11.50 0.81 -18.30
N ASP A 266 -12.38 -0.16 -18.54
CA ASP A 266 -13.63 -0.40 -17.83
C ASP A 266 -13.43 -1.50 -16.78
N LYS A 11 -8.26 -17.82 -20.30
CA LYS A 11 -7.27 -17.81 -19.22
C LYS A 11 -6.78 -16.38 -18.92
N VAL A 12 -7.31 -15.40 -19.66
CA VAL A 12 -6.93 -14.00 -19.72
C VAL A 12 -8.06 -13.19 -20.37
N TYR A 13 -8.21 -11.93 -19.95
CA TYR A 13 -9.19 -10.96 -20.49
C TYR A 13 -10.66 -11.44 -20.39
N GLN A 14 -10.98 -12.13 -19.29
CA GLN A 14 -12.32 -12.64 -18.98
C GLN A 14 -13.19 -11.61 -18.23
N MET A 15 -12.57 -10.64 -17.53
CA MET A 15 -13.27 -9.59 -16.79
C MET A 15 -13.97 -8.60 -17.74
N LYS A 16 -15.22 -8.93 -18.09
CA LYS A 16 -16.06 -8.15 -19.01
C LYS A 16 -17.33 -7.71 -18.29
N SER A 17 -17.28 -6.52 -17.67
CA SER A 17 -18.39 -5.92 -16.94
C SER A 17 -18.22 -4.40 -16.87
N LYS A 18 -19.09 -3.72 -16.10
CA LYS A 18 -19.01 -2.29 -15.83
C LYS A 18 -18.58 -2.05 -14.37
N PRO A 19 -17.27 -2.10 -14.07
CA PRO A 19 -16.75 -1.87 -12.73
C PRO A 19 -16.92 -0.39 -12.32
N ARG A 20 -16.55 -0.11 -11.07
CA ARG A 20 -16.56 1.23 -10.48
C ARG A 20 -15.27 1.57 -9.76
N GLY A 21 -14.21 0.74 -9.84
CA GLY A 21 -12.92 1.01 -9.21
C GLY A 21 -12.95 0.78 -7.72
N TYR A 22 -13.56 1.71 -6.97
CA TYR A 22 -13.67 1.69 -5.51
C TYR A 22 -12.28 1.53 -4.86
N CYS A 23 -11.27 2.23 -5.40
CA CYS A 23 -9.90 2.15 -4.88
C CYS A 23 -9.80 2.82 -3.50
N LEU A 24 -8.78 2.43 -2.73
CA LEU A 24 -8.52 2.92 -1.37
C LEU A 24 -7.20 3.68 -1.33
N ILE A 25 -7.26 4.93 -0.85
CA ILE A 25 -6.12 5.83 -0.72
C ILE A 25 -6.25 6.58 0.62
N ILE A 26 -5.17 6.59 1.40
CA ILE A 26 -5.06 7.26 2.70
C ILE A 26 -4.00 8.37 2.58
N ASN A 27 -4.43 9.59 2.27
CA ASN A 27 -3.57 10.77 2.20
C ASN A 27 -3.18 11.22 3.62
N ASN A 28 -2.00 10.78 4.08
CA ASN A 28 -1.46 11.21 5.36
C ASN A 28 -1.09 12.71 5.34
N HIS A 29 -1.21 13.36 6.49
CA HIS A 29 -0.93 14.77 6.72
C HIS A 29 -0.16 14.97 8.03
N ASN A 30 -0.71 14.48 9.16
CA ASN A 30 -0.08 14.57 10.48
C ASN A 30 0.95 13.46 10.75
N PHE A 31 1.54 12.86 9.71
CA PHE A 31 2.55 11.79 9.78
C PHE A 31 3.92 12.28 10.28
N ALA A 32 3.93 13.18 11.27
CA ALA A 32 5.14 13.70 11.90
C ALA A 32 5.91 12.61 12.65
N LYS A 33 5.24 11.88 13.56
CA LYS A 33 5.85 10.80 14.36
C LYS A 33 6.51 9.73 13.50
N ALA A 34 6.05 9.57 12.26
CA ALA A 34 6.60 8.69 11.24
C ALA A 34 8.09 8.90 10.99
N ARG A 35 8.65 10.06 11.35
CA ARG A 35 10.09 10.35 11.42
C ARG A 35 10.97 9.23 11.98
N GLU A 36 10.42 8.41 12.88
CA GLU A 36 11.09 7.25 13.44
C GLU A 36 11.23 6.11 12.40
N LYS A 37 10.11 5.60 11.87
CA LYS A 37 10.08 4.48 10.92
C LYS A 37 10.49 4.89 9.51
N VAL A 38 10.02 6.05 9.06
CA VAL A 38 10.20 6.61 7.72
C VAL A 38 10.85 8.01 7.83
N PRO A 39 12.20 8.08 7.94
CA PRO A 39 12.94 9.35 8.07
C PRO A 39 12.82 10.24 6.83
N LYS A 40 12.31 9.71 5.71
CA LYS A 40 11.97 10.44 4.50
C LYS A 40 10.64 11.23 4.58
N LEU A 41 9.87 11.11 5.67
CA LEU A 41 8.62 11.86 5.90
C LEU A 41 8.89 13.16 6.68
N HIS A 42 9.92 13.90 6.26
CA HIS A 42 10.24 15.25 6.76
C HIS A 42 9.95 16.37 5.76
N SER A 43 9.84 16.04 4.46
CA SER A 43 9.47 16.97 3.39
C SER A 43 7.94 17.12 3.22
N ILE A 44 7.15 16.57 4.15
CA ILE A 44 5.70 16.75 4.25
C ILE A 44 5.35 18.17 4.72
N ARG A 45 4.05 18.50 4.84
CA ARG A 45 3.55 19.82 5.30
C ARG A 45 4.04 21.01 4.45
N ASP A 46 4.71 20.73 3.33
CA ASP A 46 5.24 21.67 2.35
C ASP A 46 4.10 22.36 1.59
N ARG A 47 3.48 23.36 2.22
CA ARG A 47 2.38 24.17 1.65
C ARG A 47 2.67 24.68 0.23
N ASN A 48 3.96 24.84 -0.11
CA ASN A 48 4.48 25.20 -1.41
C ASN A 48 4.07 24.22 -2.53
N GLY A 49 3.83 22.95 -2.19
CA GLY A 49 3.41 21.93 -3.15
C GLY A 49 3.50 20.52 -2.59
N THR A 50 2.47 20.07 -1.87
CA THR A 50 2.34 18.72 -1.34
C THR A 50 1.43 17.87 -2.22
N HIS A 51 1.88 16.63 -2.45
CA HIS A 51 1.16 15.64 -3.25
C HIS A 51 1.56 14.23 -2.84
N LEU A 52 2.86 13.91 -2.72
CA LEU A 52 3.38 12.58 -2.35
C LEU A 52 2.84 11.43 -3.22
N ASP A 53 2.34 11.74 -4.41
CA ASP A 53 1.61 10.86 -5.31
C ASP A 53 0.17 10.55 -4.82
N ALA A 54 -0.55 11.52 -4.25
CA ALA A 54 -1.95 11.38 -3.85
C ALA A 54 -2.90 11.44 -5.07
N GLY A 55 -3.22 12.66 -5.54
CA GLY A 55 -4.19 12.89 -6.62
C GLY A 55 -3.73 12.40 -8.00
N ALA A 56 -2.43 12.18 -8.17
CA ALA A 56 -1.84 11.62 -9.38
C ALA A 56 -2.30 10.17 -9.65
N LEU A 57 -2.45 9.36 -8.60
CA LEU A 57 -3.04 8.02 -8.70
C LEU A 57 -4.56 8.13 -8.93
N THR A 58 -5.20 9.15 -8.33
CA THR A 58 -6.63 9.43 -8.49
C THR A 58 -6.99 9.77 -9.92
N THR A 59 -6.43 10.83 -10.49
CA THR A 59 -6.74 11.29 -11.86
C THR A 59 -6.58 10.17 -12.88
N THR A 60 -5.64 9.26 -12.64
CA THR A 60 -5.40 8.06 -13.46
C THR A 60 -6.61 7.14 -13.43
N PHE A 61 -7.13 6.79 -12.24
CA PHE A 61 -8.31 5.94 -12.14
C PHE A 61 -9.60 6.68 -12.57
N GLU A 62 -9.69 8.00 -12.36
CA GLU A 62 -10.85 8.83 -12.75
C GLU A 62 -11.15 8.71 -14.26
N GLU A 63 -10.13 8.79 -15.11
CA GLU A 63 -10.27 8.64 -16.56
C GLU A 63 -10.35 7.18 -17.05
N LEU A 64 -10.07 6.20 -16.16
CA LEU A 64 -10.15 4.75 -16.40
C LEU A 64 -11.52 4.18 -15.97
N HIS A 65 -12.54 5.03 -15.82
CA HIS A 65 -13.90 4.64 -15.43
C HIS A 65 -13.99 4.12 -13.98
N PHE A 66 -12.99 4.41 -13.15
CA PHE A 66 -12.90 3.95 -11.77
C PHE A 66 -13.15 5.11 -10.80
N GLU A 67 -13.64 4.78 -9.59
CA GLU A 67 -13.91 5.69 -8.49
C GLU A 67 -12.75 5.66 -7.47
N ILE A 68 -12.49 6.82 -6.88
CA ILE A 68 -11.36 7.09 -5.99
C ILE A 68 -11.85 7.98 -4.86
N LYS A 69 -11.85 7.44 -3.64
CA LYS A 69 -12.21 8.14 -2.41
C LYS A 69 -10.98 8.30 -1.52
N PRO A 70 -10.11 9.31 -1.78
CA PRO A 70 -8.93 9.56 -0.96
C PRO A 70 -9.33 10.12 0.41
N HIS A 71 -9.11 9.32 1.45
CA HIS A 71 -9.30 9.73 2.85
C HIS A 71 -8.13 10.58 3.35
N ASP A 72 -8.38 11.31 4.43
CA ASP A 72 -7.41 12.13 5.17
C ASP A 72 -6.51 11.30 6.11
N ASP A 73 -5.71 11.97 6.95
CA ASP A 73 -4.73 11.36 7.84
C ASP A 73 -5.37 10.39 8.83
N CYS A 74 -5.10 9.11 8.62
CA CYS A 74 -5.69 8.01 9.35
C CYS A 74 -4.64 6.91 9.54
N THR A 75 -3.87 7.03 10.63
CA THR A 75 -2.91 6.02 11.09
C THR A 75 -3.62 4.72 11.46
N VAL A 76 -2.88 3.68 11.86
CA VAL A 76 -3.43 2.38 12.28
C VAL A 76 -4.64 2.46 13.23
N GLU A 77 -4.61 3.41 14.18
CA GLU A 77 -5.67 3.68 15.14
C GLU A 77 -7.02 3.99 14.45
N GLN A 78 -6.97 4.57 13.25
CA GLN A 78 -8.10 4.84 12.37
C GLN A 78 -8.30 3.72 11.34
N ILE A 79 -7.24 3.06 10.85
CA ILE A 79 -7.36 1.90 9.93
C ILE A 79 -8.23 0.78 10.52
N TYR A 80 -8.25 0.64 11.86
CA TYR A 80 -9.19 -0.21 12.60
C TYR A 80 -10.68 0.03 12.28
N GLU A 81 -11.05 1.19 11.73
CA GLU A 81 -12.40 1.42 11.20
C GLU A 81 -12.58 0.77 9.83
N ILE A 82 -11.59 0.91 8.95
CA ILE A 82 -11.63 0.38 7.59
C ILE A 82 -11.64 -1.16 7.57
N LEU A 83 -11.06 -1.79 8.61
CA LEU A 83 -11.07 -3.24 8.79
C LEU A 83 -12.47 -3.86 8.80
N LYS A 84 -13.48 -3.15 9.33
CA LYS A 84 -14.88 -3.60 9.30
C LYS A 84 -15.69 -3.00 8.15
N ILE A 85 -15.33 -1.80 7.67
CA ILE A 85 -16.03 -1.14 6.54
C ILE A 85 -16.06 -2.04 5.29
N TYR A 86 -14.98 -2.78 5.03
CA TYR A 86 -14.91 -3.73 3.90
C TYR A 86 -16.08 -4.73 3.91
N GLN A 87 -16.57 -5.10 5.11
CA GLN A 87 -17.70 -6.00 5.28
C GLN A 87 -19.04 -5.30 5.01
N LEU A 88 -19.18 -4.03 5.44
CA LEU A 88 -20.36 -3.19 5.22
C LEU A 88 -20.61 -2.91 3.73
N MET A 89 -19.57 -2.99 2.90
CA MET A 89 -19.67 -2.80 1.46
C MET A 89 -20.54 -3.89 0.80
N ASP A 90 -20.15 -5.17 0.97
CA ASP A 90 -20.77 -6.38 0.41
C ASP A 90 -21.27 -6.22 -1.05
N HIS A 91 -20.33 -6.01 -1.97
CA HIS A 91 -20.64 -5.77 -3.39
C HIS A 91 -20.83 -7.07 -4.17
N SER A 92 -19.77 -7.89 -4.28
CA SER A 92 -19.74 -9.13 -5.09
C SER A 92 -20.04 -8.96 -6.59
N ASN A 93 -20.15 -7.72 -7.08
CA ASN A 93 -20.54 -7.38 -8.46
C ASN A 93 -19.34 -7.12 -9.38
N MET A 94 -18.25 -6.54 -8.84
CA MET A 94 -16.98 -6.36 -9.55
C MET A 94 -16.00 -7.50 -9.25
N ASP A 95 -15.01 -7.66 -10.13
CA ASP A 95 -13.92 -8.66 -10.03
C ASP A 95 -12.55 -7.99 -10.02
N CYS A 96 -12.46 -6.83 -9.36
CA CYS A 96 -11.24 -6.05 -9.19
C CYS A 96 -11.23 -5.38 -7.82
N PHE A 97 -10.05 -5.30 -7.17
CA PHE A 97 -9.85 -4.57 -5.92
C PHE A 97 -8.36 -4.24 -5.73
N ILE A 98 -8.06 -3.09 -5.10
CA ILE A 98 -6.68 -2.67 -4.79
C ILE A 98 -6.65 -2.03 -3.40
N CYS A 99 -5.57 -2.29 -2.65
CA CYS A 99 -5.30 -1.75 -1.32
C CYS A 99 -3.96 -0.99 -1.33
N CYS A 100 -4.01 0.32 -1.61
CA CYS A 100 -2.85 1.20 -1.64
C CYS A 100 -2.65 1.86 -0.28
N ILE A 101 -1.62 1.43 0.48
CA ILE A 101 -1.31 1.95 1.82
C ILE A 101 0.05 2.66 1.81
N LEU A 102 0.16 3.72 2.62
CA LEU A 102 1.37 4.52 2.78
C LEU A 102 2.00 4.33 4.17
N SER A 103 1.18 4.13 5.21
CA SER A 103 1.62 3.91 6.60
C SER A 103 2.47 2.65 6.74
N HIS A 104 3.79 2.80 6.76
CA HIS A 104 4.76 1.71 6.89
C HIS A 104 5.29 1.63 8.32
N GLY A 105 5.69 0.42 8.74
CA GLY A 105 6.17 0.11 10.07
C GLY A 105 6.52 -1.36 10.19
N ASP A 106 6.43 -1.88 11.41
CA ASP A 106 6.72 -3.28 11.70
C ASP A 106 5.78 -3.88 12.74
N LYS A 107 6.04 -5.12 13.17
CA LYS A 107 5.26 -5.82 14.18
C LYS A 107 5.90 -5.77 15.58
N GLY A 108 7.22 -5.67 15.64
CA GLY A 108 8.01 -5.58 16.87
C GLY A 108 8.39 -4.16 17.29
N ILE A 109 7.71 -3.14 16.73
CA ILE A 109 7.90 -1.73 17.06
C ILE A 109 7.02 -1.31 18.25
N ILE A 110 7.23 -0.09 18.72
CA ILE A 110 6.50 0.58 19.79
C ILE A 110 5.32 1.37 19.19
N TYR A 111 4.23 1.47 19.96
CA TYR A 111 3.09 2.34 19.66
C TYR A 111 3.47 3.81 19.76
N GLY A 112 3.30 4.55 18.66
CA GLY A 112 3.56 6.00 18.65
C GLY A 112 2.80 6.79 17.60
N THR A 113 1.80 6.18 16.92
CA THR A 113 1.05 6.83 15.81
C THR A 113 2.01 7.29 14.69
N ASP A 114 3.14 6.60 14.56
CA ASP A 114 4.24 6.93 13.66
C ASP A 114 4.14 6.15 12.36
N GLY A 115 3.99 4.83 12.45
CA GLY A 115 3.82 3.96 11.31
C GLY A 115 2.52 3.20 11.42
N GLN A 116 2.53 2.14 12.22
CA GLN A 116 1.40 1.27 12.46
C GLN A 116 1.62 0.46 13.73
N GLU A 117 0.59 -0.27 14.17
CA GLU A 117 0.60 -1.13 15.34
C GLU A 117 -0.38 -2.29 15.10
N ALA A 118 -0.51 -3.18 16.10
CA ALA A 118 -1.36 -4.37 16.10
C ALA A 118 -0.89 -5.48 15.12
N PRO A 119 -1.32 -6.74 15.33
CA PRO A 119 -0.95 -7.86 14.47
C PRO A 119 -1.69 -7.82 13.13
N ILE A 120 -0.96 -7.54 12.04
CA ILE A 120 -1.50 -7.56 10.68
C ILE A 120 -2.17 -8.90 10.32
N TYR A 121 -1.62 -10.02 10.79
CA TYR A 121 -2.13 -11.38 10.56
C TYR A 121 -3.52 -11.61 11.14
N GLU A 122 -3.83 -11.04 12.31
CA GLU A 122 -5.13 -11.19 12.97
C GLU A 122 -6.15 -10.29 12.29
N LEU A 123 -5.76 -9.04 12.01
CA LEU A 123 -6.58 -8.09 11.27
C LEU A 123 -6.94 -8.67 9.90
N THR A 124 -6.00 -9.30 9.18
CA THR A 124 -6.29 -9.94 7.90
C THR A 124 -6.97 -11.30 8.01
N SER A 125 -6.89 -11.98 9.18
CA SER A 125 -7.54 -13.28 9.42
C SER A 125 -9.07 -13.18 9.50
N GLN A 126 -9.61 -11.98 9.70
CA GLN A 126 -11.06 -11.76 9.60
C GLN A 126 -11.56 -11.74 8.14
N PHE A 127 -10.68 -11.68 7.13
CA PHE A 127 -11.05 -11.73 5.71
C PHE A 127 -11.30 -13.16 5.20
N THR A 128 -11.35 -14.18 6.07
CA THR A 128 -11.65 -15.57 5.68
C THR A 128 -12.96 -15.67 4.90
N GLY A 129 -12.96 -16.42 3.80
CA GLY A 129 -14.14 -16.63 2.93
C GLY A 129 -15.36 -17.26 3.60
N LEU A 130 -15.20 -17.74 4.84
CA LEU A 130 -16.25 -18.31 5.67
C LEU A 130 -16.75 -17.35 6.76
N LYS A 131 -15.95 -16.34 7.14
CA LYS A 131 -16.24 -15.37 8.20
C LYS A 131 -16.62 -13.99 7.64
N CYS A 132 -16.13 -13.68 6.45
CA CYS A 132 -16.35 -12.46 5.69
C CYS A 132 -16.42 -12.78 4.19
N PRO A 133 -17.53 -13.35 3.68
CA PRO A 133 -17.69 -13.65 2.24
C PRO A 133 -17.70 -12.39 1.36
N SER A 134 -17.85 -11.21 1.97
CA SER A 134 -17.78 -9.87 1.37
C SER A 134 -16.42 -9.62 0.73
N LEU A 135 -16.24 -10.10 -0.51
CA LEU A 135 -15.06 -9.88 -1.36
C LEU A 135 -13.79 -10.63 -0.87
N ALA A 136 -13.95 -11.77 -0.21
CA ALA A 136 -12.85 -12.56 0.36
C ALA A 136 -12.06 -13.37 -0.69
N GLY A 137 -12.75 -14.16 -1.51
CA GLY A 137 -12.13 -14.96 -2.58
C GLY A 137 -11.87 -14.17 -3.85
N LYS A 138 -12.29 -12.89 -3.91
CA LYS A 138 -12.09 -12.01 -5.05
C LYS A 138 -10.61 -11.59 -5.20
N PRO A 139 -10.18 -11.25 -6.42
CA PRO A 139 -8.81 -10.78 -6.67
C PRO A 139 -8.57 -9.42 -6.02
N LYS A 140 -7.38 -9.27 -5.43
CA LYS A 140 -6.92 -8.05 -4.77
C LYS A 140 -5.43 -7.85 -5.01
N VAL A 141 -5.00 -6.60 -5.04
CA VAL A 141 -3.61 -6.19 -5.24
C VAL A 141 -3.23 -5.11 -4.23
N PHE A 142 -2.07 -5.24 -3.59
CA PHE A 142 -1.56 -4.27 -2.61
C PHE A 142 -0.11 -3.89 -2.92
N PHE A 143 0.10 -2.65 -3.36
CA PHE A 143 1.42 -2.10 -3.65
C PHE A 143 2.16 -1.76 -2.35
N ILE A 144 3.30 -2.41 -2.10
CA ILE A 144 4.09 -2.20 -0.87
C ILE A 144 5.39 -1.46 -1.20
N GLN A 145 5.70 -0.41 -0.44
CA GLN A 145 6.91 0.39 -0.64
C GLN A 145 8.07 -0.18 0.18
N ALA A 146 8.92 -0.97 -0.48
CA ALA A 146 10.11 -1.59 0.11
C ALA A 146 11.44 -1.08 -0.50
N ALA A 147 11.40 0.00 -1.31
CA ALA A 147 12.58 0.63 -1.91
C ALA A 147 13.47 1.31 -0.87
N GLN A 148 12.89 2.18 -0.03
CA GLN A 148 13.61 2.94 0.98
C GLN A 148 12.70 3.23 2.18
N GLY A 149 13.24 3.03 3.40
CA GLY A 149 12.53 3.29 4.65
C GLY A 149 13.46 3.17 5.86
N ASP A 150 13.76 1.94 6.26
CA ASP A 150 14.70 1.63 7.35
C ASP A 150 16.15 1.58 6.82
N ASN A 151 17.10 2.05 7.64
CA ASN A 151 18.53 2.00 7.34
C ASN A 151 19.34 1.75 8.61
N TYR A 152 20.58 1.26 8.45
CA TYR A 152 21.47 0.96 9.57
C TYR A 152 22.91 1.37 9.24
N GLN A 153 23.60 1.98 10.20
CA GLN A 153 25.01 2.35 10.09
C GLN A 153 25.62 2.52 11.49
N LYS A 154 26.95 2.38 11.59
CA LYS A 154 27.76 2.58 12.81
C LYS A 154 27.54 3.94 13.49
N GLY A 155 27.26 4.96 12.68
CA GLY A 155 27.00 6.34 13.06
C GLY A 155 27.17 7.23 11.83
N ILE A 156 26.34 8.25 11.72
CA ILE A 156 26.33 9.24 10.64
C ILE A 156 26.13 10.66 11.21
N PRO A 157 26.47 11.72 10.45
CA PRO A 157 26.26 13.10 10.88
C PRO A 157 24.82 13.59 10.71
N VAL A 158 24.02 12.94 9.86
CA VAL A 158 22.61 13.25 9.69
C VAL A 158 21.82 12.92 10.97
N GLU A 159 20.81 13.71 11.27
CA GLU A 159 19.93 13.50 12.41
C GLU A 159 18.49 13.69 11.94
N THR A 160 17.54 13.26 12.78
CA THR A 160 16.11 13.45 12.53
C THR A 160 15.74 14.92 12.76
N ASP A 161 14.62 15.36 12.18
CA ASP A 161 14.10 16.71 12.43
C ASP A 161 13.01 16.69 13.53
N SER A 162 12.94 17.76 14.33
CA SER A 162 12.01 17.89 15.47
C SER A 162 12.15 16.74 16.48
N GLU A 163 13.38 16.44 16.89
CA GLU A 163 13.69 15.41 17.87
C GLU A 163 13.07 15.74 19.25
N GLU A 164 12.77 14.73 20.07
CA GLU A 164 12.28 14.97 21.43
C GLU A 164 13.39 15.54 22.33
N GLN A 165 13.10 15.81 23.62
CA GLN A 165 14.07 16.28 24.62
C GLN A 165 15.46 15.61 24.48
N PRO A 166 15.57 14.27 24.58
CA PRO A 166 16.83 13.58 24.36
C PRO A 166 17.26 13.57 22.89
N TYR A 167 16.40 13.07 21.99
CA TYR A 167 16.63 12.79 20.57
C TYR A 167 15.38 12.17 19.91
N LEU A 168 15.53 11.64 18.69
CA LEU A 168 14.55 10.82 17.98
C LEU A 168 14.26 9.50 18.70
N GLU A 169 13.30 8.73 18.18
CA GLU A 169 12.97 7.41 18.67
C GLU A 169 13.78 6.34 17.89
N MET A 170 13.94 5.15 18.47
CA MET A 170 14.62 4.00 17.84
C MET A 170 13.84 2.73 18.12
N ASP A 171 13.70 1.91 17.07
CA ASP A 171 13.06 0.61 17.09
C ASP A 171 13.65 -0.24 15.96
N LEU A 172 14.16 -1.44 16.29
CA LEU A 172 14.61 -2.46 15.34
C LEU A 172 15.33 -1.91 14.08
N SER A 173 16.14 -0.85 14.26
CA SER A 173 16.84 -0.10 13.20
C SER A 173 17.81 -0.97 12.40
N SER A 174 18.19 -2.12 12.95
CA SER A 174 18.95 -3.17 12.27
C SER A 174 18.19 -3.72 11.04
N PRO A 175 18.92 -4.24 10.04
CA PRO A 175 18.32 -4.74 8.79
C PRO A 175 17.45 -5.99 9.02
N GLN A 176 16.15 -5.80 9.24
CA GLN A 176 15.18 -6.88 9.49
C GLN A 176 14.23 -7.08 8.31
N THR A 177 14.12 -8.34 7.87
CA THR A 177 13.21 -8.76 6.80
C THR A 177 11.79 -8.91 7.35
N ARG A 178 10.80 -8.52 6.52
CA ARG A 178 9.36 -8.61 6.79
C ARG A 178 8.84 -10.03 6.51
N TYR A 179 7.57 -10.27 6.89
CA TYR A 179 6.86 -11.52 6.61
C TYR A 179 6.42 -11.61 5.14
N ILE A 180 5.90 -12.78 4.75
CA ILE A 180 5.32 -13.04 3.44
C ILE A 180 4.26 -14.17 3.54
N PRO A 181 3.03 -14.00 3.01
CA PRO A 181 2.04 -15.08 2.92
C PRO A 181 2.40 -16.12 1.86
N ASP A 182 2.31 -17.41 2.21
CA ASP A 182 2.56 -18.55 1.31
C ASP A 182 1.31 -19.04 0.54
N GLU A 183 0.22 -18.26 0.56
CA GLU A 183 -1.02 -18.53 -0.18
C GLU A 183 -0.86 -18.34 -1.70
N ALA A 184 -1.92 -18.69 -2.45
CA ALA A 184 -2.02 -18.50 -3.89
C ALA A 184 -3.29 -17.73 -4.26
N ASP A 185 -3.50 -17.50 -5.56
CA ASP A 185 -4.66 -16.83 -6.15
C ASP A 185 -4.71 -15.32 -5.81
N PHE A 186 -3.55 -14.75 -5.47
CA PHE A 186 -3.38 -13.36 -5.03
C PHE A 186 -2.09 -12.73 -5.59
N LEU A 187 -1.90 -11.44 -5.30
CA LEU A 187 -0.77 -10.64 -5.73
C LEU A 187 -0.17 -9.86 -4.56
N LEU A 188 1.17 -9.88 -4.44
CA LEU A 188 1.93 -9.12 -3.45
C LEU A 188 2.79 -8.04 -4.12
N GLY A 189 2.65 -6.79 -3.66
CA GLY A 189 3.50 -5.69 -4.09
C GLY A 189 4.81 -5.55 -3.29
N MET A 190 5.17 -6.52 -2.44
CA MET A 190 6.44 -6.54 -1.72
C MET A 190 7.60 -6.86 -2.66
N ALA A 191 8.57 -5.96 -2.76
CA ALA A 191 9.81 -6.13 -3.49
C ALA A 191 10.98 -6.20 -2.50
N PRO A 202 30.13 -4.90 -9.79
CA PRO A 202 28.70 -5.18 -9.91
C PRO A 202 27.96 -3.99 -10.53
N ALA A 203 26.91 -4.29 -11.30
CA ALA A 203 26.02 -3.28 -11.87
C ALA A 203 25.26 -2.50 -10.77
N GLU A 204 24.70 -1.35 -11.17
CA GLU A 204 24.00 -0.45 -10.24
C GLU A 204 22.70 -1.06 -9.71
N GLY A 205 21.89 -1.64 -10.62
CA GLY A 205 20.60 -2.27 -10.35
C GLY A 205 19.49 -1.25 -10.10
N THR A 206 18.83 -0.76 -11.16
CA THR A 206 17.69 0.17 -11.06
C THR A 206 16.55 -0.48 -10.26
N TRP A 207 16.12 0.16 -9.16
CA TRP A 207 14.98 -0.27 -8.36
C TRP A 207 14.42 0.88 -7.51
N TYR A 208 13.28 1.45 -7.92
CA TYR A 208 12.61 2.55 -7.21
C TYR A 208 11.09 2.52 -7.40
N ILE A 209 10.35 2.26 -6.31
CA ILE A 209 8.87 2.24 -6.30
C ILE A 209 8.25 3.57 -6.76
N GLN A 210 8.99 4.67 -6.61
CA GLN A 210 8.61 5.99 -7.12
C GLN A 210 8.37 5.93 -8.63
N SER A 211 9.29 5.32 -9.38
CA SER A 211 9.14 5.11 -10.82
C SER A 211 8.13 4.01 -11.19
N LEU A 212 7.62 3.24 -10.23
CA LEU A 212 6.58 2.22 -10.44
C LEU A 212 5.19 2.85 -10.33
N CYS A 213 4.84 3.42 -9.17
CA CYS A 213 3.50 3.99 -8.95
C CYS A 213 3.20 5.19 -9.86
N GLN A 214 4.24 5.77 -10.48
CA GLN A 214 4.12 6.82 -11.50
C GLN A 214 4.16 6.33 -12.94
N SER A 215 4.60 5.10 -13.21
CA SER A 215 4.68 4.55 -14.56
C SER A 215 3.50 3.62 -14.83
N LEU A 216 3.18 2.69 -13.91
CA LEU A 216 2.05 1.77 -14.00
C LEU A 216 0.74 2.47 -14.38
N ARG A 217 0.54 3.68 -13.84
CA ARG A 217 -0.61 4.55 -14.08
C ARG A 217 -0.87 4.75 -15.59
N GLU A 218 0.20 4.86 -16.36
CA GLU A 218 0.24 5.09 -17.80
C GLU A 218 0.85 3.89 -18.55
N ARG A 219 0.96 2.73 -17.87
CA ARG A 219 1.45 1.46 -18.43
C ARG A 219 0.41 0.35 -18.42
N CYS A 220 -0.57 0.38 -17.51
CA CYS A 220 -1.72 -0.53 -17.50
C CYS A 220 -2.42 -0.68 -18.88
N PRO A 221 -2.93 0.39 -19.51
CA PRO A 221 -3.69 0.31 -20.77
C PRO A 221 -2.78 0.01 -22.00
N ARG A 222 -2.13 -1.16 -22.02
CA ARG A 222 -1.18 -1.57 -23.08
C ARG A 222 -1.34 -3.03 -23.51
N GLY A 223 -1.39 -3.97 -22.54
CA GLY A 223 -1.54 -5.41 -22.80
C GLY A 223 -0.69 -6.33 -21.91
N ASP A 224 0.28 -5.76 -21.20
CA ASP A 224 1.04 -6.40 -20.13
C ASP A 224 0.19 -6.62 -18.86
N ASP A 225 0.60 -7.55 -17.98
CA ASP A 225 -0.12 -7.85 -16.74
C ASP A 225 0.42 -7.05 -15.56
N ILE A 226 -0.49 -6.47 -14.75
CA ILE A 226 -0.10 -5.67 -13.57
C ILE A 226 0.83 -6.44 -12.61
N LEU A 227 0.72 -7.78 -12.62
CA LEU A 227 1.58 -8.70 -11.88
C LEU A 227 3.05 -8.55 -12.25
N THR A 228 3.34 -8.31 -13.53
CA THR A 228 4.68 -8.03 -14.04
C THR A 228 5.04 -6.57 -13.84
N ILE A 229 4.08 -5.65 -14.03
CA ILE A 229 4.29 -4.19 -13.90
C ILE A 229 4.98 -3.81 -12.59
N LEU A 230 4.70 -4.51 -11.48
CA LEU A 230 5.42 -4.36 -10.20
C LEU A 230 6.94 -4.39 -10.31
N THR A 231 7.46 -5.04 -11.34
CA THR A 231 8.89 -5.17 -11.63
C THR A 231 9.30 -4.43 -12.90
N GLU A 232 8.43 -3.58 -13.49
CA GLU A 232 8.72 -2.83 -14.72
C GLU A 232 9.97 -1.94 -14.61
N VAL A 233 10.23 -1.44 -13.40
CA VAL A 233 11.37 -0.59 -13.08
C VAL A 233 12.57 -1.36 -12.53
N PRO A 251 15.75 -12.72 -6.20
CA PRO A 251 15.23 -11.39 -5.87
C PRO A 251 14.01 -11.02 -6.72
N GLN A 252 12.81 -11.25 -6.19
CA GLN A 252 11.54 -11.00 -6.89
C GLN A 252 10.35 -10.98 -5.91
N PRO A 253 9.21 -10.36 -6.28
CA PRO A 253 7.99 -10.39 -5.49
C PRO A 253 7.34 -11.79 -5.46
N THR A 254 6.31 -11.94 -4.62
CA THR A 254 5.54 -13.18 -4.49
C THR A 254 4.32 -13.15 -5.42
N PHE A 255 4.45 -13.76 -6.59
CA PHE A 255 3.39 -13.88 -7.59
C PHE A 255 2.97 -15.35 -7.74
N THR A 256 1.70 -15.64 -7.44
CA THR A 256 1.14 -16.99 -7.49
C THR A 256 -0.35 -16.95 -7.82
N LEU A 257 -0.67 -17.12 -9.11
CA LEU A 257 -2.03 -17.11 -9.66
C LEU A 257 -2.19 -18.17 -10.75
N ARG A 258 -3.36 -18.82 -10.79
CA ARG A 258 -3.71 -19.84 -11.81
C ARG A 258 -4.22 -19.22 -13.11
N LYS A 259 -4.80 -18.02 -13.04
CA LYS A 259 -5.36 -17.26 -14.17
C LYS A 259 -4.61 -15.94 -14.32
N LYS A 260 -4.70 -15.33 -15.50
CA LYS A 260 -4.08 -14.02 -15.76
C LYS A 260 -4.86 -12.90 -15.05
N LEU A 261 -4.15 -11.86 -14.61
CA LEU A 261 -4.70 -10.70 -13.90
C LEU A 261 -4.31 -9.39 -14.60
N VAL A 262 -4.43 -9.35 -15.93
CA VAL A 262 -4.17 -8.14 -16.72
C VAL A 262 -5.23 -7.08 -16.44
N PHE A 263 -4.80 -5.82 -16.41
CA PHE A 263 -5.67 -4.66 -16.23
C PHE A 263 -5.93 -3.98 -17.59
N PRO A 264 -7.10 -4.20 -18.21
CA PRO A 264 -7.44 -3.57 -19.49
C PRO A 264 -7.69 -2.06 -19.35
N SER A 265 -7.83 -1.38 -20.50
CA SER A 265 -8.10 0.05 -20.58
C SER A 265 -9.59 0.42 -20.43
N ASP A 266 -10.49 -0.55 -20.61
CA ASP A 266 -11.95 -0.38 -20.52
C ASP A 266 -12.44 -0.35 -19.05
N LYS A 11 -11.69 -16.38 -13.22
CA LYS A 11 -10.87 -16.55 -14.40
C LYS A 11 -10.17 -15.24 -14.76
N VAL A 12 -9.10 -15.35 -15.54
CA VAL A 12 -8.38 -14.21 -16.10
C VAL A 12 -9.33 -13.37 -16.97
N TYR A 13 -9.15 -12.04 -16.99
CA TYR A 13 -9.92 -11.06 -17.75
C TYR A 13 -11.46 -11.17 -17.61
N GLN A 14 -11.96 -11.96 -16.65
CA GLN A 14 -13.37 -12.34 -16.49
C GLN A 14 -14.11 -11.41 -15.52
N MET A 15 -13.74 -10.14 -15.55
CA MET A 15 -14.28 -9.09 -14.71
C MET A 15 -15.25 -8.20 -15.50
N LYS A 16 -16.39 -8.80 -15.86
CA LYS A 16 -17.49 -8.13 -16.57
C LYS A 16 -18.75 -8.10 -15.69
N SER A 17 -19.82 -7.48 -16.21
CA SER A 17 -21.11 -7.29 -15.52
C SER A 17 -21.01 -6.47 -14.22
N LYS A 18 -19.95 -5.66 -14.09
CA LYS A 18 -19.65 -4.87 -12.91
C LYS A 18 -19.63 -3.36 -13.23
N PRO A 19 -19.58 -2.50 -12.19
CA PRO A 19 -19.46 -1.06 -12.37
C PRO A 19 -18.06 -0.68 -12.87
N ARG A 20 -17.79 0.63 -12.86
CA ARG A 20 -16.50 1.24 -13.18
C ARG A 20 -15.35 0.63 -12.37
N GLY A 21 -15.59 0.37 -11.07
CA GLY A 21 -14.64 -0.22 -10.12
C GLY A 21 -14.40 0.71 -8.93
N TYR A 22 -14.10 0.16 -7.75
CA TYR A 22 -13.87 0.91 -6.51
C TYR A 22 -12.63 0.38 -5.78
N CYS A 23 -11.45 0.95 -6.06
CA CYS A 23 -10.21 0.56 -5.35
C CYS A 23 -10.03 1.33 -4.03
N LEU A 24 -9.04 0.93 -3.24
CA LEU A 24 -8.73 1.43 -1.91
C LEU A 24 -7.32 2.05 -1.87
N ILE A 25 -7.26 3.35 -1.56
CA ILE A 25 -6.03 4.13 -1.40
C ILE A 25 -5.95 4.63 0.03
N ILE A 26 -4.80 4.47 0.69
CA ILE A 26 -4.54 4.95 2.03
C ILE A 26 -3.22 5.73 2.01
N ASN A 27 -3.14 6.83 2.76
CA ASN A 27 -1.96 7.68 2.92
C ASN A 27 -1.85 8.21 4.36
N ASN A 28 -0.75 8.94 4.64
CA ASN A 28 -0.50 9.60 5.91
C ASN A 28 -0.01 11.04 5.68
N HIS A 29 -0.23 11.89 6.69
CA HIS A 29 0.22 13.28 6.70
C HIS A 29 1.55 13.46 7.44
N ASN A 30 1.81 12.62 8.44
CA ASN A 30 3.05 12.61 9.20
C ASN A 30 3.63 11.20 9.18
N PHE A 31 4.94 11.09 8.98
CA PHE A 31 5.71 9.84 9.04
C PHE A 31 7.05 10.02 9.77
N ALA A 32 7.28 11.21 10.37
CA ALA A 32 8.50 11.51 11.12
C ALA A 32 8.65 10.54 12.31
N LYS A 33 7.53 10.11 12.92
CA LYS A 33 7.53 9.18 14.04
C LYS A 33 7.59 7.71 13.63
N ALA A 34 7.82 7.46 12.34
CA ALA A 34 7.90 6.13 11.76
C ALA A 34 9.35 5.66 11.56
N ARG A 35 10.36 6.51 11.88
CA ARG A 35 11.80 6.25 11.73
C ARG A 35 12.35 5.00 12.44
N GLU A 36 11.52 4.35 13.24
CA GLU A 36 11.84 3.19 14.04
C GLU A 36 11.00 2.00 13.60
N LYS A 37 9.66 2.14 13.62
CA LYS A 37 8.73 1.11 13.13
C LYS A 37 8.95 0.77 11.65
N VAL A 38 9.32 1.76 10.84
CA VAL A 38 9.54 1.69 9.39
C VAL A 38 10.60 2.72 8.94
N PRO A 39 11.90 2.46 9.17
CA PRO A 39 13.06 3.28 8.74
C PRO A 39 13.29 3.21 7.22
N LYS A 40 12.22 3.38 6.47
CA LYS A 40 12.12 3.40 5.02
C LYS A 40 11.20 4.51 4.52
N LEU A 41 10.37 5.12 5.38
CA LEU A 41 9.47 6.23 5.02
C LEU A 41 10.18 7.59 4.93
N HIS A 42 11.49 7.65 5.18
CA HIS A 42 12.32 8.84 5.07
C HIS A 42 13.16 8.87 3.79
N SER A 43 13.59 7.70 3.28
CA SER A 43 14.35 7.57 2.03
C SER A 43 13.45 7.68 0.79
N ILE A 44 12.14 7.49 0.95
CA ILE A 44 11.15 7.70 -0.11
C ILE A 44 11.25 9.11 -0.70
N ARG A 45 11.04 9.23 -2.01
CA ARG A 45 11.03 10.49 -2.75
C ARG A 45 9.61 10.91 -3.17
N ASP A 46 8.60 10.31 -2.55
CA ASP A 46 7.20 10.66 -2.77
C ASP A 46 6.87 12.04 -2.20
N ARG A 47 7.63 12.51 -1.19
CA ARG A 47 7.53 13.84 -0.54
C ARG A 47 6.09 14.31 -0.36
N ASN A 48 5.22 13.38 0.04
CA ASN A 48 3.78 13.58 0.13
C ASN A 48 3.48 14.75 1.08
N GLY A 49 3.92 14.63 2.34
CA GLY A 49 3.66 15.58 3.40
C GLY A 49 2.15 15.78 3.57
N THR A 50 1.65 16.96 3.23
CA THR A 50 0.22 17.33 3.30
C THR A 50 -0.66 16.45 2.42
N HIS A 51 -1.96 16.37 2.75
CA HIS A 51 -2.97 15.62 2.01
C HIS A 51 -3.10 15.99 0.51
N LEU A 52 -2.53 17.13 0.11
CA LEU A 52 -2.44 17.59 -1.27
C LEU A 52 -1.83 16.54 -2.20
N ASP A 53 -0.87 15.76 -1.70
CA ASP A 53 -0.27 14.65 -2.43
C ASP A 53 -1.30 13.61 -2.90
N ALA A 54 -2.31 13.32 -2.07
CA ALA A 54 -3.36 12.36 -2.39
C ALA A 54 -4.10 12.70 -3.70
N GLY A 55 -4.11 13.99 -4.09
CA GLY A 55 -4.59 14.47 -5.39
C GLY A 55 -3.84 13.83 -6.56
N ALA A 56 -2.50 13.87 -6.52
CA ALA A 56 -1.63 13.27 -7.53
C ALA A 56 -1.55 11.74 -7.44
N LEU A 57 -2.09 11.13 -6.38
CA LEU A 57 -2.25 9.68 -6.25
C LEU A 57 -3.57 9.20 -6.83
N THR A 58 -4.69 9.84 -6.43
CA THR A 58 -6.01 9.48 -6.94
C THR A 58 -6.16 9.80 -8.42
N THR A 59 -5.53 10.85 -8.95
CA THR A 59 -5.59 11.20 -10.38
C THR A 59 -5.32 10.00 -11.30
N THR A 60 -4.26 9.23 -10.99
CA THR A 60 -3.87 8.01 -11.71
C THR A 60 -4.92 6.92 -11.66
N PHE A 61 -5.62 6.83 -10.53
CA PHE A 61 -6.69 5.87 -10.30
C PHE A 61 -8.05 6.43 -10.80
N GLU A 62 -8.08 7.60 -11.44
CA GLU A 62 -9.28 8.22 -12.01
C GLU A 62 -9.27 8.23 -13.55
N GLU A 63 -8.09 8.08 -14.17
CA GLU A 63 -7.92 8.06 -15.63
C GLU A 63 -8.20 6.68 -16.26
N LEU A 64 -8.55 5.69 -15.43
CA LEU A 64 -8.85 4.29 -15.80
C LEU A 64 -10.34 3.95 -15.78
N HIS A 65 -11.21 4.95 -15.55
CA HIS A 65 -12.66 4.80 -15.51
C HIS A 65 -13.13 3.95 -14.32
N PHE A 66 -12.79 4.36 -13.10
CA PHE A 66 -13.21 3.72 -11.86
C PHE A 66 -13.19 4.73 -10.71
N GLU A 67 -14.06 4.59 -9.70
CA GLU A 67 -14.04 5.43 -8.50
C GLU A 67 -12.90 5.00 -7.56
N ILE A 68 -12.53 5.87 -6.61
CA ILE A 68 -11.43 5.61 -5.69
C ILE A 68 -11.91 5.81 -4.27
N LYS A 69 -11.37 4.99 -3.35
CA LYS A 69 -11.58 5.14 -1.92
C LYS A 69 -10.29 5.62 -1.22
N PRO A 70 -9.97 6.93 -1.29
CA PRO A 70 -8.82 7.52 -0.62
C PRO A 70 -9.04 7.64 0.90
N HIS A 71 -7.93 7.55 1.64
CA HIS A 71 -7.83 7.63 3.10
C HIS A 71 -6.45 8.18 3.48
N ASP A 72 -6.17 9.43 3.09
CA ASP A 72 -5.02 10.18 3.61
C ASP A 72 -5.20 10.53 5.09
N ASP A 73 -4.10 10.74 5.82
CA ASP A 73 -4.07 11.08 7.25
C ASP A 73 -4.91 10.12 8.11
N CYS A 74 -4.70 8.81 7.93
CA CYS A 74 -5.40 7.75 8.65
C CYS A 74 -4.40 6.71 9.18
N THR A 75 -3.89 6.92 10.40
CA THR A 75 -3.05 5.94 11.13
C THR A 75 -3.83 4.64 11.40
N VAL A 76 -3.10 3.56 11.73
CA VAL A 76 -3.68 2.24 12.00
C VAL A 76 -4.80 2.28 13.06
N GLU A 77 -4.69 3.17 14.06
CA GLU A 77 -5.72 3.47 15.07
C GLU A 77 -7.08 3.87 14.48
N GLN A 78 -7.10 4.52 13.30
CA GLN A 78 -8.31 4.91 12.55
C GLN A 78 -8.62 3.93 11.41
N ILE A 79 -7.61 3.29 10.80
CA ILE A 79 -7.81 2.29 9.74
C ILE A 79 -8.75 1.16 10.19
N TYR A 80 -8.83 0.85 11.49
CA TYR A 80 -9.78 -0.11 12.05
C TYR A 80 -11.23 0.09 11.59
N GLU A 81 -11.63 1.33 11.29
CA GLU A 81 -12.95 1.58 10.74
C GLU A 81 -13.09 0.99 9.32
N ILE A 82 -12.05 1.09 8.48
CA ILE A 82 -12.03 0.55 7.11
C ILE A 82 -12.24 -0.97 7.11
N LEU A 83 -11.80 -1.66 8.18
CA LEU A 83 -11.96 -3.10 8.35
C LEU A 83 -13.43 -3.49 8.66
N LYS A 84 -14.16 -2.65 9.41
CA LYS A 84 -15.58 -2.89 9.71
C LYS A 84 -16.53 -2.37 8.62
N ILE A 85 -16.11 -1.32 7.87
CA ILE A 85 -16.92 -0.71 6.81
C ILE A 85 -17.29 -1.74 5.75
N TYR A 86 -16.38 -2.65 5.39
CA TYR A 86 -16.62 -3.72 4.41
C TYR A 86 -17.88 -4.54 4.73
N GLN A 87 -18.18 -4.72 6.02
CA GLN A 87 -19.37 -5.41 6.50
C GLN A 87 -20.65 -4.61 6.20
N LEU A 88 -20.61 -3.28 6.43
CA LEU A 88 -21.74 -2.36 6.15
C LEU A 88 -21.92 -2.07 4.66
N MET A 89 -20.83 -2.11 3.89
CA MET A 89 -20.87 -1.90 2.43
C MET A 89 -21.68 -2.98 1.73
N ASP A 90 -21.59 -4.23 2.21
CA ASP A 90 -22.25 -5.42 1.65
C ASP A 90 -21.93 -5.61 0.16
N HIS A 91 -20.74 -5.15 -0.26
CA HIS A 91 -20.23 -5.30 -1.62
C HIS A 91 -20.08 -6.79 -2.00
N SER A 92 -19.77 -7.04 -3.28
CA SER A 92 -19.60 -8.39 -3.83
C SER A 92 -18.48 -8.37 -4.87
N ASN A 93 -18.40 -9.41 -5.71
CA ASN A 93 -17.46 -9.54 -6.82
C ASN A 93 -17.33 -8.22 -7.60
N MET A 94 -16.21 -7.51 -7.40
CA MET A 94 -15.92 -6.25 -8.10
C MET A 94 -15.01 -6.52 -9.31
N ASP A 95 -15.13 -5.70 -10.35
CA ASP A 95 -14.33 -5.75 -11.56
C ASP A 95 -12.83 -5.68 -11.25
N CYS A 96 -12.40 -4.65 -10.53
CA CYS A 96 -11.03 -4.36 -10.15
C CYS A 96 -10.96 -4.06 -8.65
N PHE A 97 -9.86 -4.44 -7.99
CA PHE A 97 -9.66 -4.17 -6.57
C PHE A 97 -8.18 -4.09 -6.22
N ILE A 98 -7.81 -3.02 -5.52
CA ILE A 98 -6.43 -2.70 -5.15
C ILE A 98 -6.48 -2.14 -3.73
N CYS A 99 -5.65 -2.67 -2.84
CA CYS A 99 -5.48 -2.27 -1.46
C CYS A 99 -4.09 -1.62 -1.29
N CYS A 100 -4.02 -0.29 -1.40
CA CYS A 100 -2.78 0.47 -1.22
C CYS A 100 -2.70 1.03 0.21
N ILE A 101 -2.28 0.20 1.18
CA ILE A 101 -2.11 0.61 2.58
C ILE A 101 -0.81 1.40 2.72
N LEU A 102 -0.82 2.50 3.47
CA LEU A 102 0.39 3.23 3.86
C LEU A 102 0.48 3.32 5.38
N SER A 103 1.58 3.92 5.87
CA SER A 103 1.93 4.07 7.29
C SER A 103 1.76 2.79 8.11
N HIS A 104 2.00 1.64 7.45
CA HIS A 104 1.99 0.32 8.07
C HIS A 104 3.27 0.09 8.89
N GLY A 105 3.25 -1.02 9.65
CA GLY A 105 4.35 -1.50 10.45
C GLY A 105 4.42 -3.02 10.44
N ASP A 106 5.22 -3.59 11.35
CA ASP A 106 5.45 -5.02 11.46
C ASP A 106 4.50 -5.68 12.48
N LYS A 107 4.66 -6.98 12.70
CA LYS A 107 3.89 -7.79 13.67
C LYS A 107 4.72 -8.22 14.88
N GLY A 108 5.94 -7.72 15.00
CA GLY A 108 6.92 -8.07 16.05
C GLY A 108 7.63 -6.85 16.64
N ILE A 109 7.04 -5.66 16.51
CA ILE A 109 7.57 -4.38 17.00
C ILE A 109 6.64 -3.77 18.06
N ILE A 110 7.06 -2.62 18.61
CA ILE A 110 6.31 -1.86 19.61
C ILE A 110 5.33 -0.90 18.93
N TYR A 111 4.09 -0.92 19.40
CA TYR A 111 3.00 -0.06 18.98
C TYR A 111 2.87 1.21 19.84
N GLY A 112 2.01 2.14 19.43
CA GLY A 112 1.77 3.41 20.12
C GLY A 112 2.45 4.60 19.44
N THR A 113 2.66 4.53 18.12
CA THR A 113 3.30 5.58 17.32
C THR A 113 2.71 5.56 15.91
N ASP A 114 3.22 6.42 15.02
CA ASP A 114 2.76 6.49 13.62
C ASP A 114 2.88 5.16 12.87
N GLY A 115 3.84 4.31 13.27
CA GLY A 115 4.12 3.02 12.67
C GLY A 115 2.93 2.06 12.63
N GLN A 116 2.30 1.79 13.78
CA GLN A 116 1.03 1.07 13.89
C GLN A 116 0.56 0.95 15.35
N GLU A 117 -0.65 0.42 15.52
CA GLU A 117 -1.24 0.07 16.81
C GLU A 117 -1.77 -1.39 16.88
N ALA A 118 -1.64 -2.20 15.81
CA ALA A 118 -2.12 -3.58 15.76
C ALA A 118 -1.45 -4.41 14.66
N PRO A 119 -1.42 -5.75 14.80
CA PRO A 119 -0.80 -6.67 13.83
C PRO A 119 -1.54 -6.68 12.49
N ILE A 120 -0.78 -6.62 11.39
CA ILE A 120 -1.35 -6.70 10.03
C ILE A 120 -2.02 -8.05 9.78
N TYR A 121 -1.44 -9.15 10.29
CA TYR A 121 -1.92 -10.52 10.11
C TYR A 121 -3.27 -10.81 10.79
N GLU A 122 -3.75 -9.96 11.70
CA GLU A 122 -5.08 -10.09 12.30
C GLU A 122 -6.13 -9.34 11.46
N LEU A 123 -5.77 -8.15 10.97
CA LEU A 123 -6.62 -7.31 10.14
C LEU A 123 -6.80 -7.93 8.75
N THR A 124 -5.72 -8.40 8.12
CA THR A 124 -5.75 -9.04 6.80
C THR A 124 -6.12 -10.53 6.85
N SER A 125 -6.70 -11.02 7.97
CA SER A 125 -7.17 -12.40 8.15
C SER A 125 -8.68 -12.48 8.41
N GLN A 126 -9.40 -11.35 8.40
CA GLN A 126 -10.86 -11.32 8.58
C GLN A 126 -11.66 -11.42 7.27
N PHE A 127 -10.96 -11.60 6.13
CA PHE A 127 -11.56 -11.73 4.80
C PHE A 127 -11.81 -13.19 4.39
N THR A 128 -11.41 -14.18 5.21
CA THR A 128 -11.52 -15.61 4.90
C THR A 128 -12.93 -16.00 4.53
N GLY A 129 -13.09 -16.80 3.46
CA GLY A 129 -14.40 -17.26 2.99
C GLY A 129 -15.22 -18.07 4.00
N LEU A 130 -14.59 -18.52 5.09
CA LEU A 130 -15.22 -19.26 6.19
C LEU A 130 -15.62 -18.37 7.38
N LYS A 131 -15.22 -17.09 7.37
CA LYS A 131 -15.46 -16.12 8.44
C LYS A 131 -16.29 -14.93 7.91
N CYS A 132 -15.98 -14.48 6.69
CA CYS A 132 -16.70 -13.44 5.97
C CYS A 132 -16.40 -13.50 4.45
N PRO A 133 -17.09 -14.38 3.68
CA PRO A 133 -16.93 -14.48 2.23
C PRO A 133 -17.56 -13.29 1.48
N SER A 134 -16.87 -12.15 1.46
CA SER A 134 -17.32 -10.92 0.78
C SER A 134 -16.53 -10.62 -0.50
N LEU A 135 -15.19 -10.56 -0.38
CA LEU A 135 -14.25 -10.34 -1.49
C LEU A 135 -13.13 -11.39 -1.48
N ALA A 136 -13.33 -12.55 -0.83
CA ALA A 136 -12.38 -13.66 -0.86
C ALA A 136 -12.26 -14.27 -2.26
N GLY A 137 -13.39 -14.49 -2.94
CA GLY A 137 -13.44 -15.07 -4.29
C GLY A 137 -12.84 -14.16 -5.38
N LYS A 138 -12.56 -12.90 -5.06
CA LYS A 138 -11.90 -11.94 -5.95
C LYS A 138 -10.48 -11.63 -5.45
N PRO A 139 -9.46 -11.69 -6.34
CA PRO A 139 -8.11 -11.30 -5.98
C PRO A 139 -7.98 -9.79 -5.79
N LYS A 140 -6.84 -9.36 -5.25
CA LYS A 140 -6.52 -7.97 -4.92
C LYS A 140 -5.02 -7.74 -5.03
N VAL A 141 -4.66 -6.47 -5.23
CA VAL A 141 -3.27 -6.00 -5.30
C VAL A 141 -2.90 -5.28 -4.02
N PHE A 142 -1.75 -5.62 -3.43
CA PHE A 142 -1.23 -4.98 -2.22
C PHE A 142 -0.05 -4.05 -2.57
N PHE A 143 -0.32 -2.80 -2.94
CA PHE A 143 0.72 -1.82 -3.30
C PHE A 143 1.32 -1.14 -2.06
N ILE A 144 2.64 -1.28 -1.87
CA ILE A 144 3.38 -0.76 -0.71
C ILE A 144 4.69 -0.11 -1.17
N GLN A 145 4.71 1.22 -1.22
CA GLN A 145 5.91 2.00 -1.54
C GLN A 145 6.84 2.06 -0.33
N ALA A 146 7.75 1.09 -0.23
CA ALA A 146 8.77 1.05 0.81
C ALA A 146 10.03 0.32 0.31
N ALA A 147 11.20 0.74 0.78
CA ALA A 147 12.48 0.08 0.48
C ALA A 147 12.76 -1.04 1.50
N GLN A 148 13.96 -1.64 1.43
CA GLN A 148 14.44 -2.60 2.42
C GLN A 148 14.32 -2.02 3.84
N GLY A 149 14.80 -0.78 4.03
CA GLY A 149 14.93 -0.16 5.35
C GLY A 149 15.62 -1.12 6.32
N ASP A 150 15.00 -1.28 7.49
CA ASP A 150 15.45 -2.10 8.59
C ASP A 150 14.24 -2.60 9.41
N ASN A 151 14.42 -3.68 10.18
CA ASN A 151 13.41 -4.30 11.03
C ASN A 151 14.07 -4.86 12.29
N TYR A 152 13.45 -4.66 13.45
CA TYR A 152 13.93 -5.13 14.75
C TYR A 152 12.79 -5.79 15.54
N GLN A 153 13.14 -6.50 16.63
CA GLN A 153 12.21 -7.20 17.52
C GLN A 153 12.22 -6.61 18.94
N LYS A 154 13.40 -6.18 19.41
CA LYS A 154 13.64 -5.65 20.75
C LYS A 154 14.01 -4.17 20.66
N GLY A 155 13.08 -3.31 21.05
CA GLY A 155 13.31 -1.87 21.13
C GLY A 155 13.92 -1.46 22.46
N ILE A 156 13.87 -0.15 22.73
CA ILE A 156 14.42 0.48 23.92
C ILE A 156 13.35 1.28 24.69
N PRO A 157 13.57 1.58 25.98
CA PRO A 157 12.65 2.38 26.79
C PRO A 157 12.70 3.89 26.51
N VAL A 158 13.80 4.37 25.90
CA VAL A 158 13.98 5.76 25.49
C VAL A 158 13.01 6.13 24.34
N GLU A 159 12.96 7.43 24.01
CA GLU A 159 12.12 7.96 22.94
C GLU A 159 12.97 8.75 21.93
N THR A 160 12.41 9.00 20.74
CA THR A 160 13.12 9.63 19.62
C THR A 160 12.26 10.74 19.02
N ASP A 161 12.37 11.94 19.61
CA ASP A 161 11.64 13.14 19.21
C ASP A 161 12.35 13.85 18.04
N SER A 162 13.45 14.54 18.31
CA SER A 162 14.19 15.32 17.31
C SER A 162 15.17 14.42 16.55
N GLU A 163 14.68 13.70 15.54
CA GLU A 163 15.45 12.72 14.76
C GLU A 163 15.88 13.26 13.37
N GLU A 164 15.79 14.59 13.15
CA GLU A 164 16.08 15.29 11.88
C GLU A 164 17.31 14.73 11.13
N GLN A 165 18.50 14.95 11.69
CA GLN A 165 19.79 14.50 11.16
C GLN A 165 20.36 13.38 12.04
N PRO A 166 20.69 13.64 13.32
CA PRO A 166 21.15 12.60 14.24
C PRO A 166 19.98 11.70 14.68
N TYR A 167 19.56 10.80 13.79
CA TYR A 167 18.64 9.70 14.11
C TYR A 167 19.18 8.85 15.28
N LEU A 168 18.28 8.03 15.85
CA LEU A 168 18.58 7.11 16.94
C LEU A 168 19.62 6.04 16.56
N GLU A 169 19.51 5.48 15.36
CA GLU A 169 20.38 4.42 14.84
C GLU A 169 20.31 4.37 13.29
N MET A 170 21.08 3.44 12.70
CA MET A 170 21.09 3.15 11.26
C MET A 170 21.09 1.64 10.95
N ASP A 171 21.73 0.82 11.79
CA ASP A 171 21.69 -0.64 11.71
C ASP A 171 20.32 -1.19 12.14
N LEU A 172 20.18 -2.52 12.13
CA LEU A 172 19.01 -3.25 12.62
C LEU A 172 19.42 -4.35 13.60
N SER A 173 18.56 -4.58 14.61
CA SER A 173 18.66 -5.72 15.52
C SER A 173 17.74 -6.86 15.09
N SER A 174 17.87 -8.03 15.72
CA SER A 174 17.07 -9.23 15.43
C SER A 174 17.38 -9.86 14.05
N PRO A 175 16.96 -11.11 13.80
CA PRO A 175 17.09 -11.72 12.48
C PRO A 175 16.15 -11.05 11.47
N GLN A 176 16.69 -10.60 10.34
CA GLN A 176 15.91 -10.11 9.20
C GLN A 176 14.85 -11.14 8.79
N THR A 177 13.58 -10.78 9.01
CA THR A 177 12.40 -11.55 8.58
C THR A 177 11.77 -10.97 7.31
N ARG A 178 10.76 -11.68 6.80
CA ARG A 178 9.97 -11.32 5.63
C ARG A 178 8.52 -11.01 6.00
N TYR A 179 7.76 -10.47 5.04
CA TYR A 179 6.33 -10.18 5.19
C TYR A 179 5.41 -11.14 4.44
N ILE A 180 5.92 -11.87 3.42
CA ILE A 180 5.17 -12.88 2.66
C ILE A 180 4.42 -13.84 3.61
N PRO A 181 3.08 -13.78 3.71
CA PRO A 181 2.30 -14.70 4.52
C PRO A 181 2.23 -16.09 3.87
N ASP A 182 1.63 -17.03 4.58
CA ASP A 182 1.42 -18.42 4.14
C ASP A 182 0.15 -18.57 3.28
N GLU A 183 -0.21 -17.53 2.52
CA GLU A 183 -1.39 -17.46 1.62
C GLU A 183 -1.00 -17.27 0.16
N ALA A 184 -1.80 -17.83 -0.75
CA ALA A 184 -1.50 -17.85 -2.19
C ALA A 184 -2.70 -17.55 -3.09
N ASP A 185 -3.43 -16.46 -2.79
CA ASP A 185 -4.62 -16.00 -3.53
C ASP A 185 -4.62 -14.48 -3.82
N PHE A 186 -3.47 -13.80 -3.68
CA PHE A 186 -3.34 -12.35 -3.88
C PHE A 186 -1.91 -11.91 -4.27
N LEU A 187 -1.72 -10.64 -4.63
CA LEU A 187 -0.40 -10.08 -4.95
C LEU A 187 0.18 -9.28 -3.79
N LEU A 188 1.48 -9.41 -3.55
CA LEU A 188 2.24 -8.69 -2.52
C LEU A 188 3.30 -7.76 -3.14
N GLY A 189 2.96 -6.47 -3.31
CA GLY A 189 3.82 -5.47 -3.93
C GLY A 189 4.57 -4.62 -2.90
N MET A 190 5.59 -5.20 -2.25
CA MET A 190 6.39 -4.55 -1.20
C MET A 190 7.85 -4.28 -1.61
N ALA A 191 8.24 -4.67 -2.83
CA ALA A 191 9.60 -4.51 -3.38
C ALA A 191 10.73 -5.00 -2.43
N PRO A 202 26.61 -8.89 -8.09
CA PRO A 202 26.14 -7.81 -7.23
C PRO A 202 25.17 -6.90 -7.99
N ALA A 203 24.01 -6.62 -7.38
CA ALA A 203 23.00 -5.72 -7.95
C ALA A 203 23.39 -4.25 -7.76
N GLU A 204 23.38 -3.76 -6.51
CA GLU A 204 23.76 -2.39 -6.10
C GLU A 204 23.30 -1.29 -7.08
N GLY A 205 22.06 -1.43 -7.54
CA GLY A 205 21.44 -0.55 -8.54
C GLY A 205 21.08 0.82 -7.99
N THR A 206 20.41 1.62 -8.82
CA THR A 206 19.90 2.93 -8.47
C THR A 206 18.37 2.89 -8.33
N TRP A 207 17.84 3.71 -7.44
CA TRP A 207 16.40 3.89 -7.23
C TRP A 207 15.97 5.20 -7.90
N TYR A 208 14.96 5.10 -8.77
CA TYR A 208 14.38 6.23 -9.51
C TYR A 208 12.86 6.23 -9.41
N ILE A 209 12.22 5.07 -9.67
CA ILE A 209 10.76 4.85 -9.62
C ILE A 209 9.97 5.71 -10.65
N GLN A 210 10.68 6.54 -11.42
CA GLN A 210 10.17 7.48 -12.41
C GLN A 210 9.55 6.79 -13.64
N SER A 211 9.84 5.50 -13.84
CA SER A 211 9.29 4.65 -14.89
C SER A 211 8.10 3.81 -14.41
N LEU A 212 7.99 3.53 -13.10
CA LEU A 212 6.87 2.76 -12.54
C LEU A 212 5.64 3.65 -12.34
N CYS A 213 5.84 4.81 -11.72
CA CYS A 213 4.80 5.80 -11.49
C CYS A 213 4.32 6.48 -12.77
N GLN A 214 4.94 6.20 -13.93
CA GLN A 214 4.52 6.69 -15.25
C GLN A 214 3.95 5.59 -16.17
N SER A 215 4.32 4.32 -15.96
CA SER A 215 3.84 3.19 -16.76
C SER A 215 2.51 2.65 -16.22
N LEU A 216 2.43 2.35 -14.91
CA LEU A 216 1.19 1.86 -14.29
C LEU A 216 0.07 2.89 -14.41
N ARG A 217 0.44 4.19 -14.48
CA ARG A 217 -0.46 5.32 -14.68
C ARG A 217 -0.89 5.53 -16.12
N GLU A 218 -0.39 4.75 -17.09
CA GLU A 218 -0.81 4.87 -18.50
C GLU A 218 -2.28 4.54 -18.75
N ARG A 219 -3.06 4.20 -17.71
CA ARG A 219 -4.49 3.93 -17.68
C ARG A 219 -4.77 2.44 -17.99
N CYS A 220 -3.92 1.55 -17.48
CA CYS A 220 -3.86 0.11 -17.79
C CYS A 220 -4.22 -0.22 -19.26
N PRO A 221 -3.60 0.47 -20.26
CA PRO A 221 -4.09 0.47 -21.64
C PRO A 221 -3.93 -0.90 -22.29
N ARG A 222 -2.77 -1.51 -22.05
CA ARG A 222 -2.40 -2.85 -22.52
C ARG A 222 -3.16 -3.94 -21.75
N GLY A 223 -3.62 -3.62 -20.53
CA GLY A 223 -4.23 -4.56 -19.58
C GLY A 223 -3.28 -5.64 -19.09
N ASP A 224 -1.96 -5.45 -19.24
CA ASP A 224 -0.94 -6.43 -18.85
C ASP A 224 -1.12 -6.86 -17.38
N ASP A 225 -0.83 -8.13 -17.09
CA ASP A 225 -0.94 -8.65 -15.74
C ASP A 225 -0.10 -7.82 -14.75
N ILE A 226 -0.74 -7.33 -13.67
CA ILE A 226 -0.07 -6.53 -12.63
C ILE A 226 1.13 -7.29 -12.05
N LEU A 227 1.05 -8.63 -12.07
CA LEU A 227 2.11 -9.58 -11.73
C LEU A 227 3.41 -9.25 -12.45
N THR A 228 3.32 -8.82 -13.71
CA THR A 228 4.44 -8.35 -14.52
C THR A 228 4.66 -6.86 -14.33
N ILE A 229 3.63 -5.99 -14.39
CA ILE A 229 3.76 -4.51 -14.29
C ILE A 229 4.69 -4.09 -13.14
N LEU A 230 4.56 -4.74 -11.97
CA LEU A 230 5.41 -4.50 -10.81
C LEU A 230 6.91 -4.67 -11.08
N THR A 231 7.29 -5.61 -11.94
CA THR A 231 8.68 -5.99 -12.25
C THR A 231 9.08 -5.66 -13.70
N GLU A 232 8.23 -4.95 -14.45
CA GLU A 232 8.44 -4.57 -15.85
C GLU A 232 9.34 -3.33 -16.01
N VAL A 233 9.69 -2.65 -14.91
CA VAL A 233 10.57 -1.48 -14.86
C VAL A 233 11.96 -1.75 -14.28
N PRO A 251 15.32 -9.00 -11.59
CA PRO A 251 14.49 -8.93 -10.40
C PRO A 251 13.87 -10.30 -10.05
N GLN A 252 13.15 -10.34 -8.93
CA GLN A 252 12.43 -11.52 -8.46
C GLN A 252 10.93 -11.20 -8.36
N PRO A 253 10.03 -12.12 -8.79
CA PRO A 253 8.59 -11.97 -8.61
C PRO A 253 8.20 -12.10 -7.13
N THR A 254 7.26 -11.26 -6.69
CA THR A 254 6.75 -11.23 -5.31
C THR A 254 5.24 -11.54 -5.25
N PHE A 255 4.68 -12.17 -6.30
CA PHE A 255 3.27 -12.52 -6.36
C PHE A 255 2.99 -13.93 -5.83
N THR A 256 1.78 -14.14 -5.30
CA THR A 256 1.33 -15.44 -4.78
C THR A 256 -0.15 -15.66 -5.08
N LEU A 257 -0.47 -16.06 -6.32
CA LEU A 257 -1.84 -16.39 -6.76
C LEU A 257 -1.89 -17.75 -7.47
N ARG A 258 -3.13 -18.22 -7.71
CA ARG A 258 -3.46 -19.46 -8.41
C ARG A 258 -3.93 -19.25 -9.85
N LYS A 259 -4.22 -17.99 -10.20
CA LYS A 259 -4.74 -17.53 -11.49
C LYS A 259 -3.97 -16.27 -11.93
N LYS A 260 -4.18 -15.86 -13.18
CA LYS A 260 -3.57 -14.67 -13.78
C LYS A 260 -4.32 -13.40 -13.39
N LEU A 261 -3.60 -12.45 -12.80
CA LEU A 261 -4.12 -11.16 -12.33
C LEU A 261 -3.98 -10.06 -13.40
N VAL A 262 -4.98 -9.98 -14.27
CA VAL A 262 -5.11 -8.95 -15.32
C VAL A 262 -6.21 -7.96 -14.95
N PHE A 263 -6.03 -6.69 -15.32
CA PHE A 263 -7.00 -5.62 -15.11
C PHE A 263 -7.44 -5.06 -16.47
N PRO A 264 -8.76 -4.99 -16.75
CA PRO A 264 -9.29 -4.45 -18.01
C PRO A 264 -9.04 -2.94 -18.13
N SER A 265 -9.17 -2.43 -19.36
CA SER A 265 -9.09 -0.99 -19.69
C SER A 265 -10.43 -0.24 -19.51
N ASP A 266 -11.56 -0.97 -19.61
CA ASP A 266 -12.94 -0.51 -19.33
C ASP A 266 -13.17 -0.19 -17.85
N LYS A 11 -11.42 -17.15 -16.25
CA LYS A 11 -10.70 -16.47 -17.32
C LYS A 11 -10.11 -15.15 -16.79
N VAL A 12 -9.29 -14.52 -17.63
CA VAL A 12 -8.77 -13.16 -17.43
C VAL A 12 -9.91 -12.16 -17.23
N TYR A 13 -9.74 -11.24 -16.27
CA TYR A 13 -10.71 -10.17 -16.04
C TYR A 13 -10.66 -9.10 -17.13
N GLN A 14 -11.85 -8.59 -17.51
CA GLN A 14 -11.99 -7.61 -18.59
C GLN A 14 -12.48 -6.23 -18.11
N MET A 15 -13.23 -6.16 -16.99
CA MET A 15 -13.77 -4.94 -16.35
C MET A 15 -14.31 -3.86 -17.33
N LYS A 16 -14.85 -4.27 -18.47
CA LYS A 16 -15.30 -3.41 -19.56
C LYS A 16 -16.48 -2.56 -19.09
N SER A 17 -16.37 -1.24 -19.23
CA SER A 17 -17.42 -0.30 -18.81
C SER A 17 -17.80 -0.46 -17.31
N LYS A 18 -16.80 -0.66 -16.43
CA LYS A 18 -16.98 -0.76 -14.98
C LYS A 18 -16.47 0.50 -14.24
N PRO A 19 -17.08 1.69 -14.44
CA PRO A 19 -16.67 2.91 -13.74
C PRO A 19 -16.99 2.88 -12.25
N ARG A 20 -17.75 1.88 -11.80
CA ARG A 20 -18.05 1.63 -10.40
C ARG A 20 -16.87 1.06 -9.59
N GLY A 21 -15.72 0.78 -10.22
CA GLY A 21 -14.52 0.26 -9.54
C GLY A 21 -14.09 1.14 -8.37
N TYR A 22 -14.20 0.63 -7.15
CA TYR A 22 -13.91 1.31 -5.88
C TYR A 22 -12.43 1.19 -5.49
N CYS A 23 -11.62 2.23 -5.74
CA CYS A 23 -10.23 2.26 -5.29
C CYS A 23 -10.10 2.54 -3.78
N LEU A 24 -9.08 1.94 -3.15
CA LEU A 24 -8.73 2.12 -1.74
C LEU A 24 -7.53 3.08 -1.61
N ILE A 25 -7.76 4.24 -0.99
CA ILE A 25 -6.76 5.30 -0.77
C ILE A 25 -6.69 5.62 0.72
N ILE A 26 -5.49 5.60 1.30
CA ILE A 26 -5.27 5.85 2.72
C ILE A 26 -4.00 6.69 2.91
N ASN A 27 -4.14 7.83 3.60
CA ASN A 27 -3.06 8.75 3.94
C ASN A 27 -3.23 9.30 5.37
N ASN A 28 -2.18 9.93 5.90
CA ASN A 28 -2.16 10.60 7.21
C ASN A 28 -1.55 12.01 7.08
N HIS A 29 -1.92 12.87 8.03
CA HIS A 29 -1.50 14.27 8.10
C HIS A 29 -0.73 14.57 9.39
N ASN A 30 -1.10 13.93 10.49
CA ASN A 30 -0.42 14.11 11.77
C ASN A 30 1.05 13.64 11.68
N PHE A 31 1.90 14.29 12.49
CA PHE A 31 3.34 14.04 12.47
C PHE A 31 4.01 14.33 13.82
N ALA A 32 3.22 14.48 14.89
CA ALA A 32 3.70 14.85 16.22
C ALA A 32 4.61 13.77 16.82
N LYS A 33 4.17 12.51 16.76
CA LYS A 33 4.90 11.34 17.27
C LYS A 33 5.39 10.42 16.16
N ALA A 34 4.75 10.49 14.98
CA ALA A 34 5.15 9.73 13.81
C ALA A 34 6.45 10.26 13.16
N ARG A 35 6.96 11.43 13.58
CA ARG A 35 8.20 12.07 13.10
C ARG A 35 9.43 11.14 13.02
N GLU A 36 9.48 10.13 13.89
CA GLU A 36 10.52 9.11 13.91
C GLU A 36 10.19 8.03 12.87
N LYS A 37 9.19 7.18 13.12
CA LYS A 37 8.80 6.03 12.29
C LYS A 37 8.54 6.37 10.83
N VAL A 38 7.99 7.56 10.56
CA VAL A 38 7.71 8.07 9.23
C VAL A 38 8.28 9.48 9.08
N PRO A 39 9.58 9.64 8.81
CA PRO A 39 10.22 10.95 8.71
C PRO A 39 9.63 11.80 7.57
N LYS A 40 9.05 11.14 6.55
CA LYS A 40 8.33 11.74 5.43
C LYS A 40 7.05 12.49 5.82
N LEU A 41 6.51 12.25 7.03
CA LEU A 41 5.32 12.96 7.53
C LEU A 41 5.65 14.41 7.97
N HIS A 42 6.91 14.83 7.98
CA HIS A 42 7.27 16.23 8.25
C HIS A 42 6.84 17.23 7.15
N SER A 43 6.47 16.75 5.96
CA SER A 43 6.15 17.57 4.78
C SER A 43 4.90 17.06 4.05
N ILE A 44 3.77 17.12 4.77
CA ILE A 44 2.43 16.74 4.31
C ILE A 44 1.67 17.95 3.72
N ARG A 45 0.42 17.71 3.32
CA ARG A 45 -0.50 18.71 2.82
C ARG A 45 -1.66 18.93 3.79
N ASP A 46 -1.65 20.08 4.44
CA ASP A 46 -2.67 20.61 5.33
C ASP A 46 -3.99 20.97 4.61
N ARG A 47 -3.88 21.43 3.36
CA ARG A 47 -5.02 21.82 2.52
C ARG A 47 -5.98 20.64 2.35
N ASN A 48 -7.26 20.87 2.71
CA ASN A 48 -8.35 19.90 2.64
C ASN A 48 -8.40 19.15 1.30
N GLY A 49 -8.47 17.82 1.35
CA GLY A 49 -8.40 16.98 0.15
C GLY A 49 -7.03 17.08 -0.53
N THR A 50 -5.98 16.59 0.15
CA THR A 50 -4.62 16.56 -0.38
C THR A 50 -4.56 15.95 -1.79
N HIS A 51 -4.09 16.74 -2.76
CA HIS A 51 -3.91 16.30 -4.15
C HIS A 51 -2.44 16.28 -4.61
N LEU A 52 -1.51 16.85 -3.84
CA LEU A 52 -0.09 16.88 -4.18
C LEU A 52 0.53 15.47 -4.19
N ASP A 53 0.10 14.61 -3.26
CA ASP A 53 0.60 13.25 -3.08
C ASP A 53 -0.52 12.23 -3.43
N ALA A 54 -1.76 12.46 -2.95
CA ALA A 54 -2.89 11.56 -3.23
C ALA A 54 -3.48 11.75 -4.65
N GLY A 55 -3.22 12.88 -5.31
CA GLY A 55 -3.67 13.20 -6.67
C GLY A 55 -2.73 12.67 -7.76
N ALA A 56 -1.94 11.65 -7.43
CA ALA A 56 -1.00 10.97 -8.33
C ALA A 56 -1.56 9.61 -8.77
N LEU A 57 -1.84 8.73 -7.81
CA LEU A 57 -2.48 7.43 -8.02
C LEU A 57 -4.01 7.51 -8.15
N THR A 58 -4.68 8.43 -7.44
CA THR A 58 -6.13 8.65 -7.57
C THR A 58 -6.49 9.12 -8.98
N THR A 59 -5.83 10.20 -9.43
CA THR A 59 -6.10 10.82 -10.74
C THR A 59 -5.96 9.82 -11.89
N THR A 60 -5.05 8.84 -11.76
CA THR A 60 -4.85 7.77 -12.74
C THR A 60 -6.17 7.09 -13.09
N PHE A 61 -6.93 6.65 -12.08
CA PHE A 61 -8.21 5.99 -12.29
C PHE A 61 -9.34 7.01 -12.55
N GLU A 62 -9.24 8.21 -11.99
CA GLU A 62 -10.19 9.31 -12.21
C GLU A 62 -10.29 9.65 -13.71
N GLU A 63 -9.16 9.86 -14.40
CA GLU A 63 -9.14 10.11 -15.85
C GLU A 63 -9.69 8.93 -16.67
N LEU A 64 -9.62 7.71 -16.15
CA LEU A 64 -10.06 6.47 -16.79
C LEU A 64 -11.55 6.18 -16.59
N HIS A 65 -12.33 7.11 -16.00
CA HIS A 65 -13.73 6.91 -15.60
C HIS A 65 -13.88 5.77 -14.57
N PHE A 66 -13.50 6.03 -13.31
CA PHE A 66 -13.65 5.09 -12.18
C PHE A 66 -14.04 5.82 -10.88
N GLU A 67 -14.21 5.07 -9.78
CA GLU A 67 -14.50 5.60 -8.46
C GLU A 67 -13.28 5.50 -7.53
N ILE A 68 -13.10 6.50 -6.67
CA ILE A 68 -11.99 6.54 -5.75
C ILE A 68 -12.49 6.98 -4.37
N LYS A 69 -11.97 6.34 -3.31
CA LYS A 69 -12.29 6.68 -1.92
C LYS A 69 -11.11 7.38 -1.22
N PRO A 70 -10.88 8.69 -1.46
CA PRO A 70 -9.79 9.44 -0.84
C PRO A 70 -10.01 9.59 0.67
N HIS A 71 -9.17 8.93 1.48
CA HIS A 71 -9.17 9.04 2.93
C HIS A 71 -7.82 9.51 3.47
N ASP A 72 -7.84 10.69 4.07
CA ASP A 72 -6.79 11.32 4.85
C ASP A 72 -7.09 11.28 6.35
N ASP A 73 -6.17 11.81 7.17
CA ASP A 73 -6.16 11.82 8.65
C ASP A 73 -6.58 10.49 9.32
N CYS A 74 -6.44 9.38 8.60
CA CYS A 74 -6.89 8.06 9.00
C CYS A 74 -5.77 7.34 9.76
N THR A 75 -5.63 7.73 11.01
CA THR A 75 -4.77 7.08 12.01
C THR A 75 -5.17 5.62 12.21
N VAL A 76 -4.30 4.83 12.83
CA VAL A 76 -4.56 3.42 13.19
C VAL A 76 -5.93 3.17 13.85
N GLU A 77 -6.34 4.08 14.74
CA GLU A 77 -7.63 4.07 15.41
C GLU A 77 -8.82 4.14 14.42
N GLN A 78 -8.64 4.85 13.30
CA GLN A 78 -9.60 4.86 12.19
C GLN A 78 -9.49 3.57 11.37
N ILE A 79 -8.29 3.10 11.02
CA ILE A 79 -8.10 1.89 10.19
C ILE A 79 -8.78 0.65 10.80
N TYR A 80 -8.79 0.56 12.14
CA TYR A 80 -9.53 -0.45 12.90
C TYR A 80 -11.04 -0.49 12.59
N GLU A 81 -11.60 0.62 12.08
CA GLU A 81 -12.99 0.78 11.69
C GLU A 81 -13.17 0.67 10.17
N ILE A 82 -12.14 0.27 9.41
CA ILE A 82 -12.16 0.12 7.94
C ILE A 82 -11.83 -1.32 7.52
N LEU A 83 -10.90 -1.99 8.21
CA LEU A 83 -10.55 -3.39 7.89
C LEU A 83 -11.77 -4.33 7.87
N LYS A 84 -12.78 -4.07 8.73
CA LYS A 84 -14.05 -4.79 8.71
C LYS A 84 -15.08 -4.25 7.70
N ILE A 85 -14.95 -3.00 7.24
CA ILE A 85 -15.88 -2.40 6.27
C ILE A 85 -15.97 -3.24 5.01
N TYR A 86 -14.85 -3.82 4.56
CA TYR A 86 -14.78 -4.68 3.37
C TYR A 86 -15.84 -5.80 3.41
N GLN A 87 -16.14 -6.34 4.60
CA GLN A 87 -17.22 -7.29 4.80
C GLN A 87 -18.59 -6.59 4.92
N LEU A 88 -18.67 -5.50 5.70
CA LEU A 88 -19.92 -4.73 5.92
C LEU A 88 -20.49 -4.12 4.62
N MET A 89 -19.65 -3.90 3.60
CA MET A 89 -20.06 -3.36 2.29
C MET A 89 -21.13 -4.23 1.60
N ASP A 90 -21.18 -5.55 1.89
CA ASP A 90 -22.11 -6.53 1.29
C ASP A 90 -22.12 -6.46 -0.26
N HIS A 91 -20.95 -6.14 -0.85
CA HIS A 91 -20.73 -6.02 -2.29
C HIS A 91 -20.92 -7.35 -3.03
N SER A 92 -20.91 -7.31 -4.37
CA SER A 92 -21.09 -8.50 -5.20
C SER A 92 -20.17 -8.42 -6.43
N ASN A 93 -19.05 -9.16 -6.41
CA ASN A 93 -18.10 -9.29 -7.54
C ASN A 93 -17.48 -7.95 -8.00
N MET A 94 -17.17 -7.11 -7.01
CA MET A 94 -16.75 -5.71 -7.21
C MET A 94 -15.42 -5.34 -6.55
N ASP A 95 -14.78 -6.25 -5.81
CA ASP A 95 -13.51 -6.04 -5.07
C ASP A 95 -12.26 -5.94 -5.98
N CYS A 96 -12.46 -5.75 -7.28
CA CYS A 96 -11.41 -5.84 -8.30
C CYS A 96 -10.63 -4.51 -8.42
N PHE A 97 -9.92 -4.12 -7.36
CA PHE A 97 -9.15 -2.88 -7.32
C PHE A 97 -7.92 -2.96 -6.41
N ILE A 98 -7.03 -1.98 -6.54
CA ILE A 98 -5.82 -1.84 -5.74
C ILE A 98 -6.11 -1.04 -4.46
N CYS A 99 -5.39 -1.39 -3.39
CA CYS A 99 -5.37 -0.69 -2.12
C CYS A 99 -3.97 -0.14 -1.82
N CYS A 100 -3.65 1.04 -2.37
CA CYS A 100 -2.39 1.72 -2.10
C CYS A 100 -2.45 2.44 -0.74
N ILE A 101 -1.53 2.10 0.17
CA ILE A 101 -1.45 2.66 1.53
C ILE A 101 -0.12 3.38 1.70
N LEU A 102 -0.06 4.36 2.61
CA LEU A 102 1.15 5.14 2.89
C LEU A 102 2.26 4.38 3.64
N SER A 103 1.98 3.14 4.06
CA SER A 103 2.72 2.31 5.01
C SER A 103 3.10 3.09 6.28
N HIS A 104 2.07 3.47 7.06
CA HIS A 104 2.20 4.21 8.31
C HIS A 104 2.92 3.39 9.40
N GLY A 105 4.19 3.72 9.65
CA GLY A 105 5.05 2.92 10.53
C GLY A 105 5.57 1.66 9.85
N ASP A 106 6.37 0.88 10.56
CA ASP A 106 6.96 -0.36 10.05
C ASP A 106 7.31 -1.30 11.21
N LYS A 107 7.99 -2.43 10.97
CA LYS A 107 8.33 -3.39 12.02
C LYS A 107 9.67 -3.06 12.69
N GLY A 108 9.63 -2.87 14.01
CA GLY A 108 10.82 -2.58 14.83
C GLY A 108 10.72 -1.27 15.62
N ILE A 109 9.59 -0.56 15.52
CA ILE A 109 9.30 0.69 16.23
C ILE A 109 8.41 0.43 17.46
N ILE A 110 8.07 1.51 18.17
CA ILE A 110 7.08 1.52 19.25
C ILE A 110 5.78 2.19 18.81
N TYR A 111 4.69 1.85 19.51
CA TYR A 111 3.38 2.48 19.37
C TYR A 111 3.36 3.96 19.83
N GLY A 112 2.18 4.58 19.91
CA GLY A 112 2.02 5.90 20.52
C GLY A 112 0.58 6.40 20.43
N THR A 113 0.36 7.45 19.65
CA THR A 113 -0.95 8.06 19.36
C THR A 113 -1.24 8.08 17.85
N ASP A 114 -0.21 8.37 17.05
CA ASP A 114 -0.33 8.54 15.60
C ASP A 114 0.11 7.27 14.87
N GLY A 115 1.38 6.88 15.04
CA GLY A 115 1.91 5.60 14.57
C GLY A 115 1.88 4.58 15.71
N GLN A 116 0.70 4.02 16.02
CA GLN A 116 0.62 2.93 17.01
C GLN A 116 1.15 1.58 16.47
N GLU A 117 1.47 1.49 15.17
CA GLU A 117 1.89 0.26 14.48
C GLU A 117 0.99 -0.94 14.84
N ALA A 118 -0.26 -0.89 14.34
CA ALA A 118 -1.21 -1.95 14.57
C ALA A 118 -0.67 -3.33 14.13
N PRO A 119 -1.11 -4.40 14.81
CA PRO A 119 -0.67 -5.76 14.53
C PRO A 119 -1.14 -6.20 13.15
N ILE A 120 -0.27 -6.91 12.42
CA ILE A 120 -0.61 -7.44 11.10
C ILE A 120 -1.59 -8.62 11.18
N TYR A 121 -1.73 -9.28 12.34
CA TYR A 121 -2.60 -10.45 12.50
C TYR A 121 -4.08 -10.07 12.67
N GLU A 122 -4.38 -9.10 13.54
CA GLU A 122 -5.76 -8.69 13.83
C GLU A 122 -6.40 -7.99 12.62
N LEU A 123 -5.56 -7.37 11.77
CA LEU A 123 -5.98 -6.77 10.51
C LEU A 123 -6.16 -7.81 9.40
N THR A 124 -5.36 -8.89 9.33
CA THR A 124 -5.48 -9.92 8.27
C THR A 124 -6.45 -11.05 8.62
N SER A 125 -7.18 -10.93 9.73
CA SER A 125 -8.14 -11.90 10.27
C SER A 125 -9.60 -11.42 10.18
N GLN A 126 -9.84 -10.29 9.49
CA GLN A 126 -11.14 -9.65 9.23
C GLN A 126 -12.06 -10.45 8.28
N PHE A 127 -12.15 -11.77 8.45
CA PHE A 127 -12.88 -12.69 7.57
C PHE A 127 -12.18 -12.83 6.20
N THR A 128 -10.85 -12.96 6.22
CA THR A 128 -10.01 -13.16 5.02
C THR A 128 -10.50 -14.34 4.19
N GLY A 129 -10.64 -14.13 2.87
CA GLY A 129 -11.15 -15.09 1.90
C GLY A 129 -10.53 -16.49 2.03
N LEU A 130 -9.24 -16.56 2.37
CA LEU A 130 -8.48 -17.79 2.64
C LEU A 130 -9.03 -18.60 3.81
N LYS A 131 -9.53 -17.91 4.85
CA LYS A 131 -10.08 -18.47 6.09
C LYS A 131 -11.60 -18.67 5.98
N CYS A 132 -12.29 -17.73 5.33
CA CYS A 132 -13.72 -17.80 5.04
C CYS A 132 -14.04 -16.98 3.77
N PRO A 133 -14.58 -17.59 2.70
CA PRO A 133 -14.98 -16.88 1.50
C PRO A 133 -16.18 -15.97 1.77
N SER A 134 -17.41 -16.50 1.85
CA SER A 134 -18.66 -15.75 2.06
C SER A 134 -18.68 -14.40 1.32
N LEU A 135 -18.47 -14.44 0.00
CA LEU A 135 -18.37 -13.33 -0.95
C LEU A 135 -16.98 -12.65 -1.01
N ALA A 136 -16.10 -12.84 -0.01
CA ALA A 136 -14.76 -12.26 0.13
C ALA A 136 -13.65 -13.04 -0.59
N GLY A 137 -13.96 -14.20 -1.17
CA GLY A 137 -13.04 -15.00 -1.99
C GLY A 137 -12.72 -14.38 -3.36
N LYS A 138 -13.22 -13.16 -3.64
CA LYS A 138 -12.90 -12.38 -4.84
C LYS A 138 -11.41 -12.03 -4.88
N PRO A 139 -10.84 -11.81 -6.08
CA PRO A 139 -9.46 -11.40 -6.22
C PRO A 139 -9.28 -9.97 -5.70
N LYS A 140 -8.04 -9.66 -5.33
CA LYS A 140 -7.62 -8.37 -4.78
C LYS A 140 -6.14 -8.13 -5.08
N VAL A 141 -5.74 -6.86 -5.08
CA VAL A 141 -4.37 -6.42 -5.34
C VAL A 141 -3.96 -5.34 -4.36
N PHE A 142 -2.70 -5.40 -3.94
CA PHE A 142 -2.07 -4.49 -3.01
C PHE A 142 -0.62 -4.23 -3.47
N PHE A 143 -0.08 -3.04 -3.18
CA PHE A 143 1.32 -2.70 -3.43
C PHE A 143 2.00 -2.28 -2.13
N ILE A 144 3.04 -3.03 -1.73
CA ILE A 144 3.88 -2.72 -0.57
C ILE A 144 5.05 -1.81 -0.98
N GLN A 145 5.33 -0.82 -0.14
CA GLN A 145 6.42 0.14 -0.27
C GLN A 145 7.18 0.30 1.05
N ALA A 146 8.51 0.21 0.97
CA ALA A 146 9.43 0.33 2.10
C ALA A 146 10.75 0.96 1.66
N ALA A 147 11.04 2.16 2.16
CA ALA A 147 12.31 2.86 1.92
C ALA A 147 13.33 2.68 3.06
N GLN A 148 12.87 2.38 4.28
CA GLN A 148 13.71 2.14 5.45
C GLN A 148 14.54 0.86 5.25
N GLY A 149 15.87 1.00 5.24
CA GLY A 149 16.78 -0.15 5.10
C GLY A 149 18.19 0.22 4.68
N ASP A 150 18.33 0.99 3.59
CA ASP A 150 19.63 1.56 3.18
C ASP A 150 20.09 2.64 4.18
N ASN A 151 21.34 3.11 4.03
CA ASN A 151 21.99 4.11 4.88
C ASN A 151 21.78 3.85 6.39
N TYR A 152 21.78 2.56 6.76
CA TYR A 152 21.59 2.07 8.13
C TYR A 152 22.66 2.62 9.09
N GLN A 153 22.52 2.33 10.40
CA GLN A 153 23.43 2.80 11.45
C GLN A 153 23.39 4.33 11.65
N LYS A 154 22.35 4.99 11.11
CA LYS A 154 22.19 6.45 11.09
C LYS A 154 20.78 6.82 11.51
N GLY A 155 20.67 7.88 12.30
CA GLY A 155 19.41 8.55 12.63
C GLY A 155 19.08 9.65 11.62
N ILE A 156 18.13 10.50 12.02
CA ILE A 156 17.55 11.57 11.23
C ILE A 156 18.19 12.94 11.52
N PRO A 157 17.98 13.96 10.66
CA PRO A 157 18.46 15.32 10.88
C PRO A 157 17.57 16.14 11.83
N VAL A 158 16.30 15.75 12.01
CA VAL A 158 15.38 16.39 12.96
C VAL A 158 15.82 16.13 14.41
N GLU A 159 15.20 16.84 15.35
CA GLU A 159 15.42 16.64 16.77
C GLU A 159 14.06 16.66 17.47
N THR A 160 13.81 15.67 18.32
CA THR A 160 12.61 15.56 19.17
C THR A 160 12.77 16.49 20.38
N ASP A 161 11.82 17.43 20.57
CA ASP A 161 11.82 18.45 21.63
C ASP A 161 10.62 18.30 22.57
N SER A 162 9.41 18.61 22.09
CA SER A 162 8.15 18.49 22.84
C SER A 162 7.49 17.16 22.52
N GLU A 163 7.74 16.14 23.35
CA GLU A 163 7.14 14.81 23.22
C GLU A 163 6.32 14.48 24.48
N GLU A 164 5.13 13.89 24.29
CA GLU A 164 4.32 13.34 25.38
C GLU A 164 5.03 12.15 26.06
N GLN A 165 4.42 11.59 27.12
CA GLN A 165 4.86 10.39 27.86
C GLN A 165 5.58 9.34 26.98
N PRO A 166 4.95 8.80 25.91
CA PRO A 166 5.65 7.95 24.94
C PRO A 166 6.60 8.81 24.06
N TYR A 167 7.71 9.25 24.63
CA TYR A 167 8.82 9.92 23.94
C TYR A 167 9.45 9.02 22.85
N LEU A 168 10.56 9.48 22.25
CA LEU A 168 11.31 8.69 21.26
C LEU A 168 12.63 8.22 21.87
N GLU A 169 13.16 7.12 21.33
CA GLU A 169 14.42 6.51 21.75
C GLU A 169 15.10 5.84 20.55
N MET A 170 16.34 5.39 20.74
CA MET A 170 17.10 4.63 19.74
C MET A 170 16.41 3.29 19.41
N ASP A 171 16.01 3.11 18.15
CA ASP A 171 15.41 1.88 17.63
C ASP A 171 16.07 1.52 16.30
N LEU A 172 16.41 0.23 16.14
CA LEU A 172 16.97 -0.31 14.90
C LEU A 172 15.97 -0.17 13.72
N SER A 173 16.48 0.24 12.55
CA SER A 173 15.68 0.34 11.32
C SER A 173 15.80 -0.89 10.41
N SER A 174 16.88 -1.67 10.55
CA SER A 174 17.08 -2.92 9.81
C SER A 174 16.08 -4.01 10.24
N PRO A 175 15.75 -4.97 9.35
CA PRO A 175 14.77 -6.02 9.63
C PRO A 175 15.25 -6.98 10.72
N GLN A 176 14.55 -7.01 11.86
CA GLN A 176 14.86 -7.93 12.97
C GLN A 176 14.56 -9.40 12.66
N THR A 177 13.56 -9.64 11.80
CA THR A 177 13.00 -10.96 11.43
C THR A 177 12.64 -10.97 9.94
N ARG A 178 12.39 -12.17 9.43
CA ARG A 178 11.99 -12.44 8.05
C ARG A 178 10.52 -12.86 8.02
N TYR A 179 9.69 -12.10 7.31
CA TYR A 179 8.29 -12.40 7.06
C TYR A 179 8.01 -12.24 5.57
N ILE A 180 8.01 -13.37 4.86
CA ILE A 180 7.64 -13.47 3.45
C ILE A 180 6.32 -14.25 3.32
N PRO A 181 5.45 -13.89 2.35
CA PRO A 181 4.25 -14.64 2.02
C PRO A 181 4.57 -15.92 1.21
N ASP A 182 3.83 -17.00 1.48
CA ASP A 182 3.95 -18.33 0.83
C ASP A 182 2.66 -18.70 0.06
N GLU A 183 1.95 -17.68 -0.44
CA GLU A 183 0.68 -17.81 -1.16
C GLU A 183 0.85 -17.42 -2.64
N ALA A 184 -0.02 -17.93 -3.51
CA ALA A 184 0.05 -17.69 -4.96
C ALA A 184 -1.28 -17.30 -5.59
N ASP A 185 -2.15 -16.61 -4.83
CA ASP A 185 -3.52 -16.22 -5.23
C ASP A 185 -3.85 -14.74 -4.94
N PHE A 186 -2.86 -13.94 -4.56
CA PHE A 186 -3.04 -12.55 -4.12
C PHE A 186 -1.81 -11.70 -4.46
N LEU A 187 -2.05 -10.46 -4.92
CA LEU A 187 -0.99 -9.51 -5.23
C LEU A 187 -0.65 -8.66 -4.01
N LEU A 188 0.55 -8.80 -3.47
CA LEU A 188 1.06 -7.96 -2.36
C LEU A 188 2.10 -6.93 -2.81
N GLY A 189 2.63 -7.05 -4.03
CA GLY A 189 3.63 -6.14 -4.60
C GLY A 189 4.88 -6.00 -3.73
N MET A 190 5.25 -7.07 -2.99
CA MET A 190 6.42 -7.07 -2.13
C MET A 190 7.72 -7.04 -2.94
N ALA A 191 8.79 -6.60 -2.30
CA ALA A 191 10.13 -6.59 -2.87
C ALA A 191 11.15 -6.48 -1.73
N PRO A 202 30.41 -8.08 -13.00
CA PRO A 202 30.38 -6.99 -12.03
C PRO A 202 29.07 -6.96 -11.21
N ALA A 203 29.17 -6.86 -9.87
CA ALA A 203 28.02 -6.89 -8.97
C ALA A 203 27.40 -5.49 -8.78
N GLU A 204 26.68 -5.00 -9.80
CA GLU A 204 26.11 -3.65 -9.82
C GLU A 204 24.65 -3.67 -10.32
N GLY A 205 23.69 -3.84 -9.40
CA GLY A 205 22.26 -3.91 -9.71
C GLY A 205 21.40 -3.40 -8.55
N THR A 206 20.63 -2.33 -8.78
CA THR A 206 19.70 -1.74 -7.79
C THR A 206 18.27 -1.75 -8.30
N TRP A 207 17.32 -1.29 -7.46
CA TRP A 207 15.88 -1.22 -7.74
C TRP A 207 15.37 0.22 -7.66
N TYR A 208 14.20 0.49 -8.27
CA TYR A 208 13.57 1.80 -8.31
C TYR A 208 12.04 1.71 -8.34
N ILE A 209 11.40 1.88 -7.17
CA ILE A 209 9.92 1.89 -7.06
C ILE A 209 9.33 3.28 -7.40
N GLN A 210 10.11 4.35 -7.22
CA GLN A 210 9.71 5.72 -7.55
C GLN A 210 9.17 5.81 -8.98
N SER A 211 9.90 5.21 -9.93
CA SER A 211 9.48 5.09 -11.32
C SER A 211 8.45 3.98 -11.53
N LEU A 212 8.48 2.87 -10.78
CA LEU A 212 7.47 1.81 -10.87
C LEU A 212 6.05 2.37 -10.68
N CYS A 213 5.84 3.26 -9.71
CA CYS A 213 4.51 3.85 -9.47
C CYS A 213 4.01 4.70 -10.65
N GLN A 214 4.85 5.58 -11.22
CA GLN A 214 4.49 6.40 -12.39
C GLN A 214 4.44 5.59 -13.70
N SER A 215 5.15 4.47 -13.78
CA SER A 215 5.14 3.54 -14.91
C SER A 215 3.93 2.61 -14.88
N LEU A 216 3.63 1.97 -13.73
CA LEU A 216 2.50 1.05 -13.63
C LEU A 216 1.17 1.76 -13.89
N ARG A 217 1.04 2.99 -13.41
CA ARG A 217 -0.16 3.81 -13.58
C ARG A 217 -0.42 4.16 -15.05
N GLU A 218 0.64 4.43 -15.83
CA GLU A 218 0.52 4.71 -17.27
C GLU A 218 0.39 3.43 -18.12
N ARG A 219 0.77 2.27 -17.56
CA ARG A 219 0.63 0.95 -18.17
C ARG A 219 -0.74 0.29 -17.93
N CYS A 220 -1.70 0.95 -17.27
CA CYS A 220 -3.10 0.48 -17.22
C CYS A 220 -3.67 0.06 -18.59
N PRO A 221 -3.69 0.92 -19.62
CA PRO A 221 -4.18 0.56 -20.96
C PRO A 221 -3.23 -0.44 -21.68
N ARG A 222 -3.40 -0.61 -23.00
CA ARG A 222 -2.60 -1.52 -23.84
C ARG A 222 -2.82 -3.01 -23.52
N GLY A 223 -3.74 -3.33 -22.59
CA GLY A 223 -4.01 -4.67 -22.09
C GLY A 223 -2.88 -5.25 -21.26
N ASP A 224 -2.02 -4.40 -20.68
CA ASP A 224 -0.87 -4.84 -19.91
C ASP A 224 -1.31 -5.37 -18.54
N ASP A 225 -1.01 -6.64 -18.23
CA ASP A 225 -1.35 -7.21 -16.93
C ASP A 225 -0.55 -6.57 -15.80
N ILE A 226 -1.22 -6.26 -14.68
CA ILE A 226 -0.56 -5.69 -13.49
C ILE A 226 0.55 -6.62 -12.97
N LEU A 227 0.50 -7.92 -13.32
CA LEU A 227 1.52 -8.91 -13.03
C LEU A 227 2.84 -8.62 -13.73
N THR A 228 2.89 -8.60 -15.08
CA THR A 228 4.14 -8.32 -15.81
C THR A 228 4.64 -6.91 -15.51
N ILE A 229 3.72 -5.94 -15.39
CA ILE A 229 4.04 -4.54 -15.08
C ILE A 229 5.01 -4.42 -13.89
N LEU A 230 4.81 -5.23 -12.83
CA LEU A 230 5.68 -5.25 -11.65
C LEU A 230 7.17 -5.47 -11.99
N THR A 231 7.46 -6.25 -13.04
CA THR A 231 8.82 -6.57 -13.50
C THR A 231 9.15 -5.85 -14.81
N GLU A 232 8.46 -4.75 -15.12
CA GLU A 232 8.61 -3.95 -16.34
C GLU A 232 9.30 -2.59 -16.06
N VAL A 233 9.93 -2.48 -14.89
CA VAL A 233 10.63 -1.28 -14.41
C VAL A 233 11.89 -1.69 -13.64
N PRO A 251 14.87 -11.66 -9.57
CA PRO A 251 15.40 -10.83 -8.48
C PRO A 251 14.69 -11.10 -7.16
N GLN A 252 13.36 -11.00 -7.15
CA GLN A 252 12.48 -11.30 -6.01
C GLN A 252 11.00 -11.42 -6.47
N PRO A 253 10.59 -12.55 -7.08
CA PRO A 253 9.22 -12.76 -7.57
C PRO A 253 8.23 -13.03 -6.43
N THR A 254 7.90 -11.98 -5.68
CA THR A 254 6.94 -12.04 -4.56
C THR A 254 5.49 -12.02 -5.02
N PHE A 255 5.25 -11.64 -6.29
CA PHE A 255 3.94 -11.50 -6.90
C PHE A 255 3.53 -12.82 -7.54
N THR A 256 2.29 -13.24 -7.32
CA THR A 256 1.72 -14.46 -7.88
C THR A 256 0.19 -14.39 -7.81
N LEU A 257 -0.50 -15.14 -8.69
CA LEU A 257 -1.94 -15.33 -8.67
C LEU A 257 -2.33 -16.63 -9.39
N ARG A 258 -3.51 -17.16 -9.05
CA ARG A 258 -4.11 -18.34 -9.68
C ARG A 258 -4.82 -17.99 -10.99
N LYS A 259 -5.27 -16.74 -11.11
CA LYS A 259 -6.02 -16.19 -12.24
C LYS A 259 -5.41 -14.87 -12.71
N LYS A 260 -5.53 -14.61 -14.01
CA LYS A 260 -4.95 -13.44 -14.66
C LYS A 260 -5.65 -12.13 -14.27
N LEU A 261 -4.93 -11.27 -13.54
CA LEU A 261 -5.40 -10.00 -13.00
C LEU A 261 -5.02 -8.80 -13.90
N VAL A 262 -5.56 -8.75 -15.12
CA VAL A 262 -5.30 -7.62 -16.03
C VAL A 262 -6.15 -6.40 -15.59
N PHE A 263 -5.58 -5.20 -15.74
CA PHE A 263 -6.24 -3.94 -15.41
C PHE A 263 -6.42 -3.07 -16.67
N PRO A 264 -7.24 -3.53 -17.64
CA PRO A 264 -7.32 -2.88 -18.95
C PRO A 264 -7.96 -1.49 -18.86
N SER A 265 -8.98 -1.32 -18.02
CA SER A 265 -9.66 -0.04 -17.74
C SER A 265 -10.32 0.63 -18.96
N ASP A 266 -10.60 -0.15 -20.02
CA ASP A 266 -11.15 0.27 -21.32
C ASP A 266 -12.65 -0.07 -21.53
N LYS A 11 -7.38 -20.06 -16.31
CA LYS A 11 -6.93 -18.83 -16.98
C LYS A 11 -7.41 -17.59 -16.24
N VAL A 12 -7.16 -16.43 -16.87
CA VAL A 12 -7.59 -15.10 -16.43
C VAL A 12 -9.06 -15.07 -16.01
N TYR A 13 -9.34 -14.25 -15.00
CA TYR A 13 -10.70 -13.95 -14.56
C TYR A 13 -11.51 -13.16 -15.61
N GLN A 14 -12.78 -12.92 -15.31
CA GLN A 14 -13.72 -12.23 -16.18
C GLN A 14 -14.29 -10.97 -15.52
N MET A 15 -13.64 -9.84 -15.80
CA MET A 15 -14.04 -8.52 -15.35
C MET A 15 -14.95 -7.81 -16.38
N LYS A 16 -15.77 -8.57 -17.10
CA LYS A 16 -16.83 -8.04 -17.98
C LYS A 16 -17.96 -7.40 -17.16
N SER A 17 -18.62 -6.39 -17.74
CA SER A 17 -19.70 -5.61 -17.11
C SER A 17 -19.33 -5.08 -15.71
N LYS A 18 -18.04 -4.86 -15.44
CA LYS A 18 -17.54 -4.37 -14.15
C LYS A 18 -17.77 -2.87 -13.97
N PRO A 19 -17.68 -2.39 -12.72
CA PRO A 19 -17.70 -0.97 -12.43
C PRO A 19 -16.40 -0.29 -12.86
N ARG A 20 -16.38 1.04 -12.72
CA ARG A 20 -15.26 1.92 -13.09
C ARG A 20 -13.96 1.49 -12.41
N GLY A 21 -13.96 1.41 -11.08
CA GLY A 21 -12.83 0.90 -10.29
C GLY A 21 -13.16 0.69 -8.82
N TYR A 22 -13.64 1.74 -8.14
CA TYR A 22 -13.93 1.76 -6.69
C TYR A 22 -12.70 1.38 -5.85
N CYS A 23 -11.48 1.65 -6.35
CA CYS A 23 -10.22 1.33 -5.68
C CYS A 23 -10.04 2.08 -4.35
N LEU A 24 -9.12 1.56 -3.51
CA LEU A 24 -8.88 2.05 -2.15
C LEU A 24 -7.48 2.62 -2.02
N ILE A 25 -7.40 3.90 -1.63
CA ILE A 25 -6.14 4.63 -1.48
C ILE A 25 -6.17 5.45 -0.19
N ILE A 26 -5.09 5.35 0.59
CA ILE A 26 -4.95 6.05 1.86
C ILE A 26 -3.66 6.87 1.85
N ASN A 27 -3.77 8.16 2.17
CA ASN A 27 -2.68 9.10 2.33
C ASN A 27 -2.61 9.59 3.79
N ASN A 28 -1.48 10.18 4.16
CA ASN A 28 -1.21 10.72 5.48
C ASN A 28 -0.48 12.06 5.32
N HIS A 29 -0.72 12.98 6.26
CA HIS A 29 -0.11 14.30 6.26
C HIS A 29 0.58 14.65 7.59
N ASN A 30 0.08 14.12 8.71
CA ASN A 30 0.67 14.32 10.03
C ASN A 30 1.97 13.51 10.19
N PHE A 31 3.09 14.18 10.46
CA PHE A 31 4.41 13.56 10.61
C PHE A 31 5.05 13.81 11.99
N ALA A 32 4.27 14.26 12.98
CA ALA A 32 4.72 14.57 14.33
C ALA A 32 5.19 13.32 15.09
N LYS A 33 4.38 12.25 15.08
CA LYS A 33 4.69 10.95 15.68
C LYS A 33 5.14 9.93 14.63
N ALA A 34 5.67 10.41 13.50
CA ALA A 34 6.21 9.58 12.43
C ALA A 34 7.73 9.80 12.22
N ARG A 35 8.32 10.78 12.91
CA ARG A 35 9.72 11.21 12.78
C ARG A 35 10.76 10.09 12.91
N GLU A 36 10.49 9.14 13.81
CA GLU A 36 11.30 7.94 14.05
C GLU A 36 10.49 6.64 14.02
N LYS A 37 9.19 6.70 14.32
CA LYS A 37 8.28 5.54 14.27
C LYS A 37 8.28 4.87 12.89
N VAL A 38 8.48 5.65 11.82
CA VAL A 38 8.44 5.23 10.43
C VAL A 38 9.61 5.86 9.65
N PRO A 39 10.83 5.28 9.73
CA PRO A 39 12.01 5.80 9.01
C PRO A 39 11.91 5.69 7.48
N LYS A 40 10.86 5.02 7.00
CA LYS A 40 10.48 4.92 5.59
C LYS A 40 9.53 6.03 5.11
N LEU A 41 9.22 7.02 5.95
CA LEU A 41 8.36 8.17 5.62
C LEU A 41 9.18 9.46 5.37
N HIS A 42 10.44 9.33 4.98
CA HIS A 42 11.29 10.48 4.61
C HIS A 42 11.16 10.81 3.11
N SER A 43 11.08 9.79 2.24
CA SER A 43 10.91 9.96 0.79
C SER A 43 9.50 10.35 0.35
N ILE A 44 8.55 10.48 1.29
CA ILE A 44 7.13 10.81 1.05
C ILE A 44 6.85 12.31 1.15
N ARG A 45 7.84 13.16 0.88
CA ARG A 45 7.79 14.61 1.04
C ARG A 45 6.63 15.27 0.28
N ASP A 46 5.47 15.32 0.93
CA ASP A 46 4.20 15.77 0.37
C ASP A 46 3.83 17.13 0.99
N ARG A 47 4.63 18.17 0.66
CA ARG A 47 4.40 19.58 1.04
C ARG A 47 3.02 20.10 0.65
N ASN A 48 2.40 19.48 -0.37
CA ASN A 48 1.06 19.72 -0.87
C ASN A 48 0.10 18.63 -0.38
N GLY A 49 -0.04 18.50 0.95
CA GLY A 49 -0.95 17.55 1.61
C GLY A 49 -2.42 17.81 1.27
N THR A 50 -2.94 17.09 0.27
CA THR A 50 -4.33 17.19 -0.22
C THR A 50 -4.67 16.04 -1.18
N HIS A 51 -5.96 15.83 -1.44
CA HIS A 51 -6.48 14.92 -2.46
C HIS A 51 -5.98 15.23 -3.88
N LEU A 52 -5.57 16.49 -4.15
CA LEU A 52 -4.96 16.88 -5.42
C LEU A 52 -3.54 16.34 -5.62
N ASP A 53 -2.91 15.80 -4.57
CA ASP A 53 -1.60 15.16 -4.65
C ASP A 53 -1.77 13.64 -4.69
N ALA A 54 -2.08 13.05 -3.53
CA ALA A 54 -2.07 11.61 -3.30
C ALA A 54 -0.83 10.92 -3.90
N GLY A 55 0.34 11.56 -3.94
CA GLY A 55 1.56 11.09 -4.61
C GLY A 55 1.37 10.58 -6.05
N ALA A 56 0.37 11.09 -6.80
CA ALA A 56 -0.08 10.60 -8.11
C ALA A 56 -0.69 9.18 -8.11
N LEU A 57 -0.87 8.57 -6.93
CA LEU A 57 -1.45 7.25 -6.72
C LEU A 57 -2.94 7.27 -7.08
N THR A 58 -3.66 8.32 -6.64
CA THR A 58 -5.09 8.52 -6.94
C THR A 58 -5.32 9.10 -8.33
N THR A 59 -4.58 10.14 -8.72
CA THR A 59 -4.76 10.82 -10.03
C THR A 59 -4.73 9.84 -11.20
N THR A 60 -3.97 8.75 -11.05
CA THR A 60 -3.81 7.67 -12.01
C THR A 60 -5.14 6.98 -12.35
N PHE A 61 -5.94 6.64 -11.33
CA PHE A 61 -7.25 6.02 -11.53
C PHE A 61 -8.35 7.11 -11.68
N GLU A 62 -8.16 8.29 -11.07
CA GLU A 62 -9.13 9.40 -11.16
C GLU A 62 -9.29 9.88 -12.60
N GLU A 63 -8.19 10.08 -13.33
CA GLU A 63 -8.23 10.51 -14.74
C GLU A 63 -8.95 9.51 -15.66
N LEU A 64 -9.02 8.24 -15.24
CA LEU A 64 -9.75 7.16 -15.91
C LEU A 64 -11.25 7.15 -15.58
N HIS A 65 -11.75 8.12 -14.79
CA HIS A 65 -13.14 8.19 -14.32
C HIS A 65 -13.47 7.11 -13.28
N PHE A 66 -12.45 6.45 -12.72
CA PHE A 66 -12.65 5.37 -11.76
C PHE A 66 -12.93 5.93 -10.38
N GLU A 67 -13.99 5.41 -9.74
CA GLU A 67 -14.31 5.77 -8.36
C GLU A 67 -13.11 5.39 -7.47
N ILE A 68 -12.66 6.32 -6.63
CA ILE A 68 -11.60 6.12 -5.66
C ILE A 68 -12.04 6.76 -4.35
N LYS A 69 -11.60 6.14 -3.24
CA LYS A 69 -11.80 6.65 -1.89
C LYS A 69 -10.49 7.20 -1.32
N PRO A 70 -10.10 8.47 -1.64
CA PRO A 70 -8.90 9.10 -1.10
C PRO A 70 -9.08 9.44 0.38
N HIS A 71 -8.77 8.47 1.24
CA HIS A 71 -8.76 8.68 2.68
C HIS A 71 -7.47 9.39 3.09
N ASP A 72 -7.58 10.67 3.43
CA ASP A 72 -6.50 11.47 4.01
C ASP A 72 -6.79 11.77 5.50
N ASP A 73 -5.77 12.22 6.23
CA ASP A 73 -5.84 12.58 7.67
C ASP A 73 -6.52 11.51 8.55
N CYS A 74 -6.19 10.22 8.32
CA CYS A 74 -6.78 9.07 9.00
C CYS A 74 -5.71 8.18 9.66
N THR A 75 -5.75 8.09 10.99
CA THR A 75 -4.90 7.21 11.80
C THR A 75 -5.42 5.77 11.79
N VAL A 76 -4.67 4.85 12.42
CA VAL A 76 -5.06 3.44 12.53
C VAL A 76 -6.49 3.25 13.05
N GLU A 77 -6.86 3.94 14.13
CA GLU A 77 -8.21 3.91 14.70
C GLU A 77 -9.29 4.40 13.71
N GLN A 78 -8.95 5.35 12.82
CA GLN A 78 -9.85 5.89 11.80
C GLN A 78 -9.97 4.92 10.61
N ILE A 79 -8.90 4.20 10.26
CA ILE A 79 -8.89 3.19 9.18
C ILE A 79 -9.45 1.84 9.65
N TYR A 80 -9.38 1.52 10.95
CA TYR A 80 -9.98 0.31 11.53
C TYR A 80 -11.47 0.21 11.23
N GLU A 81 -12.14 1.37 11.08
CA GLU A 81 -13.54 1.45 10.68
C GLU A 81 -13.76 1.17 9.18
N ILE A 82 -12.72 0.90 8.40
CA ILE A 82 -12.77 0.62 6.96
C ILE A 82 -12.41 -0.84 6.68
N LEU A 83 -11.59 -1.46 7.53
CA LEU A 83 -11.20 -2.86 7.41
C LEU A 83 -12.39 -3.82 7.54
N LYS A 84 -13.33 -3.51 8.45
CA LYS A 84 -14.56 -4.29 8.58
C LYS A 84 -15.56 -4.04 7.45
N ILE A 85 -15.55 -2.85 6.80
CA ILE A 85 -16.54 -2.48 5.76
C ILE A 85 -16.54 -3.52 4.63
N TYR A 86 -15.37 -4.08 4.32
CA TYR A 86 -15.20 -5.12 3.30
C TYR A 86 -16.12 -6.34 3.54
N GLN A 87 -16.42 -6.67 4.81
CA GLN A 87 -17.35 -7.74 5.17
C GLN A 87 -18.82 -7.27 5.23
N LEU A 88 -19.05 -5.96 5.48
CA LEU A 88 -20.38 -5.34 5.52
C LEU A 88 -21.00 -5.23 4.13
N MET A 89 -20.16 -5.12 3.09
CA MET A 89 -20.62 -5.02 1.70
C MET A 89 -21.46 -6.22 1.29
N ASP A 90 -21.01 -7.43 1.67
CA ASP A 90 -21.62 -8.75 1.35
C ASP A 90 -21.94 -8.94 -0.15
N HIS A 91 -21.30 -8.14 -1.00
CA HIS A 91 -21.51 -8.14 -2.44
C HIS A 91 -20.66 -9.22 -3.12
N SER A 92 -20.95 -9.53 -4.39
CA SER A 92 -20.16 -10.49 -5.18
C SER A 92 -19.80 -9.95 -6.57
N ASN A 93 -19.81 -8.62 -6.71
CA ASN A 93 -19.53 -7.94 -7.97
C ASN A 93 -18.09 -8.19 -8.43
N MET A 94 -17.12 -7.64 -7.71
CA MET A 94 -15.69 -7.77 -7.94
C MET A 94 -14.99 -8.00 -6.61
N ASP A 95 -13.93 -8.80 -6.64
CA ASP A 95 -13.08 -9.03 -5.46
C ASP A 95 -11.60 -8.71 -5.75
N CYS A 96 -11.31 -8.22 -6.96
CA CYS A 96 -9.96 -7.88 -7.40
C CYS A 96 -9.52 -6.49 -6.89
N PHE A 97 -10.22 -5.90 -5.92
CA PHE A 97 -9.89 -4.57 -5.36
C PHE A 97 -8.40 -4.40 -5.04
N ILE A 98 -7.94 -3.16 -5.20
CA ILE A 98 -6.54 -2.78 -5.10
C ILE A 98 -6.33 -1.93 -3.85
N CYS A 99 -5.65 -2.49 -2.86
CA CYS A 99 -5.28 -1.81 -1.62
C CYS A 99 -3.95 -1.07 -1.80
N CYS A 100 -4.01 0.25 -2.00
CA CYS A 100 -2.84 1.11 -2.11
C CYS A 100 -2.54 1.75 -0.74
N ILE A 101 -1.83 1.01 0.12
CA ILE A 101 -1.45 1.50 1.46
C ILE A 101 0.01 1.95 1.44
N LEU A 102 0.26 3.08 2.11
CA LEU A 102 1.60 3.62 2.28
C LEU A 102 2.37 2.87 3.39
N SER A 103 1.83 2.88 4.61
CA SER A 103 2.44 2.30 5.81
C SER A 103 1.42 2.28 6.95
N HIS A 104 1.41 1.21 7.74
CA HIS A 104 0.47 1.01 8.85
C HIS A 104 1.11 0.10 9.92
N GLY A 105 1.73 0.70 10.94
CA GLY A 105 2.47 -0.05 11.95
C GLY A 105 3.63 -0.88 11.37
N ASP A 106 4.13 -1.83 12.16
CA ASP A 106 5.17 -2.79 11.79
C ASP A 106 5.11 -3.99 12.77
N LYS A 107 6.15 -4.85 12.81
CA LYS A 107 6.23 -6.10 13.61
C LYS A 107 5.66 -6.00 15.03
N GLY A 108 6.23 -5.08 15.81
CA GLY A 108 5.96 -4.83 17.22
C GLY A 108 6.38 -3.40 17.56
N ILE A 109 5.75 -2.45 16.89
CA ILE A 109 5.82 -1.01 17.16
C ILE A 109 5.04 -0.64 18.43
N ILE A 110 5.00 0.65 18.75
CA ILE A 110 4.22 1.21 19.86
C ILE A 110 3.09 2.06 19.28
N TYR A 111 1.96 2.16 19.99
CA TYR A 111 0.85 3.07 19.71
C TYR A 111 1.28 4.55 19.69
N GLY A 112 0.34 5.48 19.44
CA GLY A 112 0.60 6.91 19.47
C GLY A 112 -0.50 7.73 18.81
N THR A 113 -0.10 8.67 17.93
CA THR A 113 -1.01 9.49 17.12
C THR A 113 -0.84 9.14 15.64
N ASP A 114 0.23 9.61 15.00
CA ASP A 114 0.46 9.42 13.56
C ASP A 114 0.98 7.99 13.28
N GLY A 115 1.92 7.53 14.10
CA GLY A 115 2.46 6.17 14.09
C GLY A 115 1.77 5.30 15.15
N GLN A 116 0.45 5.10 15.02
CA GLN A 116 -0.29 4.11 15.82
C GLN A 116 0.06 2.65 15.45
N GLU A 117 -0.47 1.70 16.22
CA GLU A 117 -0.25 0.27 16.05
C GLU A 117 -1.28 -0.37 15.08
N ALA A 118 -0.84 -0.84 13.92
CA ALA A 118 -1.66 -1.54 12.92
C ALA A 118 -1.06 -2.92 12.56
N PRO A 119 -1.17 -3.92 13.45
CA PRO A 119 -0.68 -5.27 13.20
C PRO A 119 -1.49 -5.93 12.08
N ILE A 120 -0.88 -6.14 10.90
CA ILE A 120 -1.50 -6.84 9.76
C ILE A 120 -2.20 -8.14 10.16
N TYR A 121 -1.61 -8.88 11.12
CA TYR A 121 -2.12 -10.11 11.72
C TYR A 121 -3.51 -9.97 12.38
N GLU A 122 -3.97 -8.75 12.67
CA GLU A 122 -5.32 -8.45 13.17
C GLU A 122 -6.23 -7.86 12.08
N LEU A 123 -5.65 -7.21 11.06
CA LEU A 123 -6.37 -6.61 9.94
C LEU A 123 -6.81 -7.72 8.97
N THR A 124 -5.83 -8.42 8.38
CA THR A 124 -6.09 -9.52 7.43
C THR A 124 -6.72 -10.73 8.11
N SER A 125 -6.66 -10.82 9.44
CA SER A 125 -7.41 -11.81 10.23
C SER A 125 -8.94 -11.70 10.05
N GLN A 126 -9.45 -10.59 9.53
CA GLN A 126 -10.87 -10.43 9.19
C GLN A 126 -11.20 -10.99 7.79
N PHE A 127 -10.19 -11.15 6.92
CA PHE A 127 -10.30 -11.73 5.59
C PHE A 127 -10.11 -13.26 5.56
N THR A 128 -10.04 -13.91 6.71
CA THR A 128 -9.90 -15.37 6.81
C THR A 128 -11.15 -16.09 6.29
N GLY A 129 -10.96 -17.13 5.48
CA GLY A 129 -12.03 -18.00 4.95
C GLY A 129 -12.85 -18.76 5.99
N LEU A 130 -12.46 -18.70 7.27
CA LEU A 130 -13.20 -19.25 8.41
C LEU A 130 -14.00 -18.20 9.19
N LYS A 131 -13.82 -16.90 8.87
CA LYS A 131 -14.48 -15.76 9.54
C LYS A 131 -15.34 -14.96 8.56
N CYS A 132 -14.88 -14.79 7.32
CA CYS A 132 -15.61 -14.16 6.24
C CYS A 132 -15.46 -14.97 4.93
N PRO A 133 -16.03 -16.18 4.82
CA PRO A 133 -15.96 -17.00 3.62
C PRO A 133 -16.62 -16.34 2.39
N SER A 134 -17.49 -15.35 2.61
CA SER A 134 -18.27 -14.60 1.63
C SER A 134 -17.44 -14.11 0.45
N LEU A 135 -16.27 -13.52 0.73
CA LEU A 135 -15.31 -12.96 -0.24
C LEU A 135 -13.86 -13.39 0.06
N ALA A 136 -13.67 -14.57 0.65
CA ALA A 136 -12.34 -15.14 0.95
C ALA A 136 -11.94 -16.27 -0.04
N GLY A 137 -12.81 -16.61 -0.99
CA GLY A 137 -12.54 -17.63 -2.02
C GLY A 137 -12.09 -17.06 -3.37
N LYS A 138 -12.07 -15.73 -3.52
CA LYS A 138 -11.51 -15.02 -4.67
C LYS A 138 -10.16 -14.37 -4.31
N PRO A 139 -9.37 -13.98 -5.33
CA PRO A 139 -8.08 -13.33 -5.16
C PRO A 139 -8.18 -11.88 -4.66
N LYS A 140 -7.05 -11.15 -4.59
CA LYS A 140 -7.03 -9.71 -4.24
C LYS A 140 -5.71 -9.04 -4.62
N VAL A 141 -5.68 -7.69 -4.67
CA VAL A 141 -4.47 -6.91 -5.00
C VAL A 141 -4.07 -5.98 -3.85
N PHE A 142 -2.77 -5.98 -3.53
CA PHE A 142 -2.21 -5.14 -2.48
C PHE A 142 -0.85 -4.57 -2.92
N PHE A 143 -0.76 -3.24 -2.96
CA PHE A 143 0.49 -2.53 -3.22
C PHE A 143 1.10 -2.09 -1.89
N ILE A 144 2.28 -2.64 -1.59
CA ILE A 144 3.08 -2.33 -0.40
C ILE A 144 4.22 -1.40 -0.82
N GLN A 145 4.68 -0.55 0.11
CA GLN A 145 5.85 0.31 -0.07
C GLN A 145 6.83 0.17 1.09
N ALA A 146 8.12 0.14 0.74
CA ALA A 146 9.25 0.01 1.64
C ALA A 146 10.36 0.97 1.19
N ALA A 147 10.69 1.95 2.06
CA ALA A 147 11.78 2.91 1.87
C ALA A 147 12.89 2.77 2.93
N GLN A 148 12.65 2.01 4.00
CA GLN A 148 13.61 1.71 5.06
C GLN A 148 13.20 0.39 5.74
N GLY A 149 14.16 -0.29 6.37
CA GLY A 149 13.94 -1.50 7.16
C GLY A 149 13.54 -1.21 8.60
N ASP A 150 14.13 -1.96 9.54
CA ASP A 150 13.94 -1.75 10.97
C ASP A 150 14.39 -0.34 11.39
N ASN A 151 13.75 0.19 12.43
CA ASN A 151 14.06 1.50 13.00
C ASN A 151 15.03 1.39 14.19
N TYR A 152 15.54 2.54 14.64
CA TYR A 152 16.42 2.61 15.80
C TYR A 152 15.63 2.43 17.11
N GLN A 153 16.33 2.04 18.19
CA GLN A 153 15.72 1.77 19.50
C GLN A 153 15.89 2.95 20.48
N LYS A 154 16.31 4.11 19.96
CA LYS A 154 16.53 5.34 20.71
C LYS A 154 16.14 6.56 19.88
N GLY A 155 16.08 7.70 20.57
CA GLY A 155 15.76 9.02 20.05
C GLY A 155 14.71 9.69 20.95
N ILE A 156 14.64 11.03 20.86
CA ILE A 156 13.77 11.86 21.69
C ILE A 156 13.03 12.91 20.84
N PRO A 157 11.90 13.45 21.33
CA PRO A 157 11.15 14.47 20.59
C PRO A 157 11.88 15.82 20.48
N VAL A 158 12.92 16.04 21.31
CA VAL A 158 13.75 17.26 21.38
C VAL A 158 14.90 17.29 20.35
N GLU A 159 14.94 16.34 19.40
CA GLU A 159 16.01 16.21 18.40
C GLU A 159 15.86 17.25 17.28
N THR A 160 14.67 17.35 16.68
CA THR A 160 14.36 18.28 15.59
C THR A 160 12.97 18.87 15.81
N ASP A 161 12.84 20.20 15.70
CA ASP A 161 11.55 20.89 15.79
C ASP A 161 10.82 20.83 14.44
N SER A 162 11.54 21.17 13.36
CA SER A 162 11.02 21.23 11.98
C SER A 162 11.85 20.33 11.05
N GLU A 163 11.34 19.13 10.77
CA GLU A 163 11.89 18.17 9.79
C GLU A 163 11.66 18.56 8.32
N GLU A 164 10.96 19.68 8.05
CA GLU A 164 10.72 20.24 6.72
C GLU A 164 12.02 20.46 5.90
N GLN A 165 13.13 20.63 6.61
CA GLN A 165 14.48 20.87 6.10
C GLN A 165 15.35 19.59 6.20
N PRO A 166 16.56 19.56 5.60
CA PRO A 166 17.46 18.40 5.65
C PRO A 166 18.10 18.19 7.04
N TYR A 167 17.27 17.90 8.05
CA TYR A 167 17.69 17.65 9.43
C TYR A 167 17.98 16.16 9.64
N LEU A 168 16.95 15.32 9.57
CA LEU A 168 17.01 13.87 9.83
C LEU A 168 16.62 13.06 8.60
N GLU A 169 17.53 12.22 8.15
CA GLU A 169 17.37 11.35 7.00
C GLU A 169 18.21 10.09 7.16
N MET A 170 17.98 9.14 6.26
CA MET A 170 18.67 7.85 6.18
C MET A 170 18.32 7.16 4.86
N ASP A 171 19.07 6.11 4.53
CA ASP A 171 18.94 5.31 3.32
C ASP A 171 19.27 3.84 3.61
N LEU A 172 19.11 2.99 2.60
CA LEU A 172 19.41 1.56 2.66
C LEU A 172 20.89 1.29 2.37
N SER A 173 21.54 0.54 3.27
CA SER A 173 22.95 0.15 3.17
C SER A 173 23.14 -1.32 2.76
N SER A 174 22.21 -2.20 3.13
CA SER A 174 22.28 -3.67 3.01
C SER A 174 21.12 -4.35 3.78
N PRO A 175 21.04 -4.24 5.13
CA PRO A 175 19.98 -4.87 5.90
C PRO A 175 18.63 -4.18 5.68
N GLN A 176 17.54 -4.95 5.76
CA GLN A 176 16.17 -4.45 5.65
C GLN A 176 15.21 -5.46 6.30
N THR A 177 13.99 -5.01 6.63
CA THR A 177 12.94 -5.84 7.25
C THR A 177 12.60 -7.08 6.42
N ARG A 178 12.28 -6.86 5.13
CA ARG A 178 11.85 -7.89 4.18
C ARG A 178 10.73 -8.81 4.70
N TYR A 179 9.92 -8.30 5.64
CA TYR A 179 8.78 -9.02 6.21
C TYR A 179 7.84 -9.50 5.11
N ILE A 180 7.35 -10.73 5.24
CA ILE A 180 6.45 -11.36 4.28
C ILE A 180 5.45 -12.24 5.02
N PRO A 181 4.12 -12.05 4.81
CA PRO A 181 3.10 -12.89 5.42
C PRO A 181 3.03 -14.31 4.85
N ASP A 182 3.59 -14.53 3.65
CA ASP A 182 3.58 -15.81 2.91
C ASP A 182 2.15 -16.38 2.74
N GLU A 183 1.23 -15.48 2.36
CA GLU A 183 -0.15 -15.78 2.03
C GLU A 183 -0.30 -16.51 0.68
N ALA A 184 -1.53 -16.88 0.31
CA ALA A 184 -1.82 -17.51 -0.98
C ALA A 184 -3.02 -16.85 -1.67
N ASP A 185 -3.07 -16.89 -3.01
CA ASP A 185 -4.13 -16.26 -3.82
C ASP A 185 -4.21 -14.73 -3.67
N PHE A 186 -3.14 -14.09 -3.19
CA PHE A 186 -3.07 -12.65 -2.94
C PHE A 186 -1.79 -12.06 -3.55
N LEU A 187 -1.93 -10.87 -4.18
CA LEU A 187 -0.79 -10.11 -4.68
C LEU A 187 -0.24 -9.20 -3.60
N LEU A 188 1.10 -9.17 -3.49
CA LEU A 188 1.84 -8.34 -2.55
C LEU A 188 3.05 -7.70 -3.26
N GLY A 189 2.93 -6.42 -3.63
CA GLY A 189 4.03 -5.65 -4.24
C GLY A 189 5.16 -5.33 -3.25
N MET A 190 5.79 -6.35 -2.65
CA MET A 190 6.93 -6.24 -1.74
C MET A 190 8.24 -5.91 -2.50
N ALA A 191 9.26 -5.51 -1.74
CA ALA A 191 10.58 -5.19 -2.28
C ALA A 191 11.44 -6.45 -2.40
N PRO A 202 28.07 -2.83 -13.25
CA PRO A 202 27.51 -2.24 -12.03
C PRO A 202 26.30 -1.33 -12.35
N ALA A 203 25.09 -1.87 -12.23
CA ALA A 203 23.84 -1.18 -12.57
C ALA A 203 22.89 -1.04 -11.35
N GLU A 204 23.19 -0.07 -10.48
CA GLU A 204 22.46 0.15 -9.23
C GLU A 204 22.28 1.67 -8.97
N GLY A 205 21.20 2.25 -9.52
CA GLY A 205 20.93 3.68 -9.36
C GLY A 205 19.80 4.21 -10.23
N THR A 206 18.68 3.48 -10.28
CA THR A 206 17.50 3.77 -11.10
C THR A 206 16.27 3.98 -10.23
N TRP A 207 15.16 4.39 -10.85
CA TRP A 207 13.87 4.59 -10.19
C TRP A 207 13.13 3.27 -9.98
N TYR A 208 13.07 2.80 -8.73
CA TYR A 208 12.32 1.59 -8.34
C TYR A 208 10.81 1.87 -8.30
N ILE A 209 10.37 2.83 -7.47
CA ILE A 209 8.96 3.19 -7.29
C ILE A 209 8.63 4.59 -7.84
N GLN A 210 9.64 5.47 -7.94
CA GLN A 210 9.45 6.84 -8.44
C GLN A 210 8.86 6.84 -9.86
N SER A 211 9.23 5.83 -10.67
CA SER A 211 8.70 5.63 -12.01
C SER A 211 7.60 4.56 -12.10
N LEU A 212 7.23 3.92 -10.98
CA LEU A 212 6.21 2.87 -10.94
C LEU A 212 4.81 3.42 -11.21
N CYS A 213 4.44 4.47 -10.47
CA CYS A 213 3.14 5.10 -10.57
C CYS A 213 2.97 5.83 -11.92
N GLN A 214 4.04 6.45 -12.43
CA GLN A 214 4.01 7.13 -13.73
C GLN A 214 4.08 6.17 -14.94
N SER A 215 4.61 4.95 -14.76
CA SER A 215 4.58 3.93 -15.81
C SER A 215 3.21 3.28 -15.88
N LEU A 216 2.64 2.84 -14.74
CA LEU A 216 1.33 2.19 -14.74
C LEU A 216 0.21 3.12 -15.25
N ARG A 217 0.28 4.43 -14.98
CA ARG A 217 -0.73 5.39 -15.46
C ARG A 217 -0.70 5.53 -16.99
N GLU A 218 0.50 5.57 -17.59
CA GLU A 218 0.68 5.69 -19.04
C GLU A 218 0.48 4.35 -19.76
N ARG A 219 0.57 3.21 -19.04
CA ARG A 219 0.36 1.85 -19.57
C ARG A 219 -0.90 1.16 -19.02
N CYS A 220 -1.81 1.92 -18.38
CA CYS A 220 -3.12 1.45 -17.94
C CYS A 220 -3.98 0.93 -19.10
N PRO A 221 -4.31 1.75 -20.12
CA PRO A 221 -5.18 1.35 -21.24
C PRO A 221 -4.47 0.39 -22.21
N ARG A 222 -4.38 -0.89 -21.84
CA ARG A 222 -3.73 -1.95 -22.64
C ARG A 222 -4.48 -3.28 -22.63
N GLY A 223 -4.89 -3.74 -21.44
CA GLY A 223 -5.54 -5.03 -21.22
C GLY A 223 -4.61 -6.12 -20.68
N ASP A 224 -3.30 -5.85 -20.59
CA ASP A 224 -2.30 -6.72 -19.95
C ASP A 224 -2.60 -6.94 -18.44
N ASP A 225 -2.00 -7.96 -17.82
CA ASP A 225 -2.19 -8.24 -16.39
C ASP A 225 -1.54 -7.19 -15.51
N ILE A 226 -2.30 -6.68 -14.52
CA ILE A 226 -1.77 -5.73 -13.54
C ILE A 226 -0.55 -6.29 -12.81
N LEU A 227 -0.47 -7.62 -12.68
CA LEU A 227 0.66 -8.35 -12.12
C LEU A 227 1.95 -8.23 -12.93
N THR A 228 1.90 -7.71 -14.16
CA THR A 228 3.09 -7.40 -14.95
C THR A 228 3.31 -5.89 -15.08
N ILE A 229 2.27 -5.04 -14.95
CA ILE A 229 2.40 -3.57 -15.02
C ILE A 229 3.37 -2.99 -13.99
N LEU A 230 3.53 -3.61 -12.82
CA LEU A 230 4.55 -3.21 -11.84
C LEU A 230 5.93 -3.84 -12.12
N THR A 231 5.95 -5.01 -12.77
CA THR A 231 7.16 -5.79 -13.03
C THR A 231 7.86 -5.39 -14.32
N GLU A 232 7.15 -4.72 -15.25
CA GLU A 232 7.71 -4.18 -16.49
C GLU A 232 8.42 -2.83 -16.27
N VAL A 233 8.10 -2.11 -15.18
CA VAL A 233 8.64 -0.77 -14.90
C VAL A 233 10.14 -0.82 -14.68
N PRO A 251 13.29 -9.46 -12.98
CA PRO A 251 13.39 -9.51 -11.52
C PRO A 251 12.64 -10.71 -10.94
N GLN A 252 12.65 -10.82 -9.61
CA GLN A 252 11.95 -11.87 -8.88
C GLN A 252 10.90 -11.26 -7.92
N PRO A 253 9.78 -10.69 -8.43
CA PRO A 253 8.74 -10.10 -7.60
C PRO A 253 8.03 -11.15 -6.74
N THR A 254 7.28 -10.70 -5.73
CA THR A 254 6.55 -11.58 -4.82
C THR A 254 5.10 -11.77 -5.29
N PHE A 255 4.74 -13.00 -5.65
CA PHE A 255 3.40 -13.34 -6.11
C PHE A 255 3.03 -14.76 -5.64
N THR A 256 1.82 -14.91 -5.09
CA THR A 256 1.31 -16.19 -4.56
C THR A 256 -0.02 -16.62 -5.20
N LEU A 257 -0.39 -15.92 -6.28
CA LEU A 257 -1.60 -16.15 -7.05
C LEU A 257 -1.47 -17.38 -7.93
N ARG A 258 -2.52 -18.22 -7.93
CA ARG A 258 -2.60 -19.42 -8.76
C ARG A 258 -3.27 -19.16 -10.11
N LYS A 259 -4.00 -18.05 -10.21
CA LYS A 259 -4.71 -17.60 -11.41
C LYS A 259 -4.06 -16.33 -11.98
N LYS A 260 -4.49 -15.95 -13.19
CA LYS A 260 -4.05 -14.74 -13.87
C LYS A 260 -4.95 -13.55 -13.52
N LEU A 261 -4.43 -12.66 -12.67
CA LEU A 261 -5.12 -11.43 -12.25
C LEU A 261 -4.91 -10.30 -13.26
N VAL A 262 -5.96 -9.94 -14.00
CA VAL A 262 -5.92 -8.88 -15.02
C VAL A 262 -6.99 -7.85 -14.71
N PHE A 263 -6.70 -6.59 -15.02
CA PHE A 263 -7.65 -5.48 -14.88
C PHE A 263 -7.95 -4.89 -16.27
N PRO A 264 -9.23 -4.84 -16.70
CA PRO A 264 -9.61 -4.27 -17.99
C PRO A 264 -9.45 -2.75 -18.01
N SER A 265 -9.95 -2.07 -16.97
CA SER A 265 -9.91 -0.62 -16.80
C SER A 265 -10.40 0.15 -18.05
N ASP A 266 -11.70 0.02 -18.38
CA ASP A 266 -12.37 0.64 -19.54
C ASP A 266 -12.67 2.16 -19.43
N LYS A 11 -12.01 -16.17 -17.60
CA LYS A 11 -10.64 -15.67 -17.82
C LYS A 11 -10.27 -14.68 -16.72
N VAL A 12 -9.07 -14.12 -16.84
CA VAL A 12 -8.54 -13.02 -16.02
C VAL A 12 -9.56 -11.91 -15.79
N TYR A 13 -9.86 -11.14 -16.84
CA TYR A 13 -10.77 -10.02 -16.80
C TYR A 13 -12.21 -10.55 -16.77
N GLN A 14 -12.99 -10.10 -15.80
CA GLN A 14 -14.38 -10.53 -15.62
C GLN A 14 -15.32 -9.36 -15.24
N MET A 15 -14.89 -8.13 -15.54
CA MET A 15 -15.59 -6.89 -15.21
C MET A 15 -16.78 -6.69 -16.16
N LYS A 16 -17.90 -7.38 -15.87
CA LYS A 16 -19.16 -7.23 -16.59
C LYS A 16 -20.03 -6.06 -16.11
N SER A 17 -19.62 -5.41 -15.02
CA SER A 17 -20.27 -4.24 -14.43
C SER A 17 -19.52 -2.95 -14.81
N LYS A 18 -19.97 -1.81 -14.28
CA LYS A 18 -19.40 -0.50 -14.58
C LYS A 18 -17.88 -0.49 -14.32
N PRO A 19 -17.05 0.02 -15.25
CA PRO A 19 -15.59 0.05 -15.06
C PRO A 19 -15.17 0.98 -13.93
N ARG A 20 -16.03 1.95 -13.57
CA ARG A 20 -15.88 2.93 -12.48
C ARG A 20 -15.90 2.27 -11.08
N GLY A 21 -14.96 1.35 -10.86
CA GLY A 21 -14.72 0.68 -9.59
C GLY A 21 -14.13 1.63 -8.56
N TYR A 22 -14.29 1.26 -7.28
CA TYR A 22 -13.94 2.08 -6.12
C TYR A 22 -12.52 1.77 -5.65
N CYS A 23 -11.62 2.75 -5.75
CA CYS A 23 -10.25 2.66 -5.25
C CYS A 23 -10.14 2.92 -3.74
N LEU A 24 -9.14 2.28 -3.11
CA LEU A 24 -8.84 2.39 -1.68
C LEU A 24 -7.43 2.95 -1.48
N ILE A 25 -7.36 4.17 -0.93
CA ILE A 25 -6.13 4.88 -0.60
C ILE A 25 -6.31 5.55 0.78
N ILE A 26 -5.22 5.62 1.55
CA ILE A 26 -5.17 6.21 2.88
C ILE A 26 -3.98 7.20 2.95
N ASN A 27 -4.20 8.36 3.55
CA ASN A 27 -3.16 9.36 3.81
C ASN A 27 -3.43 10.13 5.12
N ASN A 28 -2.40 10.81 5.64
CA ASN A 28 -2.47 11.67 6.83
C ASN A 28 -2.18 13.13 6.44
N HIS A 29 -2.63 14.05 7.30
CA HIS A 29 -2.42 15.49 7.13
C HIS A 29 -1.88 16.17 8.39
N ASN A 30 -1.46 15.38 9.39
CA ASN A 30 -0.94 15.86 10.67
C ASN A 30 0.56 16.20 10.60
N PHE A 31 1.37 15.36 9.93
CA PHE A 31 2.84 15.47 9.76
C PHE A 31 3.61 15.84 11.04
N ALA A 32 3.04 15.54 12.21
CA ALA A 32 3.53 15.83 13.54
C ALA A 32 4.66 14.86 13.92
N LYS A 33 4.44 13.54 13.77
CA LYS A 33 5.42 12.49 14.11
C LYS A 33 5.79 11.60 12.92
N ALA A 34 5.08 11.79 11.80
CA ALA A 34 5.27 11.08 10.55
C ALA A 34 6.69 11.26 10.00
N ARG A 35 7.35 12.40 10.28
CA ARG A 35 8.75 12.71 9.91
C ARG A 35 9.76 11.59 10.18
N GLU A 36 9.48 10.75 11.17
CA GLU A 36 10.25 9.56 11.51
C GLU A 36 9.89 8.40 10.56
N LYS A 37 8.66 7.86 10.72
CA LYS A 37 8.14 6.68 10.01
C LYS A 37 8.17 6.87 8.51
N VAL A 38 7.69 8.02 8.04
CA VAL A 38 7.58 8.39 6.64
C VAL A 38 8.49 9.59 6.36
N PRO A 39 9.79 9.35 6.10
CA PRO A 39 10.75 10.42 5.84
C PRO A 39 10.38 11.22 4.59
N LYS A 40 9.53 10.69 3.70
CA LYS A 40 8.95 11.44 2.58
C LYS A 40 8.14 12.67 3.00
N LEU A 41 7.65 12.76 4.24
CA LEU A 41 6.92 13.93 4.73
C LEU A 41 7.84 14.96 5.43
N HIS A 42 9.17 14.72 5.42
CA HIS A 42 10.19 15.63 5.95
C HIS A 42 10.03 17.07 5.44
N SER A 43 9.63 17.98 6.32
CA SER A 43 9.34 19.39 6.00
C SER A 43 8.43 19.56 4.75
N ILE A 44 7.59 18.55 4.44
CA ILE A 44 6.70 18.58 3.27
C ILE A 44 5.66 19.69 3.46
N ARG A 45 5.17 20.24 2.34
CA ARG A 45 4.07 21.19 2.35
C ARG A 45 2.77 20.48 2.02
N ASP A 46 1.68 21.12 2.42
CA ASP A 46 0.30 20.68 2.22
C ASP A 46 -0.42 21.65 1.26
N ARG A 47 -0.39 22.94 1.56
CA ARG A 47 -0.98 24.04 0.79
C ARG A 47 -0.30 24.31 -0.56
N ASN A 48 1.04 24.17 -0.63
CA ASN A 48 1.82 24.42 -1.84
C ASN A 48 2.11 23.11 -2.55
N GLY A 49 1.32 22.78 -3.57
CA GLY A 49 1.44 21.52 -4.29
C GLY A 49 0.76 20.37 -3.54
N THR A 50 -0.54 20.50 -3.25
CA THR A 50 -1.36 19.43 -2.68
C THR A 50 -1.63 18.35 -3.73
N HIS A 51 -2.22 17.21 -3.34
CA HIS A 51 -2.55 16.07 -4.23
C HIS A 51 -1.39 15.59 -5.13
N LEU A 52 -0.14 15.89 -4.78
CA LEU A 52 1.06 15.62 -5.57
C LEU A 52 1.81 14.37 -5.11
N ASP A 53 1.80 14.07 -3.81
CA ASP A 53 2.44 12.87 -3.25
C ASP A 53 1.43 11.72 -2.98
N ALA A 54 0.12 12.04 -2.98
CA ALA A 54 -0.97 11.09 -2.75
C ALA A 54 -1.95 11.07 -3.94
N GLY A 55 -2.34 12.25 -4.45
CA GLY A 55 -3.23 12.38 -5.60
C GLY A 55 -2.61 11.96 -6.93
N ALA A 56 -1.28 11.83 -7.03
CA ALA A 56 -0.57 11.29 -8.19
C ALA A 56 -1.09 9.89 -8.59
N LEU A 57 -1.32 9.05 -7.57
CA LEU A 57 -1.89 7.71 -7.72
C LEU A 57 -3.40 7.80 -8.00
N THR A 58 -4.08 8.83 -7.50
CA THR A 58 -5.52 9.05 -7.73
C THR A 58 -5.79 9.47 -9.18
N THR A 59 -5.18 10.57 -9.64
CA THR A 59 -5.34 11.11 -11.00
C THR A 59 -5.02 10.07 -12.07
N THR A 60 -4.10 9.14 -11.77
CA THR A 60 -3.74 8.01 -12.63
C THR A 60 -4.95 7.15 -12.98
N PHE A 61 -5.84 6.87 -12.01
CA PHE A 61 -7.07 6.14 -12.27
C PHE A 61 -8.22 7.09 -12.64
N GLU A 62 -8.23 8.32 -12.12
CA GLU A 62 -9.29 9.31 -12.41
C GLU A 62 -9.39 9.60 -13.90
N GLU A 63 -8.24 9.81 -14.57
CA GLU A 63 -8.19 10.03 -16.03
C GLU A 63 -8.76 8.86 -16.86
N LEU A 64 -8.81 7.64 -16.30
CA LEU A 64 -9.42 6.46 -16.92
C LEU A 64 -10.93 6.33 -16.61
N HIS A 65 -11.58 7.37 -16.06
CA HIS A 65 -13.01 7.37 -15.73
C HIS A 65 -13.32 6.38 -14.58
N PHE A 66 -12.43 6.27 -13.59
CA PHE A 66 -12.62 5.44 -12.39
C PHE A 66 -13.18 6.21 -11.19
N GLU A 67 -13.47 5.52 -10.08
CA GLU A 67 -13.96 6.10 -8.82
C GLU A 67 -12.88 5.95 -7.74
N ILE A 68 -12.33 7.07 -7.25
CA ILE A 68 -11.30 7.02 -6.22
C ILE A 68 -11.80 7.71 -4.96
N LYS A 69 -11.68 7.01 -3.83
CA LYS A 69 -12.04 7.52 -2.51
C LYS A 69 -10.80 7.53 -1.60
N PRO A 70 -9.89 8.50 -1.78
CA PRO A 70 -8.74 8.68 -0.90
C PRO A 70 -9.20 9.17 0.47
N HIS A 71 -8.89 8.40 1.52
CA HIS A 71 -9.13 8.78 2.91
C HIS A 71 -7.97 9.62 3.44
N ASP A 72 -8.18 10.93 3.55
CA ASP A 72 -7.29 11.89 4.20
C ASP A 72 -7.68 12.09 5.67
N ASP A 73 -6.74 12.59 6.49
CA ASP A 73 -6.88 12.84 7.94
C ASP A 73 -7.30 11.59 8.78
N CYS A 74 -7.22 10.39 8.21
CA CYS A 74 -7.73 9.14 8.78
C CYS A 74 -6.57 8.28 9.30
N THR A 75 -6.13 8.54 10.53
CA THR A 75 -5.08 7.77 11.20
C THR A 75 -5.54 6.32 11.47
N VAL A 76 -4.62 5.44 11.86
CA VAL A 76 -4.87 4.02 12.19
C VAL A 76 -6.09 3.78 13.10
N GLU A 77 -6.29 4.67 14.08
CA GLU A 77 -7.44 4.68 14.99
C GLU A 77 -8.78 4.70 14.25
N GLN A 78 -8.83 5.36 13.08
CA GLN A 78 -9.97 5.39 12.17
C GLN A 78 -9.94 4.21 11.19
N ILE A 79 -8.77 3.75 10.73
CA ILE A 79 -8.63 2.60 9.81
C ILE A 79 -9.28 1.34 10.36
N TYR A 80 -9.24 1.15 11.68
CA TYR A 80 -9.97 0.09 12.38
C TYR A 80 -11.47 0.05 12.04
N GLU A 81 -12.10 1.23 11.91
CA GLU A 81 -13.52 1.34 11.53
C GLU A 81 -13.76 1.03 10.05
N ILE A 82 -12.72 1.02 9.21
CA ILE A 82 -12.79 0.65 7.79
C ILE A 82 -12.51 -0.84 7.61
N LEU A 83 -11.53 -1.38 8.35
CA LEU A 83 -11.13 -2.79 8.31
C LEU A 83 -12.32 -3.73 8.60
N LYS A 84 -13.23 -3.31 9.50
CA LYS A 84 -14.48 -4.02 9.78
C LYS A 84 -15.48 -3.97 8.61
N ILE A 85 -15.58 -2.84 7.88
CA ILE A 85 -16.58 -2.65 6.82
C ILE A 85 -16.48 -3.76 5.78
N TYR A 86 -15.24 -4.09 5.40
CA TYR A 86 -14.92 -5.17 4.47
C TYR A 86 -15.56 -6.53 4.86
N GLN A 87 -15.74 -6.80 6.17
CA GLN A 87 -16.45 -7.96 6.70
C GLN A 87 -17.96 -7.71 6.87
N LEU A 88 -18.38 -6.48 7.23
CA LEU A 88 -19.81 -6.13 7.32
C LEU A 88 -20.54 -6.27 5.98
N MET A 89 -19.82 -6.19 4.86
CA MET A 89 -20.39 -6.34 3.52
C MET A 89 -20.95 -7.76 3.28
N ASP A 90 -20.10 -8.81 3.39
CA ASP A 90 -20.43 -10.22 3.13
C ASP A 90 -21.28 -10.45 1.85
N HIS A 91 -21.03 -9.68 0.80
CA HIS A 91 -21.81 -9.75 -0.44
C HIS A 91 -20.93 -9.64 -1.69
N SER A 92 -21.53 -9.92 -2.85
CA SER A 92 -20.92 -9.81 -4.18
C SER A 92 -20.61 -8.34 -4.53
N ASN A 93 -19.58 -7.78 -3.89
CA ASN A 93 -19.07 -6.43 -4.14
C ASN A 93 -18.15 -6.39 -5.39
N MET A 94 -17.54 -5.22 -5.63
CA MET A 94 -16.60 -4.98 -6.72
C MET A 94 -15.14 -5.16 -6.27
N ASP A 95 -14.68 -6.40 -6.18
CA ASP A 95 -13.29 -6.73 -5.78
C ASP A 95 -12.29 -6.61 -6.95
N CYS A 96 -12.71 -6.12 -8.12
CA CYS A 96 -11.89 -5.89 -9.32
C CYS A 96 -11.08 -4.57 -9.27
N PHE A 97 -10.67 -4.13 -8.07
CA PHE A 97 -9.88 -2.92 -7.88
C PHE A 97 -8.67 -3.14 -6.95
N ILE A 98 -7.89 -2.07 -6.73
CA ILE A 98 -6.71 -2.09 -5.86
C ILE A 98 -7.02 -1.43 -4.52
N CYS A 99 -6.36 -1.92 -3.47
CA CYS A 99 -6.46 -1.40 -2.12
C CYS A 99 -5.05 -1.21 -1.53
N CYS A 100 -4.55 0.04 -1.57
CA CYS A 100 -3.29 0.38 -0.93
C CYS A 100 -3.50 0.62 0.57
N ILE A 101 -2.40 0.71 1.33
CA ILE A 101 -2.41 0.96 2.77
C ILE A 101 -1.57 2.22 3.05
N LEU A 102 -1.84 2.88 4.19
CA LEU A 102 -1.04 4.00 4.69
C LEU A 102 0.44 3.60 4.72
N SER A 103 1.25 4.26 3.88
CA SER A 103 2.69 4.03 3.79
C SER A 103 3.34 4.19 5.16
N HIS A 104 4.01 3.15 5.65
CA HIS A 104 4.63 3.13 6.97
C HIS A 104 6.10 2.70 6.84
N GLY A 105 6.99 3.32 7.61
CA GLY A 105 8.44 3.15 7.49
C GLY A 105 8.92 1.74 7.79
N ASP A 106 8.89 1.39 9.07
CA ASP A 106 9.21 0.06 9.54
C ASP A 106 7.97 -0.61 10.16
N LYS A 107 8.04 -1.92 10.36
CA LYS A 107 6.97 -2.71 10.98
C LYS A 107 7.12 -2.84 12.50
N GLY A 108 8.19 -2.27 13.08
CA GLY A 108 8.45 -2.24 14.53
C GLY A 108 8.09 -0.92 15.22
N ILE A 109 7.55 0.08 14.51
CA ILE A 109 7.26 1.40 15.10
C ILE A 109 6.11 1.34 16.13
N ILE A 110 4.92 0.91 15.69
CA ILE A 110 3.71 0.75 16.52
C ILE A 110 3.22 2.09 17.16
N TYR A 111 3.54 3.24 16.56
CA TYR A 111 3.28 4.58 17.09
C TYR A 111 1.81 5.02 17.03
N GLY A 112 1.23 5.03 15.82
CA GLY A 112 -0.15 5.42 15.54
C GLY A 112 -0.51 6.89 15.68
N THR A 113 0.24 7.67 16.47
CA THR A 113 0.13 9.13 16.59
C THR A 113 0.17 9.87 15.23
N ASP A 114 0.83 9.27 14.23
CA ASP A 114 0.84 9.80 12.86
C ASP A 114 1.06 8.73 11.78
N GLY A 115 1.93 7.75 12.05
CA GLY A 115 2.16 6.65 11.13
C GLY A 115 1.05 5.60 11.25
N GLN A 116 1.31 4.55 12.01
CA GLN A 116 0.40 3.45 12.29
C GLN A 116 0.78 2.77 13.61
N GLU A 117 -0.17 2.03 14.18
CA GLU A 117 -0.04 1.22 15.38
C GLU A 117 -0.79 -0.10 15.19
N ALA A 118 -0.84 -0.90 16.26
CA ALA A 118 -1.53 -2.17 16.35
C ALA A 118 -0.91 -3.27 15.46
N PRO A 119 -1.21 -4.55 15.73
CA PRO A 119 -0.77 -5.66 14.88
C PRO A 119 -1.55 -5.70 13.57
N ILE A 120 -0.90 -6.13 12.48
CA ILE A 120 -1.53 -6.35 11.16
C ILE A 120 -2.08 -7.77 11.00
N TYR A 121 -1.40 -8.77 11.60
CA TYR A 121 -1.81 -10.18 11.54
C TYR A 121 -3.22 -10.38 12.11
N GLU A 122 -3.61 -9.63 13.13
CA GLU A 122 -4.95 -9.66 13.74
C GLU A 122 -6.03 -9.06 12.82
N LEU A 123 -5.69 -7.99 12.08
CA LEU A 123 -6.61 -7.35 11.13
C LEU A 123 -6.90 -8.30 9.97
N THR A 124 -5.84 -8.89 9.42
CA THR A 124 -5.94 -9.82 8.28
C THR A 124 -6.41 -11.22 8.69
N SER A 125 -6.26 -11.62 9.97
CA SER A 125 -6.73 -12.91 10.51
C SER A 125 -8.24 -13.12 10.23
N GLN A 126 -9.02 -12.03 10.25
CA GLN A 126 -10.45 -12.00 9.98
C GLN A 126 -10.81 -12.23 8.49
N PHE A 127 -9.82 -12.37 7.60
CA PHE A 127 -9.99 -12.61 6.16
C PHE A 127 -9.61 -14.05 5.76
N THR A 128 -9.28 -14.89 6.73
CA THR A 128 -8.90 -16.29 6.51
C THR A 128 -10.09 -17.09 5.96
N GLY A 129 -9.99 -17.60 4.72
CA GLY A 129 -11.05 -18.39 4.07
C GLY A 129 -11.47 -19.66 4.82
N LEU A 130 -10.67 -20.10 5.80
CA LEU A 130 -10.98 -21.22 6.71
C LEU A 130 -11.68 -20.79 8.01
N LYS A 131 -11.73 -19.49 8.31
CA LYS A 131 -12.37 -18.92 9.50
C LYS A 131 -13.62 -18.13 9.14
N CYS A 132 -13.60 -17.41 8.02
CA CYS A 132 -14.76 -16.71 7.49
C CYS A 132 -14.64 -16.57 5.96
N PRO A 133 -15.65 -16.97 5.17
CA PRO A 133 -15.62 -16.82 3.72
C PRO A 133 -15.70 -15.36 3.30
N SER A 134 -16.87 -14.71 3.42
CA SER A 134 -17.13 -13.31 3.01
C SER A 134 -16.37 -12.88 1.75
N LEU A 135 -16.44 -13.72 0.71
CA LEU A 135 -15.82 -13.51 -0.59
C LEU A 135 -14.28 -13.41 -0.55
N ALA A 136 -13.62 -13.96 0.48
CA ALA A 136 -12.17 -13.90 0.69
C ALA A 136 -11.35 -14.36 -0.53
N GLY A 137 -11.83 -15.38 -1.25
CA GLY A 137 -11.21 -15.93 -2.46
C GLY A 137 -11.42 -15.11 -3.75
N LYS A 138 -12.12 -13.96 -3.68
CA LYS A 138 -12.16 -13.00 -4.78
C LYS A 138 -10.77 -12.37 -5.01
N PRO A 139 -10.51 -11.82 -6.21
CA PRO A 139 -9.27 -11.12 -6.48
C PRO A 139 -9.12 -9.89 -5.58
N LYS A 140 -7.88 -9.49 -5.34
CA LYS A 140 -7.52 -8.24 -4.66
C LYS A 140 -6.07 -7.90 -5.01
N VAL A 141 -5.79 -6.61 -5.13
CA VAL A 141 -4.44 -6.08 -5.35
C VAL A 141 -4.03 -5.25 -4.14
N PHE A 142 -2.81 -5.48 -3.65
CA PHE A 142 -2.20 -4.78 -2.53
C PHE A 142 -0.81 -4.25 -2.91
N PHE A 143 -0.71 -2.92 -3.01
CA PHE A 143 0.55 -2.20 -3.22
C PHE A 143 1.17 -1.73 -1.90
N ILE A 144 2.46 -1.37 -1.96
CA ILE A 144 3.25 -0.85 -0.85
C ILE A 144 4.40 0.01 -1.39
N GLN A 145 4.74 1.08 -0.66
CA GLN A 145 5.84 1.97 -0.99
C GLN A 145 7.06 1.65 -0.11
N ALA A 146 8.06 1.01 -0.70
CA ALA A 146 9.35 0.70 -0.07
C ALA A 146 10.40 1.76 -0.43
N ALA A 147 10.86 2.50 0.58
CA ALA A 147 11.93 3.50 0.49
C ALA A 147 13.09 3.14 1.45
N GLN A 148 14.14 3.96 1.43
CA GLN A 148 15.32 3.85 2.31
C GLN A 148 15.73 5.25 2.76
N GLY A 149 16.24 5.39 3.99
CA GLY A 149 16.82 6.63 4.50
C GLY A 149 18.24 6.85 3.95
N ASP A 150 18.60 8.13 3.76
CA ASP A 150 19.96 8.54 3.37
C ASP A 150 20.99 8.07 4.42
N ASN A 151 22.20 7.70 3.98
CA ASN A 151 23.26 7.26 4.89
C ASN A 151 23.90 8.41 5.70
N TYR A 152 23.70 9.67 5.28
CA TYR A 152 24.31 10.87 5.90
C TYR A 152 25.83 10.76 6.14
N GLN A 153 26.53 10.02 5.27
CA GLN A 153 27.98 9.81 5.36
C GLN A 153 28.72 11.16 5.44
N LYS A 154 29.73 11.22 6.31
CA LYS A 154 30.58 12.40 6.52
C LYS A 154 29.77 13.64 6.96
N GLY A 155 28.65 13.43 7.66
CA GLY A 155 27.78 14.48 8.19
C GLY A 155 27.66 14.42 9.72
N ILE A 156 26.53 13.89 10.21
CA ILE A 156 26.13 13.88 11.61
C ILE A 156 25.63 12.48 12.05
N PRO A 157 25.58 12.18 13.37
CA PRO A 157 25.06 10.91 13.88
C PRO A 157 23.52 10.83 13.88
N VAL A 158 22.82 11.95 13.84
CA VAL A 158 21.35 11.99 13.82
C VAL A 158 20.82 11.46 12.49
N GLU A 159 19.76 10.65 12.52
CA GLU A 159 19.14 10.09 11.30
C GLU A 159 17.81 10.76 10.98
N THR A 160 17.18 11.39 11.97
CA THR A 160 15.90 12.08 11.86
C THR A 160 16.10 13.59 12.03
N ASP A 161 15.09 14.40 11.68
CA ASP A 161 15.14 15.85 11.81
C ASP A 161 15.52 16.29 13.23
N SER A 162 16.48 17.21 13.35
CA SER A 162 16.98 17.70 14.64
C SER A 162 15.97 18.64 15.28
N GLU A 163 15.00 18.03 15.99
CA GLU A 163 13.97 18.74 16.74
C GLU A 163 14.57 19.79 17.69
N GLU A 164 13.83 20.88 17.92
CA GLU A 164 14.20 22.03 18.73
C GLU A 164 14.82 21.71 20.11
N GLN A 165 14.00 21.27 21.08
CA GLN A 165 14.41 20.78 22.39
C GLN A 165 14.53 19.25 22.42
N PRO A 166 13.45 18.49 22.12
CA PRO A 166 13.50 17.02 22.09
C PRO A 166 14.25 16.51 20.85
N TYR A 167 14.00 15.26 20.48
CA TYR A 167 14.58 14.56 19.34
C TYR A 167 13.76 13.30 19.04
N LEU A 168 14.20 12.52 18.06
CA LEU A 168 13.61 11.27 17.66
C LEU A 168 14.66 10.15 17.71
N GLU A 169 14.21 8.89 17.56
CA GLU A 169 15.12 7.75 17.44
C GLU A 169 15.93 7.80 16.12
N MET A 170 16.88 6.86 16.00
CA MET A 170 17.71 6.65 14.81
C MET A 170 17.13 5.56 13.91
N ASP A 171 17.23 4.29 14.34
CA ASP A 171 16.75 3.11 13.63
C ASP A 171 16.40 1.98 14.61
N LEU A 172 15.76 0.93 14.10
CA LEU A 172 15.45 -0.31 14.81
C LEU A 172 16.72 -1.01 15.34
N SER A 173 16.55 -1.96 16.27
CA SER A 173 17.66 -2.61 16.97
C SER A 173 18.66 -3.32 16.05
N SER A 174 18.14 -4.14 15.12
CA SER A 174 18.85 -4.99 14.13
C SER A 174 17.93 -6.08 13.54
N PRO A 175 17.39 -7.03 14.34
CA PRO A 175 16.53 -8.09 13.84
C PRO A 175 15.14 -7.58 13.46
N GLN A 176 14.44 -8.32 12.59
CA GLN A 176 13.08 -8.04 12.16
C GLN A 176 12.28 -9.34 11.97
N THR A 177 10.94 -9.25 12.01
CA THR A 177 10.03 -10.37 11.73
C THR A 177 9.99 -10.73 10.24
N ARG A 178 9.51 -11.95 9.92
CA ARG A 178 9.50 -12.52 8.57
C ARG A 178 8.08 -12.49 7.97
N TYR A 179 7.86 -11.61 6.99
CA TYR A 179 6.56 -11.39 6.35
C TYR A 179 6.51 -12.06 4.98
N ILE A 180 6.05 -13.31 4.94
CA ILE A 180 5.86 -14.10 3.72
C ILE A 180 4.91 -15.28 3.98
N PRO A 181 3.58 -15.12 3.77
CA PRO A 181 2.63 -16.23 3.84
C PRO A 181 2.77 -17.18 2.64
N ASP A 182 2.11 -18.34 2.68
CA ASP A 182 2.09 -19.35 1.61
C ASP A 182 0.89 -19.19 0.65
N GLU A 183 0.23 -18.02 0.69
CA GLU A 183 -0.95 -17.67 -0.08
C GLU A 183 -0.60 -17.37 -1.56
N ALA A 184 -1.06 -18.22 -2.48
CA ALA A 184 -0.79 -18.12 -3.91
C ALA A 184 -2.07 -17.96 -4.75
N ASP A 185 -2.93 -17.02 -4.37
CA ASP A 185 -4.17 -16.68 -5.08
C ASP A 185 -4.45 -15.16 -5.14
N PHE A 186 -3.47 -14.30 -4.81
CA PHE A 186 -3.67 -12.84 -4.72
C PHE A 186 -2.43 -12.05 -5.19
N LEU A 187 -2.60 -10.76 -5.50
CA LEU A 187 -1.49 -9.90 -5.96
C LEU A 187 -0.97 -9.02 -4.81
N LEU A 188 0.25 -9.34 -4.36
CA LEU A 188 0.93 -8.66 -3.27
C LEU A 188 2.29 -8.11 -3.73
N GLY A 189 2.53 -6.81 -3.53
CA GLY A 189 3.81 -6.15 -3.84
C GLY A 189 4.79 -6.05 -2.68
N MET A 190 4.54 -6.78 -1.58
CA MET A 190 5.40 -6.78 -0.38
C MET A 190 6.63 -7.66 -0.56
N ALA A 191 7.72 -7.06 -1.05
CA ALA A 191 9.02 -7.69 -1.10
C ALA A 191 10.15 -6.70 -0.77
N PRO A 202 31.73 0.67 0.05
CA PRO A 202 30.76 1.75 -0.13
C PRO A 202 30.25 1.81 -1.57
N ALA A 203 28.99 2.21 -1.75
CA ALA A 203 28.33 2.37 -3.04
C ALA A 203 27.58 3.70 -3.13
N GLU A 204 27.17 4.09 -4.36
CA GLU A 204 26.42 5.31 -4.61
C GLU A 204 24.98 5.20 -4.09
N GLY A 205 24.30 4.11 -4.48
CA GLY A 205 22.88 3.89 -4.23
C GLY A 205 21.96 4.69 -5.16
N THR A 206 20.69 4.34 -5.19
CA THR A 206 19.66 5.04 -5.97
C THR A 206 18.29 4.90 -5.32
N TRP A 207 17.34 5.74 -5.73
CA TRP A 207 15.96 5.68 -5.24
C TRP A 207 15.19 4.60 -5.99
N TYR A 208 14.15 4.07 -5.35
CA TYR A 208 13.26 3.07 -5.92
C TYR A 208 11.83 3.60 -5.99
N ILE A 209 10.94 2.90 -6.70
CA ILE A 209 9.50 3.21 -6.84
C ILE A 209 9.25 4.57 -7.55
N GLN A 210 10.29 5.17 -8.14
CA GLN A 210 10.22 6.47 -8.81
C GLN A 210 9.60 6.32 -10.21
N SER A 211 10.28 5.57 -11.10
CA SER A 211 9.81 5.32 -12.47
C SER A 211 8.58 4.40 -12.48
N LEU A 212 8.48 3.45 -11.53
CA LEU A 212 7.36 2.51 -11.42
C LEU A 212 6.00 3.22 -11.41
N CYS A 213 5.88 4.37 -10.74
CA CYS A 213 4.67 5.20 -10.74
C CYS A 213 4.32 5.76 -12.12
N GLN A 214 5.25 6.46 -12.77
CA GLN A 214 5.03 7.01 -14.13
C GLN A 214 4.95 5.91 -15.21
N SER A 215 5.48 4.72 -14.95
CA SER A 215 5.35 3.55 -15.81
C SER A 215 3.97 2.89 -15.66
N LEU A 216 3.56 2.52 -14.44
CA LEU A 216 2.28 1.83 -14.20
C LEU A 216 1.10 2.60 -14.80
N ARG A 217 1.13 3.94 -14.71
CA ARG A 217 0.11 4.82 -15.28
C ARG A 217 0.13 4.84 -16.80
N GLU A 218 1.31 4.79 -17.44
CA GLU A 218 1.46 4.79 -18.90
C GLU A 218 1.11 3.42 -19.51
N ARG A 219 1.26 2.35 -18.72
CA ARG A 219 0.87 0.98 -19.09
C ARG A 219 -0.54 0.60 -18.63
N CYS A 220 -1.32 1.53 -18.05
CA CYS A 220 -2.75 1.32 -17.76
C CYS A 220 -3.59 0.82 -18.97
N PRO A 221 -3.52 1.43 -20.17
CA PRO A 221 -4.21 0.93 -21.37
C PRO A 221 -3.55 -0.32 -21.95
N ARG A 222 -3.87 -0.67 -23.19
CA ARG A 222 -3.30 -1.80 -23.96
C ARG A 222 -3.67 -3.18 -23.37
N GLY A 223 -4.48 -3.21 -22.31
CA GLY A 223 -4.75 -4.41 -21.50
C GLY A 223 -3.48 -4.99 -20.88
N ASP A 224 -2.52 -4.14 -20.49
CA ASP A 224 -1.26 -4.60 -19.91
C ASP A 224 -1.50 -5.22 -18.53
N ASP A 225 -1.16 -6.50 -18.38
CA ASP A 225 -1.45 -7.24 -17.16
C ASP A 225 -0.68 -6.72 -15.94
N ILE A 226 -1.39 -6.51 -14.81
CA ILE A 226 -0.76 -5.99 -13.59
C ILE A 226 0.41 -6.88 -13.12
N LEU A 227 0.35 -8.18 -13.44
CA LEU A 227 1.42 -9.15 -13.18
C LEU A 227 2.70 -8.87 -14.00
N THR A 228 2.60 -8.11 -15.09
CA THR A 228 3.74 -7.62 -15.87
C THR A 228 4.13 -6.20 -15.49
N ILE A 229 3.20 -5.32 -15.08
CA ILE A 229 3.51 -3.92 -14.72
C ILE A 229 4.68 -3.81 -13.74
N LEU A 230 4.62 -4.58 -12.64
CA LEU A 230 5.67 -4.63 -11.62
C LEU A 230 6.96 -5.32 -12.10
N THR A 231 6.93 -6.03 -13.22
CA THR A 231 8.05 -6.80 -13.81
C THR A 231 8.53 -6.19 -15.15
N GLU A 232 8.05 -5.00 -15.51
CA GLU A 232 8.38 -4.27 -16.74
C GLU A 232 9.33 -3.07 -16.48
N VAL A 233 9.65 -2.79 -15.21
CA VAL A 233 10.57 -1.73 -14.79
C VAL A 233 11.77 -2.30 -14.03
N PRO A 251 15.38 -10.76 -9.02
CA PRO A 251 14.38 -10.10 -8.18
C PRO A 251 13.62 -11.10 -7.31
N GLN A 252 12.93 -10.58 -6.30
CA GLN A 252 12.10 -11.34 -5.35
C GLN A 252 10.62 -10.92 -5.49
N PRO A 253 9.94 -11.22 -6.62
CA PRO A 253 8.53 -10.89 -6.82
C PRO A 253 7.62 -11.78 -5.96
N THR A 254 6.75 -11.15 -5.16
CA THR A 254 5.78 -11.83 -4.27
C THR A 254 4.44 -12.09 -4.98
N PHE A 255 4.42 -12.04 -6.32
CA PHE A 255 3.22 -12.18 -7.16
C PHE A 255 2.88 -13.65 -7.38
N THR A 256 1.77 -14.12 -6.80
CA THR A 256 1.36 -15.53 -6.89
C THR A 256 -0.17 -15.63 -6.94
N LEU A 257 -0.69 -15.94 -8.14
CA LEU A 257 -2.12 -16.17 -8.37
C LEU A 257 -2.34 -17.46 -9.16
N ARG A 258 -3.51 -18.09 -8.93
CA ARG A 258 -3.95 -19.30 -9.66
C ARG A 258 -4.29 -19.00 -11.12
N LYS A 259 -4.72 -17.76 -11.40
CA LYS A 259 -5.10 -17.25 -12.72
C LYS A 259 -4.29 -15.99 -13.03
N LYS A 260 -4.48 -15.44 -14.23
CA LYS A 260 -3.90 -14.16 -14.64
C LYS A 260 -4.71 -12.99 -14.05
N LEU A 261 -4.07 -11.83 -13.86
CA LEU A 261 -4.67 -10.60 -13.35
C LEU A 261 -4.31 -9.43 -14.27
N VAL A 262 -5.31 -8.76 -14.84
CA VAL A 262 -5.16 -7.66 -15.80
C VAL A 262 -6.17 -6.58 -15.42
N PHE A 263 -5.73 -5.32 -15.51
CA PHE A 263 -6.56 -4.14 -15.27
C PHE A 263 -6.71 -3.38 -16.60
N PRO A 264 -7.57 -3.85 -17.52
CA PRO A 264 -7.84 -3.15 -18.76
C PRO A 264 -8.57 -1.82 -18.48
N SER A 265 -8.50 -0.90 -19.45
CA SER A 265 -9.20 0.39 -19.37
C SER A 265 -10.73 0.26 -19.48
N ASP A 266 -11.23 -0.86 -20.03
CA ASP A 266 -12.65 -1.22 -20.20
C ASP A 266 -13.09 -2.29 -19.20
N LYS A 11 -12.07 -12.59 -14.39
CA LYS A 11 -11.49 -13.02 -15.66
C LYS A 11 -10.61 -11.91 -16.23
N VAL A 12 -9.74 -12.31 -17.17
CA VAL A 12 -8.94 -11.37 -17.96
C VAL A 12 -9.87 -10.41 -18.72
N TYR A 13 -9.43 -9.17 -18.93
CA TYR A 13 -10.13 -8.10 -19.65
C TYR A 13 -11.59 -7.86 -19.20
N GLN A 14 -12.02 -8.43 -18.07
CA GLN A 14 -13.41 -8.41 -17.60
C GLN A 14 -13.74 -7.16 -16.77
N MET A 15 -12.72 -6.37 -16.42
CA MET A 15 -12.79 -5.13 -15.64
C MET A 15 -13.31 -3.93 -16.46
N LYS A 16 -14.25 -4.21 -17.38
CA LYS A 16 -14.86 -3.26 -18.34
C LYS A 16 -16.37 -3.11 -18.20
N SER A 17 -17.04 -4.07 -17.56
CA SER A 17 -18.48 -4.07 -17.29
C SER A 17 -18.88 -3.01 -16.27
N LYS A 18 -18.20 -2.98 -15.11
CA LYS A 18 -18.42 -2.03 -14.02
C LYS A 18 -17.13 -1.27 -13.70
N PRO A 19 -16.67 -0.35 -14.56
CA PRO A 19 -15.43 0.41 -14.31
C PRO A 19 -15.55 1.32 -13.07
N ARG A 20 -16.78 1.67 -12.64
CA ARG A 20 -17.07 2.34 -11.37
C ARG A 20 -16.87 1.39 -10.16
N GLY A 21 -15.67 0.82 -10.04
CA GLY A 21 -15.21 0.10 -8.85
C GLY A 21 -14.74 1.06 -7.77
N TYR A 22 -14.49 0.56 -6.54
CA TYR A 22 -14.10 1.36 -5.37
C TYR A 22 -12.75 0.87 -4.81
N CYS A 23 -11.65 1.57 -5.15
CA CYS A 23 -10.32 1.23 -4.61
C CYS A 23 -10.14 1.75 -3.17
N LEU A 24 -9.05 1.34 -2.52
CA LEU A 24 -8.68 1.68 -1.14
C LEU A 24 -7.33 2.41 -1.12
N ILE A 25 -7.34 3.69 -0.72
CA ILE A 25 -6.16 4.53 -0.57
C ILE A 25 -6.32 5.38 0.70
N ILE A 26 -5.30 5.39 1.56
CA ILE A 26 -5.27 6.19 2.80
C ILE A 26 -4.20 7.25 2.66
N ASN A 27 -4.57 8.50 2.93
CA ASN A 27 -3.66 9.65 2.95
C ASN A 27 -3.49 10.21 4.38
N ASN A 28 -2.60 11.19 4.52
CA ASN A 28 -2.42 11.98 5.73
C ASN A 28 -2.30 13.48 5.40
N HIS A 29 -2.49 14.33 6.41
CA HIS A 29 -2.37 15.79 6.31
C HIS A 29 -1.00 16.32 6.80
N ASN A 30 -0.21 15.45 7.45
CA ASN A 30 1.08 15.76 8.05
C ASN A 30 1.84 14.46 8.43
N PHE A 31 3.09 14.61 8.88
CA PHE A 31 3.94 13.49 9.31
C PHE A 31 3.52 12.86 10.65
N ALA A 32 2.43 13.32 11.27
CA ALA A 32 1.89 12.78 12.52
C ALA A 32 1.68 11.26 12.42
N LYS A 33 1.19 10.78 11.27
CA LYS A 33 1.00 9.37 10.92
C LYS A 33 2.29 8.65 10.48
N ALA A 34 3.44 9.29 10.67
CA ALA A 34 4.75 8.78 10.32
C ALA A 34 5.67 8.73 11.54
N ARG A 35 5.74 9.78 12.35
CA ARG A 35 6.63 9.86 13.53
C ARG A 35 8.06 9.37 13.24
N GLU A 36 8.63 9.78 12.09
CA GLU A 36 9.94 9.34 11.57
C GLU A 36 9.96 7.88 11.07
N LYS A 37 9.03 7.02 11.50
CA LYS A 37 8.90 5.59 11.12
C LYS A 37 8.86 5.38 9.61
N VAL A 38 8.38 6.37 8.87
CA VAL A 38 8.29 6.37 7.41
C VAL A 38 9.25 7.42 6.83
N PRO A 39 10.56 7.10 6.69
CA PRO A 39 11.54 8.03 6.15
C PRO A 39 11.27 8.38 4.68
N LYS A 40 10.50 7.56 3.95
CA LYS A 40 10.09 7.82 2.57
C LYS A 40 9.27 9.10 2.39
N LEU A 41 8.70 9.65 3.48
CA LEU A 41 7.98 10.92 3.46
C LEU A 41 8.90 12.14 3.43
N HIS A 42 10.23 11.98 3.45
CA HIS A 42 11.18 13.10 3.36
C HIS A 42 11.20 13.77 1.98
N SER A 43 10.54 13.19 0.96
CA SER A 43 10.42 13.73 -0.40
C SER A 43 9.15 14.58 -0.63
N ILE A 44 8.39 14.89 0.43
CA ILE A 44 7.16 15.69 0.36
C ILE A 44 7.43 17.21 0.30
N ARG A 45 6.36 18.01 0.35
CA ARG A 45 6.40 19.47 0.47
C ARG A 45 5.59 19.97 1.67
N ASP A 46 5.69 21.26 1.96
CA ASP A 46 4.95 21.99 2.99
C ASP A 46 3.43 21.95 2.80
N ARG A 47 2.99 21.71 1.57
CA ARG A 47 1.59 21.55 1.16
C ARG A 47 0.93 20.40 1.93
N ASN A 48 0.11 20.69 2.96
CA ASN A 48 -0.60 19.70 3.79
C ASN A 48 -1.26 18.56 2.98
N GLY A 49 -2.21 18.89 2.11
CA GLY A 49 -2.86 17.96 1.20
C GLY A 49 -1.99 17.65 -0.02
N THR A 50 -0.79 17.08 0.20
CA THR A 50 0.15 16.73 -0.87
C THR A 50 -0.51 15.75 -1.86
N HIS A 51 -0.62 16.16 -3.13
CA HIS A 51 -1.17 15.32 -4.20
C HIS A 51 -0.09 14.76 -5.15
N LEU A 52 1.20 15.04 -4.88
CA LEU A 52 2.33 14.57 -5.67
C LEU A 52 2.72 13.12 -5.33
N ASP A 53 2.73 12.76 -4.05
CA ASP A 53 3.09 11.42 -3.58
C ASP A 53 1.86 10.53 -3.30
N ALA A 54 0.69 11.14 -3.03
CA ALA A 54 -0.58 10.47 -2.76
C ALA A 54 -1.55 10.57 -3.95
N GLY A 55 -1.74 11.78 -4.48
CA GLY A 55 -2.62 12.04 -5.62
C GLY A 55 -2.11 11.43 -6.94
N ALA A 56 -0.80 11.16 -7.05
CA ALA A 56 -0.19 10.48 -8.19
C ALA A 56 -0.67 9.04 -8.39
N LEU A 57 -1.04 8.34 -7.31
CA LEU A 57 -1.58 7.00 -7.41
C LEU A 57 -3.08 7.05 -7.72
N THR A 58 -3.80 8.02 -7.12
CA THR A 58 -5.22 8.25 -7.35
C THR A 58 -5.51 8.65 -8.79
N THR A 59 -4.86 9.72 -9.30
CA THR A 59 -5.07 10.25 -10.66
C THR A 59 -4.95 9.14 -11.71
N THR A 60 -4.01 8.21 -11.52
CA THR A 60 -3.77 7.07 -12.40
C THR A 60 -5.00 6.17 -12.57
N PHE A 61 -5.85 6.03 -11.54
CA PHE A 61 -7.11 5.30 -11.66
C PHE A 61 -8.30 6.25 -11.92
N GLU A 62 -8.19 7.54 -11.59
CA GLU A 62 -9.23 8.55 -11.87
C GLU A 62 -9.40 8.75 -13.38
N GLU A 63 -8.29 8.91 -14.11
CA GLU A 63 -8.31 9.06 -15.58
C GLU A 63 -8.84 7.82 -16.31
N LEU A 64 -8.93 6.68 -15.63
CA LEU A 64 -9.48 5.42 -16.14
C LEU A 64 -11.02 5.35 -16.10
N HIS A 65 -11.69 6.42 -15.66
CA HIS A 65 -13.16 6.50 -15.50
C HIS A 65 -13.67 5.68 -14.29
N PHE A 66 -12.76 5.32 -13.38
CA PHE A 66 -13.03 4.57 -12.15
C PHE A 66 -13.37 5.50 -10.98
N GLU A 67 -13.62 4.91 -9.79
CA GLU A 67 -14.03 5.62 -8.60
C GLU A 67 -13.02 5.38 -7.47
N ILE A 68 -12.42 6.46 -6.97
CA ILE A 68 -11.40 6.41 -5.92
C ILE A 68 -11.97 7.08 -4.68
N LYS A 69 -11.94 6.33 -3.58
CA LYS A 69 -12.34 6.79 -2.25
C LYS A 69 -11.07 6.94 -1.38
N PRO A 70 -10.32 8.05 -1.54
CA PRO A 70 -9.16 8.34 -0.70
C PRO A 70 -9.65 8.73 0.69
N HIS A 71 -9.27 7.95 1.70
CA HIS A 71 -9.50 8.32 3.10
C HIS A 71 -8.48 9.38 3.53
N ASP A 72 -8.98 10.49 4.09
CA ASP A 72 -8.22 11.57 4.70
C ASP A 72 -7.46 11.12 5.97
N ASP A 73 -6.99 12.07 6.78
CA ASP A 73 -6.25 11.79 8.01
C ASP A 73 -7.05 10.94 9.02
N CYS A 74 -6.75 9.65 9.03
CA CYS A 74 -7.41 8.65 9.85
C CYS A 74 -6.35 7.90 10.66
N THR A 75 -6.26 8.17 11.96
CA THR A 75 -5.42 7.42 12.91
C THR A 75 -5.80 5.94 12.90
N VAL A 76 -4.86 5.06 13.30
CA VAL A 76 -5.08 3.60 13.39
C VAL A 76 -6.38 3.25 14.14
N GLU A 77 -6.71 4.01 15.21
CA GLU A 77 -7.94 3.88 16.00
C GLU A 77 -9.20 3.97 15.12
N GLN A 78 -9.21 4.86 14.12
CA GLN A 78 -10.27 5.00 13.11
C GLN A 78 -10.14 3.94 12.01
N ILE A 79 -8.91 3.69 11.49
CA ILE A 79 -8.71 2.71 10.39
C ILE A 79 -9.32 1.34 10.74
N TYR A 80 -9.35 0.96 12.01
CA TYR A 80 -10.03 -0.24 12.49
C TYR A 80 -11.49 -0.38 12.01
N GLU A 81 -12.22 0.72 11.85
CA GLU A 81 -13.58 0.65 11.31
C GLU A 81 -13.56 0.20 9.84
N ILE A 82 -12.55 0.58 9.05
CA ILE A 82 -12.38 0.17 7.65
C ILE A 82 -12.20 -1.35 7.54
N LEU A 83 -11.63 -1.99 8.57
CA LEU A 83 -11.44 -3.45 8.63
C LEU A 83 -12.74 -4.20 8.89
N LYS A 84 -13.74 -3.58 9.53
CA LYS A 84 -15.06 -4.18 9.75
C LYS A 84 -16.02 -3.89 8.60
N ILE A 85 -15.91 -2.73 7.95
CA ILE A 85 -16.79 -2.30 6.84
C ILE A 85 -16.84 -3.34 5.73
N TYR A 86 -15.75 -4.07 5.49
CA TYR A 86 -15.70 -5.19 4.53
C TYR A 86 -16.83 -6.21 4.71
N GLN A 87 -17.23 -6.50 5.96
CA GLN A 87 -18.36 -7.39 6.26
C GLN A 87 -19.73 -6.70 6.08
N LEU A 88 -19.78 -5.37 6.21
CA LEU A 88 -20.99 -4.55 6.04
C LEU A 88 -21.30 -4.27 4.57
N MET A 89 -20.28 -4.24 3.70
CA MET A 89 -20.44 -3.98 2.27
C MET A 89 -21.04 -5.18 1.51
N ASP A 90 -20.69 -6.40 1.93
CA ASP A 90 -21.12 -7.69 1.34
C ASP A 90 -21.01 -7.71 -0.20
N HIS A 91 -19.85 -7.26 -0.72
CA HIS A 91 -19.56 -7.24 -2.15
C HIS A 91 -19.48 -8.66 -2.75
N SER A 92 -19.74 -8.75 -4.06
CA SER A 92 -19.73 -9.99 -4.83
C SER A 92 -19.02 -9.75 -6.16
N ASN A 93 -17.76 -10.21 -6.26
CA ASN A 93 -16.93 -10.11 -7.46
C ASN A 93 -16.92 -8.70 -8.07
N MET A 94 -16.64 -7.70 -7.22
CA MET A 94 -16.44 -6.30 -7.61
C MET A 94 -15.33 -6.17 -8.66
N ASP A 95 -15.34 -5.02 -9.34
CA ASP A 95 -14.38 -4.64 -10.37
C ASP A 95 -12.97 -4.51 -9.80
N CYS A 96 -12.70 -3.42 -9.06
CA CYS A 96 -11.41 -3.17 -8.42
C CYS A 96 -11.49 -3.35 -6.90
N PHE A 97 -10.34 -3.64 -6.30
CA PHE A 97 -10.15 -3.94 -4.88
C PHE A 97 -8.71 -3.67 -4.42
N ILE A 98 -7.97 -2.84 -5.19
CA ILE A 98 -6.60 -2.44 -4.90
C ILE A 98 -6.57 -1.64 -3.59
N CYS A 99 -5.66 -2.01 -2.69
CA CYS A 99 -5.41 -1.33 -1.41
C CYS A 99 -3.97 -0.81 -1.34
N CYS A 100 -3.79 0.51 -1.48
CA CYS A 100 -2.48 1.16 -1.37
C CYS A 100 -2.39 2.00 -0.09
N ILE A 101 -1.60 1.53 0.88
CA ILE A 101 -1.41 2.17 2.18
C ILE A 101 -0.10 2.97 2.15
N LEU A 102 -0.17 4.29 2.29
CA LEU A 102 1.05 5.12 2.36
C LEU A 102 1.88 4.87 3.62
N SER A 103 1.24 4.83 4.80
CA SER A 103 1.88 4.63 6.09
C SER A 103 2.27 3.17 6.32
N HIS A 104 3.56 2.86 6.12
CA HIS A 104 4.14 1.54 6.30
C HIS A 104 5.13 1.56 7.47
N GLY A 105 4.68 1.06 8.62
CA GLY A 105 5.53 0.77 9.77
C GLY A 105 6.21 -0.59 9.64
N ASP A 106 6.46 -1.23 10.78
CA ASP A 106 7.18 -2.51 10.87
C ASP A 106 6.37 -3.53 11.69
N LYS A 107 6.92 -4.74 11.89
CA LYS A 107 6.26 -5.84 12.60
C LYS A 107 6.91 -6.18 13.94
N GLY A 108 8.22 -5.91 14.07
CA GLY A 108 8.97 -6.10 15.32
C GLY A 108 8.92 -4.90 16.27
N ILE A 109 8.45 -3.74 15.78
CA ILE A 109 8.16 -2.56 16.59
C ILE A 109 7.00 -2.82 17.56
N ILE A 110 6.69 -1.78 18.33
CA ILE A 110 5.60 -1.71 19.29
C ILE A 110 4.63 -0.61 18.86
N TYR A 111 3.37 -0.73 19.28
CA TYR A 111 2.35 0.30 19.16
C TYR A 111 2.76 1.60 19.89
N GLY A 112 1.98 2.67 19.68
CA GLY A 112 2.18 4.00 20.24
C GLY A 112 2.43 5.04 19.16
N THR A 113 1.80 4.94 17.99
CA THR A 113 1.98 5.90 16.89
C THR A 113 0.82 5.82 15.90
N ASP A 114 0.39 6.98 15.39
CA ASP A 114 -0.69 7.12 14.39
C ASP A 114 -0.48 6.26 13.12
N GLY A 115 0.76 5.85 12.84
CA GLY A 115 1.17 4.96 11.76
C GLY A 115 0.58 3.54 11.86
N GLN A 116 0.94 2.80 12.93
CA GLN A 116 0.47 1.44 13.20
C GLN A 116 0.38 1.18 14.71
N GLU A 117 -0.75 0.63 15.15
CA GLU A 117 -1.08 0.35 16.56
C GLU A 117 -1.60 -1.10 16.74
N ALA A 118 -1.46 -1.96 15.72
CA ALA A 118 -1.92 -3.34 15.73
C ALA A 118 -1.12 -4.25 14.78
N PRO A 119 -1.15 -5.58 14.98
CA PRO A 119 -0.49 -6.55 14.11
C PRO A 119 -1.17 -6.64 12.74
N ILE A 120 -0.42 -6.30 11.67
CA ILE A 120 -0.91 -6.40 10.28
C ILE A 120 -1.55 -7.76 9.96
N TYR A 121 -0.98 -8.84 10.54
CA TYR A 121 -1.45 -10.22 10.41
C TYR A 121 -2.88 -10.43 10.93
N GLU A 122 -3.31 -9.67 11.95
CA GLU A 122 -4.67 -9.75 12.47
C GLU A 122 -5.63 -8.89 11.64
N LEU A 123 -5.19 -7.69 11.25
CA LEU A 123 -5.98 -6.81 10.40
C LEU A 123 -6.28 -7.49 9.05
N THR A 124 -5.26 -8.05 8.40
CA THR A 124 -5.42 -8.81 7.15
C THR A 124 -6.16 -10.14 7.37
N SER A 125 -6.30 -10.60 8.62
CA SER A 125 -7.09 -11.80 8.94
C SER A 125 -8.61 -11.57 8.97
N GLN A 126 -9.09 -10.37 8.59
CA GLN A 126 -10.52 -10.09 8.43
C GLN A 126 -11.12 -10.65 7.13
N PHE A 127 -10.32 -10.79 6.06
CA PHE A 127 -10.77 -11.31 4.76
C PHE A 127 -10.38 -12.78 4.53
N THR A 128 -9.85 -13.47 5.57
CA THR A 128 -9.36 -14.85 5.48
C THR A 128 -10.41 -15.81 4.93
N GLY A 129 -10.00 -16.75 4.08
CA GLY A 129 -10.89 -17.76 3.50
C GLY A 129 -11.60 -18.69 4.50
N LEU A 130 -11.21 -18.64 5.78
CA LEU A 130 -11.81 -19.39 6.87
C LEU A 130 -12.68 -18.54 7.80
N LYS A 131 -12.57 -17.20 7.74
CA LYS A 131 -13.30 -16.26 8.61
C LYS A 131 -14.28 -15.40 7.81
N CYS A 132 -13.99 -15.14 6.53
CA CYS A 132 -14.84 -14.42 5.58
C CYS A 132 -14.48 -14.77 4.12
N PRO A 133 -14.75 -16.01 3.64
CA PRO A 133 -14.45 -16.43 2.26
C PRO A 133 -15.19 -15.62 1.19
N SER A 134 -16.22 -14.87 1.58
CA SER A 134 -17.00 -13.93 0.78
C SER A 134 -16.13 -12.93 0.00
N LEU A 135 -14.96 -12.58 0.53
CA LEU A 135 -13.94 -11.77 -0.11
C LEU A 135 -12.73 -12.58 -0.61
N ALA A 136 -12.45 -13.75 -0.02
CA ALA A 136 -11.36 -14.62 -0.44
C ALA A 136 -11.64 -15.35 -1.77
N GLY A 137 -12.92 -15.50 -2.14
CA GLY A 137 -13.36 -16.10 -3.41
C GLY A 137 -12.98 -15.29 -4.66
N LYS A 138 -12.43 -14.08 -4.50
CA LYS A 138 -11.89 -13.24 -5.57
C LYS A 138 -10.47 -12.77 -5.19
N PRO A 139 -9.64 -12.45 -6.19
CA PRO A 139 -8.29 -11.95 -5.94
C PRO A 139 -8.29 -10.55 -5.33
N LYS A 140 -7.13 -10.09 -4.85
CA LYS A 140 -6.89 -8.75 -4.32
C LYS A 140 -5.50 -8.26 -4.68
N VAL A 141 -5.30 -6.93 -4.57
CA VAL A 141 -4.07 -6.23 -4.92
C VAL A 141 -3.66 -5.26 -3.83
N PHE A 142 -2.37 -5.25 -3.50
CA PHE A 142 -1.79 -4.37 -2.48
C PHE A 142 -0.47 -3.76 -2.99
N PHE A 143 -0.52 -2.46 -3.27
CA PHE A 143 0.66 -1.67 -3.68
C PHE A 143 1.24 -0.91 -2.49
N ILE A 144 2.56 -0.69 -2.54
CA ILE A 144 3.32 0.02 -1.52
C ILE A 144 4.52 0.72 -2.18
N GLN A 145 4.84 1.92 -1.69
CA GLN A 145 5.96 2.71 -2.19
C GLN A 145 7.18 2.49 -1.28
N ALA A 146 8.06 1.56 -1.65
CA ALA A 146 9.29 1.24 -0.91
C ALA A 146 10.46 2.21 -1.19
N ALA A 147 10.17 3.44 -1.62
CA ALA A 147 11.19 4.46 -1.89
C ALA A 147 11.97 4.82 -0.62
N GLN A 148 13.22 5.28 -0.79
CA GLN A 148 14.03 5.80 0.30
C GLN A 148 13.63 7.25 0.65
N GLY A 149 13.54 8.11 -0.37
CA GLY A 149 13.24 9.54 -0.22
C GLY A 149 14.31 10.29 0.56
N ASP A 150 15.44 10.63 -0.08
CA ASP A 150 16.48 11.43 0.58
C ASP A 150 16.17 12.93 0.53
N ASN A 151 16.51 13.64 1.61
CA ASN A 151 16.41 15.09 1.75
C ASN A 151 17.26 15.58 2.95
N TYR A 152 17.74 16.82 2.87
CA TYR A 152 18.52 17.50 3.90
C TYR A 152 17.83 18.80 4.30
N GLN A 153 17.60 19.00 5.60
CA GLN A 153 17.01 20.21 6.16
C GLN A 153 17.54 20.48 7.58
N LYS A 154 17.45 21.74 8.04
CA LYS A 154 17.76 22.12 9.42
C LYS A 154 16.55 21.91 10.33
N GLY A 155 15.54 22.79 10.22
CA GLY A 155 14.37 22.83 11.09
C GLY A 155 14.77 22.89 12.57
N ILE A 156 14.34 21.88 13.33
CA ILE A 156 14.57 21.74 14.77
C ILE A 156 15.01 20.31 15.14
N PRO A 157 15.64 20.12 16.33
CA PRO A 157 16.07 18.80 16.81
C PRO A 157 14.89 17.94 17.32
N VAL A 158 13.80 18.57 17.77
CA VAL A 158 12.59 17.91 18.29
C VAL A 158 11.78 17.22 17.19
N GLU A 159 11.92 15.90 17.03
CA GLU A 159 11.20 15.11 16.03
C GLU A 159 10.04 14.28 16.63
N THR A 160 9.72 14.54 17.90
CA THR A 160 8.75 13.79 18.71
C THR A 160 7.84 14.79 19.41
N ASP A 161 6.53 14.69 19.15
CA ASP A 161 5.49 15.43 19.88
C ASP A 161 4.32 14.48 20.18
N SER A 162 3.64 14.71 21.31
CA SER A 162 2.52 13.91 21.83
C SER A 162 2.80 12.40 21.76
N GLU A 163 3.79 11.94 22.53
CA GLU A 163 4.15 10.52 22.65
C GLU A 163 3.62 9.94 23.96
N GLU A 164 2.92 8.81 23.84
CA GLU A 164 2.49 7.99 24.98
C GLU A 164 3.70 7.37 25.70
N GLN A 165 3.45 6.54 26.74
CA GLN A 165 4.46 5.74 27.46
C GLN A 165 5.59 5.19 26.56
N PRO A 166 5.29 4.40 25.51
CA PRO A 166 6.28 3.99 24.52
C PRO A 166 6.65 5.16 23.59
N TYR A 167 7.47 6.07 24.11
CA TYR A 167 8.14 7.12 23.34
C TYR A 167 9.06 6.54 22.23
N LEU A 168 9.73 7.43 21.50
CA LEU A 168 10.68 7.07 20.46
C LEU A 168 12.04 6.79 21.09
N GLU A 169 12.58 5.60 20.84
CA GLU A 169 13.95 5.23 21.20
C GLU A 169 14.95 5.56 20.06
N MET A 170 16.24 5.41 20.33
CA MET A 170 17.32 5.60 19.33
C MET A 170 17.15 4.68 18.13
N ASP A 171 17.32 3.37 18.35
CA ASP A 171 17.21 2.31 17.35
C ASP A 171 16.85 0.98 18.05
N LEU A 172 16.45 -0.01 17.25
CA LEU A 172 16.17 -1.37 17.71
C LEU A 172 17.45 -2.23 17.77
N SER A 173 17.38 -3.37 18.47
CA SER A 173 18.43 -4.37 18.58
C SER A 173 17.96 -5.71 18.01
N SER A 174 18.91 -6.58 17.64
CA SER A 174 18.71 -7.85 16.94
C SER A 174 18.11 -7.69 15.53
N PRO A 175 18.17 -8.75 14.68
CA PRO A 175 17.56 -8.72 13.36
C PRO A 175 16.03 -8.71 13.45
N GLN A 176 15.36 -8.05 12.50
CA GLN A 176 13.90 -8.05 12.43
C GLN A 176 13.37 -9.38 11.87
N THR A 177 12.11 -9.70 12.17
CA THR A 177 11.42 -10.86 11.59
C THR A 177 11.06 -10.63 10.12
N ARG A 178 10.67 -11.71 9.42
CA ARG A 178 10.21 -11.70 8.03
C ARG A 178 8.69 -11.54 7.94
N TYR A 179 8.18 -11.20 6.75
CA TYR A 179 6.74 -11.09 6.49
C TYR A 179 6.44 -11.34 5.02
N ILE A 180 5.71 -12.41 4.71
CA ILE A 180 5.25 -12.74 3.36
C ILE A 180 4.00 -13.65 3.45
N PRO A 181 2.99 -13.46 2.59
CA PRO A 181 1.86 -14.39 2.48
C PRO A 181 2.27 -15.69 1.77
N ASP A 182 1.68 -16.81 2.20
CA ASP A 182 1.90 -18.15 1.64
C ASP A 182 0.65 -18.68 0.90
N GLU A 183 -0.27 -17.78 0.54
CA GLU A 183 -1.54 -18.06 -0.12
C GLU A 183 -1.47 -17.77 -1.63
N ALA A 184 -2.37 -18.40 -2.40
CA ALA A 184 -2.48 -18.25 -3.85
C ALA A 184 -3.64 -17.31 -4.23
N ASP A 185 -3.69 -16.92 -5.50
CA ASP A 185 -4.76 -16.13 -6.09
C ASP A 185 -4.76 -14.66 -5.55
N PHE A 186 -3.59 -14.12 -5.16
CA PHE A 186 -3.43 -12.77 -4.61
C PHE A 186 -2.21 -12.01 -5.20
N LEU A 187 -2.19 -10.68 -5.01
CA LEU A 187 -1.12 -9.80 -5.49
C LEU A 187 -0.63 -8.86 -4.36
N LEU A 188 0.65 -8.99 -3.98
CA LEU A 188 1.27 -8.21 -2.91
C LEU A 188 2.71 -7.82 -3.26
N GLY A 189 2.94 -6.56 -3.65
CA GLY A 189 4.26 -6.10 -4.09
C GLY A 189 5.05 -5.39 -2.99
N MET A 190 5.45 -6.09 -1.93
CA MET A 190 6.24 -5.53 -0.82
C MET A 190 7.76 -5.54 -1.08
N ALA A 191 8.50 -4.79 -0.26
CA ALA A 191 9.97 -4.76 -0.20
C ALA A 191 10.59 -5.99 0.48
N PRO A 202 20.50 -11.52 -13.68
CA PRO A 202 21.05 -10.96 -14.92
C PRO A 202 22.37 -10.19 -14.71
N ALA A 203 22.35 -9.18 -13.84
CA ALA A 203 23.50 -8.37 -13.44
C ALA A 203 23.18 -7.56 -12.16
N GLU A 204 24.18 -6.81 -11.66
CA GLU A 204 24.05 -5.88 -10.53
C GLU A 204 23.23 -4.63 -10.92
N GLY A 205 21.93 -4.84 -11.09
CA GLY A 205 20.94 -3.80 -11.39
C GLY A 205 20.57 -2.99 -10.15
N THR A 206 19.29 -2.66 -10.03
CA THR A 206 18.76 -1.89 -8.90
C THR A 206 17.29 -2.24 -8.67
N TRP A 207 16.74 -1.83 -7.53
CA TRP A 207 15.35 -2.02 -7.14
C TRP A 207 14.79 -0.66 -6.73
N TYR A 208 13.62 -0.30 -7.26
CA TYR A 208 12.91 0.91 -6.91
C TYR A 208 11.49 0.89 -7.49
N ILE A 209 10.75 1.99 -7.26
CA ILE A 209 9.40 2.22 -7.77
C ILE A 209 9.30 3.42 -8.72
N GLN A 210 10.42 4.06 -9.05
CA GLN A 210 10.47 5.19 -10.00
C GLN A 210 9.81 4.79 -11.32
N SER A 211 10.15 3.60 -11.81
CA SER A 211 9.55 3.05 -13.02
C SER A 211 8.28 2.24 -12.76
N LEU A 212 7.80 2.09 -11.51
CA LEU A 212 6.56 1.36 -11.19
C LEU A 212 5.36 2.24 -11.49
N CYS A 213 5.25 3.40 -10.83
CA CYS A 213 4.12 4.30 -10.99
C CYS A 213 4.04 4.84 -12.42
N GLN A 214 5.18 5.21 -13.01
CA GLN A 214 5.20 5.69 -14.39
C GLN A 214 4.80 4.58 -15.39
N SER A 215 5.07 3.30 -15.11
CA SER A 215 4.67 2.20 -16.01
C SER A 215 3.19 1.82 -15.90
N LEU A 216 2.48 2.31 -14.88
CA LEU A 216 1.03 2.11 -14.72
C LEU A 216 0.20 3.36 -15.01
N ARG A 217 0.81 4.56 -15.02
CA ARG A 217 0.15 5.83 -15.36
C ARG A 217 0.40 6.30 -16.78
N GLU A 218 1.37 5.69 -17.48
CA GLU A 218 1.70 6.01 -18.88
C GLU A 218 1.15 4.90 -19.78
N ARG A 219 -0.17 4.90 -19.98
CA ARG A 219 -0.85 3.97 -20.90
C ARG A 219 -0.74 2.51 -20.41
N CYS A 220 -1.14 2.23 -19.16
CA CYS A 220 -1.35 0.87 -18.65
C CYS A 220 -2.35 0.05 -19.49
N PRO A 221 -3.60 0.51 -19.71
CA PRO A 221 -4.66 -0.27 -20.36
C PRO A 221 -4.48 -0.43 -21.88
N ARG A 222 -3.45 -1.17 -22.30
CA ARG A 222 -3.08 -1.37 -23.70
C ARG A 222 -2.92 -2.84 -24.11
N GLY A 223 -2.32 -3.66 -23.25
CA GLY A 223 -2.13 -5.10 -23.50
C GLY A 223 -1.22 -5.78 -22.47
N ASP A 224 -0.26 -5.03 -21.93
CA ASP A 224 0.65 -5.47 -20.88
C ASP A 224 -0.08 -5.46 -19.53
N ASP A 225 -0.34 -6.65 -18.96
CA ASP A 225 -1.06 -6.80 -17.72
C ASP A 225 -0.30 -6.27 -16.50
N ILE A 226 -1.00 -5.60 -15.58
CA ILE A 226 -0.36 -5.05 -14.38
C ILE A 226 0.36 -6.11 -13.53
N LEU A 227 -0.05 -7.38 -13.69
CA LEU A 227 0.60 -8.55 -13.12
C LEU A 227 2.11 -8.62 -13.43
N THR A 228 2.55 -8.12 -14.60
CA THR A 228 3.97 -8.04 -14.99
C THR A 228 4.53 -6.62 -14.92
N ILE A 229 3.69 -5.58 -15.05
CA ILE A 229 4.12 -4.17 -14.93
C ILE A 229 4.82 -3.91 -13.57
N LEU A 230 4.39 -4.61 -12.52
CA LEU A 230 5.01 -4.48 -11.20
C LEU A 230 6.49 -4.90 -11.16
N THR A 231 6.87 -5.91 -11.97
CA THR A 231 8.23 -6.41 -12.11
C THR A 231 8.97 -5.82 -13.32
N GLU A 232 8.26 -5.26 -14.31
CA GLU A 232 8.80 -4.58 -15.50
C GLU A 232 9.84 -3.49 -15.15
N VAL A 233 9.74 -2.90 -13.95
CA VAL A 233 10.73 -1.96 -13.41
C VAL A 233 12.15 -2.53 -13.39
N PRO A 251 16.01 -9.53 -8.96
CA PRO A 251 14.87 -9.34 -9.84
C PRO A 251 13.98 -10.60 -9.85
N GLN A 252 13.11 -10.74 -8.85
CA GLN A 252 12.16 -11.84 -8.73
C GLN A 252 10.73 -11.30 -8.50
N PRO A 253 9.71 -11.89 -9.14
CA PRO A 253 8.30 -11.56 -8.88
C PRO A 253 7.83 -12.04 -7.50
N THR A 254 6.74 -11.43 -7.04
CA THR A 254 6.10 -11.71 -5.74
C THR A 254 4.59 -11.98 -5.85
N PHE A 255 4.07 -12.05 -7.08
CA PHE A 255 2.66 -12.38 -7.33
C PHE A 255 2.36 -13.85 -7.00
N THR A 256 1.13 -14.14 -6.58
CA THR A 256 0.64 -15.51 -6.32
C THR A 256 -0.62 -15.85 -7.14
N LEU A 257 -0.97 -14.97 -8.07
CA LEU A 257 -2.03 -15.13 -9.06
C LEU A 257 -1.66 -16.12 -10.17
N ARG A 258 -2.55 -17.09 -10.40
CA ARG A 258 -2.46 -18.04 -11.51
C ARG A 258 -3.22 -17.59 -12.77
N LYS A 259 -4.09 -16.58 -12.63
CA LYS A 259 -4.85 -15.96 -13.73
C LYS A 259 -4.22 -14.62 -14.14
N LYS A 260 -4.65 -14.13 -15.31
CA LYS A 260 -4.21 -12.87 -15.91
C LYS A 260 -5.05 -11.70 -15.40
N LEU A 261 -4.55 -11.02 -14.36
CA LEU A 261 -5.17 -9.85 -13.76
C LEU A 261 -4.73 -8.58 -14.51
N VAL A 262 -5.65 -7.96 -15.26
CA VAL A 262 -5.40 -6.72 -16.01
C VAL A 262 -6.42 -5.66 -15.62
N PHE A 263 -6.00 -4.40 -15.70
CA PHE A 263 -6.83 -3.22 -15.48
C PHE A 263 -6.98 -2.42 -16.80
N PRO A 264 -7.84 -2.89 -17.74
CA PRO A 264 -8.15 -2.19 -18.98
C PRO A 264 -9.00 -0.92 -18.75
N SER A 265 -9.13 -0.08 -19.78
CA SER A 265 -9.91 1.18 -19.76
C SER A 265 -11.28 1.10 -20.45
N ASP A 266 -11.50 0.04 -21.23
CA ASP A 266 -12.74 -0.30 -21.91
C ASP A 266 -13.95 -0.43 -20.96
N LYS A 11 -14.80 -14.25 -14.30
CA LYS A 11 -13.77 -14.58 -15.29
C LYS A 11 -12.79 -13.41 -15.47
N VAL A 12 -11.70 -13.69 -16.18
CA VAL A 12 -10.72 -12.68 -16.61
C VAL A 12 -11.37 -11.67 -17.57
N TYR A 13 -10.90 -10.41 -17.55
CA TYR A 13 -11.35 -9.31 -18.41
C TYR A 13 -12.87 -9.06 -18.38
N GLN A 14 -13.51 -9.31 -17.23
CA GLN A 14 -14.95 -9.19 -17.02
C GLN A 14 -15.32 -8.08 -16.02
N MET A 15 -14.36 -7.26 -15.59
CA MET A 15 -14.57 -6.16 -14.64
C MET A 15 -15.32 -4.93 -15.20
N LYS A 16 -15.88 -5.04 -16.41
CA LYS A 16 -16.68 -4.03 -17.09
C LYS A 16 -18.13 -3.93 -16.59
N SER A 17 -18.70 -5.06 -16.12
CA SER A 17 -20.10 -5.15 -15.70
C SER A 17 -20.35 -4.41 -14.39
N LYS A 18 -20.75 -3.13 -14.49
CA LYS A 18 -20.87 -2.18 -13.38
C LYS A 18 -19.49 -2.00 -12.72
N PRO A 19 -18.65 -1.05 -13.19
CA PRO A 19 -17.36 -0.76 -12.57
C PRO A 19 -17.58 -0.05 -11.22
N ARG A 20 -17.53 1.30 -11.20
CA ARG A 20 -17.58 2.10 -9.96
C ARG A 20 -16.49 1.69 -8.96
N GLY A 21 -15.35 1.16 -9.44
CA GLY A 21 -14.19 0.74 -8.67
C GLY A 21 -13.66 1.83 -7.76
N TYR A 22 -13.95 1.77 -6.46
CA TYR A 22 -13.51 2.74 -5.45
C TYR A 22 -12.09 2.43 -4.97
N CYS A 23 -11.13 3.25 -5.41
CA CYS A 23 -9.73 3.15 -4.97
C CYS A 23 -9.55 3.55 -3.49
N LEU A 24 -8.51 3.02 -2.83
CA LEU A 24 -8.23 3.27 -1.41
C LEU A 24 -6.92 4.06 -1.27
N ILE A 25 -7.05 5.38 -1.14
CA ILE A 25 -5.96 6.34 -1.01
C ILE A 25 -6.06 6.97 0.38
N ILE A 26 -5.21 6.52 1.32
CA ILE A 26 -5.14 7.04 2.68
C ILE A 26 -4.13 8.19 2.72
N ASN A 27 -4.61 9.43 2.50
CA ASN A 27 -3.77 10.62 2.62
C ASN A 27 -3.59 10.99 4.10
N ASN A 28 -2.38 10.80 4.63
CA ASN A 28 -2.01 11.17 6.00
C ASN A 28 -1.12 12.42 6.02
N HIS A 29 -1.62 13.51 6.60
CA HIS A 29 -0.87 14.76 6.80
C HIS A 29 -0.34 14.94 8.23
N ASN A 30 -1.13 14.59 9.26
CA ASN A 30 -0.72 14.65 10.66
C ASN A 30 0.63 13.94 10.85
N PHE A 31 1.63 14.72 11.28
CA PHE A 31 3.00 14.27 11.52
C PHE A 31 3.53 14.66 12.91
N ALA A 32 2.66 15.25 13.75
CA ALA A 32 2.98 15.87 15.03
C ALA A 32 3.77 14.93 15.96
N LYS A 33 3.36 13.66 15.99
CA LYS A 33 4.03 12.59 16.74
C LYS A 33 4.63 11.53 15.80
N ALA A 34 4.39 11.65 14.49
CA ALA A 34 4.96 10.80 13.47
C ALA A 34 6.40 11.20 13.12
N ARG A 35 6.81 12.46 13.39
CA ARG A 35 8.20 12.92 13.21
C ARG A 35 9.27 12.07 13.90
N GLU A 36 8.86 11.27 14.90
CA GLU A 36 9.74 10.36 15.63
C GLU A 36 9.52 8.91 15.16
N LYS A 37 8.26 8.46 15.21
CA LYS A 37 7.85 7.09 14.87
C LYS A 37 8.00 6.74 13.39
N VAL A 38 7.69 7.68 12.49
CA VAL A 38 7.70 7.52 11.04
C VAL A 38 8.52 8.66 10.40
N PRO A 39 9.86 8.62 10.52
CA PRO A 39 10.72 9.69 10.00
C PRO A 39 10.65 9.81 8.46
N LYS A 40 10.13 8.79 7.78
CA LYS A 40 9.80 8.79 6.35
C LYS A 40 8.81 9.90 5.97
N LEU A 41 7.98 10.38 6.90
CA LEU A 41 7.04 11.49 6.65
C LEU A 41 7.73 12.88 6.70
N HIS A 42 9.06 12.96 6.77
CA HIS A 42 9.80 14.22 6.69
C HIS A 42 10.16 14.65 5.26
N SER A 43 10.59 13.72 4.40
CA SER A 43 11.01 14.07 3.03
C SER A 43 9.82 14.37 2.11
N ILE A 44 8.61 13.92 2.50
CA ILE A 44 7.35 14.25 1.84
C ILE A 44 7.09 15.77 1.88
N ARG A 45 6.18 16.24 1.02
CA ARG A 45 5.76 17.63 0.95
C ARG A 45 5.15 18.15 2.27
N ASP A 46 5.82 19.09 2.93
CA ASP A 46 5.37 19.74 4.17
C ASP A 46 4.21 20.72 3.95
N ARG A 47 4.14 21.33 2.76
CA ARG A 47 3.14 22.35 2.43
C ARG A 47 1.73 21.75 2.41
N ASN A 48 0.75 22.47 2.96
CA ASN A 48 -0.64 22.01 2.98
C ASN A 48 -1.32 22.16 1.59
N GLY A 49 -1.00 23.23 0.87
CA GLY A 49 -1.55 23.53 -0.46
C GLY A 49 -0.86 22.79 -1.60
N THR A 50 -0.53 21.50 -1.41
CA THR A 50 0.11 20.66 -2.42
C THR A 50 -0.89 20.06 -3.38
N HIS A 51 -1.80 19.20 -2.91
CA HIS A 51 -2.82 18.47 -3.70
C HIS A 51 -2.31 17.77 -4.98
N LEU A 52 -0.99 17.61 -5.12
CA LEU A 52 -0.32 17.05 -6.29
C LEU A 52 -0.28 15.52 -6.18
N ASP A 53 0.22 14.99 -5.07
CA ASP A 53 0.40 13.55 -4.84
C ASP A 53 -0.95 12.84 -4.61
N ALA A 54 -1.90 13.51 -3.94
CA ALA A 54 -3.27 13.03 -3.73
C ALA A 54 -4.07 12.89 -5.04
N GLY A 55 -3.80 13.75 -6.03
CA GLY A 55 -4.48 13.72 -7.33
C GLY A 55 -3.75 12.89 -8.39
N ALA A 56 -2.42 12.75 -8.27
CA ALA A 56 -1.59 11.93 -9.15
C ALA A 56 -2.03 10.46 -9.17
N LEU A 57 -2.35 9.90 -7.99
CA LEU A 57 -2.89 8.55 -7.87
C LEU A 57 -4.34 8.47 -8.37
N THR A 58 -5.13 9.54 -8.21
CA THR A 58 -6.52 9.61 -8.69
C THR A 58 -6.59 9.54 -10.21
N THR A 59 -5.87 10.43 -10.90
CA THR A 59 -5.89 10.51 -12.37
C THR A 59 -5.42 9.21 -13.06
N THR A 60 -4.69 8.34 -12.35
CA THR A 60 -4.31 6.99 -12.81
C THR A 60 -5.52 6.13 -13.16
N PHE A 61 -6.60 6.23 -12.39
CA PHE A 61 -7.81 5.42 -12.62
C PHE A 61 -8.84 6.19 -13.43
N GLU A 62 -8.81 7.53 -13.41
CA GLU A 62 -9.65 8.39 -14.25
C GLU A 62 -9.45 8.09 -15.74
N GLU A 63 -8.20 7.98 -16.21
CA GLU A 63 -7.88 7.64 -17.60
C GLU A 63 -8.38 6.25 -18.04
N LEU A 64 -8.75 5.39 -17.09
CA LEU A 64 -9.30 4.05 -17.29
C LEU A 64 -10.81 3.95 -17.04
N HIS A 65 -11.47 5.08 -16.72
CA HIS A 65 -12.90 5.18 -16.43
C HIS A 65 -13.31 4.43 -15.14
N PHE A 66 -12.80 4.89 -13.99
CA PHE A 66 -13.07 4.32 -12.67
C PHE A 66 -13.50 5.39 -11.65
N GLU A 67 -13.70 5.01 -10.39
CA GLU A 67 -14.07 5.93 -9.30
C GLU A 67 -12.94 6.10 -8.29
N ILE A 68 -12.91 7.27 -7.65
CA ILE A 68 -11.82 7.61 -6.74
C ILE A 68 -12.37 8.38 -5.55
N LYS A 69 -12.07 7.88 -4.35
CA LYS A 69 -12.48 8.49 -3.08
C LYS A 69 -11.33 8.43 -2.07
N PRO A 70 -10.37 9.38 -2.11
CA PRO A 70 -9.32 9.45 -1.12
C PRO A 70 -9.92 9.78 0.25
N HIS A 71 -9.37 9.12 1.27
CA HIS A 71 -9.69 9.34 2.69
C HIS A 71 -8.64 10.25 3.34
N ASP A 72 -8.99 10.78 4.51
CA ASP A 72 -8.14 11.64 5.34
C ASP A 72 -7.25 10.82 6.31
N ASP A 73 -6.49 11.54 7.15
CA ASP A 73 -5.59 11.01 8.17
C ASP A 73 -6.25 9.91 9.01
N CYS A 74 -5.76 8.68 8.89
CA CYS A 74 -6.33 7.49 9.52
C CYS A 74 -5.21 6.64 10.09
N THR A 75 -5.03 6.69 11.42
CA THR A 75 -4.09 5.83 12.14
C THR A 75 -4.53 4.37 12.11
N VAL A 76 -3.69 3.45 12.61
CA VAL A 76 -3.95 2.01 12.63
C VAL A 76 -5.32 1.63 13.22
N GLU A 77 -5.76 2.36 14.25
CA GLU A 77 -7.06 2.18 14.90
C GLU A 77 -8.22 2.36 13.90
N GLN A 78 -8.07 3.23 12.89
CA GLN A 78 -9.02 3.37 11.79
C GLN A 78 -8.80 2.32 10.70
N ILE A 79 -7.55 1.99 10.34
CA ILE A 79 -7.26 0.98 9.30
C ILE A 79 -7.89 -0.39 9.63
N TYR A 80 -7.94 -0.75 10.92
CA TYR A 80 -8.64 -1.95 11.41
C TYR A 80 -10.10 -2.02 10.93
N GLU A 81 -10.82 -0.90 10.94
CA GLU A 81 -12.20 -0.85 10.46
C GLU A 81 -12.24 -1.14 8.96
N ILE A 82 -11.30 -0.57 8.18
CA ILE A 82 -11.24 -0.80 6.73
C ILE A 82 -10.97 -2.29 6.41
N LEU A 83 -10.27 -3.01 7.30
CA LEU A 83 -9.99 -4.43 7.16
C LEU A 83 -11.24 -5.32 7.32
N LYS A 84 -12.23 -4.90 8.12
CA LYS A 84 -13.50 -5.62 8.29
C LYS A 84 -14.61 -5.09 7.38
N ILE A 85 -14.59 -3.80 6.99
CA ILE A 85 -15.61 -3.16 6.16
C ILE A 85 -15.92 -4.00 4.91
N TYR A 86 -14.88 -4.55 4.26
CA TYR A 86 -15.01 -5.44 3.10
C TYR A 86 -15.95 -6.64 3.32
N GLN A 87 -16.09 -7.10 4.57
CA GLN A 87 -17.08 -8.08 5.01
C GLN A 87 -18.40 -7.44 5.42
N LEU A 88 -18.40 -6.30 6.12
CA LEU A 88 -19.66 -5.65 6.52
C LEU A 88 -20.56 -5.31 5.33
N MET A 89 -19.98 -5.17 4.12
CA MET A 89 -20.71 -4.92 2.89
C MET A 89 -21.57 -6.11 2.45
N ASP A 90 -20.97 -7.27 2.14
CA ASP A 90 -21.62 -8.52 1.69
C ASP A 90 -22.76 -8.35 0.65
N HIS A 91 -22.61 -7.35 -0.24
CA HIS A 91 -23.66 -6.92 -1.18
C HIS A 91 -23.33 -7.24 -2.64
N SER A 92 -22.09 -6.95 -3.08
CA SER A 92 -21.56 -7.18 -4.42
C SER A 92 -20.03 -7.04 -4.43
N ASN A 93 -19.35 -7.68 -5.39
CA ASN A 93 -17.90 -7.63 -5.55
C ASN A 93 -17.53 -6.53 -6.56
N MET A 94 -16.70 -5.57 -6.15
CA MET A 94 -16.25 -4.48 -7.03
C MET A 94 -15.33 -5.01 -8.15
N ASP A 95 -15.03 -4.21 -9.17
CA ASP A 95 -14.04 -4.58 -10.19
C ASP A 95 -12.65 -4.87 -9.60
N CYS A 96 -12.00 -3.86 -9.03
CA CYS A 96 -10.72 -3.94 -8.32
C CYS A 96 -10.37 -2.60 -7.66
N PHE A 97 -9.34 -2.59 -6.81
CA PHE A 97 -8.78 -1.37 -6.21
C PHE A 97 -7.44 -1.68 -5.52
N ILE A 98 -6.66 -0.63 -5.26
CA ILE A 98 -5.39 -0.73 -4.52
C ILE A 98 -5.58 0.00 -3.19
N CYS A 99 -5.07 -0.61 -2.12
CA CYS A 99 -4.92 -0.01 -0.80
C CYS A 99 -3.53 0.63 -0.67
N CYS A 100 -3.40 1.91 -1.02
CA CYS A 100 -2.16 2.67 -0.89
C CYS A 100 -2.08 3.30 0.52
N ILE A 101 -1.16 2.81 1.36
CA ILE A 101 -0.97 3.28 2.75
C ILE A 101 0.32 4.09 2.86
N LEU A 102 0.21 5.31 3.41
CA LEU A 102 1.34 6.21 3.63
C LEU A 102 2.16 5.84 4.88
N SER A 103 1.55 5.95 6.07
CA SER A 103 2.18 5.74 7.38
C SER A 103 1.79 4.38 7.97
N HIS A 104 2.71 3.41 7.88
CA HIS A 104 2.54 2.05 8.38
C HIS A 104 3.93 1.40 8.52
N GLY A 105 4.33 1.09 9.76
CA GLY A 105 5.57 0.39 10.08
C GLY A 105 5.54 -1.11 9.73
N ASP A 106 6.40 -1.91 10.38
CA ASP A 106 6.30 -3.37 10.34
C ASP A 106 5.07 -3.88 11.14
N LYS A 107 4.97 -5.22 11.25
CA LYS A 107 3.88 -5.94 11.93
C LYS A 107 3.70 -5.54 13.42
N GLY A 108 4.75 -5.12 14.10
CA GLY A 108 4.67 -4.83 15.53
C GLY A 108 6.03 -4.50 16.10
N ILE A 109 6.79 -3.66 15.40
CA ILE A 109 8.10 -3.22 15.85
C ILE A 109 7.98 -2.10 16.89
N ILE A 110 7.13 -1.09 16.64
CA ILE A 110 7.04 0.14 17.43
C ILE A 110 5.69 0.81 17.22
N TYR A 111 4.94 1.01 18.31
CA TYR A 111 3.63 1.66 18.33
C TYR A 111 3.75 3.16 18.63
N GLY A 112 2.60 3.84 18.77
CA GLY A 112 2.54 5.26 19.08
C GLY A 112 1.10 5.79 19.07
N THR A 113 0.95 7.06 18.71
CA THR A 113 -0.34 7.76 18.59
C THR A 113 -0.66 8.13 17.14
N ASP A 114 0.33 8.65 16.40
CA ASP A 114 0.22 9.07 14.99
C ASP A 114 0.83 8.00 14.08
N GLY A 115 2.05 7.55 14.40
CA GLY A 115 2.78 6.50 13.69
C GLY A 115 2.51 5.07 14.17
N GLN A 116 1.42 4.86 14.91
CA GLN A 116 0.99 3.54 15.37
C GLN A 116 0.75 2.55 14.23
N GLU A 117 0.92 1.27 14.54
CA GLU A 117 0.78 0.14 13.62
C GLU A 117 0.24 -1.09 14.37
N ALA A 118 -0.07 -2.16 13.62
CA ALA A 118 -0.57 -3.43 14.15
C ALA A 118 -0.18 -4.61 13.24
N PRO A 119 -0.23 -5.85 13.76
CA PRO A 119 0.22 -7.04 13.04
C PRO A 119 -0.77 -7.51 11.99
N ILE A 120 -0.23 -7.90 10.83
CA ILE A 120 -1.01 -8.42 9.71
C ILE A 120 -1.46 -9.87 9.92
N TYR A 121 -0.72 -10.65 10.72
CA TYR A 121 -1.02 -12.05 11.04
C TYR A 121 -2.36 -12.24 11.78
N GLU A 122 -2.90 -11.19 12.39
CA GLU A 122 -4.22 -11.17 13.04
C GLU A 122 -5.28 -10.47 12.17
N LEU A 123 -4.94 -10.04 10.95
CA LEU A 123 -5.84 -9.35 10.02
C LEU A 123 -6.14 -10.21 8.79
N THR A 124 -5.09 -10.82 8.21
CA THR A 124 -5.23 -11.73 7.06
C THR A 124 -6.04 -12.99 7.38
N SER A 125 -6.23 -13.31 8.66
CA SER A 125 -7.07 -14.41 9.13
C SER A 125 -8.47 -13.95 9.57
N GLN A 126 -8.86 -12.69 9.31
CA GLN A 126 -10.16 -12.12 9.68
C GLN A 126 -10.91 -11.47 8.50
N PHE A 127 -10.44 -11.68 7.27
CA PHE A 127 -11.02 -11.11 6.04
C PHE A 127 -11.16 -12.14 4.89
N THR A 128 -10.89 -13.42 5.17
CA THR A 128 -10.88 -14.51 4.18
C THR A 128 -12.30 -14.79 3.69
N GLY A 129 -12.57 -14.51 2.40
CA GLY A 129 -13.92 -14.64 1.85
C GLY A 129 -14.57 -16.00 2.05
N LEU A 130 -13.78 -17.06 1.96
CA LEU A 130 -14.20 -18.44 2.19
C LEU A 130 -14.64 -18.72 3.65
N LYS A 131 -14.54 -17.74 4.56
CA LYS A 131 -14.97 -17.84 5.97
C LYS A 131 -16.22 -17.01 6.28
N CYS A 132 -16.32 -15.80 5.72
CA CYS A 132 -17.47 -14.91 5.87
C CYS A 132 -17.65 -14.03 4.62
N PRO A 133 -16.70 -13.13 4.27
CA PRO A 133 -16.86 -12.22 3.13
C PRO A 133 -16.77 -12.92 1.77
N SER A 134 -17.71 -13.80 1.41
CA SER A 134 -17.64 -14.65 0.19
C SER A 134 -17.25 -13.91 -1.10
N LEU A 135 -17.63 -12.63 -1.17
CA LEU A 135 -17.24 -11.64 -2.19
C LEU A 135 -16.06 -10.73 -1.80
N ALA A 136 -15.91 -10.37 -0.52
CA ALA A 136 -14.91 -9.46 0.07
C ALA A 136 -14.72 -8.12 -0.67
N GLY A 137 -15.73 -7.67 -1.43
CA GLY A 137 -15.60 -6.54 -2.34
C GLY A 137 -14.61 -6.78 -3.50
N LYS A 138 -14.24 -8.04 -3.77
CA LYS A 138 -13.18 -8.57 -4.65
C LYS A 138 -11.76 -8.43 -4.05
N PRO A 139 -10.76 -9.12 -4.63
CA PRO A 139 -9.37 -8.92 -4.25
C PRO A 139 -8.84 -7.55 -4.69
N LYS A 140 -7.68 -7.21 -4.14
CA LYS A 140 -7.04 -5.90 -4.21
C LYS A 140 -5.51 -6.05 -4.13
N VAL A 141 -4.80 -4.93 -4.25
CA VAL A 141 -3.34 -4.88 -4.17
C VAL A 141 -2.90 -3.94 -3.04
N PHE A 142 -1.75 -4.24 -2.44
CA PHE A 142 -1.11 -3.47 -1.37
C PHE A 142 0.31 -3.05 -1.81
N PHE A 143 0.44 -1.86 -2.40
CA PHE A 143 1.74 -1.25 -2.71
C PHE A 143 2.31 -0.59 -1.46
N ILE A 144 3.29 -1.25 -0.83
CA ILE A 144 4.04 -0.68 0.30
C ILE A 144 4.75 0.61 -0.14
N GLN A 145 4.85 1.58 0.77
CA GLN A 145 5.52 2.86 0.51
C GLN A 145 6.86 3.01 1.26
N ALA A 146 7.35 1.91 1.85
CA ALA A 146 8.57 1.81 2.66
C ALA A 146 9.86 1.59 1.84
N ALA A 147 9.78 1.63 0.50
CA ALA A 147 10.89 1.36 -0.42
C ALA A 147 11.41 2.62 -1.14
N GLN A 148 11.05 3.81 -0.64
CA GLN A 148 11.45 5.12 -1.17
C GLN A 148 12.30 5.94 -0.17
N GLY A 149 12.10 5.71 1.15
CA GLY A 149 12.75 6.46 2.21
C GLY A 149 14.20 6.05 2.42
N ASP A 150 15.06 6.39 1.46
CA ASP A 150 16.48 5.99 1.45
C ASP A 150 17.38 6.98 2.20
N ASN A 151 17.03 8.27 2.19
CA ASN A 151 17.81 9.39 2.75
C ASN A 151 19.20 9.60 2.07
N TYR A 152 19.27 9.36 0.75
CA TYR A 152 20.51 9.51 -0.03
C TYR A 152 20.74 10.94 -0.52
N GLN A 153 19.70 11.56 -1.11
CA GLN A 153 19.78 12.88 -1.73
C GLN A 153 18.91 13.88 -0.96
N LYS A 154 19.53 14.63 -0.04
CA LYS A 154 18.89 15.67 0.77
C LYS A 154 19.77 16.93 0.79
N GLY A 155 19.12 18.11 0.78
CA GLY A 155 19.78 19.41 0.74
C GLY A 155 20.60 19.75 1.99
N ILE A 156 20.14 19.28 3.16
CA ILE A 156 20.80 19.40 4.45
C ILE A 156 20.68 18.10 5.27
N PRO A 157 21.55 17.88 6.29
CA PRO A 157 21.49 16.70 7.16
C PRO A 157 20.36 16.75 8.21
N VAL A 158 19.88 17.94 8.57
CA VAL A 158 18.83 18.15 9.58
C VAL A 158 17.48 17.59 9.11
N GLU A 159 16.96 16.55 9.76
CA GLU A 159 15.63 16.00 9.44
C GLU A 159 14.53 16.50 10.39
N THR A 160 14.89 16.83 11.63
CA THR A 160 13.97 17.18 12.74
C THR A 160 14.47 18.41 13.49
N ASP A 161 13.83 19.57 13.26
CA ASP A 161 14.07 20.81 14.02
C ASP A 161 13.19 20.92 15.30
N SER A 162 12.10 20.13 15.39
CA SER A 162 11.20 20.13 16.57
C SER A 162 11.74 19.37 17.79
N GLU A 163 12.78 18.57 17.59
CA GLU A 163 13.59 18.00 18.67
C GLU A 163 14.29 19.14 19.47
N GLU A 164 14.79 18.84 20.66
CA GLU A 164 15.40 19.83 21.57
C GLU A 164 16.87 20.10 21.14
N GLN A 165 17.82 20.13 22.08
CA GLN A 165 19.26 20.16 21.80
C GLN A 165 19.73 19.05 20.81
N PRO A 166 19.44 17.75 21.06
CA PRO A 166 19.76 16.69 20.12
C PRO A 166 18.81 16.70 18.91
N TYR A 167 18.75 15.58 18.19
CA TYR A 167 17.92 15.37 17.01
C TYR A 167 17.74 13.87 16.76
N LEU A 168 16.93 13.51 15.76
CA LEU A 168 16.78 12.13 15.32
C LEU A 168 17.64 11.89 14.06
N GLU A 169 18.02 10.64 13.83
CA GLU A 169 18.78 10.21 12.66
C GLU A 169 18.46 8.75 12.35
N MET A 170 18.33 8.39 11.07
CA MET A 170 18.26 7.01 10.61
C MET A 170 18.78 6.91 9.16
N ASP A 171 19.43 5.78 8.84
CA ASP A 171 19.98 5.47 7.52
C ASP A 171 19.75 3.99 7.20
N LEU A 172 19.85 3.60 5.92
CA LEU A 172 19.73 2.20 5.49
C LEU A 172 20.37 1.99 4.10
N SER A 173 21.49 1.26 4.03
CA SER A 173 22.17 0.95 2.76
C SER A 173 21.77 -0.40 2.14
N SER A 174 21.30 -1.35 2.95
CA SER A 174 20.88 -2.69 2.55
C SER A 174 19.50 -3.01 3.12
N PRO A 175 18.75 -3.94 2.50
CA PRO A 175 17.44 -4.36 2.98
C PRO A 175 17.55 -5.10 4.32
N GLN A 176 16.56 -4.93 5.20
CA GLN A 176 16.52 -5.59 6.50
C GLN A 176 16.21 -7.09 6.34
N THR A 177 14.97 -7.39 5.92
CA THR A 177 14.42 -8.73 5.72
C THR A 177 13.30 -8.67 4.68
N ARG A 178 12.80 -9.85 4.29
CA ARG A 178 11.66 -10.04 3.38
C ARG A 178 10.48 -10.66 4.12
N TYR A 179 9.28 -10.46 3.59
CA TYR A 179 8.04 -11.05 4.11
C TYR A 179 7.00 -11.11 2.98
N ILE A 180 6.15 -12.14 3.00
CA ILE A 180 5.07 -12.38 2.04
C ILE A 180 3.80 -12.88 2.73
N PRO A 181 2.60 -12.69 2.13
CA PRO A 181 1.35 -13.22 2.64
C PRO A 181 1.26 -14.74 2.44
N ASP A 182 0.36 -15.38 3.19
CA ASP A 182 0.13 -16.85 3.17
C ASP A 182 -1.18 -17.23 2.46
N GLU A 183 -1.83 -16.23 1.85
CA GLU A 183 -3.09 -16.32 1.11
C GLU A 183 -2.92 -16.93 -0.28
N ALA A 184 -4.06 -17.12 -0.98
CA ALA A 184 -4.10 -17.63 -2.36
C ALA A 184 -5.12 -16.90 -3.25
N ASP A 185 -5.62 -15.74 -2.81
CA ASP A 185 -6.55 -14.88 -3.55
C ASP A 185 -6.16 -13.39 -3.53
N PHE A 186 -4.91 -13.04 -3.20
CA PHE A 186 -4.44 -11.64 -3.16
C PHE A 186 -3.01 -11.47 -3.70
N LEU A 187 -2.69 -10.27 -4.21
CA LEU A 187 -1.36 -9.92 -4.71
C LEU A 187 -0.58 -9.07 -3.70
N LEU A 188 0.68 -9.43 -3.50
CA LEU A 188 1.65 -8.66 -2.75
C LEU A 188 2.29 -7.58 -3.63
N GLY A 189 1.95 -6.31 -3.38
CA GLY A 189 2.63 -5.16 -3.97
C GLY A 189 3.88 -4.70 -3.21
N MET A 190 4.30 -5.45 -2.19
CA MET A 190 5.51 -5.23 -1.41
C MET A 190 6.75 -5.60 -2.23
N ALA A 191 7.45 -4.60 -2.76
CA ALA A 191 8.70 -4.81 -3.48
C ALA A 191 9.84 -5.16 -2.53
N PRO A 202 29.67 -6.95 -13.26
CA PRO A 202 28.50 -6.07 -13.12
C PRO A 202 27.93 -6.08 -11.69
N ALA A 203 28.35 -5.13 -10.86
CA ALA A 203 27.95 -5.04 -9.45
C ALA A 203 27.47 -3.63 -9.08
N GLU A 204 26.22 -3.32 -9.44
CA GLU A 204 25.56 -2.02 -9.19
C GLU A 204 24.04 -2.16 -9.40
N GLY A 205 23.27 -2.21 -8.31
CA GLY A 205 21.80 -2.28 -8.35
C GLY A 205 21.15 -1.11 -7.61
N THR A 206 19.87 -0.84 -7.92
CA THR A 206 19.07 0.25 -7.32
C THR A 206 17.61 -0.16 -7.13
N TRP A 207 16.87 0.67 -6.39
CA TRP A 207 15.44 0.48 -6.14
C TRP A 207 14.59 0.87 -7.35
N TYR A 208 13.72 -0.05 -7.77
CA TYR A 208 12.80 0.16 -8.90
C TYR A 208 11.43 0.67 -8.45
N ILE A 209 11.26 0.98 -7.15
CA ILE A 209 9.99 1.40 -6.55
C ILE A 209 9.72 2.89 -6.75
N GLN A 210 10.75 3.75 -6.71
CA GLN A 210 10.65 5.19 -6.97
C GLN A 210 9.85 5.50 -8.24
N SER A 211 10.00 4.64 -9.25
CA SER A 211 9.29 4.70 -10.52
C SER A 211 8.25 3.58 -10.71
N LEU A 212 7.97 2.74 -9.72
CA LEU A 212 6.95 1.69 -9.83
C LEU A 212 5.55 2.30 -9.93
N CYS A 213 5.20 3.17 -8.97
CA CYS A 213 3.90 3.84 -8.92
C CYS A 213 3.70 4.90 -10.02
N GLN A 214 4.72 5.19 -10.84
CA GLN A 214 4.63 6.06 -12.02
C GLN A 214 4.67 5.25 -13.33
N SER A 215 5.51 4.20 -13.43
CA SER A 215 5.56 3.36 -14.61
C SER A 215 4.27 2.57 -14.78
N LEU A 216 3.73 1.92 -13.73
CA LEU A 216 2.52 1.11 -13.89
C LEU A 216 1.33 1.93 -14.38
N ARG A 217 1.19 3.17 -13.89
CA ARG A 217 0.12 4.09 -14.29
C ARG A 217 0.32 4.63 -15.71
N GLU A 218 1.56 4.96 -16.08
CA GLU A 218 1.92 5.45 -17.42
C GLU A 218 1.93 4.33 -18.48
N ARG A 219 1.86 3.07 -18.05
CA ARG A 219 1.86 1.86 -18.88
C ARG A 219 0.65 0.95 -18.60
N CYS A 220 -0.40 1.48 -17.98
CA CYS A 220 -1.67 0.81 -17.78
C CYS A 220 -2.36 0.46 -19.12
N PRO A 221 -2.72 1.43 -19.98
CA PRO A 221 -3.41 1.17 -21.24
C PRO A 221 -2.47 0.55 -22.29
N ARG A 222 -2.20 -0.75 -22.14
CA ARG A 222 -1.33 -1.53 -23.04
C ARG A 222 -1.93 -2.88 -23.42
N GLY A 223 -2.21 -3.73 -22.43
CA GLY A 223 -2.60 -5.12 -22.64
C GLY A 223 -1.67 -6.09 -21.90
N ASP A 224 -1.39 -5.81 -20.63
CA ASP A 224 -0.61 -6.65 -19.73
C ASP A 224 -1.15 -6.55 -18.30
N ASP A 225 -1.22 -7.68 -17.60
CA ASP A 225 -1.79 -7.76 -16.27
C ASP A 225 -0.93 -7.02 -15.24
N ILE A 226 -1.56 -6.30 -14.29
CA ILE A 226 -0.81 -5.53 -13.26
C ILE A 226 0.21 -6.40 -12.50
N LEU A 227 -0.12 -7.69 -12.35
CA LEU A 227 0.73 -8.74 -11.76
C LEU A 227 2.05 -8.93 -12.51
N THR A 228 2.09 -8.58 -13.81
CA THR A 228 3.28 -8.53 -14.64
C THR A 228 3.80 -7.09 -14.79
N ILE A 229 2.94 -6.06 -14.78
CA ILE A 229 3.39 -4.66 -14.87
C ILE A 229 4.29 -4.29 -13.69
N LEU A 230 3.85 -4.53 -12.44
CA LEU A 230 4.65 -4.17 -11.26
C LEU A 230 5.99 -4.92 -11.18
N THR A 231 6.15 -6.03 -11.91
CA THR A 231 7.36 -6.85 -11.96
C THR A 231 8.18 -6.63 -13.24
N GLU A 232 7.57 -6.09 -14.30
CA GLU A 232 8.22 -5.66 -15.55
C GLU A 232 9.13 -4.45 -15.32
N VAL A 233 8.69 -3.50 -14.47
CA VAL A 233 9.48 -2.33 -14.09
C VAL A 233 10.83 -2.73 -13.47
N PRO A 251 12.41 -11.62 -11.78
CA PRO A 251 12.11 -10.65 -10.72
C PRO A 251 11.68 -11.28 -9.38
N GLN A 252 11.52 -12.62 -9.34
CA GLN A 252 10.99 -13.41 -8.23
C GLN A 252 9.64 -12.86 -7.75
N PRO A 253 8.56 -13.07 -8.53
CA PRO A 253 7.23 -12.59 -8.17
C PRO A 253 6.67 -13.35 -6.96
N THR A 254 5.76 -12.70 -6.24
CA THR A 254 5.18 -13.17 -4.97
C THR A 254 3.64 -13.17 -5.02
N PHE A 255 3.07 -13.02 -6.21
CA PHE A 255 1.64 -13.08 -6.48
C PHE A 255 1.03 -14.41 -6.01
N THR A 256 -0.18 -14.34 -5.45
CA THR A 256 -0.88 -15.50 -4.91
C THR A 256 -2.39 -15.37 -5.13
N LEU A 257 -2.88 -15.64 -6.35
CA LEU A 257 -4.31 -15.57 -6.71
C LEU A 257 -4.77 -16.78 -7.53
N ARG A 258 -6.06 -17.15 -7.41
CA ARG A 258 -6.69 -18.19 -8.23
C ARG A 258 -7.26 -17.69 -9.57
N LYS A 259 -7.53 -16.37 -9.67
CA LYS A 259 -8.05 -15.71 -10.87
C LYS A 259 -7.15 -14.55 -11.27
N LYS A 260 -7.34 -14.06 -12.50
CA LYS A 260 -6.64 -12.90 -13.04
C LYS A 260 -7.01 -11.62 -12.26
N LEU A 261 -6.08 -10.66 -12.22
CA LEU A 261 -6.19 -9.41 -11.47
C LEU A 261 -5.82 -8.18 -12.32
N VAL A 262 -6.23 -8.15 -13.59
CA VAL A 262 -5.91 -7.05 -14.51
C VAL A 262 -6.79 -5.84 -14.19
N PHE A 263 -6.18 -4.74 -13.77
CA PHE A 263 -6.80 -3.43 -13.58
C PHE A 263 -7.12 -2.71 -14.91
N PRO A 264 -6.16 -2.54 -15.85
CA PRO A 264 -6.45 -1.96 -17.15
C PRO A 264 -7.29 -2.89 -18.05
N SER A 265 -7.43 -2.51 -19.33
CA SER A 265 -8.13 -3.27 -20.37
C SER A 265 -7.74 -4.75 -20.39
N ASP A 266 -6.47 -5.03 -20.66
CA ASP A 266 -5.81 -6.34 -20.67
C ASP A 266 -4.47 -6.25 -19.94
N LYS A 11 -10.93 -17.74 -18.21
CA LYS A 11 -9.94 -16.68 -18.02
C LYS A 11 -10.38 -15.75 -16.87
N VAL A 12 -9.49 -14.82 -16.48
CA VAL A 12 -9.73 -13.86 -15.38
C VAL A 12 -9.85 -12.42 -15.90
N TYR A 13 -9.45 -12.14 -17.16
CA TYR A 13 -9.66 -10.83 -17.77
C TYR A 13 -11.14 -10.52 -18.05
N GLN A 14 -12.00 -11.55 -18.07
CA GLN A 14 -13.43 -11.48 -18.38
C GLN A 14 -14.23 -10.93 -17.17
N MET A 15 -13.72 -9.84 -16.58
CA MET A 15 -14.27 -9.10 -15.44
C MET A 15 -14.85 -7.75 -15.90
N LYS A 16 -15.28 -7.66 -17.16
CA LYS A 16 -15.97 -6.51 -17.73
C LYS A 16 -17.31 -6.28 -17.00
N SER A 17 -17.28 -5.37 -16.03
CA SER A 17 -18.41 -4.96 -15.21
C SER A 17 -18.62 -3.43 -15.27
N LYS A 18 -19.53 -2.91 -14.44
CA LYS A 18 -19.75 -1.47 -14.28
C LYS A 18 -18.42 -0.75 -13.96
N PRO A 19 -18.13 0.42 -14.58
CA PRO A 19 -16.99 1.28 -14.24
C PRO A 19 -17.18 1.92 -12.85
N ARG A 20 -16.36 2.93 -12.51
CA ARG A 20 -16.38 3.60 -11.21
C ARG A 20 -15.98 2.64 -10.07
N GLY A 21 -15.01 1.76 -10.36
CA GLY A 21 -14.45 0.84 -9.36
C GLY A 21 -13.86 1.59 -8.17
N TYR A 22 -13.67 0.87 -7.06
CA TYR A 22 -13.21 1.47 -5.80
C TYR A 22 -11.68 1.53 -5.75
N CYS A 23 -11.15 2.63 -5.21
CA CYS A 23 -9.71 2.85 -5.07
C CYS A 23 -9.39 3.34 -3.66
N LEU A 24 -8.96 2.42 -2.80
CA LEU A 24 -8.57 2.74 -1.42
C LEU A 24 -7.18 3.36 -1.38
N ILE A 25 -7.11 4.60 -0.89
CA ILE A 25 -5.89 5.40 -0.79
C ILE A 25 -5.87 6.12 0.55
N ILE A 26 -5.25 5.48 1.55
CA ILE A 26 -5.11 6.03 2.90
C ILE A 26 -3.71 6.65 3.04
N ASN A 27 -3.65 7.85 3.62
CA ASN A 27 -2.42 8.55 3.92
C ASN A 27 -2.44 9.01 5.39
N ASN A 28 -1.48 8.58 6.21
CA ASN A 28 -1.33 9.15 7.55
C ASN A 28 -0.94 10.63 7.45
N HIS A 29 -1.58 11.49 8.23
CA HIS A 29 -1.24 12.92 8.32
C HIS A 29 -0.35 13.20 9.54
N ASN A 30 -0.70 12.61 10.69
CA ASN A 30 0.05 12.77 11.94
C ASN A 30 1.45 12.14 11.82
N PHE A 31 2.47 12.99 11.73
CA PHE A 31 3.87 12.59 11.57
C PHE A 31 4.67 12.67 12.86
N ALA A 32 4.01 12.91 14.01
CA ALA A 32 4.61 13.07 15.33
C ALA A 32 5.62 11.96 15.63
N LYS A 33 5.24 10.70 15.37
CA LYS A 33 6.07 9.50 15.54
C LYS A 33 6.18 8.66 14.25
N ALA A 34 5.53 9.10 13.16
CA ALA A 34 5.58 8.41 11.87
C ALA A 34 6.97 8.45 11.23
N ARG A 35 7.88 9.34 11.68
CA ARG A 35 9.26 9.49 11.20
C ARG A 35 10.08 8.18 11.19
N GLU A 36 9.66 7.21 12.00
CA GLU A 36 10.25 5.88 12.05
C GLU A 36 9.76 5.01 10.88
N LYS A 37 8.48 4.63 10.92
CA LYS A 37 7.84 3.75 9.93
C LYS A 37 7.78 4.39 8.55
N VAL A 38 7.79 5.72 8.50
CA VAL A 38 7.72 6.53 7.30
C VAL A 38 8.88 7.53 7.30
N PRO A 39 10.09 7.09 6.89
CA PRO A 39 11.26 7.99 6.83
C PRO A 39 11.10 9.12 5.82
N LYS A 40 10.15 8.99 4.86
CA LYS A 40 9.80 10.02 3.87
C LYS A 40 8.96 11.18 4.43
N LEU A 41 8.54 11.13 5.70
CA LEU A 41 7.74 12.18 6.37
C LEU A 41 8.58 13.32 6.97
N HIS A 42 9.87 13.42 6.62
CA HIS A 42 10.79 14.47 7.08
C HIS A 42 10.78 15.73 6.20
N SER A 43 10.62 15.57 4.88
CA SER A 43 10.60 16.66 3.88
C SER A 43 9.21 17.32 3.76
N ILE A 44 8.23 16.80 4.49
CA ILE A 44 6.85 17.28 4.63
C ILE A 44 6.60 17.63 6.09
N ARG A 45 5.90 18.74 6.34
CA ARG A 45 5.40 19.17 7.65
C ARG A 45 3.87 19.17 7.63
N ASP A 46 3.26 19.37 8.80
CA ASP A 46 1.80 19.52 9.00
C ASP A 46 1.18 20.57 8.08
N ARG A 47 1.89 21.69 7.85
CA ARG A 47 1.46 22.77 6.98
C ARG A 47 2.18 22.70 5.61
N ASN A 48 1.59 21.94 4.68
CA ASN A 48 2.06 21.79 3.30
C ASN A 48 0.88 21.57 2.33
N GLY A 49 1.19 21.50 1.02
CA GLY A 49 0.21 21.27 -0.05
C GLY A 49 0.83 20.57 -1.25
N THR A 50 1.42 19.39 -1.05
CA THR A 50 2.08 18.58 -2.08
C THR A 50 1.27 17.35 -2.46
N HIS A 51 0.32 17.52 -3.38
CA HIS A 51 -0.50 16.43 -3.92
C HIS A 51 0.18 15.62 -5.04
N LEU A 52 1.47 15.82 -5.31
CA LEU A 52 2.21 15.11 -6.36
C LEU A 52 2.36 13.61 -6.03
N ASP A 53 2.79 13.29 -4.81
CA ASP A 53 3.01 11.90 -4.38
C ASP A 53 1.67 11.17 -4.12
N ALA A 54 0.76 11.77 -3.33
CA ALA A 54 -0.54 11.19 -3.02
C ALA A 54 -1.49 11.18 -4.25
N GLY A 55 -1.37 12.20 -5.11
CA GLY A 55 -2.12 12.32 -6.34
C GLY A 55 -1.59 11.43 -7.46
N ALA A 56 -0.33 11.00 -7.43
CA ALA A 56 0.23 10.05 -8.41
C ALA A 56 -0.53 8.72 -8.42
N LEU A 57 -0.85 8.18 -7.24
CA LEU A 57 -1.61 6.93 -7.09
C LEU A 57 -3.10 7.15 -7.41
N THR A 58 -3.61 8.35 -7.13
CA THR A 58 -5.00 8.75 -7.38
C THR A 58 -5.25 8.94 -8.87
N THR A 59 -4.51 9.86 -9.51
CA THR A 59 -4.64 10.26 -10.92
C THR A 59 -4.63 9.05 -11.85
N THR A 60 -3.89 8.00 -11.46
CA THR A 60 -3.81 6.70 -12.11
C THR A 60 -5.18 6.10 -12.42
N PHE A 61 -6.05 6.01 -11.41
CA PHE A 61 -7.41 5.51 -11.60
C PHE A 61 -8.40 6.66 -11.90
N GLU A 62 -8.07 7.91 -11.54
CA GLU A 62 -8.91 9.09 -11.76
C GLU A 62 -9.15 9.30 -13.27
N GLU A 63 -8.08 9.25 -14.08
CA GLU A 63 -8.15 9.36 -15.54
C GLU A 63 -9.00 8.26 -16.19
N LEU A 64 -9.11 7.10 -15.54
CA LEU A 64 -9.93 5.96 -15.93
C LEU A 64 -11.40 6.08 -15.46
N HIS A 65 -11.81 7.20 -14.85
CA HIS A 65 -13.14 7.41 -14.26
C HIS A 65 -13.49 6.38 -13.16
N PHE A 66 -12.64 6.28 -12.14
CA PHE A 66 -12.86 5.43 -10.96
C PHE A 66 -13.26 6.23 -9.72
N GLU A 67 -13.81 5.53 -8.71
CA GLU A 67 -14.29 6.12 -7.46
C GLU A 67 -13.15 6.22 -6.43
N ILE A 68 -12.54 7.41 -6.36
CA ILE A 68 -11.41 7.70 -5.49
C ILE A 68 -11.80 8.80 -4.51
N LYS A 69 -11.62 8.52 -3.21
CA LYS A 69 -11.87 9.47 -2.13
C LYS A 69 -10.57 9.70 -1.33
N PRO A 70 -10.23 10.96 -1.00
CA PRO A 70 -9.09 11.27 -0.14
C PRO A 70 -9.32 10.75 1.28
N HIS A 71 -8.45 9.84 1.75
CA HIS A 71 -8.46 9.33 3.12
C HIS A 71 -7.16 9.69 3.84
N ASP A 72 -6.99 10.99 4.09
CA ASP A 72 -5.91 11.53 4.92
C ASP A 72 -6.32 11.57 6.41
N ASP A 73 -5.36 11.77 7.32
CA ASP A 73 -5.55 11.87 8.78
C ASP A 73 -6.34 10.70 9.39
N CYS A 74 -5.96 9.46 9.03
CA CYS A 74 -6.59 8.24 9.52
C CYS A 74 -5.52 7.26 10.03
N THR A 75 -5.27 7.25 11.34
CA THR A 75 -4.38 6.28 12.00
C THR A 75 -4.97 4.87 11.96
N VAL A 76 -4.21 3.85 12.40
CA VAL A 76 -4.66 2.46 12.49
C VAL A 76 -5.99 2.29 13.24
N GLU A 77 -6.18 3.06 14.32
CA GLU A 77 -7.40 3.08 15.14
C GLU A 77 -8.64 3.55 14.35
N GLN A 78 -8.43 4.31 13.25
CA GLN A 78 -9.47 4.74 12.33
C GLN A 78 -9.62 3.76 11.16
N ILE A 79 -8.50 3.33 10.54
CA ILE A 79 -8.52 2.36 9.43
C ILE A 79 -9.18 1.02 9.84
N TYR A 80 -9.09 0.65 11.13
CA TYR A 80 -9.83 -0.49 11.68
C TYR A 80 -11.33 -0.44 11.39
N GLU A 81 -11.93 0.76 11.33
CA GLU A 81 -13.35 0.93 10.99
C GLU A 81 -13.62 0.76 9.49
N ILE A 82 -12.59 0.63 8.64
CA ILE A 82 -12.71 0.43 7.19
C ILE A 82 -12.70 -1.06 6.84
N LEU A 83 -11.80 -1.83 7.46
CA LEU A 83 -11.67 -3.28 7.22
C LEU A 83 -12.95 -4.06 7.58
N LYS A 84 -13.69 -3.59 8.59
CA LYS A 84 -15.01 -4.13 8.94
C LYS A 84 -16.05 -3.88 7.85
N ILE A 85 -16.08 -2.70 7.21
CA ILE A 85 -17.09 -2.32 6.21
C ILE A 85 -17.13 -3.36 5.09
N TYR A 86 -15.96 -3.81 4.64
CA TYR A 86 -15.83 -4.84 3.62
C TYR A 86 -16.61 -6.12 3.98
N GLN A 87 -16.64 -6.49 5.25
CA GLN A 87 -17.41 -7.63 5.77
C GLN A 87 -18.90 -7.28 5.94
N LEU A 88 -19.22 -6.05 6.36
CA LEU A 88 -20.60 -5.57 6.51
C LEU A 88 -21.39 -5.53 5.20
N MET A 89 -20.70 -5.45 4.04
CA MET A 89 -21.34 -5.40 2.73
C MET A 89 -22.03 -6.72 2.33
N ASP A 90 -21.32 -7.85 2.51
CA ASP A 90 -21.74 -9.23 2.19
C ASP A 90 -22.35 -9.39 0.78
N HIS A 91 -21.53 -9.14 -0.26
CA HIS A 91 -21.96 -9.14 -1.66
C HIS A 91 -20.83 -9.60 -2.61
N SER A 92 -21.10 -10.60 -3.47
CA SER A 92 -20.12 -11.08 -4.46
C SER A 92 -19.76 -10.05 -5.54
N ASN A 93 -20.48 -8.93 -5.62
CA ASN A 93 -20.13 -7.76 -6.43
C ASN A 93 -18.87 -7.06 -5.89
N MET A 94 -18.37 -6.08 -6.66
CA MET A 94 -17.17 -5.28 -6.31
C MET A 94 -15.89 -6.12 -6.12
N ASP A 95 -15.87 -7.35 -6.66
CA ASP A 95 -14.82 -8.36 -6.58
C ASP A 95 -13.59 -8.05 -7.45
N CYS A 96 -13.31 -6.77 -7.68
CA CYS A 96 -12.31 -6.28 -8.61
C CYS A 96 -11.85 -4.84 -8.27
N PHE A 97 -10.78 -4.73 -7.47
CA PHE A 97 -10.26 -3.46 -6.97
C PHE A 97 -8.84 -3.63 -6.39
N ILE A 98 -8.28 -2.55 -5.80
CA ILE A 98 -6.99 -2.53 -5.13
C ILE A 98 -7.09 -1.77 -3.80
N CYS A 99 -6.34 -2.22 -2.79
CA CYS A 99 -6.22 -1.57 -1.49
C CYS A 99 -4.76 -1.16 -1.18
N CYS A 100 -4.38 0.05 -1.59
CA CYS A 100 -3.06 0.62 -1.29
C CYS A 100 -3.02 1.19 0.14
N ILE A 101 -1.86 1.11 0.79
CA ILE A 101 -1.62 1.60 2.14
C ILE A 101 -0.36 2.48 2.18
N LEU A 102 -0.29 3.37 3.16
CA LEU A 102 0.87 4.26 3.32
C LEU A 102 2.04 3.51 3.97
N SER A 103 1.86 3.04 5.21
CA SER A 103 2.86 2.29 5.97
C SER A 103 2.18 1.51 7.08
N HIS A 104 2.39 0.19 7.11
CA HIS A 104 1.85 -0.71 8.13
C HIS A 104 2.92 -1.30 9.05
N GLY A 105 4.13 -0.72 9.00
CA GLY A 105 5.33 -1.28 9.60
C GLY A 105 5.75 -2.60 8.97
N ASP A 106 6.91 -3.10 9.41
CA ASP A 106 7.43 -4.37 8.95
C ASP A 106 6.71 -5.53 9.67
N LYS A 107 7.08 -5.79 10.93
CA LYS A 107 6.53 -6.86 11.76
C LYS A 107 6.45 -6.47 13.24
N GLY A 108 5.31 -5.91 13.65
CA GLY A 108 5.05 -5.56 15.05
C GLY A 108 6.06 -4.55 15.62
N ILE A 109 6.69 -3.75 14.76
CA ILE A 109 7.84 -2.90 15.08
C ILE A 109 7.54 -2.00 16.28
N ILE A 110 6.45 -1.23 16.18
CA ILE A 110 5.96 -0.35 17.22
C ILE A 110 4.47 -0.64 17.46
N TYR A 111 4.05 -0.47 18.70
CA TYR A 111 2.69 -0.71 19.18
C TYR A 111 2.17 0.58 19.85
N GLY A 112 0.92 0.98 19.55
CA GLY A 112 0.25 2.11 20.18
C GLY A 112 0.88 3.47 19.86
N THR A 113 1.00 3.83 18.57
CA THR A 113 1.65 5.06 18.08
C THR A 113 1.10 5.48 16.71
N ASP A 114 1.68 6.52 16.10
CA ASP A 114 1.34 7.02 14.75
C ASP A 114 1.60 6.03 13.61
N GLY A 115 2.37 4.96 13.87
CA GLY A 115 2.69 3.91 12.92
C GLY A 115 1.47 3.06 12.58
N GLN A 116 1.48 1.80 13.02
CA GLN A 116 0.33 0.90 12.87
C GLN A 116 0.38 -0.24 13.89
N GLU A 117 -0.77 -0.55 14.49
CA GLU A 117 -0.96 -1.65 15.45
C GLU A 117 -1.42 -2.96 14.75
N ALA A 118 -1.21 -3.06 13.45
CA ALA A 118 -1.67 -4.18 12.62
C ALA A 118 -0.75 -4.37 11.40
N PRO A 119 0.36 -5.14 11.54
CA PRO A 119 1.29 -5.44 10.47
C PRO A 119 0.70 -6.47 9.51
N ILE A 120 -0.26 -6.05 8.68
CA ILE A 120 -1.01 -6.87 7.70
C ILE A 120 -1.54 -8.21 8.30
N TYR A 121 -1.78 -8.23 9.62
CA TYR A 121 -2.13 -9.45 10.37
C TYR A 121 -3.53 -9.38 10.99
N GLU A 122 -4.10 -8.18 11.09
CA GLU A 122 -5.45 -7.95 11.62
C GLU A 122 -6.39 -7.37 10.57
N LEU A 123 -5.83 -7.03 9.40
CA LEU A 123 -6.53 -6.41 8.27
C LEU A 123 -6.90 -7.48 7.24
N THR A 124 -5.93 -8.31 6.85
CA THR A 124 -6.11 -9.40 5.89
C THR A 124 -6.42 -10.73 6.56
N SER A 125 -6.64 -10.75 7.88
CA SER A 125 -7.11 -11.93 8.63
C SER A 125 -8.65 -12.05 8.59
N GLN A 126 -9.38 -10.93 8.46
CA GLN A 126 -10.84 -10.93 8.41
C GLN A 126 -11.42 -11.62 7.15
N PHE A 127 -10.56 -11.93 6.17
CA PHE A 127 -10.90 -12.74 4.99
C PHE A 127 -11.17 -14.22 5.30
N THR A 128 -10.96 -14.71 6.53
CA THR A 128 -11.14 -16.13 6.86
C THR A 128 -12.52 -16.63 6.44
N GLY A 129 -12.56 -17.79 5.77
CA GLY A 129 -13.80 -18.45 5.35
C GLY A 129 -14.75 -18.85 6.48
N LEU A 130 -14.34 -18.67 7.74
CA LEU A 130 -15.17 -18.85 8.94
C LEU A 130 -15.74 -17.53 9.48
N LYS A 131 -15.38 -16.38 8.89
CA LYS A 131 -15.79 -15.02 9.28
C LYS A 131 -16.46 -14.27 8.13
N CYS A 132 -15.98 -14.46 6.90
CA CYS A 132 -16.56 -13.90 5.68
C CYS A 132 -16.21 -14.74 4.44
N PRO A 133 -16.72 -15.98 4.29
CA PRO A 133 -16.41 -16.82 3.14
C PRO A 133 -16.92 -16.23 1.82
N SER A 134 -18.05 -15.51 1.85
CA SER A 134 -18.66 -14.85 0.70
C SER A 134 -17.66 -13.98 -0.06
N LEU A 135 -16.69 -13.36 0.63
CA LEU A 135 -15.65 -12.50 0.06
C LEU A 135 -14.23 -13.06 0.24
N ALA A 136 -14.12 -14.35 0.60
CA ALA A 136 -12.85 -15.05 0.79
C ALA A 136 -12.38 -15.82 -0.46
N GLY A 137 -13.22 -15.90 -1.51
CA GLY A 137 -12.91 -16.59 -2.77
C GLY A 137 -12.52 -15.65 -3.92
N LYS A 138 -12.77 -14.34 -3.77
CA LYS A 138 -12.43 -13.31 -4.75
C LYS A 138 -10.97 -12.85 -4.61
N PRO A 139 -10.32 -12.40 -5.69
CA PRO A 139 -8.93 -11.92 -5.64
C PRO A 139 -8.80 -10.58 -4.89
N LYS A 140 -7.56 -10.27 -4.48
CA LYS A 140 -7.22 -9.01 -3.81
C LYS A 140 -5.82 -8.55 -4.23
N VAL A 141 -5.64 -7.22 -4.33
CA VAL A 141 -4.35 -6.61 -4.67
C VAL A 141 -4.09 -5.45 -3.70
N PHE A 142 -2.83 -5.34 -3.24
CA PHE A 142 -2.40 -4.27 -2.35
C PHE A 142 -0.98 -3.82 -2.69
N PHE A 143 -0.80 -2.49 -2.74
CA PHE A 143 0.47 -1.84 -3.02
C PHE A 143 1.01 -1.10 -1.79
N ILE A 144 2.34 -0.98 -1.71
CA ILE A 144 3.05 -0.38 -0.59
C ILE A 144 4.13 0.58 -1.12
N GLN A 145 4.14 1.83 -0.63
CA GLN A 145 5.08 2.87 -1.07
C GLN A 145 6.01 3.32 0.08
N ALA A 146 7.21 2.76 0.10
CA ALA A 146 8.25 3.04 1.08
C ALA A 146 9.56 3.38 0.37
N ALA A 147 9.93 4.67 0.37
CA ALA A 147 11.23 5.12 -0.10
C ALA A 147 12.29 5.05 1.02
N GLN A 148 13.55 5.20 0.64
CA GLN A 148 14.71 5.22 1.53
C GLN A 148 15.44 6.56 1.35
N GLY A 149 15.75 7.23 2.45
CA GLY A 149 16.54 8.47 2.42
C GLY A 149 17.93 8.23 1.84
N ASP A 150 18.50 9.24 1.17
CA ASP A 150 19.87 9.18 0.69
C ASP A 150 20.89 9.01 1.84
N ASN A 151 22.11 8.61 1.48
CA ASN A 151 23.20 8.36 2.43
C ASN A 151 24.41 9.19 2.04
N TYR A 152 24.59 10.33 2.71
CA TYR A 152 25.73 11.21 2.50
C TYR A 152 26.91 10.83 3.42
N GLN A 153 28.10 11.38 3.12
CA GLN A 153 29.28 11.24 3.98
C GLN A 153 29.00 11.74 5.41
N LYS A 154 29.56 11.06 6.41
CA LYS A 154 29.34 11.34 7.84
C LYS A 154 27.88 11.14 8.28
N GLY A 155 27.09 10.39 7.48
CA GLY A 155 25.66 10.22 7.69
C GLY A 155 24.89 11.47 7.25
N ILE A 156 23.76 11.71 7.91
CA ILE A 156 22.84 12.81 7.61
C ILE A 156 22.55 13.65 8.88
N PRO A 157 22.04 14.89 8.74
CA PRO A 157 21.68 15.75 9.86
C PRO A 157 20.36 15.37 10.55
N VAL A 158 19.48 14.66 9.83
CA VAL A 158 18.17 14.21 10.35
C VAL A 158 18.37 13.08 11.36
N GLU A 159 17.90 13.26 12.60
CA GLU A 159 17.97 12.21 13.61
C GLU A 159 16.77 12.27 14.59
N THR A 160 16.67 11.29 15.46
CA THR A 160 15.68 11.24 16.55
C THR A 160 15.93 12.36 17.55
N ASP A 161 15.03 13.36 17.53
CA ASP A 161 15.06 14.56 18.38
C ASP A 161 13.88 14.54 19.36
N SER A 162 12.63 14.61 18.86
CA SER A 162 11.38 14.70 19.63
C SER A 162 10.96 13.39 20.33
N GLU A 163 11.96 12.61 20.75
CA GLU A 163 11.83 11.24 21.25
C GLU A 163 12.38 11.18 22.68
N GLU A 164 11.48 10.92 23.63
CA GLU A 164 11.78 10.71 25.05
C GLU A 164 12.63 9.42 25.25
N GLN A 165 12.85 8.98 26.50
CA GLN A 165 13.51 7.72 26.85
C GLN A 165 13.21 6.54 25.87
N PRO A 166 11.93 6.19 25.62
CA PRO A 166 11.55 5.22 24.59
C PRO A 166 11.65 5.85 23.20
N TYR A 167 12.90 6.12 22.77
CA TYR A 167 13.24 6.48 21.40
C TYR A 167 12.88 5.39 20.38
N LEU A 168 13.21 5.65 19.12
CA LEU A 168 12.98 4.75 17.99
C LEU A 168 14.31 4.36 17.33
N GLU A 169 14.36 3.12 16.84
CA GLU A 169 15.52 2.52 16.19
C GLU A 169 15.07 1.45 15.20
N MET A 170 15.69 1.44 14.01
CA MET A 170 15.39 0.54 12.90
C MET A 170 16.49 0.65 11.83
N ASP A 171 16.45 -0.20 10.79
CA ASP A 171 17.41 -0.16 9.66
C ASP A 171 18.89 -0.37 10.10
N LEU A 172 19.11 -1.03 11.25
CA LEU A 172 20.40 -1.24 11.94
C LEU A 172 21.52 -1.67 10.99
N SER A 173 21.34 -2.81 10.32
CA SER A 173 22.28 -3.36 9.34
C SER A 173 21.67 -3.35 7.94
N SER A 174 20.55 -4.07 7.77
CA SER A 174 19.84 -4.32 6.50
C SER A 174 18.78 -5.44 6.70
N PRO A 175 19.16 -6.70 7.01
CA PRO A 175 18.20 -7.81 7.11
C PRO A 175 17.30 -7.75 8.36
N GLN A 176 17.58 -6.84 9.29
CA GLN A 176 16.82 -6.63 10.53
C GLN A 176 15.35 -6.33 10.24
N THR A 177 15.09 -5.23 9.53
CA THR A 177 13.74 -4.80 9.13
C THR A 177 13.44 -5.33 7.73
N ARG A 178 12.71 -6.45 7.63
CA ARG A 178 12.25 -7.05 6.38
C ARG A 178 11.18 -8.11 6.63
N TYR A 179 10.19 -8.14 5.72
CA TYR A 179 9.10 -9.10 5.75
C TYR A 179 8.94 -9.80 4.39
N ILE A 180 8.95 -11.14 4.43
CA ILE A 180 8.77 -12.02 3.27
C ILE A 180 7.81 -13.17 3.62
N PRO A 181 6.47 -12.97 3.48
CA PRO A 181 5.51 -14.04 3.66
C PRO A 181 5.55 -15.08 2.52
N ASP A 182 4.99 -16.26 2.80
CA ASP A 182 4.83 -17.36 1.83
C ASP A 182 3.34 -17.60 1.51
N GLU A 183 2.54 -16.52 1.51
CA GLU A 183 1.14 -16.58 1.09
C GLU A 183 0.98 -16.92 -0.40
N ALA A 184 -0.26 -17.19 -0.79
CA ALA A 184 -0.65 -17.48 -2.17
C ALA A 184 -1.97 -16.79 -2.53
N ASP A 185 -2.42 -16.97 -3.78
CA ASP A 185 -3.64 -16.37 -4.35
C ASP A 185 -3.79 -14.84 -4.16
N PHE A 186 -2.68 -14.13 -3.94
CA PHE A 186 -2.61 -12.73 -3.56
C PHE A 186 -1.53 -11.96 -4.34
N LEU A 187 -1.65 -10.63 -4.41
CA LEU A 187 -0.70 -9.74 -5.08
C LEU A 187 -0.14 -8.71 -4.10
N LEU A 188 1.11 -8.93 -3.67
CA LEU A 188 1.90 -8.06 -2.79
C LEU A 188 2.82 -7.17 -3.62
N GLY A 189 2.64 -5.85 -3.57
CA GLY A 189 3.52 -4.90 -4.25
C GLY A 189 4.46 -4.15 -3.31
N MET A 190 5.55 -4.80 -2.90
CA MET A 190 6.63 -4.26 -2.07
C MET A 190 7.95 -4.24 -2.85
N ALA A 191 8.90 -3.39 -2.40
CA ALA A 191 10.24 -3.27 -2.95
C ALA A 191 11.23 -2.87 -1.85
N PRO A 202 29.75 -2.88 -12.74
CA PRO A 202 29.31 -2.35 -11.44
C PRO A 202 28.93 -0.86 -11.53
N ALA A 203 27.64 -0.60 -11.74
CA ALA A 203 27.06 0.74 -11.86
C ALA A 203 25.70 0.84 -11.13
N GLU A 204 25.12 2.03 -11.13
CA GLU A 204 23.78 2.33 -10.58
C GLU A 204 22.61 1.76 -11.43
N GLY A 205 22.73 0.51 -11.89
CA GLY A 205 21.74 -0.20 -12.69
C GLY A 205 20.54 -0.67 -11.87
N THR A 206 19.89 0.26 -11.16
CA THR A 206 18.73 0.04 -10.30
C THR A 206 17.54 0.90 -10.72
N TRP A 207 16.39 0.66 -10.11
CA TRP A 207 15.13 1.36 -10.37
C TRP A 207 14.43 1.78 -9.07
N TYR A 208 13.43 2.67 -9.20
CA TYR A 208 12.72 3.27 -8.07
C TYR A 208 11.21 3.12 -8.24
N ILE A 209 10.48 3.11 -7.10
CA ILE A 209 9.02 2.98 -7.08
C ILE A 209 8.31 4.16 -7.77
N GLN A 210 8.95 5.35 -7.78
CA GLN A 210 8.47 6.53 -8.50
C GLN A 210 8.13 6.20 -9.96
N SER A 211 8.96 5.37 -10.61
CA SER A 211 8.68 4.90 -11.97
C SER A 211 7.74 3.69 -12.04
N LEU A 212 7.66 2.87 -10.98
CA LEU A 212 6.72 1.75 -10.88
C LEU A 212 5.26 2.20 -10.83
N CYS A 213 4.97 3.36 -10.22
CA CYS A 213 3.64 3.95 -10.22
C CYS A 213 3.32 4.64 -11.54
N GLN A 214 4.26 5.40 -12.11
CA GLN A 214 4.02 6.10 -13.38
C GLN A 214 3.97 5.13 -14.58
N SER A 215 4.56 3.93 -14.48
CA SER A 215 4.46 2.88 -15.49
C SER A 215 3.08 2.23 -15.48
N LEU A 216 2.60 1.72 -14.33
CA LEU A 216 1.31 1.02 -14.29
C LEU A 216 0.17 1.92 -14.76
N ARG A 217 0.20 3.21 -14.42
CA ARG A 217 -0.83 4.17 -14.85
C ARG A 217 -0.83 4.39 -16.36
N GLU A 218 0.35 4.48 -16.98
CA GLU A 218 0.47 4.68 -18.43
C GLU A 218 0.39 3.35 -19.23
N ARG A 219 0.36 2.21 -18.53
CA ARG A 219 0.29 0.85 -19.08
C ARG A 219 -1.01 0.12 -18.73
N CYS A 220 -1.97 0.77 -18.07
CA CYS A 220 -3.31 0.25 -17.80
C CYS A 220 -4.04 -0.20 -19.09
N PRO A 221 -4.28 0.67 -20.09
CA PRO A 221 -4.96 0.31 -21.34
C PRO A 221 -4.05 -0.52 -22.27
N ARG A 222 -3.88 -1.80 -21.91
CA ARG A 222 -3.07 -2.79 -22.64
C ARG A 222 -3.71 -4.17 -22.72
N GLY A 223 -4.22 -4.67 -21.58
CA GLY A 223 -4.80 -6.01 -21.46
C GLY A 223 -3.85 -7.07 -20.88
N ASP A 224 -2.59 -6.71 -20.58
CA ASP A 224 -1.65 -7.59 -19.88
C ASP A 224 -2.05 -7.81 -18.40
N ASP A 225 -1.41 -8.77 -17.74
CA ASP A 225 -1.68 -9.09 -16.33
C ASP A 225 -0.92 -8.17 -15.35
N ILE A 226 -1.59 -7.76 -14.25
CA ILE A 226 -0.96 -6.92 -13.22
C ILE A 226 0.27 -7.61 -12.59
N LEU A 227 0.29 -8.96 -12.65
CA LEU A 227 1.38 -9.82 -12.22
C LEU A 227 2.68 -9.54 -13.00
N THR A 228 2.60 -9.06 -14.24
CA THR A 228 3.73 -8.59 -15.05
C THR A 228 3.88 -7.08 -15.02
N ILE A 229 2.80 -6.29 -14.89
CA ILE A 229 2.90 -4.81 -14.85
C ILE A 229 3.86 -4.36 -13.74
N LEU A 230 3.69 -4.89 -12.53
CA LEU A 230 4.55 -4.53 -11.40
C LEU A 230 6.01 -5.00 -11.57
N THR A 231 6.27 -5.94 -12.49
CA THR A 231 7.62 -6.42 -12.84
C THR A 231 8.12 -5.85 -14.17
N GLU A 232 7.35 -4.95 -14.82
CA GLU A 232 7.65 -4.39 -16.14
C GLU A 232 8.77 -3.33 -16.09
N VAL A 233 9.04 -2.77 -14.91
CA VAL A 233 10.16 -1.85 -14.66
C VAL A 233 11.52 -2.55 -14.81
N PRO A 251 16.94 -6.96 -7.42
CA PRO A 251 15.66 -6.84 -6.72
C PRO A 251 15.23 -8.14 -6.05
N GLN A 252 14.17 -8.08 -5.25
CA GLN A 252 13.55 -9.23 -4.59
C GLN A 252 12.02 -9.28 -4.83
N PRO A 253 11.59 -9.55 -6.08
CA PRO A 253 10.18 -9.65 -6.42
C PRO A 253 9.55 -10.90 -5.79
N THR A 254 8.33 -10.75 -5.26
CA THR A 254 7.61 -11.85 -4.59
C THR A 254 6.15 -11.88 -5.03
N PHE A 255 5.79 -12.81 -5.93
CA PHE A 255 4.44 -12.93 -6.44
C PHE A 255 4.05 -14.39 -6.67
N THR A 256 2.89 -14.78 -6.13
CA THR A 256 2.39 -16.16 -6.17
C THR A 256 0.86 -16.19 -6.10
N LEU A 257 0.23 -16.52 -7.23
CA LEU A 257 -1.22 -16.70 -7.34
C LEU A 257 -1.56 -18.09 -7.87
N ARG A 258 -2.82 -18.49 -7.70
CA ARG A 258 -3.40 -19.76 -8.16
C ARG A 258 -4.35 -19.57 -9.36
N LYS A 259 -4.27 -18.40 -10.00
CA LYS A 259 -5.04 -17.98 -11.17
C LYS A 259 -4.33 -16.82 -11.88
N LYS A 260 -4.84 -16.42 -13.04
CA LYS A 260 -4.46 -15.19 -13.76
C LYS A 260 -4.97 -13.95 -13.01
N LEU A 261 -4.39 -12.78 -13.31
CA LEU A 261 -4.79 -11.49 -12.73
C LEU A 261 -4.65 -10.34 -13.74
N VAL A 262 -5.69 -10.11 -14.56
CA VAL A 262 -5.72 -9.06 -15.60
C VAL A 262 -6.80 -8.05 -15.28
N PHE A 263 -6.50 -6.78 -15.53
CA PHE A 263 -7.44 -5.67 -15.39
C PHE A 263 -7.79 -5.11 -16.78
N PRO A 264 -9.10 -4.96 -17.11
CA PRO A 264 -9.55 -4.35 -18.35
C PRO A 264 -9.33 -2.81 -18.38
N SER A 265 -9.67 -2.19 -19.51
CA SER A 265 -9.66 -0.73 -19.70
C SER A 265 -10.89 -0.05 -19.08
N ASP A 266 -12.09 -0.61 -19.31
CA ASP A 266 -13.38 -0.07 -18.85
C ASP A 266 -13.83 -0.70 -17.53
N LYS A 11 -14.33 -11.60 -19.36
CA LYS A 11 -12.97 -11.41 -18.81
C LYS A 11 -12.92 -10.13 -17.95
N VAL A 12 -11.83 -9.94 -17.21
CA VAL A 12 -11.63 -8.74 -16.39
C VAL A 12 -11.25 -7.51 -17.21
N TYR A 13 -10.60 -7.67 -18.38
CA TYR A 13 -10.31 -6.56 -19.29
C TYR A 13 -11.59 -5.89 -19.83
N GLN A 14 -12.77 -6.49 -19.63
CA GLN A 14 -14.04 -5.88 -20.02
C GLN A 14 -14.25 -4.53 -19.32
N MET A 15 -14.77 -4.50 -18.08
CA MET A 15 -15.14 -3.27 -17.33
C MET A 15 -15.95 -2.19 -18.10
N LYS A 16 -16.48 -2.50 -19.29
CA LYS A 16 -17.11 -1.58 -20.26
C LYS A 16 -18.41 -0.97 -19.74
N SER A 17 -19.37 -1.85 -19.44
CA SER A 17 -20.70 -1.51 -18.96
C SER A 17 -20.63 -0.93 -17.54
N LYS A 18 -20.52 0.41 -17.46
CA LYS A 18 -20.36 1.23 -16.24
C LYS A 18 -19.00 0.99 -15.55
N PRO A 19 -18.54 1.89 -14.66
CA PRO A 19 -17.32 1.69 -13.91
C PRO A 19 -17.45 0.49 -12.95
N ARG A 20 -16.33 -0.23 -12.75
CA ARG A 20 -16.23 -1.40 -11.88
C ARG A 20 -14.99 -1.38 -10.97
N GLY A 21 -14.10 -0.40 -11.14
CA GLY A 21 -12.89 -0.26 -10.35
C GLY A 21 -13.22 0.15 -8.92
N TYR A 22 -12.59 -0.49 -7.93
CA TYR A 22 -12.75 -0.21 -6.51
C TYR A 22 -11.35 -0.17 -5.85
N CYS A 23 -10.86 1.02 -5.55
CA CYS A 23 -9.57 1.25 -4.88
C CYS A 23 -9.79 2.10 -3.63
N LEU A 24 -9.11 1.73 -2.55
CA LEU A 24 -9.16 2.44 -1.28
C LEU A 24 -7.87 3.24 -1.14
N ILE A 25 -7.97 4.58 -1.06
CA ILE A 25 -6.83 5.49 -0.86
C ILE A 25 -6.95 6.13 0.52
N ILE A 26 -5.87 6.04 1.30
CA ILE A 26 -5.75 6.61 2.64
C ILE A 26 -4.53 7.55 2.70
N ASN A 27 -4.74 8.74 3.25
CA ASN A 27 -3.74 9.78 3.49
C ASN A 27 -3.81 10.29 4.95
N ASN A 28 -2.76 11.00 5.38
CA ASN A 28 -2.66 11.59 6.71
C ASN A 28 -2.24 13.07 6.60
N HIS A 29 -2.74 13.90 7.52
CA HIS A 29 -2.42 15.33 7.60
C HIS A 29 -1.65 15.70 8.88
N ASN A 30 -1.10 14.68 9.57
CA ASN A 30 -0.39 14.80 10.83
C ASN A 30 0.98 14.13 10.71
N PHE A 31 2.00 14.81 11.27
CA PHE A 31 3.40 14.37 11.32
C PHE A 31 3.89 14.16 12.76
N ALA A 32 2.98 14.14 13.74
CA ALA A 32 3.29 13.99 15.16
C ALA A 32 3.99 12.66 15.47
N LYS A 33 3.46 11.54 14.97
CA LYS A 33 4.03 10.19 15.15
C LYS A 33 4.50 9.63 13.81
N ALA A 34 3.92 10.11 12.70
CA ALA A 34 4.31 9.71 11.36
C ALA A 34 5.73 10.15 11.02
N ARG A 35 6.34 11.11 11.74
CA ARG A 35 7.75 11.50 11.55
C ARG A 35 8.76 10.35 11.62
N GLU A 36 8.47 9.33 12.44
CA GLU A 36 9.37 8.20 12.70
C GLU A 36 8.99 7.01 11.83
N LYS A 37 7.73 6.59 11.91
CA LYS A 37 7.17 5.50 11.10
C LYS A 37 7.24 5.83 9.61
N VAL A 38 7.01 7.08 9.23
CA VAL A 38 6.97 7.58 7.84
C VAL A 38 8.06 8.64 7.64
N PRO A 39 9.35 8.24 7.54
CA PRO A 39 10.46 9.18 7.37
C PRO A 39 10.39 9.93 6.03
N LYS A 40 9.56 9.47 5.08
CA LYS A 40 9.26 10.17 3.82
C LYS A 40 8.63 11.54 4.05
N LEU A 41 7.96 11.78 5.19
CA LEU A 41 7.32 13.08 5.48
C LEU A 41 8.34 14.15 5.92
N HIS A 42 9.63 13.82 6.07
CA HIS A 42 10.70 14.79 6.37
C HIS A 42 11.03 15.68 5.17
N SER A 43 11.17 15.08 3.97
CA SER A 43 11.50 15.79 2.73
C SER A 43 10.31 16.54 2.12
N ILE A 44 9.17 16.60 2.84
CA ILE A 44 7.99 17.36 2.45
C ILE A 44 8.31 18.84 2.23
N ARG A 45 7.51 19.49 1.38
CA ARG A 45 7.66 20.93 1.12
C ARG A 45 7.03 21.76 2.24
N ASP A 46 7.48 23.01 2.40
CA ASP A 46 6.88 24.00 3.30
C ASP A 46 5.41 24.27 2.98
N ARG A 47 5.03 24.16 1.71
CA ARG A 47 3.67 24.34 1.21
C ARG A 47 2.85 23.07 1.46
N ASN A 48 2.19 23.00 2.62
CA ASN A 48 1.28 21.93 2.99
C ASN A 48 -0.05 22.46 3.57
N GLY A 49 -0.94 21.56 4.02
CA GLY A 49 -2.23 21.91 4.63
C GLY A 49 -3.42 21.82 3.67
N THR A 50 -3.31 21.02 2.60
CA THR A 50 -4.33 20.83 1.55
C THR A 50 -4.24 19.40 0.99
N HIS A 51 -5.21 19.01 0.16
CA HIS A 51 -5.26 17.70 -0.52
C HIS A 51 -4.41 17.59 -1.81
N LEU A 52 -3.51 18.56 -2.08
CA LEU A 52 -2.69 18.60 -3.29
C LEU A 52 -1.83 17.33 -3.48
N ASP A 53 -1.19 16.83 -2.42
CA ASP A 53 -0.40 15.60 -2.44
C ASP A 53 -1.26 14.36 -2.75
N ALA A 54 -2.45 14.26 -2.13
CA ALA A 54 -3.42 13.22 -2.41
C ALA A 54 -3.85 13.22 -3.88
N GLY A 55 -3.92 14.41 -4.51
CA GLY A 55 -4.23 14.56 -5.93
C GLY A 55 -3.26 13.80 -6.85
N ALA A 56 -1.95 13.81 -6.56
CA ALA A 56 -0.95 13.06 -7.35
C ALA A 56 -1.14 11.53 -7.28
N LEU A 57 -1.66 11.02 -6.15
CA LEU A 57 -1.99 9.60 -5.99
C LEU A 57 -3.34 9.28 -6.65
N THR A 58 -4.34 10.14 -6.48
CA THR A 58 -5.64 10.00 -7.12
C THR A 58 -5.55 10.07 -8.64
N THR A 59 -4.87 11.07 -9.22
CA THR A 59 -4.79 11.28 -10.68
C THR A 59 -4.33 10.02 -11.43
N THR A 60 -3.43 9.25 -10.79
CA THR A 60 -2.89 7.97 -11.27
C THR A 60 -3.98 6.91 -11.45
N PHE A 61 -4.99 6.91 -10.58
CA PHE A 61 -6.13 6.02 -10.67
C PHE A 61 -7.33 6.69 -11.38
N GLU A 62 -7.40 8.02 -11.41
CA GLU A 62 -8.47 8.80 -12.05
C GLU A 62 -8.49 8.62 -13.58
N GLU A 63 -7.35 8.33 -14.21
CA GLU A 63 -7.28 7.99 -15.65
C GLU A 63 -8.18 6.81 -16.06
N LEU A 64 -8.60 5.96 -15.11
CA LEU A 64 -9.54 4.85 -15.32
C LEU A 64 -11.01 5.24 -15.05
N HIS A 65 -11.27 6.41 -14.47
CA HIS A 65 -12.60 6.95 -14.18
C HIS A 65 -13.51 6.02 -13.33
N PHE A 66 -13.01 5.54 -12.19
CA PHE A 66 -13.71 4.61 -11.29
C PHE A 66 -13.95 5.18 -9.87
N GLU A 67 -14.63 4.42 -9.00
CA GLU A 67 -14.83 4.74 -7.58
C GLU A 67 -13.50 4.92 -6.82
N ILE A 68 -13.09 6.18 -6.68
CA ILE A 68 -11.86 6.59 -5.99
C ILE A 68 -12.27 7.53 -4.85
N LYS A 69 -12.02 7.07 -3.62
CA LYS A 69 -12.28 7.85 -2.42
C LYS A 69 -10.95 8.20 -1.74
N PRO A 70 -10.35 9.37 -2.07
CA PRO A 70 -9.11 9.83 -1.46
C PRO A 70 -9.35 10.29 -0.03
N HIS A 71 -9.39 9.33 0.90
CA HIS A 71 -9.54 9.63 2.32
C HIS A 71 -8.27 10.29 2.84
N ASP A 72 -8.47 11.38 3.58
CA ASP A 72 -7.44 12.20 4.19
C ASP A 72 -7.69 12.33 5.70
N ASP A 73 -6.71 12.89 6.42
CA ASP A 73 -6.72 13.04 7.88
C ASP A 73 -7.07 11.77 8.69
N CYS A 74 -6.95 10.57 8.09
CA CYS A 74 -7.35 9.29 8.67
C CYS A 74 -6.25 8.68 9.55
N THR A 75 -6.36 8.84 10.88
CA THR A 75 -5.55 8.16 11.89
C THR A 75 -5.88 6.66 12.01
N VAL A 76 -5.08 5.93 12.78
CA VAL A 76 -5.21 4.47 12.98
C VAL A 76 -6.60 4.07 13.49
N GLU A 77 -7.17 4.86 14.41
CA GLU A 77 -8.51 4.69 14.95
C GLU A 77 -9.59 4.66 13.84
N GLN A 78 -9.38 5.42 12.74
CA GLN A 78 -10.21 5.39 11.55
C GLN A 78 -9.92 4.19 10.66
N ILE A 79 -8.65 3.79 10.47
CA ILE A 79 -8.30 2.63 9.64
C ILE A 79 -8.97 1.34 10.14
N TYR A 80 -9.17 1.23 11.47
CA TYR A 80 -9.95 0.17 12.08
C TYR A 80 -11.35 0.03 11.47
N GLU A 81 -11.99 1.13 11.04
CA GLU A 81 -13.29 1.05 10.41
C GLU A 81 -13.21 0.34 9.05
N ILE A 82 -12.18 0.69 8.26
CA ILE A 82 -11.94 0.13 6.93
C ILE A 82 -11.65 -1.38 7.01
N LEU A 83 -11.08 -1.83 8.13
CA LEU A 83 -10.78 -3.23 8.42
C LEU A 83 -12.00 -4.16 8.38
N LYS A 84 -13.20 -3.64 8.70
CA LYS A 84 -14.47 -4.38 8.56
C LYS A 84 -15.31 -3.96 7.35
N ILE A 85 -15.14 -2.74 6.82
CA ILE A 85 -15.84 -2.26 5.62
C ILE A 85 -15.68 -3.22 4.44
N TYR A 86 -14.50 -3.86 4.31
CA TYR A 86 -14.26 -4.88 3.28
C TYR A 86 -15.31 -6.00 3.27
N GLN A 87 -15.90 -6.34 4.43
CA GLN A 87 -16.98 -7.30 4.55
C GLN A 87 -18.36 -6.68 4.26
N LEU A 88 -18.60 -5.42 4.66
CA LEU A 88 -19.85 -4.71 4.39
C LEU A 88 -20.16 -4.57 2.89
N MET A 89 -19.14 -4.67 2.02
CA MET A 89 -19.27 -4.57 0.57
C MET A 89 -19.99 -5.78 -0.06
N ASP A 90 -19.50 -6.99 0.23
CA ASP A 90 -20.02 -8.30 -0.21
C ASP A 90 -20.45 -8.36 -1.70
N HIS A 91 -19.51 -8.08 -2.63
CA HIS A 91 -19.76 -7.91 -4.06
C HIS A 91 -19.47 -9.18 -4.88
N SER A 92 -20.48 -10.05 -5.06
CA SER A 92 -20.33 -11.32 -5.81
C SER A 92 -20.38 -11.18 -7.35
N ASN A 93 -20.12 -9.97 -7.87
CA ASN A 93 -20.21 -9.55 -9.27
C ASN A 93 -18.99 -8.75 -9.77
N MET A 94 -17.96 -8.56 -8.94
CA MET A 94 -16.71 -7.86 -9.28
C MET A 94 -15.54 -8.49 -8.53
N ASP A 95 -14.36 -8.54 -9.16
CA ASP A 95 -13.12 -9.07 -8.58
C ASP A 95 -12.00 -8.02 -8.51
N CYS A 96 -11.94 -7.11 -9.49
CA CYS A 96 -10.98 -6.02 -9.60
C CYS A 96 -10.97 -5.07 -8.38
N PHE A 97 -10.03 -5.31 -7.47
CA PHE A 97 -9.91 -4.60 -6.21
C PHE A 97 -8.46 -4.21 -5.88
N ILE A 98 -8.26 -3.07 -5.19
CA ILE A 98 -6.93 -2.56 -4.83
C ILE A 98 -6.95 -1.87 -3.44
N CYS A 99 -5.87 -2.07 -2.67
CA CYS A 99 -5.61 -1.45 -1.38
C CYS A 99 -4.44 -0.46 -1.47
N CYS A 100 -4.70 0.85 -1.40
CA CYS A 100 -3.71 1.92 -1.49
C CYS A 100 -3.57 2.62 -0.12
N ILE A 101 -2.61 2.13 0.68
CA ILE A 101 -2.37 2.56 2.05
C ILE A 101 -0.88 2.84 2.27
N LEU A 102 -0.58 3.73 3.22
CA LEU A 102 0.79 4.07 3.61
C LEU A 102 1.46 2.88 4.29
N SER A 103 1.00 2.54 5.51
CA SER A 103 1.55 1.44 6.33
C SER A 103 3.09 1.45 6.38
N HIS A 104 3.68 2.64 6.41
CA HIS A 104 5.13 2.85 6.39
C HIS A 104 5.82 2.41 7.69
N GLY A 105 5.03 2.19 8.76
CA GLY A 105 5.49 1.59 10.00
C GLY A 105 5.94 0.14 9.85
N ASP A 106 6.37 -0.44 10.96
CA ASP A 106 6.96 -1.77 11.01
C ASP A 106 6.13 -2.72 11.91
N LYS A 107 6.70 -3.87 12.27
CA LYS A 107 6.04 -4.89 13.08
C LYS A 107 6.86 -5.17 14.33
N GLY A 108 6.32 -4.76 15.49
CA GLY A 108 6.95 -4.92 16.80
C GLY A 108 7.61 -3.65 17.35
N ILE A 109 7.74 -2.62 16.52
CA ILE A 109 8.22 -1.27 16.89
C ILE A 109 7.19 -0.53 17.78
N ILE A 110 7.55 0.69 18.20
CA ILE A 110 6.65 1.58 18.93
C ILE A 110 5.44 1.95 18.06
N TYR A 111 4.25 1.83 18.66
CA TYR A 111 2.96 2.26 18.12
C TYR A 111 2.96 3.73 17.65
N GLY A 112 1.94 4.11 16.88
CA GLY A 112 1.77 5.47 16.36
C GLY A 112 0.30 5.87 16.27
N THR A 113 0.03 7.16 16.53
CA THR A 113 -1.33 7.73 16.51
C THR A 113 -1.90 7.86 15.10
N ASP A 114 -1.04 8.29 14.17
CA ASP A 114 -1.29 8.52 12.75
C ASP A 114 -0.78 7.36 11.88
N GLY A 115 0.31 6.69 12.30
CA GLY A 115 0.94 5.57 11.60
C GLY A 115 0.24 4.23 11.80
N GLN A 116 0.50 3.55 12.93
CA GLN A 116 -0.11 2.27 13.30
C GLN A 116 0.12 1.96 14.78
N GLU A 117 -0.93 1.64 15.54
CA GLU A 117 -0.85 1.26 16.97
C GLU A 117 -1.26 -0.18 17.24
N ALA A 118 -1.44 -0.99 16.19
CA ALA A 118 -1.98 -2.34 16.29
C ALA A 118 -1.18 -3.35 15.45
N PRO A 119 -1.29 -4.66 15.76
CA PRO A 119 -0.60 -5.73 15.04
C PRO A 119 -1.18 -5.95 13.64
N ILE A 120 -0.46 -5.48 12.60
CA ILE A 120 -0.84 -5.71 11.19
C ILE A 120 -1.17 -7.19 10.93
N TYR A 121 -0.38 -8.11 11.48
CA TYR A 121 -0.56 -9.56 11.35
C TYR A 121 -1.90 -10.06 11.89
N GLU A 122 -2.49 -9.39 12.89
CA GLU A 122 -3.78 -9.78 13.45
C GLU A 122 -4.92 -9.23 12.57
N LEU A 123 -4.84 -7.94 12.22
CA LEU A 123 -5.81 -7.29 11.33
C LEU A 123 -5.84 -7.98 9.96
N THR A 124 -4.71 -8.49 9.47
CA THR A 124 -4.63 -9.27 8.22
C THR A 124 -4.77 -10.78 8.44
N SER A 125 -5.07 -11.25 9.66
CA SER A 125 -5.35 -12.66 10.00
C SER A 125 -6.87 -12.95 10.03
N GLN A 126 -7.69 -11.96 10.37
CA GLN A 126 -9.15 -12.11 10.37
C GLN A 126 -9.75 -12.39 8.98
N PHE A 127 -8.99 -12.14 7.90
CA PHE A 127 -9.36 -12.49 6.52
C PHE A 127 -9.50 -13.99 6.26
N THR A 128 -9.14 -14.84 7.24
CA THR A 128 -9.18 -16.30 7.11
C THR A 128 -10.58 -16.78 6.65
N GLY A 129 -10.65 -17.59 5.60
CA GLY A 129 -11.91 -18.12 5.06
C GLY A 129 -12.77 -18.91 6.05
N LEU A 130 -12.22 -19.30 7.20
CA LEU A 130 -12.90 -20.00 8.30
C LEU A 130 -13.38 -19.05 9.41
N LYS A 131 -13.03 -17.75 9.35
CA LYS A 131 -13.31 -16.73 10.37
C LYS A 131 -14.08 -15.54 9.80
N CYS A 132 -13.72 -15.09 8.60
CA CYS A 132 -14.40 -14.03 7.87
C CYS A 132 -14.14 -14.18 6.37
N PRO A 133 -15.14 -14.56 5.54
CA PRO A 133 -14.94 -14.73 4.11
C PRO A 133 -14.66 -13.39 3.43
N SER A 134 -15.66 -12.52 3.26
CA SER A 134 -15.54 -11.21 2.57
C SER A 134 -14.59 -11.26 1.36
N LEU A 135 -14.88 -12.17 0.44
CA LEU A 135 -14.12 -12.38 -0.79
C LEU A 135 -12.66 -12.87 -0.52
N ALA A 136 -12.41 -13.63 0.55
CA ALA A 136 -11.06 -14.07 0.95
C ALA A 136 -10.28 -14.78 -0.15
N GLY A 137 -10.97 -15.68 -0.87
CA GLY A 137 -10.47 -16.47 -1.99
C GLY A 137 -10.62 -15.76 -3.35
N LYS A 138 -11.00 -14.47 -3.37
CA LYS A 138 -10.98 -13.64 -4.57
C LYS A 138 -9.64 -12.89 -4.71
N PRO A 139 -9.30 -12.51 -5.96
CA PRO A 139 -8.10 -11.78 -6.28
C PRO A 139 -8.12 -10.38 -5.66
N LYS A 140 -7.09 -10.08 -4.85
CA LYS A 140 -6.88 -8.81 -4.17
C LYS A 140 -5.49 -8.25 -4.47
N VAL A 141 -5.32 -6.94 -4.26
CA VAL A 141 -4.08 -6.21 -4.52
C VAL A 141 -3.83 -5.18 -3.43
N PHE A 142 -2.56 -4.86 -3.18
CA PHE A 142 -2.13 -3.90 -2.17
C PHE A 142 -0.83 -3.22 -2.60
N PHE A 143 -0.92 -1.98 -3.12
CA PHE A 143 0.25 -1.20 -3.54
C PHE A 143 0.80 -0.37 -2.37
N ILE A 144 1.93 -0.79 -1.80
CA ILE A 144 2.62 -0.07 -0.71
C ILE A 144 3.94 0.54 -1.18
N GLN A 145 4.59 0.00 -2.21
CA GLN A 145 5.92 0.41 -2.70
C GLN A 145 6.97 0.65 -1.58
N ALA A 146 6.84 -0.04 -0.44
CA ALA A 146 7.67 0.12 0.75
C ALA A 146 9.15 -0.23 0.47
N ALA A 147 9.98 0.82 0.39
CA ALA A 147 11.40 0.73 0.10
C ALA A 147 12.12 2.00 0.58
N GLN A 148 13.45 2.02 0.42
CA GLN A 148 14.34 3.13 0.78
C GLN A 148 15.31 3.40 -0.38
N GLY A 149 15.67 4.66 -0.62
CA GLY A 149 16.58 5.04 -1.72
C GLY A 149 17.51 6.20 -1.36
N ASP A 150 18.09 6.16 -0.16
CA ASP A 150 18.94 7.21 0.41
C ASP A 150 20.13 6.58 1.16
N ASN A 151 21.18 7.38 1.40
CA ASN A 151 22.33 6.98 2.19
C ASN A 151 22.03 7.05 3.70
N TYR A 152 23.01 6.65 4.51
CA TYR A 152 22.97 6.73 5.97
C TYR A 152 24.32 7.18 6.52
N GLN A 153 24.32 7.77 7.71
CA GLN A 153 25.51 8.18 8.45
C GLN A 153 25.16 8.20 9.94
N LYS A 154 25.96 7.52 10.78
CA LYS A 154 25.87 7.47 12.25
C LYS A 154 24.43 7.30 12.82
N GLY A 155 23.57 6.59 12.08
CA GLY A 155 22.14 6.50 12.31
C GLY A 155 21.37 6.78 11.01
N ILE A 156 20.54 7.81 11.00
CA ILE A 156 19.60 8.15 9.92
C ILE A 156 19.78 9.62 9.43
N PRO A 157 19.29 9.96 8.22
CA PRO A 157 19.37 11.33 7.68
C PRO A 157 18.36 12.31 8.31
N VAL A 158 17.23 11.81 8.82
CA VAL A 158 16.21 12.59 9.51
C VAL A 158 16.72 13.13 10.85
N GLU A 159 15.94 13.99 11.51
CA GLU A 159 16.26 14.48 12.84
C GLU A 159 14.99 14.65 13.69
N THR A 160 15.07 14.19 14.94
CA THR A 160 13.98 14.24 15.92
C THR A 160 14.23 15.27 17.03
N ASP A 161 15.29 16.10 16.94
CA ASP A 161 15.66 17.18 17.88
C ASP A 161 14.55 18.24 18.10
N SER A 162 13.59 18.32 17.17
CA SER A 162 12.35 19.06 17.37
C SER A 162 11.26 18.11 17.88
N GLU A 163 11.33 17.66 19.13
CA GLU A 163 10.29 16.86 19.79
C GLU A 163 9.77 17.54 21.06
N GLU A 164 8.45 17.50 21.27
CA GLU A 164 7.85 18.00 22.50
C GLU A 164 8.11 17.01 23.68
N GLN A 165 7.53 17.25 24.86
CA GLN A 165 7.62 16.38 26.05
C GLN A 165 7.63 14.87 25.74
N PRO A 166 6.61 14.31 25.05
CA PRO A 166 6.65 12.94 24.57
C PRO A 166 7.60 12.82 23.38
N TYR A 167 8.90 12.73 23.70
CA TYR A 167 9.97 12.36 22.79
C TYR A 167 9.75 10.98 22.15
N LEU A 168 10.74 10.54 21.37
CA LEU A 168 10.73 9.25 20.69
C LEU A 168 11.94 8.42 21.12
N GLU A 169 11.80 7.10 21.04
CA GLU A 169 12.85 6.14 21.37
C GLU A 169 13.79 5.94 20.15
N MET A 170 14.72 4.98 20.22
CA MET A 170 15.62 4.64 19.13
C MET A 170 15.40 3.20 18.69
N ASP A 171 15.24 2.99 17.38
CA ASP A 171 15.12 1.68 16.75
C ASP A 171 16.06 1.55 15.54
N LEU A 172 16.16 0.34 15.01
CA LEU A 172 16.90 0.02 13.79
C LEU A 172 16.27 0.70 12.56
N SER A 173 17.05 0.82 11.48
CA SER A 173 16.60 1.36 10.20
C SER A 173 16.21 0.21 9.24
N SER A 174 15.19 0.47 8.42
CA SER A 174 14.62 -0.45 7.43
C SER A 174 13.93 -1.68 8.05
N PRO A 175 13.08 -2.39 7.29
CA PRO A 175 12.44 -3.60 7.79
C PRO A 175 13.45 -4.74 7.95
N GLN A 176 13.18 -5.62 8.90
CA GLN A 176 13.97 -6.83 9.21
C GLN A 176 13.28 -8.14 8.80
N THR A 177 11.97 -8.09 8.51
CA THR A 177 11.14 -9.24 8.10
C THR A 177 10.47 -8.96 6.76
N ARG A 178 9.75 -9.96 6.23
CA ARG A 178 9.06 -9.91 4.95
C ARG A 178 7.63 -10.44 5.09
N TYR A 179 6.82 -10.20 4.06
CA TYR A 179 5.40 -10.51 4.03
C TYR A 179 5.14 -11.62 2.99
N ILE A 180 5.24 -12.87 3.45
CA ILE A 180 5.02 -14.05 2.61
C ILE A 180 4.11 -15.05 3.33
N PRO A 181 2.78 -14.87 3.24
CA PRO A 181 1.81 -15.78 3.84
C PRO A 181 1.68 -17.11 3.06
N ASP A 182 2.32 -17.26 1.91
CA ASP A 182 2.30 -18.44 1.02
C ASP A 182 0.87 -18.82 0.56
N GLU A 183 0.05 -17.79 0.30
CA GLU A 183 -1.32 -17.92 -0.18
C GLU A 183 -1.39 -17.90 -1.72
N ALA A 184 -2.62 -17.94 -2.25
CA ALA A 184 -2.93 -17.86 -3.67
C ALA A 184 -4.16 -16.96 -3.89
N ASP A 185 -4.53 -16.73 -5.15
CA ASP A 185 -5.64 -15.84 -5.54
C ASP A 185 -5.44 -14.42 -5.01
N PHE A 186 -4.25 -13.86 -5.26
CA PHE A 186 -3.88 -12.50 -4.87
C PHE A 186 -2.62 -12.01 -5.60
N LEU A 187 -2.45 -10.68 -5.68
CA LEU A 187 -1.28 -10.01 -6.24
C LEU A 187 -0.60 -9.15 -5.17
N LEU A 188 0.72 -9.15 -5.16
CA LEU A 188 1.53 -8.27 -4.34
C LEU A 188 1.78 -6.95 -5.09
N GLY A 189 1.43 -5.83 -4.46
CA GLY A 189 1.75 -4.49 -4.95
C GLY A 189 2.87 -3.78 -4.17
N MET A 190 3.45 -4.45 -3.17
CA MET A 190 4.71 -4.03 -2.54
C MET A 190 5.86 -4.00 -3.56
N ALA A 191 7.01 -3.42 -3.15
CA ALA A 191 8.22 -3.43 -3.95
C ALA A 191 9.06 -4.70 -3.66
N PRO A 202 29.69 -2.57 -3.51
CA PRO A 202 30.06 -1.80 -4.69
C PRO A 202 29.02 -2.06 -5.80
N ALA A 203 28.43 -0.97 -6.32
CA ALA A 203 27.50 -0.99 -7.44
C ALA A 203 27.49 0.36 -8.19
N GLU A 204 26.93 0.38 -9.40
CA GLU A 204 26.79 1.58 -10.24
C GLU A 204 25.51 2.37 -9.96
N GLY A 205 24.42 1.68 -9.61
CA GLY A 205 23.10 2.25 -9.36
C GLY A 205 22.05 1.15 -9.28
N THR A 206 21.21 1.19 -8.23
CA THR A 206 20.17 0.20 -7.97
C THR A 206 18.93 0.92 -7.43
N TRP A 207 17.73 0.41 -7.72
CA TRP A 207 16.47 1.00 -7.27
C TRP A 207 15.46 -0.08 -6.88
N TYR A 208 15.00 -0.07 -5.62
CA TYR A 208 13.96 -1.01 -5.17
C TYR A 208 12.61 -0.82 -5.89
N ILE A 209 12.35 0.39 -6.41
CA ILE A 209 11.15 0.68 -7.19
C ILE A 209 11.35 0.35 -8.66
N GLN A 210 12.56 0.57 -9.20
CA GLN A 210 12.91 0.31 -10.60
C GLN A 210 11.92 0.91 -11.62
N SER A 211 11.36 2.09 -11.32
CA SER A 211 10.29 2.75 -12.09
C SER A 211 8.92 2.04 -12.02
N LEU A 212 8.64 1.16 -11.06
CA LEU A 212 7.32 0.52 -10.84
C LEU A 212 6.20 1.55 -10.63
N CYS A 213 6.34 2.43 -9.63
CA CYS A 213 5.27 3.38 -9.29
C CYS A 213 5.06 4.43 -10.39
N GLN A 214 6.13 4.81 -11.10
CA GLN A 214 6.04 5.72 -12.23
C GLN A 214 5.54 5.01 -13.49
N SER A 215 5.75 3.68 -13.64
CA SER A 215 5.27 2.88 -14.76
C SER A 215 3.76 2.72 -14.72
N LEU A 216 3.21 2.22 -13.59
CA LEU A 216 1.76 2.06 -13.46
C LEU A 216 1.01 3.37 -13.69
N ARG A 217 1.55 4.52 -13.24
CA ARG A 217 0.92 5.84 -13.47
C ARG A 217 1.17 6.41 -14.87
N GLU A 218 2.06 5.80 -15.66
CA GLU A 218 2.40 6.17 -17.03
C GLU A 218 1.58 5.32 -18.00
N ARG A 219 0.27 5.61 -18.07
CA ARG A 219 -0.70 4.87 -18.89
C ARG A 219 -0.64 3.37 -18.55
N CYS A 220 -1.09 2.99 -17.34
CA CYS A 220 -1.36 1.58 -17.01
C CYS A 220 -2.24 0.89 -18.08
N PRO A 221 -3.40 1.47 -18.45
CA PRO A 221 -4.32 0.84 -19.39
C PRO A 221 -3.84 0.95 -20.84
N ARG A 222 -3.27 -0.14 -21.35
CA ARG A 222 -2.78 -0.22 -22.75
C ARG A 222 -3.33 -1.42 -23.50
N GLY A 223 -3.23 -2.60 -22.88
CA GLY A 223 -3.66 -3.89 -23.43
C GLY A 223 -3.12 -5.09 -22.64
N ASP A 224 -1.95 -4.94 -22.01
CA ASP A 224 -1.33 -5.94 -21.14
C ASP A 224 -2.02 -6.02 -19.77
N ASP A 225 -1.64 -7.04 -18.98
CA ASP A 225 -2.18 -7.33 -17.66
C ASP A 225 -1.31 -6.83 -16.50
N ILE A 226 -1.92 -6.25 -15.45
CA ILE A 226 -1.21 -5.79 -14.23
C ILE A 226 -0.34 -6.91 -13.62
N LEU A 227 -0.81 -8.15 -13.74
CA LEU A 227 -0.09 -9.36 -13.34
C LEU A 227 1.33 -9.41 -13.91
N THR A 228 1.54 -8.86 -15.11
CA THR A 228 2.85 -8.67 -15.73
C THR A 228 3.42 -7.30 -15.39
N ILE A 229 2.65 -6.20 -15.51
CA ILE A 229 3.15 -4.81 -15.27
C ILE A 229 3.95 -4.69 -13.98
N LEU A 230 3.42 -5.24 -12.87
CA LEU A 230 4.09 -5.18 -11.57
C LEU A 230 5.49 -5.82 -11.61
N THR A 231 5.61 -6.98 -12.25
CA THR A 231 6.86 -7.73 -12.41
C THR A 231 7.61 -7.38 -13.71
N GLU A 232 7.20 -6.35 -14.46
CA GLU A 232 7.78 -5.96 -15.75
C GLU A 232 9.13 -5.25 -15.58
N VAL A 233 9.30 -4.58 -14.45
CA VAL A 233 10.53 -3.87 -14.05
C VAL A 233 11.51 -4.75 -13.27
N PRO A 251 16.40 -12.02 -7.19
CA PRO A 251 15.10 -11.43 -6.85
C PRO A 251 14.16 -12.45 -6.21
N GLN A 252 13.00 -11.97 -5.75
CA GLN A 252 11.96 -12.80 -5.13
C GLN A 252 10.56 -12.24 -5.41
N PRO A 253 10.05 -12.40 -6.65
CA PRO A 253 8.71 -11.92 -7.02
C PRO A 253 7.60 -12.77 -6.35
N THR A 254 6.38 -12.23 -6.31
CA THR A 254 5.23 -12.83 -5.61
C THR A 254 3.92 -12.49 -6.34
N PHE A 255 3.49 -13.37 -7.25
CA PHE A 255 2.28 -13.16 -8.04
C PHE A 255 1.67 -14.51 -8.42
N THR A 256 0.47 -14.83 -7.90
CA THR A 256 -0.23 -16.10 -8.17
C THR A 256 -1.75 -15.92 -8.12
N LEU A 257 -2.35 -15.73 -9.30
CA LEU A 257 -3.79 -15.57 -9.47
C LEU A 257 -4.34 -16.60 -10.46
N ARG A 258 -5.49 -17.18 -10.13
CA ARG A 258 -6.18 -18.16 -10.97
C ARG A 258 -7.14 -17.51 -11.98
N LYS A 259 -7.28 -16.18 -11.91
CA LYS A 259 -8.13 -15.34 -12.74
C LYS A 259 -7.37 -14.12 -13.25
N LYS A 260 -7.91 -13.48 -14.28
CA LYS A 260 -7.39 -12.22 -14.81
C LYS A 260 -7.58 -11.11 -13.77
N LEU A 261 -6.70 -10.10 -13.81
CA LEU A 261 -6.68 -8.97 -12.91
C LEU A 261 -6.01 -7.78 -13.64
N VAL A 262 -6.78 -7.06 -14.47
CA VAL A 262 -6.30 -5.92 -15.26
C VAL A 262 -7.25 -4.75 -15.06
N PHE A 263 -6.72 -3.53 -15.17
CA PHE A 263 -7.51 -2.32 -15.02
C PHE A 263 -7.32 -1.44 -16.26
N PRO A 264 -7.96 -1.79 -17.40
CA PRO A 264 -7.92 -1.01 -18.62
C PRO A 264 -8.74 0.29 -18.50
N SER A 265 -8.61 1.17 -19.51
CA SER A 265 -9.28 2.48 -19.61
C SER A 265 -10.68 2.38 -20.21
N ASP A 266 -11.20 1.17 -20.30
CA ASP A 266 -12.48 0.83 -20.92
C ASP A 266 -13.20 -0.12 -19.97
N LYS A 11 -11.95 -13.08 -16.88
CA LYS A 11 -10.82 -13.40 -17.75
C LYS A 11 -10.05 -12.13 -18.12
N VAL A 12 -8.87 -12.31 -18.70
CA VAL A 12 -8.07 -11.22 -19.25
C VAL A 12 -8.87 -10.40 -20.26
N TYR A 13 -8.72 -9.07 -20.18
CA TYR A 13 -9.37 -8.08 -21.05
C TYR A 13 -10.91 -8.19 -21.10
N GLN A 14 -11.53 -8.60 -19.97
CA GLN A 14 -12.97 -8.81 -19.86
C GLN A 14 -13.68 -7.80 -18.95
N MET A 15 -12.97 -6.79 -18.45
CA MET A 15 -13.52 -5.77 -17.51
C MET A 15 -14.27 -4.64 -18.24
N LYS A 16 -14.38 -4.72 -19.57
CA LYS A 16 -14.91 -3.72 -20.50
C LYS A 16 -16.43 -3.69 -20.61
N SER A 17 -17.12 -3.89 -19.49
CA SER A 17 -18.58 -3.89 -19.44
C SER A 17 -19.07 -3.49 -18.05
N LYS A 18 -19.63 -2.28 -17.96
CA LYS A 18 -20.22 -1.68 -16.76
C LYS A 18 -19.22 -1.67 -15.58
N PRO A 19 -18.14 -0.87 -15.67
CA PRO A 19 -17.03 -0.86 -14.70
C PRO A 19 -17.53 -0.38 -13.33
N ARG A 20 -17.60 0.95 -13.12
CA ARG A 20 -17.98 1.57 -11.83
C ARG A 20 -17.25 0.92 -10.64
N GLY A 21 -15.96 0.64 -10.79
CA GLY A 21 -15.10 0.13 -9.72
C GLY A 21 -14.93 1.17 -8.60
N TYR A 22 -14.55 0.70 -7.40
CA TYR A 22 -14.32 1.56 -6.22
C TYR A 22 -13.02 1.15 -5.51
N CYS A 23 -11.89 1.74 -5.89
CA CYS A 23 -10.59 1.44 -5.27
C CYS A 23 -10.37 2.24 -3.97
N LEU A 24 -9.58 1.71 -3.03
CA LEU A 24 -9.28 2.32 -1.74
C LEU A 24 -7.85 2.85 -1.69
N ILE A 25 -7.68 4.08 -1.19
CA ILE A 25 -6.38 4.75 -1.04
C ILE A 25 -6.31 5.46 0.31
N ILE A 26 -5.23 5.26 1.07
CA ILE A 26 -5.00 5.88 2.38
C ILE A 26 -3.86 6.91 2.25
N ASN A 27 -4.20 8.20 2.26
CA ASN A 27 -3.24 9.30 2.20
C ASN A 27 -3.09 9.97 3.58
N ASN A 28 -2.70 9.17 4.57
CA ASN A 28 -2.58 9.64 5.95
C ASN A 28 -1.10 9.94 6.23
N HIS A 29 -0.85 10.97 7.03
CA HIS A 29 0.52 11.38 7.38
C HIS A 29 0.99 10.78 8.71
N ASN A 30 0.16 9.93 9.36
CA ASN A 30 0.46 9.23 10.61
C ASN A 30 1.12 10.13 11.66
N PHE A 31 0.72 11.40 11.70
CA PHE A 31 1.35 12.46 12.49
C PHE A 31 0.53 12.79 13.75
N ALA A 32 -0.51 11.99 14.02
CA ALA A 32 -1.47 12.12 15.11
C ALA A 32 -0.83 12.50 16.45
N LYS A 33 0.32 11.90 16.76
CA LYS A 33 1.18 12.31 17.87
C LYS A 33 2.64 12.41 17.45
N ALA A 34 3.15 11.43 16.67
CA ALA A 34 4.53 11.31 16.21
C ALA A 34 5.60 11.37 17.31
N ARG A 35 5.21 11.25 18.58
CA ARG A 35 5.98 11.46 19.82
C ARG A 35 7.14 10.48 20.07
N GLU A 36 7.33 9.57 19.12
CA GLU A 36 8.33 8.48 19.13
C GLU A 36 8.75 8.15 17.69
N LYS A 37 7.77 7.82 16.81
CA LYS A 37 8.02 7.45 15.40
C LYS A 37 8.80 8.53 14.65
N VAL A 38 8.46 9.80 14.86
CA VAL A 38 9.05 10.92 14.14
C VAL A 38 9.71 11.87 15.15
N PRO A 39 10.96 11.59 15.59
CA PRO A 39 11.65 12.35 16.65
C PRO A 39 11.98 13.80 16.26
N LYS A 40 11.75 14.14 14.98
CA LYS A 40 11.90 15.45 14.35
C LYS A 40 10.54 16.14 14.15
N LEU A 41 9.64 15.54 13.36
CA LEU A 41 8.35 16.08 12.90
C LEU A 41 8.36 17.60 12.65
N HIS A 42 9.39 18.09 11.95
CA HIS A 42 9.63 19.52 11.75
C HIS A 42 9.15 19.96 10.36
N SER A 43 7.86 20.29 10.24
CA SER A 43 7.24 20.74 8.96
C SER A 43 7.54 19.77 7.79
N ILE A 44 7.35 18.47 8.05
CA ILE A 44 7.59 17.37 7.12
C ILE A 44 6.70 17.46 5.87
N ARG A 45 6.80 16.47 4.98
CA ARG A 45 5.96 16.35 3.78
C ARG A 45 4.46 16.21 4.14
N ASP A 46 3.81 17.36 4.32
CA ASP A 46 2.38 17.51 4.67
C ASP A 46 1.58 18.26 3.60
N ARG A 47 2.22 19.12 2.80
CA ARG A 47 1.58 19.93 1.73
C ARG A 47 0.33 20.68 2.20
N ASN A 48 0.34 21.22 3.43
CA ASN A 48 -0.81 21.85 4.10
C ASN A 48 -2.04 20.94 4.24
N GLY A 49 -1.88 19.62 4.17
CA GLY A 49 -2.98 18.65 4.13
C GLY A 49 -3.83 18.78 2.86
N THR A 50 -3.31 19.42 1.80
CA THR A 50 -4.04 19.58 0.55
C THR A 50 -4.05 18.29 -0.26
N HIS A 51 -4.88 18.28 -1.31
CA HIS A 51 -4.94 17.18 -2.27
C HIS A 51 -3.74 17.12 -3.25
N LEU A 52 -2.61 17.80 -2.99
CA LEU A 52 -1.44 17.74 -3.88
C LEU A 52 -0.68 16.41 -3.78
N ASP A 53 -0.56 15.84 -2.57
CA ASP A 53 0.10 14.54 -2.36
C ASP A 53 -0.83 13.39 -2.77
N ALA A 54 -2.09 13.43 -2.33
CA ALA A 54 -3.10 12.43 -2.64
C ALA A 54 -3.64 12.53 -4.08
N GLY A 55 -3.78 13.75 -4.63
CA GLY A 55 -4.34 13.99 -5.95
C GLY A 55 -3.50 13.35 -7.04
N ALA A 56 -2.17 13.55 -7.00
CA ALA A 56 -1.24 12.88 -7.93
C ALA A 56 -1.22 11.35 -7.81
N LEU A 57 -1.69 10.79 -6.68
CA LEU A 57 -1.91 9.35 -6.52
C LEU A 57 -3.25 8.94 -7.10
N THR A 58 -4.35 9.58 -6.66
CA THR A 58 -5.71 9.28 -7.12
C THR A 58 -5.90 9.52 -8.62
N THR A 59 -5.31 10.58 -9.19
CA THR A 59 -5.38 10.90 -10.63
C THR A 59 -4.93 9.72 -11.51
N THR A 60 -3.91 8.98 -11.05
CA THR A 60 -3.39 7.78 -11.71
C THR A 60 -4.42 6.66 -11.75
N PHE A 61 -5.36 6.63 -10.81
CA PHE A 61 -6.47 5.68 -10.77
C PHE A 61 -7.75 6.22 -11.41
N GLU A 62 -7.84 7.52 -11.70
CA GLU A 62 -9.02 8.13 -12.31
C GLU A 62 -9.11 7.76 -13.80
N GLU A 63 -7.96 7.70 -14.47
CA GLU A 63 -7.83 7.26 -15.86
C GLU A 63 -8.10 5.75 -16.08
N LEU A 64 -8.20 4.94 -15.01
CA LEU A 64 -8.62 3.53 -15.08
C LEU A 64 -10.14 3.37 -15.30
N HIS A 65 -10.89 4.48 -15.42
CA HIS A 65 -12.32 4.53 -15.75
C HIS A 65 -13.23 4.13 -14.58
N PHE A 66 -12.90 4.61 -13.37
CA PHE A 66 -13.69 4.35 -12.17
C PHE A 66 -13.54 5.48 -11.13
N GLU A 67 -14.40 5.50 -10.11
CA GLU A 67 -14.33 6.48 -9.00
C GLU A 67 -13.51 5.95 -7.82
N ILE A 68 -12.42 6.62 -7.50
CA ILE A 68 -11.54 6.27 -6.38
C ILE A 68 -12.18 6.69 -5.06
N LYS A 69 -11.96 5.90 -4.01
CA LYS A 69 -12.32 6.20 -2.63
C LYS A 69 -11.05 6.41 -1.80
N PRO A 70 -10.40 7.59 -1.91
CA PRO A 70 -9.29 7.95 -1.05
C PRO A 70 -9.76 8.26 0.38
N HIS A 71 -8.80 8.50 1.26
CA HIS A 71 -8.97 8.87 2.65
C HIS A 71 -8.02 10.02 3.03
N ASP A 72 -8.18 10.54 4.25
CA ASP A 72 -7.38 11.61 4.83
C ASP A 72 -6.77 11.14 6.16
N ASP A 73 -5.92 11.98 6.78
CA ASP A 73 -5.22 11.68 8.03
C ASP A 73 -6.14 11.05 9.08
N CYS A 74 -5.86 9.77 9.34
CA CYS A 74 -6.56 8.92 10.26
C CYS A 74 -5.51 8.05 10.93
N THR A 75 -5.34 8.25 12.24
CA THR A 75 -4.52 7.39 13.07
C THR A 75 -4.98 5.95 12.94
N VAL A 76 -4.09 5.00 13.26
CA VAL A 76 -4.39 3.58 13.26
C VAL A 76 -5.68 3.22 14.03
N GLU A 77 -5.95 3.93 15.14
CA GLU A 77 -7.17 3.80 15.93
C GLU A 77 -8.44 4.10 15.12
N GLN A 78 -8.40 5.08 14.22
CA GLN A 78 -9.46 5.35 13.26
C GLN A 78 -9.42 4.35 12.09
N ILE A 79 -8.24 4.01 11.54
CA ILE A 79 -8.13 3.07 10.41
C ILE A 79 -8.80 1.72 10.70
N TYR A 80 -8.89 1.29 11.97
CA TYR A 80 -9.63 0.08 12.36
C TYR A 80 -11.08 0.05 11.86
N GLU A 81 -11.76 1.19 11.73
CA GLU A 81 -13.10 1.23 11.15
C GLU A 81 -13.07 0.87 9.65
N ILE A 82 -12.00 1.22 8.93
CA ILE A 82 -11.85 0.94 7.51
C ILE A 82 -11.68 -0.57 7.28
N LEU A 83 -11.09 -1.29 8.24
CA LEU A 83 -10.91 -2.75 8.20
C LEU A 83 -12.25 -3.51 8.28
N LYS A 84 -13.28 -2.94 8.93
CA LYS A 84 -14.61 -3.55 9.02
C LYS A 84 -15.52 -3.10 7.87
N ILE A 85 -15.34 -1.87 7.35
CA ILE A 85 -16.16 -1.32 6.26
C ILE A 85 -16.22 -2.25 5.05
N TYR A 86 -15.13 -2.99 4.76
CA TYR A 86 -15.07 -3.98 3.69
C TYR A 86 -16.21 -5.01 3.72
N GLN A 87 -16.69 -5.37 4.93
CA GLN A 87 -17.85 -6.26 5.10
C GLN A 87 -19.19 -5.50 5.10
N LEU A 88 -19.18 -4.21 5.45
CA LEU A 88 -20.36 -3.35 5.49
C LEU A 88 -20.80 -2.93 4.08
N MET A 89 -19.86 -2.87 3.12
CA MET A 89 -20.14 -2.46 1.74
C MET A 89 -20.94 -3.50 0.96
N ASP A 90 -20.63 -4.79 1.19
CA ASP A 90 -21.25 -5.98 0.57
C ASP A 90 -21.25 -5.93 -0.97
N HIS A 91 -20.06 -6.03 -1.57
CA HIS A 91 -19.87 -6.07 -3.03
C HIS A 91 -19.88 -7.51 -3.58
N SER A 92 -19.76 -7.64 -4.90
CA SER A 92 -19.75 -8.92 -5.63
C SER A 92 -18.77 -8.87 -6.80
N ASN A 93 -19.00 -9.68 -7.84
CA ASN A 93 -18.25 -9.70 -9.10
C ASN A 93 -18.13 -8.28 -9.69
N MET A 94 -16.91 -7.72 -9.64
CA MET A 94 -16.57 -6.38 -10.12
C MET A 94 -15.43 -6.46 -11.14
N ASP A 95 -15.11 -5.33 -11.77
CA ASP A 95 -13.96 -5.12 -12.65
C ASP A 95 -12.64 -5.40 -11.90
N CYS A 96 -12.33 -4.59 -10.88
CA CYS A 96 -11.13 -4.77 -10.07
C CYS A 96 -11.33 -4.20 -8.66
N PHE A 97 -10.36 -4.43 -7.77
CA PHE A 97 -10.30 -3.86 -6.44
C PHE A 97 -8.88 -3.97 -5.87
N ILE A 98 -8.39 -2.89 -5.25
CA ILE A 98 -7.08 -2.85 -4.60
C ILE A 98 -7.24 -2.29 -3.19
N CYS A 99 -6.59 -2.95 -2.22
CA CYS A 99 -6.41 -2.46 -0.86
C CYS A 99 -5.04 -1.79 -0.75
N CYS A 100 -4.92 -0.51 -1.11
CA CYS A 100 -3.69 0.23 -0.82
C CYS A 100 -3.46 0.31 0.69
N ILE A 101 -2.21 0.20 1.16
CA ILE A 101 -1.83 0.33 2.57
C ILE A 101 -0.77 1.42 2.69
N LEU A 102 -1.01 2.38 3.59
CA LEU A 102 -0.07 3.44 3.96
C LEU A 102 1.25 2.91 4.55
N SER A 103 2.16 3.81 4.91
CA SER A 103 3.45 3.45 5.51
C SER A 103 3.84 4.37 6.64
N HIS A 104 4.47 3.81 7.67
CA HIS A 104 4.88 4.51 8.88
C HIS A 104 5.90 3.68 9.66
N GLY A 105 6.86 4.34 10.33
CA GLY A 105 7.88 3.69 11.17
C GLY A 105 8.48 2.42 10.56
N ASP A 106 8.24 1.25 11.18
CA ASP A 106 8.66 -0.05 10.68
C ASP A 106 7.73 -1.19 11.18
N LYS A 107 8.01 -2.45 10.78
CA LYS A 107 7.16 -3.61 11.10
C LYS A 107 7.62 -4.35 12.37
N GLY A 108 8.41 -3.68 13.22
CA GLY A 108 8.97 -4.22 14.46
C GLY A 108 9.02 -3.24 15.63
N ILE A 109 8.38 -2.07 15.50
CA ILE A 109 8.45 -0.99 16.49
C ILE A 109 7.27 -1.10 17.48
N ILE A 110 7.34 -0.39 18.60
CA ILE A 110 6.23 -0.27 19.53
C ILE A 110 5.11 0.60 18.96
N TYR A 111 3.92 0.44 19.54
CA TYR A 111 2.71 1.16 19.20
C TYR A 111 2.33 2.13 20.32
N GLY A 112 1.47 3.11 20.02
CA GLY A 112 1.06 4.11 21.02
C GLY A 112 0.07 5.17 20.51
N THR A 113 -0.66 4.89 19.43
CA THR A 113 -1.56 5.85 18.75
C THR A 113 -0.80 7.11 18.28
N ASP A 114 0.48 6.96 17.96
CA ASP A 114 1.43 8.03 17.66
C ASP A 114 1.93 7.99 16.22
N GLY A 115 1.96 6.81 15.61
CA GLY A 115 2.27 6.59 14.20
C GLY A 115 1.58 5.37 13.61
N GLN A 116 1.55 4.26 14.36
CA GLN A 116 0.88 3.03 13.95
C GLN A 116 0.60 2.11 15.14
N GLU A 117 -0.17 1.05 14.89
CA GLU A 117 -0.49 -0.03 15.81
C GLU A 117 -1.05 -1.22 15.03
N ALA A 118 -1.17 -2.39 15.67
CA ALA A 118 -1.71 -3.64 15.14
C ALA A 118 -0.91 -4.21 13.94
N PRO A 119 -0.26 -5.39 14.08
CA PRO A 119 0.51 -5.97 12.98
C PRO A 119 -0.41 -6.34 11.82
N ILE A 120 0.14 -6.27 10.59
CA ILE A 120 -0.59 -6.56 9.35
C ILE A 120 -1.19 -7.99 9.38
N TYR A 121 -0.54 -8.91 10.10
CA TYR A 121 -0.99 -10.29 10.35
C TYR A 121 -2.24 -10.37 11.23
N GLU A 122 -2.50 -9.40 12.12
CA GLU A 122 -3.74 -9.32 12.90
C GLU A 122 -4.84 -8.58 12.14
N LEU A 123 -4.50 -7.52 11.40
CA LEU A 123 -5.46 -6.80 10.57
C LEU A 123 -6.01 -7.69 9.44
N THR A 124 -5.12 -8.37 8.71
CA THR A 124 -5.51 -9.30 7.63
C THR A 124 -6.24 -10.55 8.16
N SER A 125 -6.14 -10.85 9.47
CA SER A 125 -6.87 -11.94 10.12
C SER A 125 -8.40 -11.77 10.07
N GLN A 126 -8.88 -10.56 9.74
CA GLN A 126 -10.29 -10.26 9.49
C GLN A 126 -10.73 -10.51 8.04
N PHE A 127 -9.86 -11.04 7.16
CA PHE A 127 -10.19 -11.38 5.77
C PHE A 127 -10.55 -12.88 5.59
N THR A 128 -10.60 -13.65 6.68
CA THR A 128 -10.90 -15.09 6.68
C THR A 128 -12.23 -15.39 5.98
N GLY A 129 -12.25 -16.39 5.08
CA GLY A 129 -13.44 -16.80 4.33
C GLY A 129 -14.65 -17.25 5.16
N LEU A 130 -14.47 -17.44 6.47
CA LEU A 130 -15.52 -17.80 7.43
C LEU A 130 -16.00 -16.62 8.29
N LYS A 131 -15.23 -15.52 8.33
CA LYS A 131 -15.51 -14.32 9.15
C LYS A 131 -15.83 -13.10 8.29
N CYS A 132 -15.30 -13.06 7.06
CA CYS A 132 -15.52 -12.01 6.08
C CYS A 132 -15.76 -12.63 4.70
N PRO A 133 -16.92 -13.29 4.47
CA PRO A 133 -17.25 -13.91 3.17
C PRO A 133 -17.39 -12.89 2.03
N SER A 134 -17.46 -11.59 2.36
CA SER A 134 -17.44 -10.45 1.45
C SER A 134 -16.11 -10.38 0.66
N LEU A 135 -16.01 -11.24 -0.36
CA LEU A 135 -14.96 -11.31 -1.37
C LEU A 135 -13.64 -11.95 -0.90
N ALA A 136 -13.71 -12.81 0.12
CA ALA A 136 -12.54 -13.49 0.71
C ALA A 136 -11.86 -14.49 -0.24
N GLY A 137 -12.66 -15.30 -0.96
CA GLY A 137 -12.16 -16.32 -1.89
C GLY A 137 -12.05 -15.82 -3.34
N LYS A 138 -12.02 -14.50 -3.56
CA LYS A 138 -11.90 -13.87 -4.88
C LYS A 138 -10.50 -13.23 -5.05
N PRO A 139 -10.05 -13.06 -6.31
CA PRO A 139 -8.76 -12.43 -6.62
C PRO A 139 -8.79 -10.95 -6.24
N LYS A 140 -7.83 -10.53 -5.40
CA LYS A 140 -7.64 -9.15 -4.93
C LYS A 140 -6.19 -8.71 -5.15
N VAL A 141 -5.94 -7.41 -4.90
CA VAL A 141 -4.62 -6.79 -5.02
C VAL A 141 -4.37 -5.86 -3.84
N PHE A 142 -3.09 -5.67 -3.49
CA PHE A 142 -2.63 -4.71 -2.50
C PHE A 142 -1.17 -4.32 -2.74
N PHE A 143 -0.90 -3.01 -2.80
CA PHE A 143 0.47 -2.50 -2.87
C PHE A 143 1.07 -2.34 -1.47
N ILE A 144 2.36 -2.00 -1.44
CA ILE A 144 3.12 -1.76 -0.23
C ILE A 144 4.15 -0.65 -0.47
N GLN A 145 4.52 0.05 0.60
CA GLN A 145 5.53 1.09 0.61
C GLN A 145 6.63 0.78 1.63
N ALA A 146 7.68 0.11 1.14
CA ALA A 146 8.86 -0.29 1.92
C ALA A 146 9.85 0.88 2.02
N ALA A 147 9.52 1.85 2.88
CA ALA A 147 10.40 2.96 3.22
C ALA A 147 11.35 2.59 4.37
N GLN A 148 12.62 2.97 4.23
CA GLN A 148 13.66 2.85 5.25
C GLN A 148 13.97 4.20 5.94
N GLY A 149 13.86 5.29 5.18
CA GLY A 149 14.29 6.63 5.58
C GLY A 149 15.81 6.75 5.75
N ASP A 150 16.26 7.95 6.08
CA ASP A 150 17.64 8.23 6.48
C ASP A 150 17.66 9.37 7.50
N ASN A 151 18.05 9.05 8.74
CA ASN A 151 18.17 10.02 9.82
C ASN A 151 19.40 9.69 10.67
N TYR A 152 20.08 10.73 11.16
CA TYR A 152 21.30 10.65 11.96
C TYR A 152 21.06 11.37 13.29
N GLN A 153 21.36 10.69 14.41
CA GLN A 153 21.20 11.23 15.76
C GLN A 153 22.32 10.71 16.67
N LYS A 154 22.44 11.29 17.87
CA LYS A 154 23.42 10.89 18.91
C LYS A 154 22.79 10.20 20.13
N GLY A 155 21.47 10.41 20.31
CA GLY A 155 20.69 9.83 21.39
C GLY A 155 20.40 8.36 21.12
N ILE A 156 19.27 7.90 21.65
CA ILE A 156 18.84 6.50 21.54
C ILE A 156 17.47 6.38 20.86
N PRO A 157 17.14 5.20 20.30
CA PRO A 157 15.84 4.94 19.68
C PRO A 157 14.69 4.79 20.70
N VAL A 158 14.98 4.84 22.00
CA VAL A 158 14.01 4.78 23.11
C VAL A 158 13.59 6.17 23.61
N GLU A 159 13.82 7.22 22.82
CA GLU A 159 13.52 8.61 23.18
C GLU A 159 12.03 8.94 22.96
N THR A 160 11.28 9.03 24.06
CA THR A 160 9.86 9.41 24.06
C THR A 160 9.63 10.82 24.62
N ASP A 161 8.40 11.34 24.50
CA ASP A 161 7.99 12.68 24.99
C ASP A 161 7.82 12.77 26.53
N SER A 162 8.29 11.77 27.29
CA SER A 162 8.02 11.55 28.72
C SER A 162 6.54 11.23 28.96
N GLU A 163 6.09 10.08 28.46
CA GLU A 163 4.72 9.58 28.69
C GLU A 163 4.45 9.26 30.17
N GLU A 164 3.19 8.99 30.53
CA GLU A 164 2.79 8.47 31.85
C GLU A 164 3.51 7.14 32.23
N GLN A 165 3.20 6.58 33.41
CA GLN A 165 3.68 5.26 33.87
C GLN A 165 3.87 4.21 32.75
N PRO A 166 2.82 3.88 31.96
CA PRO A 166 2.94 3.03 30.79
C PRO A 166 3.62 3.78 29.63
N TYR A 167 4.94 3.96 29.75
CA TYR A 167 5.78 4.48 28.68
C TYR A 167 5.80 3.57 27.43
N LEU A 168 6.46 4.03 26.38
CA LEU A 168 6.58 3.34 25.09
C LEU A 168 8.06 3.27 24.71
N GLU A 169 8.60 2.06 24.73
CA GLU A 169 9.95 1.70 24.32
C GLU A 169 9.90 0.42 23.48
N MET A 170 10.67 0.38 22.39
CA MET A 170 10.90 -0.84 21.59
C MET A 170 11.38 -2.03 22.45
N ASP A 171 11.12 -3.25 21.98
CA ASP A 171 11.56 -4.50 22.63
C ASP A 171 13.10 -4.55 22.70
N LEU A 172 13.76 -4.58 21.54
CA LEU A 172 15.21 -4.66 21.37
C LEU A 172 15.67 -4.23 19.97
N SER A 173 16.98 -4.28 19.72
CA SER A 173 17.61 -4.04 18.41
C SER A 173 18.11 -5.34 17.76
N SER A 174 17.23 -6.05 17.04
CA SER A 174 17.60 -7.27 16.32
C SER A 174 16.63 -7.56 15.14
N PRO A 175 17.01 -8.49 14.22
CA PRO A 175 16.12 -8.95 13.14
C PRO A 175 15.00 -9.85 13.68
N GLN A 176 13.92 -9.23 14.15
CA GLN A 176 12.71 -9.93 14.63
C GLN A 176 11.49 -9.73 13.72
N THR A 177 11.55 -8.79 12.76
CA THR A 177 10.45 -8.46 11.84
C THR A 177 10.13 -9.63 10.92
N ARG A 178 8.84 -9.85 10.64
CA ARG A 178 8.36 -10.94 9.78
C ARG A 178 7.25 -10.47 8.86
N TYR A 179 7.60 -10.10 7.62
CA TYR A 179 6.65 -9.61 6.65
C TYR A 179 6.93 -10.14 5.23
N ILE A 180 6.34 -11.32 4.95
CA ILE A 180 6.45 -12.07 3.69
C ILE A 180 5.39 -13.19 3.62
N PRO A 181 4.14 -12.90 3.20
CA PRO A 181 3.10 -13.91 3.03
C PRO A 181 3.34 -14.79 1.78
N ASP A 182 3.40 -16.12 1.97
CA ASP A 182 3.59 -17.11 0.90
C ASP A 182 2.27 -17.71 0.38
N GLU A 183 1.18 -16.92 0.37
CA GLU A 183 -0.16 -17.32 -0.08
C GLU A 183 -0.19 -17.63 -1.60
N ALA A 184 -1.39 -17.90 -2.14
CA ALA A 184 -1.60 -18.13 -3.58
C ALA A 184 -2.90 -17.49 -4.06
N ASP A 185 -3.03 -17.31 -5.38
CA ASP A 185 -4.15 -16.65 -6.07
C ASP A 185 -4.36 -15.19 -5.63
N PHE A 186 -3.24 -14.51 -5.30
CA PHE A 186 -3.23 -13.14 -4.79
C PHE A 186 -2.02 -12.39 -5.37
N LEU A 187 -2.25 -11.17 -5.89
CA LEU A 187 -1.20 -10.28 -6.36
C LEU A 187 -0.87 -9.21 -5.31
N LEU A 188 0.43 -8.93 -5.18
CA LEU A 188 1.01 -7.98 -4.23
C LEU A 188 2.13 -7.17 -4.88
N GLY A 189 2.47 -6.02 -4.29
CA GLY A 189 3.57 -5.16 -4.76
C GLY A 189 4.91 -5.35 -4.04
N MET A 190 5.14 -6.53 -3.44
CA MET A 190 6.34 -6.83 -2.65
C MET A 190 7.55 -7.21 -3.52
N ALA A 191 8.36 -6.22 -3.87
CA ALA A 191 9.60 -6.37 -4.63
C ALA A 191 10.78 -5.75 -3.85
N PRO A 202 25.74 -10.27 -13.69
CA PRO A 202 26.06 -9.79 -12.35
C PRO A 202 24.79 -9.43 -11.54
N ALA A 203 24.98 -9.01 -10.28
CA ALA A 203 23.91 -8.69 -9.33
C ALA A 203 23.84 -7.17 -9.08
N GLU A 204 23.28 -6.42 -10.03
CA GLU A 204 23.23 -4.95 -10.01
C GLU A 204 21.87 -4.47 -10.50
N GLY A 205 20.93 -4.19 -9.59
CA GLY A 205 19.58 -3.72 -9.93
C GLY A 205 18.92 -3.02 -8.76
N THR A 206 18.66 -1.71 -8.89
CA THR A 206 18.03 -0.86 -7.87
C THR A 206 16.84 -0.12 -8.46
N TRP A 207 15.78 0.09 -7.66
CA TRP A 207 14.59 0.85 -8.04
C TRP A 207 13.78 1.26 -6.80
N TYR A 208 12.68 2.00 -7.01
CA TYR A 208 11.75 2.44 -5.97
C TYR A 208 10.31 2.59 -6.47
N ILE A 209 9.35 2.77 -5.55
CA ILE A 209 7.94 2.95 -5.89
C ILE A 209 7.63 4.35 -6.45
N GLN A 210 8.50 5.35 -6.16
CA GLN A 210 8.38 6.73 -6.62
C GLN A 210 8.13 6.81 -8.14
N SER A 211 8.84 5.98 -8.92
CA SER A 211 8.64 5.85 -10.36
C SER A 211 7.70 4.71 -10.76
N LEU A 212 7.47 3.70 -9.92
CA LEU A 212 6.53 2.60 -10.20
C LEU A 212 5.12 3.16 -10.39
N CYS A 213 4.67 4.07 -9.50
CA CYS A 213 3.39 4.77 -9.62
C CYS A 213 3.28 5.61 -10.91
N GLN A 214 4.27 6.48 -11.19
CA GLN A 214 4.22 7.34 -12.38
C GLN A 214 4.46 6.57 -13.70
N SER A 215 4.91 5.31 -13.63
CA SER A 215 5.12 4.39 -14.74
C SER A 215 3.86 3.58 -15.03
N LEU A 216 3.25 2.96 -14.00
CA LEU A 216 2.03 2.17 -14.15
C LEU A 216 0.87 2.98 -14.71
N ARG A 217 0.84 4.30 -14.43
CA ARG A 217 -0.16 5.25 -14.94
C ARG A 217 -0.18 5.35 -16.47
N GLU A 218 0.91 4.95 -17.13
CA GLU A 218 1.01 4.98 -18.60
C GLU A 218 1.16 3.57 -19.16
N ARG A 219 0.65 2.57 -18.43
CA ARG A 219 0.74 1.13 -18.74
C ARG A 219 -0.52 0.33 -18.42
N CYS A 220 -1.07 0.45 -17.20
CA CYS A 220 -2.35 -0.14 -16.82
C CYS A 220 -3.44 0.04 -17.92
N PRO A 221 -3.81 1.28 -18.30
CA PRO A 221 -4.82 1.52 -19.33
C PRO A 221 -4.37 1.17 -20.75
N ARG A 222 -3.07 0.93 -20.97
CA ARG A 222 -2.50 0.51 -22.26
C ARG A 222 -2.66 -1.00 -22.49
N GLY A 223 -3.02 -1.74 -21.44
CA GLY A 223 -3.22 -3.18 -21.47
C GLY A 223 -2.09 -3.98 -20.80
N ASP A 224 -1.02 -3.33 -20.33
CA ASP A 224 0.05 -3.97 -19.59
C ASP A 224 -0.50 -4.51 -18.25
N ASP A 225 -0.52 -5.83 -18.11
CA ASP A 225 -1.11 -6.50 -16.96
C ASP A 225 -0.42 -6.15 -15.64
N ILE A 226 -1.19 -5.83 -14.59
CA ILE A 226 -0.64 -5.48 -13.26
C ILE A 226 0.31 -6.55 -12.73
N LEU A 227 0.06 -7.81 -13.09
CA LEU A 227 0.94 -8.95 -12.79
C LEU A 227 2.35 -8.81 -13.39
N THR A 228 2.49 -8.10 -14.52
CA THR A 228 3.77 -7.76 -15.15
C THR A 228 4.29 -6.39 -14.70
N ILE A 229 3.44 -5.39 -14.44
CA ILE A 229 3.85 -4.02 -14.07
C ILE A 229 4.92 -3.98 -12.98
N LEU A 230 4.74 -4.79 -11.94
CA LEU A 230 5.68 -4.95 -10.82
C LEU A 230 7.11 -5.26 -11.26
N THR A 231 7.27 -5.92 -12.40
CA THR A 231 8.56 -6.31 -13.00
C THR A 231 8.82 -5.60 -14.34
N GLU A 232 7.99 -4.62 -14.73
CA GLU A 232 8.09 -3.87 -15.99
C GLU A 232 9.03 -2.66 -15.84
N VAL A 233 9.18 -2.14 -14.61
CA VAL A 233 10.11 -1.06 -14.25
C VAL A 233 11.55 -1.56 -13.99
N PRO A 251 13.82 -12.24 -10.80
CA PRO A 251 14.82 -11.91 -9.78
C PRO A 251 14.38 -12.34 -8.38
N GLN A 252 13.14 -12.00 -7.99
CA GLN A 252 12.51 -12.39 -6.74
C GLN A 252 10.98 -12.22 -6.82
N PRO A 253 10.26 -13.06 -7.59
CA PRO A 253 8.80 -12.98 -7.73
C PRO A 253 8.07 -13.46 -6.46
N THR A 254 7.73 -12.51 -5.57
CA THR A 254 6.94 -12.79 -4.36
C THR A 254 5.45 -13.03 -4.66
N PHE A 255 4.99 -12.80 -5.91
CA PHE A 255 3.59 -12.99 -6.30
C PHE A 255 3.30 -14.42 -6.78
N THR A 256 2.03 -14.83 -6.70
CA THR A 256 1.57 -16.15 -7.15
C THR A 256 0.09 -16.12 -7.58
N LEU A 257 -0.15 -16.30 -8.88
CA LEU A 257 -1.47 -16.35 -9.49
C LEU A 257 -1.60 -17.58 -10.42
N ARG A 258 -2.85 -17.90 -10.77
CA ARG A 258 -3.21 -18.99 -11.70
C ARG A 258 -3.70 -18.48 -13.06
N LYS A 259 -4.12 -17.20 -13.11
CA LYS A 259 -4.67 -16.51 -14.27
C LYS A 259 -3.99 -15.16 -14.46
N LYS A 260 -4.25 -14.54 -15.61
CA LYS A 260 -3.69 -13.25 -16.02
C LYS A 260 -4.49 -12.09 -15.42
N LEU A 261 -3.94 -11.46 -14.38
CA LEU A 261 -4.51 -10.29 -13.72
C LEU A 261 -4.14 -9.00 -14.47
N VAL A 262 -5.09 -8.40 -15.19
CA VAL A 262 -4.89 -7.14 -15.93
C VAL A 262 -5.84 -6.08 -15.38
N PHE A 263 -5.42 -4.82 -15.44
CA PHE A 263 -6.19 -3.65 -15.03
C PHE A 263 -6.37 -2.71 -16.25
N PRO A 264 -7.14 -3.13 -17.28
CA PRO A 264 -7.44 -2.29 -18.43
C PRO A 264 -8.34 -1.11 -18.03
N SER A 265 -8.22 0.01 -18.74
CA SER A 265 -9.11 1.18 -18.61
C SER A 265 -10.48 0.97 -19.26
N ASP A 266 -10.61 -0.01 -20.16
CA ASP A 266 -11.89 -0.35 -20.80
C ASP A 266 -12.93 -0.85 -19.78
N LYS A 11 -10.48 -16.89 -16.16
CA LYS A 11 -9.38 -16.71 -17.12
C LYS A 11 -9.00 -15.23 -17.25
N VAL A 12 -7.91 -14.96 -17.98
CA VAL A 12 -7.54 -13.62 -18.41
C VAL A 12 -8.72 -12.93 -19.08
N TYR A 13 -8.98 -11.67 -18.72
CA TYR A 13 -10.04 -10.84 -19.33
C TYR A 13 -11.44 -11.44 -19.15
N GLN A 14 -11.71 -11.97 -17.95
CA GLN A 14 -12.98 -12.60 -17.57
C GLN A 14 -13.64 -11.93 -16.35
N MET A 15 -13.05 -10.85 -15.79
CA MET A 15 -13.62 -10.07 -14.68
C MET A 15 -15.05 -9.57 -14.99
N LYS A 16 -16.06 -10.08 -14.27
CA LYS A 16 -17.48 -9.75 -14.47
C LYS A 16 -17.91 -8.54 -13.62
N SER A 17 -17.01 -7.58 -13.44
CA SER A 17 -17.19 -6.39 -12.60
C SER A 17 -17.47 -5.13 -13.45
N LYS A 18 -17.38 -3.96 -12.82
CA LYS A 18 -17.64 -2.64 -13.42
C LYS A 18 -16.42 -1.72 -13.31
N PRO A 19 -16.27 -0.72 -14.19
CA PRO A 19 -15.13 0.19 -14.17
C PRO A 19 -15.18 1.16 -12.98
N ARG A 20 -16.36 1.39 -12.40
CA ARG A 20 -16.55 2.14 -11.14
C ARG A 20 -16.03 1.36 -9.92
N GLY A 21 -14.77 0.93 -9.96
CA GLY A 21 -14.08 0.28 -8.86
C GLY A 21 -13.69 1.27 -7.78
N TYR A 22 -13.69 0.82 -6.52
CA TYR A 22 -13.42 1.63 -5.34
C TYR A 22 -12.00 1.36 -4.83
N CYS A 23 -11.05 2.23 -5.22
CA CYS A 23 -9.68 2.15 -4.70
C CYS A 23 -9.50 2.95 -3.40
N LEU A 24 -8.44 2.62 -2.66
CA LEU A 24 -8.05 3.25 -1.40
C LEU A 24 -6.71 3.96 -1.57
N ILE A 25 -6.58 5.14 -0.96
CA ILE A 25 -5.37 5.96 -0.99
C ILE A 25 -5.23 6.65 0.38
N ILE A 26 -4.39 6.10 1.24
CA ILE A 26 -4.11 6.69 2.58
C ILE A 26 -2.72 7.30 2.57
N ASN A 27 -2.63 8.61 2.82
CA ASN A 27 -1.38 9.37 2.89
C ASN A 27 -1.15 9.87 4.32
N ASN A 28 -0.19 9.27 5.02
CA ASN A 28 0.24 9.73 6.34
C ASN A 28 1.28 10.85 6.19
N HIS A 29 0.92 12.04 6.67
CA HIS A 29 1.78 13.22 6.74
C HIS A 29 2.15 13.60 8.19
N ASN A 30 1.78 12.76 9.16
CA ASN A 30 2.01 12.97 10.58
C ASN A 30 3.49 12.65 10.91
N PHE A 31 4.02 13.25 11.99
CA PHE A 31 5.39 13.00 12.46
C PHE A 31 5.65 13.44 13.92
N ALA A 32 4.59 13.60 14.74
CA ALA A 32 4.65 14.12 16.12
C ALA A 32 5.46 13.23 17.08
N LYS A 33 5.65 11.95 16.73
CA LYS A 33 6.52 10.99 17.42
C LYS A 33 7.52 10.40 16.43
N ALA A 34 7.06 9.60 15.45
CA ALA A 34 7.88 8.84 14.49
C ALA A 34 8.97 7.95 15.12
N ARG A 35 8.91 7.72 16.45
CA ARG A 35 9.90 7.09 17.33
C ARG A 35 10.20 5.65 16.91
N GLU A 36 11.13 5.51 15.96
CA GLU A 36 11.53 4.28 15.25
C GLU A 36 10.46 3.72 14.30
N LYS A 37 9.27 4.33 14.28
CA LYS A 37 8.09 3.85 13.57
C LYS A 37 8.21 4.02 12.06
N VAL A 38 8.81 5.14 11.65
CA VAL A 38 8.97 5.56 10.25
C VAL A 38 10.15 6.53 10.12
N PRO A 39 11.41 6.04 10.13
CA PRO A 39 12.59 6.89 10.00
C PRO A 39 12.66 7.63 8.66
N LYS A 40 11.98 7.10 7.62
CA LYS A 40 11.79 7.73 6.31
C LYS A 40 11.19 9.14 6.40
N LEU A 41 10.39 9.45 7.43
CA LEU A 41 9.81 10.77 7.61
C LEU A 41 10.86 11.90 7.73
N HIS A 42 12.13 11.57 7.98
CA HIS A 42 13.21 12.55 7.95
C HIS A 42 13.44 13.17 6.55
N SER A 43 13.09 12.45 5.48
CA SER A 43 13.37 12.81 4.08
C SER A 43 12.18 13.52 3.40
N ILE A 44 11.24 14.05 4.20
CA ILE A 44 9.98 14.67 3.78
C ILE A 44 9.55 15.68 4.85
N ARG A 45 8.86 16.77 4.46
CA ARG A 45 8.30 17.74 5.41
C ARG A 45 6.96 18.31 4.95
N ASP A 46 5.87 17.84 5.57
CA ASP A 46 4.50 18.28 5.27
C ASP A 46 4.05 19.51 6.06
N ARG A 47 4.99 20.25 6.66
CA ARG A 47 4.75 21.50 7.39
C ARG A 47 3.85 22.49 6.62
N ASN A 48 3.93 22.47 5.28
CA ASN A 48 3.09 23.28 4.38
C ASN A 48 2.14 22.43 3.51
N GLY A 49 2.36 21.12 3.43
CA GLY A 49 1.70 20.18 2.53
C GLY A 49 2.43 20.07 1.19
N THR A 50 2.55 18.86 0.64
CA THR A 50 3.04 18.66 -0.74
C THR A 50 2.27 17.52 -1.39
N HIS A 51 2.30 17.43 -2.73
CA HIS A 51 1.60 16.38 -3.47
C HIS A 51 2.03 14.98 -3.05
N LEU A 52 3.34 14.75 -2.85
CA LEU A 52 3.94 13.46 -2.45
C LEU A 52 3.36 12.23 -3.16
N ASP A 53 2.99 12.37 -4.44
CA ASP A 53 2.32 11.33 -5.22
C ASP A 53 0.94 10.95 -4.61
N ALA A 54 0.12 11.94 -4.25
CA ALA A 54 -1.25 11.76 -3.77
C ALA A 54 -2.25 11.64 -4.93
N GLY A 55 -2.57 12.77 -5.58
CA GLY A 55 -3.51 12.82 -6.70
C GLY A 55 -3.00 12.06 -7.93
N ALA A 56 -1.68 11.88 -8.06
CA ALA A 56 -1.04 11.04 -9.07
C ALA A 56 -1.44 9.55 -8.98
N LEU A 57 -1.87 9.05 -7.81
CA LEU A 57 -2.46 7.72 -7.65
C LEU A 57 -3.97 7.69 -7.93
N THR A 58 -4.63 8.85 -7.88
CA THR A 58 -6.07 9.02 -8.18
C THR A 58 -6.28 9.08 -9.69
N THR A 59 -5.62 10.05 -10.35
CA THR A 59 -5.74 10.35 -11.78
C THR A 59 -5.66 9.09 -12.65
N THR A 60 -4.79 8.14 -12.25
CA THR A 60 -4.51 6.83 -12.85
C THR A 60 -5.75 6.01 -13.18
N PHE A 61 -6.67 5.95 -12.22
CA PHE A 61 -7.94 5.25 -12.36
C PHE A 61 -9.06 6.25 -12.73
N GLU A 62 -8.93 7.53 -12.38
CA GLU A 62 -9.88 8.59 -12.72
C GLU A 62 -10.07 8.68 -14.24
N GLU A 63 -8.98 8.74 -15.01
CA GLU A 63 -9.02 8.74 -16.48
C GLU A 63 -9.67 7.48 -17.07
N LEU A 64 -9.81 6.41 -16.29
CA LEU A 64 -10.43 5.14 -16.67
C LEU A 64 -11.88 5.01 -16.17
N HIS A 65 -12.49 6.08 -15.63
CA HIS A 65 -13.84 6.09 -15.04
C HIS A 65 -14.00 5.20 -13.79
N PHE A 66 -13.24 5.50 -12.73
CA PHE A 66 -13.27 4.81 -11.43
C PHE A 66 -13.70 5.73 -10.27
N GLU A 67 -13.87 5.15 -9.08
CA GLU A 67 -14.30 5.84 -7.86
C GLU A 67 -13.16 5.83 -6.82
N ILE A 68 -12.39 6.92 -6.78
CA ILE A 68 -11.26 7.06 -5.87
C ILE A 68 -11.70 7.76 -4.59
N LYS A 69 -11.44 7.12 -3.43
CA LYS A 69 -11.70 7.70 -2.11
C LYS A 69 -10.41 7.82 -1.29
N PRO A 70 -9.63 8.91 -1.47
CA PRO A 70 -8.44 9.17 -0.67
C PRO A 70 -8.79 9.64 0.74
N HIS A 71 -8.00 9.22 1.72
CA HIS A 71 -8.15 9.55 3.14
C HIS A 71 -6.78 9.72 3.81
N ASP A 72 -6.26 10.94 3.80
CA ASP A 72 -5.08 11.35 4.57
C ASP A 72 -5.38 11.50 6.09
N ASP A 73 -4.33 11.75 6.88
CA ASP A 73 -4.38 12.11 8.30
C ASP A 73 -5.22 11.16 9.18
N CYS A 74 -4.83 9.89 9.24
CA CYS A 74 -5.49 8.85 10.02
C CYS A 74 -4.52 7.71 10.37
N THR A 75 -4.12 7.63 11.64
CA THR A 75 -3.38 6.49 12.20
C THR A 75 -4.22 5.21 12.21
N VAL A 76 -3.55 4.06 12.37
CA VAL A 76 -4.18 2.73 12.32
C VAL A 76 -5.36 2.58 13.30
N GLU A 77 -5.33 3.27 14.45
CA GLU A 77 -6.45 3.40 15.39
C GLU A 77 -7.76 3.80 14.71
N GLN A 78 -7.68 4.72 13.75
CA GLN A 78 -8.82 5.17 12.95
C GLN A 78 -9.03 4.26 11.74
N ILE A 79 -7.97 3.77 11.07
CA ILE A 79 -8.05 2.86 9.90
C ILE A 79 -8.90 1.60 10.19
N TYR A 80 -8.99 1.16 11.45
CA TYR A 80 -9.92 0.10 11.86
C TYR A 80 -11.37 0.37 11.43
N GLU A 81 -11.80 1.64 11.37
CA GLU A 81 -13.11 2.06 10.87
C GLU A 81 -13.32 1.70 9.40
N ILE A 82 -12.25 1.50 8.64
CA ILE A 82 -12.25 1.17 7.21
C ILE A 82 -12.10 -0.35 7.04
N LEU A 83 -11.18 -0.98 7.79
CA LEU A 83 -10.94 -2.41 7.75
C LEU A 83 -12.21 -3.22 8.08
N LYS A 84 -13.03 -2.75 9.03
CA LYS A 84 -14.34 -3.35 9.31
C LYS A 84 -15.30 -3.27 8.12
N ILE A 85 -15.34 -2.13 7.39
CA ILE A 85 -16.29 -1.91 6.28
C ILE A 85 -16.14 -3.00 5.22
N TYR A 86 -14.93 -3.50 5.01
CA TYR A 86 -14.65 -4.61 4.08
C TYR A 86 -15.50 -5.87 4.38
N GLN A 87 -15.88 -6.12 5.64
CA GLN A 87 -16.83 -7.17 6.04
C GLN A 87 -18.30 -6.75 5.95
N LEU A 88 -18.62 -5.46 5.87
CA LEU A 88 -19.99 -4.97 5.68
C LEU A 88 -20.36 -4.84 4.20
N MET A 89 -19.37 -4.75 3.31
CA MET A 89 -19.59 -4.59 1.87
C MET A 89 -20.14 -5.87 1.22
N ASP A 90 -19.54 -7.03 1.51
CA ASP A 90 -19.93 -8.35 1.02
C ASP A 90 -20.19 -8.42 -0.51
N HIS A 91 -19.35 -7.77 -1.31
CA HIS A 91 -19.55 -7.62 -2.76
C HIS A 91 -19.82 -8.95 -3.50
N SER A 92 -21.06 -9.17 -3.96
CA SER A 92 -21.46 -10.34 -4.73
C SER A 92 -20.93 -10.32 -6.18
N ASN A 93 -20.90 -9.15 -6.82
CA ASN A 93 -20.50 -8.96 -8.21
C ASN A 93 -19.13 -8.31 -8.38
N MET A 94 -18.70 -7.45 -7.45
CA MET A 94 -17.39 -6.79 -7.53
C MET A 94 -16.29 -7.75 -7.05
N ASP A 95 -15.61 -8.40 -8.01
CA ASP A 95 -14.56 -9.39 -7.74
C ASP A 95 -13.12 -8.86 -7.93
N CYS A 96 -12.96 -7.55 -8.17
CA CYS A 96 -11.68 -6.88 -8.39
C CYS A 96 -11.64 -5.55 -7.65
N PHE A 97 -10.66 -5.39 -6.74
CA PHE A 97 -10.38 -4.16 -6.01
C PHE A 97 -8.89 -4.10 -5.59
N ILE A 98 -8.46 -2.98 -5.02
CA ILE A 98 -7.08 -2.76 -4.54
C ILE A 98 -7.11 -2.01 -3.21
N CYS A 99 -6.14 -2.29 -2.32
CA CYS A 99 -5.98 -1.65 -1.02
C CYS A 99 -4.61 -0.96 -0.89
N CYS A 100 -4.51 0.36 -1.11
CA CYS A 100 -3.25 1.11 -1.04
C CYS A 100 -3.16 1.96 0.23
N ILE A 101 -2.36 1.51 1.20
CA ILE A 101 -2.25 2.12 2.53
C ILE A 101 -0.79 2.46 2.85
N LEU A 102 -0.37 3.71 2.60
CA LEU A 102 0.99 4.16 2.91
C LEU A 102 1.17 4.52 4.39
N SER A 103 0.08 4.70 5.16
CA SER A 103 0.15 4.92 6.60
C SER A 103 0.64 3.70 7.38
N HIS A 104 0.58 2.50 6.79
CA HIS A 104 1.10 1.27 7.36
C HIS A 104 2.61 1.40 7.56
N GLY A 105 3.09 1.32 8.82
CA GLY A 105 4.49 1.62 9.16
C GLY A 105 5.49 0.62 8.56
N ASP A 106 5.50 -0.60 9.10
CA ASP A 106 6.28 -1.74 8.57
C ASP A 106 5.44 -3.02 8.68
N LYS A 107 5.42 -3.67 9.85
CA LYS A 107 4.72 -4.93 10.10
C LYS A 107 4.32 -5.11 11.58
N GLY A 108 3.11 -4.68 11.95
CA GLY A 108 2.61 -4.80 13.32
C GLY A 108 3.52 -4.15 14.38
N ILE A 109 4.25 -3.10 13.99
CA ILE A 109 5.16 -2.30 14.82
C ILE A 109 4.46 -1.67 16.04
N ILE A 110 5.26 -1.11 16.94
CA ILE A 110 4.83 -0.54 18.23
C ILE A 110 3.73 0.52 18.07
N TYR A 111 2.56 0.24 18.66
CA TYR A 111 1.37 1.07 18.63
C TYR A 111 1.43 2.32 19.53
N GLY A 112 2.58 3.01 19.56
CA GLY A 112 2.83 4.14 20.46
C GLY A 112 1.98 5.37 20.12
N THR A 113 2.44 6.19 19.17
CA THR A 113 1.71 7.34 18.60
C THR A 113 2.44 7.72 17.31
N ASP A 114 1.70 8.21 16.31
CA ASP A 114 2.26 8.71 15.05
C ASP A 114 3.17 7.66 14.36
N GLY A 115 2.56 6.50 14.09
CA GLY A 115 3.24 5.33 13.50
C GLY A 115 2.95 4.03 14.23
N GLN A 116 1.71 3.84 14.70
CA GLN A 116 1.23 2.54 15.19
C GLN A 116 0.98 1.55 14.06
N GLU A 117 0.65 0.31 14.40
CA GLU A 117 0.22 -0.70 13.44
C GLU A 117 -0.63 -1.79 14.12
N ALA A 118 -1.25 -2.68 13.33
CA ALA A 118 -2.01 -3.83 13.82
C ALA A 118 -1.50 -5.17 13.26
N PRO A 119 -1.88 -6.30 13.91
CA PRO A 119 -1.49 -7.63 13.49
C PRO A 119 -2.18 -8.03 12.18
N ILE A 120 -1.38 -8.25 11.12
CA ILE A 120 -1.88 -8.76 9.83
C ILE A 120 -2.77 -10.00 10.00
N TYR A 121 -2.38 -10.88 10.93
CA TYR A 121 -3.06 -12.12 11.35
C TYR A 121 -4.46 -11.90 11.98
N GLU A 122 -4.90 -10.65 12.13
CA GLU A 122 -6.23 -10.27 12.61
C GLU A 122 -6.96 -9.38 11.59
N LEU A 123 -6.25 -8.41 11.00
CA LEU A 123 -6.76 -7.53 9.94
C LEU A 123 -7.12 -8.32 8.68
N THR A 124 -6.16 -9.07 8.10
CA THR A 124 -6.45 -9.88 6.91
C THR A 124 -7.22 -11.15 7.28
N SER A 125 -7.36 -11.44 8.58
CA SER A 125 -8.19 -12.54 9.07
C SER A 125 -9.70 -12.26 8.99
N GLN A 126 -10.11 -11.05 8.57
CA GLN A 126 -11.51 -10.70 8.38
C GLN A 126 -12.14 -11.36 7.13
N PHE A 127 -11.33 -11.81 6.17
CA PHE A 127 -11.77 -12.50 4.96
C PHE A 127 -11.23 -13.94 4.88
N THR A 128 -10.74 -14.52 5.98
CA THR A 128 -10.16 -15.87 6.00
C THR A 128 -11.09 -16.91 5.41
N GLY A 129 -10.55 -17.86 4.63
CA GLY A 129 -11.30 -18.97 4.03
C GLY A 129 -12.00 -19.91 5.03
N LEU A 130 -11.74 -19.75 6.33
CA LEU A 130 -12.36 -20.48 7.43
C LEU A 130 -13.39 -19.65 8.22
N LYS A 131 -13.47 -18.33 7.98
CA LYS A 131 -14.35 -17.39 8.67
C LYS A 131 -15.35 -16.73 7.70
N CYS A 132 -14.94 -16.52 6.44
CA CYS A 132 -15.78 -16.06 5.34
C CYS A 132 -15.12 -16.39 3.98
N PRO A 133 -15.19 -17.65 3.49
CA PRO A 133 -14.64 -18.04 2.20
C PRO A 133 -15.33 -17.37 1.00
N SER A 134 -16.54 -16.83 1.18
CA SER A 134 -17.33 -16.13 0.17
C SER A 134 -16.55 -15.05 -0.58
N LEU A 135 -15.78 -14.24 0.15
CA LEU A 135 -14.90 -13.20 -0.40
C LEU A 135 -13.43 -13.64 -0.47
N ALA A 136 -13.06 -14.71 0.24
CA ALA A 136 -11.72 -15.31 0.13
C ALA A 136 -11.46 -15.90 -1.27
N GLY A 137 -12.50 -16.41 -1.94
CA GLY A 137 -12.41 -16.93 -3.31
C GLY A 137 -12.05 -15.86 -4.36
N LYS A 138 -12.06 -14.57 -3.99
CA LYS A 138 -11.64 -13.46 -4.85
C LYS A 138 -10.20 -13.03 -4.56
N PRO A 139 -9.48 -12.50 -5.57
CA PRO A 139 -8.10 -12.05 -5.43
C PRO A 139 -7.97 -10.89 -4.43
N LYS A 140 -6.73 -10.56 -4.07
CA LYS A 140 -6.37 -9.51 -3.13
C LYS A 140 -5.11 -8.79 -3.62
N VAL A 141 -5.20 -7.48 -3.85
CA VAL A 141 -4.10 -6.63 -4.32
C VAL A 141 -3.90 -5.48 -3.35
N PHE A 142 -2.67 -5.30 -2.86
CA PHE A 142 -2.34 -4.20 -1.96
C PHE A 142 -0.89 -3.73 -2.14
N PHE A 143 -0.74 -2.47 -2.56
CA PHE A 143 0.55 -1.80 -2.72
C PHE A 143 1.10 -1.35 -1.36
N ILE A 144 2.08 -2.09 -0.87
CA ILE A 144 2.83 -1.78 0.36
C ILE A 144 4.07 -0.89 0.12
N GLN A 145 4.56 -0.82 -1.13
CA GLN A 145 5.68 0.04 -1.54
C GLN A 145 7.01 -0.23 -0.79
N ALA A 146 7.20 -1.46 -0.28
CA ALA A 146 8.37 -1.89 0.50
C ALA A 146 9.66 -2.10 -0.32
N ALA A 147 9.79 -1.47 -1.49
CA ALA A 147 10.98 -1.51 -2.34
C ALA A 147 12.17 -0.78 -1.72
N GLN A 148 11.96 0.48 -1.29
CA GLN A 148 13.00 1.26 -0.63
C GLN A 148 13.08 0.91 0.86
N GLY A 149 14.20 0.33 1.27
CA GLY A 149 14.51 0.08 2.69
C GLY A 149 15.98 -0.29 2.88
N ASP A 150 16.46 -0.13 4.11
CA ASP A 150 17.81 -0.46 4.55
C ASP A 150 17.75 -1.44 5.73
N ASN A 151 18.68 -2.43 5.75
CA ASN A 151 18.81 -3.38 6.84
C ASN A 151 19.51 -2.77 8.06
N TYR A 152 20.77 -2.36 7.89
CA TYR A 152 21.56 -1.73 8.96
C TYR A 152 20.97 -0.39 9.41
N GLN A 153 21.38 0.06 10.59
CA GLN A 153 20.86 1.27 11.23
C GLN A 153 21.97 2.29 11.43
N LYS A 154 21.94 3.35 10.62
CA LYS A 154 22.91 4.45 10.68
C LYS A 154 22.32 5.72 10.07
N GLY A 155 22.21 6.77 10.89
CA GLY A 155 21.66 8.06 10.47
C GLY A 155 22.38 9.24 11.13
N ILE A 156 22.09 9.47 12.41
CA ILE A 156 22.61 10.58 13.20
C ILE A 156 23.23 10.10 14.52
N PRO A 157 24.05 10.92 15.21
CA PRO A 157 24.62 10.61 16.52
C PRO A 157 23.66 10.83 17.69
N VAL A 158 22.59 11.60 17.49
CA VAL A 158 21.53 11.80 18.49
C VAL A 158 20.70 10.52 18.67
N GLU A 159 19.85 10.49 19.69
CA GLU A 159 18.97 9.37 19.99
C GLU A 159 17.53 9.89 20.17
N THR A 160 16.58 8.97 20.36
CA THR A 160 15.19 9.34 20.69
C THR A 160 15.12 10.22 21.93
N ASP A 161 14.13 11.12 21.96
CA ASP A 161 13.93 12.07 23.06
C ASP A 161 12.51 11.95 23.63
N SER A 162 12.30 12.47 24.84
CA SER A 162 11.05 12.34 25.63
C SER A 162 10.65 10.87 25.86
N GLU A 163 11.62 10.00 26.15
CA GLU A 163 11.46 8.57 26.40
C GLU A 163 11.93 8.20 27.83
N GLU A 164 11.23 7.25 28.46
CA GLU A 164 11.68 6.61 29.71
C GLU A 164 12.91 5.73 29.47
N GLN A 165 13.47 5.14 30.55
CA GLN A 165 14.59 4.19 30.52
C GLN A 165 14.61 3.24 29.28
N PRO A 166 13.53 2.47 29.00
CA PRO A 166 13.41 1.72 27.75
C PRO A 166 13.08 2.66 26.58
N TYR A 167 14.12 3.35 26.09
CA TYR A 167 14.12 4.09 24.83
C TYR A 167 13.85 3.20 23.60
N LEU A 168 13.89 3.78 22.40
CA LEU A 168 13.63 3.08 21.15
C LEU A 168 14.94 2.87 20.40
N GLU A 169 15.24 1.62 20.10
CA GLU A 169 16.35 1.17 19.26
C GLU A 169 16.02 -0.26 18.86
N MET A 170 15.71 -0.49 17.57
CA MET A 170 15.55 -1.82 17.00
C MET A 170 16.19 -1.90 15.62
N ASP A 171 16.91 -2.99 15.35
CA ASP A 171 17.54 -3.28 14.06
C ASP A 171 17.67 -4.80 13.84
N LEU A 172 18.06 -5.19 12.62
CA LEU A 172 18.33 -6.58 12.22
C LEU A 172 19.05 -6.64 10.86
N SER A 173 19.53 -7.82 10.49
CA SER A 173 20.25 -8.07 9.23
C SER A 173 19.64 -9.26 8.48
N SER A 174 19.51 -9.11 7.16
CA SER A 174 18.88 -10.07 6.24
C SER A 174 17.34 -10.18 6.47
N PRO A 175 16.59 -10.83 5.56
CA PRO A 175 15.16 -11.06 5.76
C PRO A 175 14.93 -12.15 6.83
N GLN A 176 14.54 -11.74 8.04
CA GLN A 176 14.23 -12.64 9.16
C GLN A 176 13.16 -13.70 8.82
N THR A 177 12.23 -13.35 7.95
CA THR A 177 11.11 -14.17 7.44
C THR A 177 10.73 -13.73 6.03
N ARG A 178 9.82 -14.47 5.39
CA ARG A 178 9.33 -14.22 4.03
C ARG A 178 7.82 -13.97 4.05
N TYR A 179 7.38 -12.96 3.31
CA TYR A 179 5.97 -12.53 3.22
C TYR A 179 5.36 -12.79 1.83
N ILE A 180 6.04 -13.59 1.00
CA ILE A 180 5.71 -13.91 -0.38
C ILE A 180 5.83 -15.44 -0.61
N PRO A 181 4.85 -16.24 -0.12
CA PRO A 181 4.83 -17.70 -0.34
C PRO A 181 4.41 -18.06 -1.78
N ASP A 182 4.61 -19.33 -2.16
CA ASP A 182 4.26 -19.89 -3.48
C ASP A 182 2.81 -20.46 -3.52
N GLU A 183 1.91 -19.96 -2.66
CA GLU A 183 0.51 -20.39 -2.58
C GLU A 183 -0.31 -19.94 -3.80
N ALA A 184 0.10 -18.84 -4.45
CA ALA A 184 -0.45 -18.28 -5.68
C ALA A 184 -1.96 -17.94 -5.66
N ASP A 185 -2.35 -16.93 -4.88
CA ASP A 185 -3.75 -16.54 -4.68
C ASP A 185 -3.97 -15.02 -4.46
N PHE A 186 -2.97 -14.17 -4.74
CA PHE A 186 -3.01 -12.72 -4.44
C PHE A 186 -1.88 -11.94 -5.14
N LEU A 187 -1.87 -10.62 -4.96
CA LEU A 187 -0.83 -9.71 -5.46
C LEU A 187 -0.21 -8.92 -4.31
N LEU A 188 1.02 -9.29 -3.96
CA LEU A 188 1.87 -8.55 -3.03
C LEU A 188 2.67 -7.49 -3.77
N GLY A 189 2.69 -6.27 -3.23
CA GLY A 189 3.55 -5.17 -3.70
C GLY A 189 4.87 -5.06 -2.94
N MET A 190 5.20 -6.03 -2.07
CA MET A 190 6.51 -6.09 -1.41
C MET A 190 7.63 -6.33 -2.44
N ALA A 191 8.87 -6.18 -1.98
CA ALA A 191 10.08 -6.44 -2.75
C ALA A 191 11.11 -7.17 -1.88
N PRO A 202 23.09 -7.98 -16.21
CA PRO A 202 22.59 -6.83 -15.46
C PRO A 202 22.78 -7.00 -13.95
N ALA A 203 22.71 -5.88 -13.21
CA ALA A 203 22.78 -5.87 -11.76
C ALA A 203 21.58 -6.59 -11.10
N GLU A 204 21.79 -7.11 -9.89
CA GLU A 204 20.81 -7.84 -9.08
C GLU A 204 20.00 -6.94 -8.14
N GLY A 205 19.88 -5.65 -8.48
CA GLY A 205 19.14 -4.66 -7.68
C GLY A 205 17.66 -4.62 -8.02
N THR A 206 16.97 -3.67 -7.39
CA THR A 206 15.58 -3.32 -7.64
C THR A 206 15.43 -1.81 -7.82
N TRP A 207 14.53 -1.42 -8.72
CA TRP A 207 14.13 -0.03 -8.97
C TRP A 207 13.18 0.49 -7.86
N TYR A 208 12.90 1.80 -7.90
CA TYR A 208 12.07 2.51 -6.92
C TYR A 208 10.69 2.88 -7.48
N ILE A 209 9.81 3.37 -6.59
CA ILE A 209 8.44 3.77 -6.92
C ILE A 209 8.41 4.99 -7.86
N GLN A 210 9.49 5.79 -7.90
CA GLN A 210 9.65 6.96 -8.76
C GLN A 210 9.35 6.66 -10.23
N SER A 211 9.74 5.45 -10.68
CA SER A 211 9.52 4.97 -12.04
C SER A 211 8.38 3.95 -12.12
N LEU A 212 7.72 3.66 -10.99
CA LEU A 212 6.54 2.79 -10.89
C LEU A 212 5.28 3.58 -11.19
N CYS A 213 5.00 4.67 -10.46
CA CYS A 213 3.77 5.43 -10.67
C CYS A 213 3.67 6.00 -12.10
N GLN A 214 4.72 6.69 -12.55
CA GLN A 214 4.78 7.24 -13.91
C GLN A 214 4.75 6.17 -15.02
N SER A 215 5.09 4.92 -14.71
CA SER A 215 5.04 3.80 -15.66
C SER A 215 3.69 3.12 -15.63
N LEU A 216 3.16 2.82 -14.43
CA LEU A 216 1.86 2.19 -14.24
C LEU A 216 0.73 3.07 -14.77
N ARG A 217 0.87 4.41 -14.67
CA ARG A 217 -0.12 5.37 -15.19
C ARG A 217 -0.13 5.50 -16.71
N GLU A 218 0.99 5.21 -17.39
CA GLU A 218 1.12 5.31 -18.86
C GLU A 218 0.87 3.96 -19.56
N ARG A 219 0.45 2.95 -18.79
CA ARG A 219 0.13 1.61 -19.32
C ARG A 219 -1.27 1.10 -18.97
N CYS A 220 -2.08 1.86 -18.22
CA CYS A 220 -3.49 1.54 -17.99
C CYS A 220 -4.27 1.24 -19.28
N PRO A 221 -4.25 2.11 -20.32
CA PRO A 221 -4.99 1.85 -21.57
C PRO A 221 -4.37 0.74 -22.43
N ARG A 222 -3.20 0.20 -22.06
CA ARG A 222 -2.57 -0.92 -22.77
C ARG A 222 -3.21 -2.26 -22.43
N GLY A 223 -4.12 -2.30 -21.44
CA GLY A 223 -4.74 -3.53 -20.94
C GLY A 223 -3.72 -4.50 -20.34
N ASP A 224 -2.57 -4.00 -19.90
CA ASP A 224 -1.50 -4.78 -19.30
C ASP A 224 -1.93 -5.33 -17.93
N ASP A 225 -1.42 -6.51 -17.57
CA ASP A 225 -1.79 -7.15 -16.31
C ASP A 225 -1.13 -6.46 -15.11
N ILE A 226 -1.78 -6.46 -13.93
CA ILE A 226 -1.18 -5.86 -12.73
C ILE A 226 -0.21 -6.84 -12.02
N LEU A 227 0.30 -7.84 -12.74
CA LEU A 227 1.26 -8.82 -12.23
C LEU A 227 2.69 -8.48 -12.65
N THR A 228 2.89 -7.73 -13.75
CA THR A 228 4.22 -7.26 -14.17
C THR A 228 4.39 -5.74 -14.13
N ILE A 229 3.32 -4.95 -14.07
CA ILE A 229 3.38 -3.48 -13.99
C ILE A 229 4.34 -2.94 -12.90
N LEU A 230 4.49 -3.69 -11.80
CA LEU A 230 5.34 -3.41 -10.65
C LEU A 230 6.60 -4.28 -10.53
N THR A 231 6.76 -5.24 -11.44
CA THR A 231 7.82 -6.26 -11.44
C THR A 231 8.64 -6.28 -12.74
N GLU A 232 8.28 -5.39 -13.68
CA GLU A 232 8.93 -5.13 -14.96
C GLU A 232 9.66 -3.78 -14.98
N VAL A 233 9.39 -2.89 -14.02
CA VAL A 233 10.13 -1.62 -13.85
C VAL A 233 11.60 -1.81 -13.50
N PRO A 251 14.78 -11.28 -12.50
CA PRO A 251 14.91 -11.71 -11.11
C PRO A 251 13.60 -12.31 -10.58
N GLN A 252 13.63 -12.80 -9.34
CA GLN A 252 12.45 -13.34 -8.66
C GLN A 252 11.43 -12.22 -8.34
N PRO A 253 10.22 -12.26 -8.95
CA PRO A 253 9.16 -11.31 -8.63
C PRO A 253 8.47 -11.62 -7.29
N THR A 254 7.44 -10.84 -6.96
CA THR A 254 6.68 -10.92 -5.71
C THR A 254 5.18 -11.18 -5.93
N PHE A 255 4.75 -11.36 -7.17
CA PHE A 255 3.38 -11.71 -7.56
C PHE A 255 3.22 -13.22 -7.69
N THR A 256 2.10 -13.77 -7.19
CA THR A 256 1.76 -15.19 -7.37
C THR A 256 0.23 -15.36 -7.42
N LEU A 257 -0.29 -15.78 -8.58
CA LEU A 257 -1.71 -16.06 -8.77
C LEU A 257 -1.89 -17.28 -9.67
N ARG A 258 -2.82 -18.18 -9.31
CA ARG A 258 -3.22 -19.36 -10.11
C ARG A 258 -3.77 -19.02 -11.50
N LYS A 259 -4.16 -17.76 -11.71
CA LYS A 259 -4.74 -17.21 -12.93
C LYS A 259 -4.15 -15.83 -13.22
N LYS A 260 -4.54 -15.25 -14.36
CA LYS A 260 -4.06 -13.95 -14.80
C LYS A 260 -4.97 -12.83 -14.29
N LEU A 261 -4.38 -11.90 -13.55
CA LEU A 261 -5.07 -10.77 -12.92
C LEU A 261 -4.75 -9.47 -13.67
N VAL A 262 -5.71 -9.02 -14.49
CA VAL A 262 -5.61 -7.78 -15.27
C VAL A 262 -6.68 -6.81 -14.80
N PHE A 263 -6.34 -5.52 -14.79
CA PHE A 263 -7.25 -4.41 -14.52
C PHE A 263 -7.40 -3.59 -15.82
N PRO A 264 -8.21 -4.07 -16.79
CA PRO A 264 -8.54 -3.29 -17.99
C PRO A 264 -9.38 -2.06 -17.63
N SER A 265 -9.51 -1.14 -18.60
CA SER A 265 -10.32 0.08 -18.47
C SER A 265 -11.84 -0.19 -18.46
N ASP A 266 -12.27 -1.36 -18.96
CA ASP A 266 -13.64 -1.88 -18.87
C ASP A 266 -13.95 -2.44 -17.48
N LYS A 11 -14.62 -11.24 -15.27
CA LYS A 11 -13.57 -11.94 -16.01
C LYS A 11 -12.56 -10.94 -16.54
N VAL A 12 -11.31 -11.37 -16.69
CA VAL A 12 -10.28 -10.55 -17.33
C VAL A 12 -10.63 -10.24 -18.80
N TYR A 13 -9.88 -9.31 -19.39
CA TYR A 13 -9.96 -8.91 -20.79
C TYR A 13 -11.26 -8.13 -21.03
N GLN A 14 -11.15 -6.78 -21.03
CA GLN A 14 -12.31 -5.90 -21.16
C GLN A 14 -13.35 -6.17 -20.05
N MET A 15 -12.90 -6.20 -18.79
CA MET A 15 -13.72 -6.41 -17.60
C MET A 15 -14.72 -5.27 -17.36
N LYS A 16 -15.95 -5.43 -17.85
CA LYS A 16 -17.04 -4.45 -17.73
C LYS A 16 -17.87 -4.65 -16.45
N SER A 17 -17.35 -5.43 -15.50
CA SER A 17 -17.97 -5.76 -14.21
C SER A 17 -17.74 -4.66 -13.19
N LYS A 18 -18.57 -3.61 -13.25
CA LYS A 18 -18.59 -2.46 -12.35
C LYS A 18 -17.23 -1.73 -12.33
N PRO A 19 -16.91 -0.95 -13.38
CA PRO A 19 -15.61 -0.27 -13.49
C PRO A 19 -15.41 0.83 -12.45
N ARG A 20 -16.50 1.33 -11.83
CA ARG A 20 -16.52 2.30 -10.74
C ARG A 20 -16.02 1.70 -9.41
N GLY A 21 -14.84 1.08 -9.46
CA GLY A 21 -14.17 0.50 -8.30
C GLY A 21 -13.76 1.58 -7.32
N TYR A 22 -14.10 1.38 -6.05
CA TYR A 22 -13.77 2.30 -4.96
C TYR A 22 -12.28 2.17 -4.62
N CYS A 23 -11.44 2.97 -5.28
CA CYS A 23 -9.99 2.99 -5.04
C CYS A 23 -9.69 3.52 -3.63
N LEU A 24 -8.75 2.86 -2.94
CA LEU A 24 -8.33 3.22 -1.58
C LEU A 24 -7.08 4.08 -1.61
N ILE A 25 -7.12 5.21 -0.92
CA ILE A 25 -5.99 6.14 -0.79
C ILE A 25 -6.01 6.77 0.60
N ILE A 26 -5.17 6.28 1.51
CA ILE A 26 -5.04 6.80 2.87
C ILE A 26 -3.73 7.59 2.99
N ASN A 27 -3.85 8.92 3.06
CA ASN A 27 -2.75 9.86 3.22
C ASN A 27 -2.81 10.52 4.62
N ASN A 28 -2.03 10.01 5.57
CA ASN A 28 -1.90 10.64 6.88
C ASN A 28 -1.04 11.92 6.80
N HIS A 29 -1.68 13.10 6.80
CA HIS A 29 -1.00 14.38 6.92
C HIS A 29 -0.42 14.66 8.34
N ASN A 30 -0.69 13.77 9.30
CA ASN A 30 -0.32 13.94 10.69
C ASN A 30 1.17 13.60 10.87
N PHE A 31 1.88 14.48 11.58
CA PHE A 31 3.33 14.39 11.75
C PHE A 31 3.76 14.22 13.22
N ALA A 32 2.90 13.66 14.08
CA ALA A 32 3.17 13.51 15.50
C ALA A 32 4.46 12.72 15.76
N LYS A 33 4.60 11.57 15.09
CA LYS A 33 5.77 10.67 15.18
C LYS A 33 6.32 10.21 13.82
N ALA A 34 5.75 10.74 12.74
CA ALA A 34 6.20 10.43 11.39
C ALA A 34 7.47 11.21 11.01
N ARG A 35 7.89 12.25 11.75
CA ARG A 35 9.14 13.00 11.47
C ARG A 35 10.39 12.13 11.31
N GLU A 36 10.41 10.99 12.01
CA GLU A 36 11.52 10.03 12.02
C GLU A 36 11.22 8.87 11.06
N LYS A 37 10.09 8.19 11.30
CA LYS A 37 9.68 7.03 10.49
C LYS A 37 9.50 7.43 9.02
N VAL A 38 9.19 8.69 8.76
CA VAL A 38 8.93 9.26 7.44
C VAL A 38 9.84 10.47 7.21
N PRO A 39 11.13 10.26 6.90
CA PRO A 39 12.07 11.34 6.63
C PRO A 39 11.71 12.13 5.37
N LYS A 40 10.84 11.58 4.49
CA LYS A 40 10.31 12.24 3.29
C LYS A 40 9.33 13.39 3.59
N LEU A 41 8.92 13.57 4.86
CA LEU A 41 8.05 14.68 5.27
C LEU A 41 8.71 16.07 5.19
N HIS A 42 9.97 16.14 4.77
CA HIS A 42 10.65 17.41 4.48
C HIS A 42 10.52 17.85 3.02
N SER A 43 10.25 16.92 2.09
CA SER A 43 10.18 17.18 0.64
C SER A 43 8.83 17.76 0.22
N ILE A 44 7.80 17.53 1.05
CA ILE A 44 6.47 18.13 0.95
C ILE A 44 6.54 19.68 0.94
N ARG A 45 5.43 20.31 0.58
CA ARG A 45 5.31 21.77 0.55
C ARG A 45 4.85 22.31 1.91
N ASP A 46 5.23 23.54 2.26
CA ASP A 46 4.80 24.22 3.49
C ASP A 46 3.27 24.31 3.64
N ARG A 47 2.57 24.43 2.51
CA ARG A 47 1.11 24.47 2.44
C ARG A 47 0.50 23.16 2.95
N ASN A 48 -0.75 23.23 3.41
CA ASN A 48 -1.52 22.09 3.91
C ASN A 48 -1.54 20.91 2.90
N GLY A 49 -0.72 19.88 3.16
CA GLY A 49 -0.54 18.70 2.32
C GLY A 49 -1.85 17.94 2.11
N THR A 50 -2.56 18.29 1.03
CA THR A 50 -3.90 17.81 0.70
C THR A 50 -4.02 17.72 -0.81
N HIS A 51 -4.40 16.54 -1.33
CA HIS A 51 -4.58 16.23 -2.76
C HIS A 51 -3.48 16.78 -3.70
N LEU A 52 -2.26 16.96 -3.18
CA LEU A 52 -1.12 17.59 -3.86
C LEU A 52 -0.08 16.55 -4.28
N ASP A 53 0.11 15.50 -3.47
CA ASP A 53 1.05 14.40 -3.73
C ASP A 53 0.30 13.10 -4.08
N ALA A 54 -0.89 12.86 -3.51
CA ALA A 54 -1.73 11.70 -3.82
C ALA A 54 -2.50 11.85 -5.15
N GLY A 55 -2.55 13.07 -5.69
CA GLY A 55 -3.16 13.36 -6.99
C GLY A 55 -2.54 12.54 -8.12
N ALA A 56 -1.26 12.16 -8.02
CA ALA A 56 -0.59 11.28 -8.99
C ALA A 56 -1.19 9.87 -9.04
N LEU A 57 -1.59 9.32 -7.89
CA LEU A 57 -2.20 7.99 -7.81
C LEU A 57 -3.69 8.07 -8.14
N THR A 58 -4.34 9.20 -7.80
CA THR A 58 -5.76 9.45 -8.07
C THR A 58 -6.03 9.73 -9.55
N THR A 59 -5.28 10.68 -10.15
CA THR A 59 -5.43 11.10 -11.56
C THR A 59 -5.40 9.92 -12.52
N THR A 60 -4.63 8.88 -12.19
CA THR A 60 -4.52 7.65 -12.98
C THR A 60 -5.86 6.94 -13.06
N PHE A 61 -6.41 6.51 -11.91
CA PHE A 61 -7.71 5.87 -11.88
C PHE A 61 -8.83 6.81 -12.38
N GLU A 62 -8.66 8.14 -12.25
CA GLU A 62 -9.64 9.13 -12.73
C GLU A 62 -9.83 9.06 -14.25
N GLU A 63 -8.73 8.90 -15.02
CA GLU A 63 -8.83 8.73 -16.47
C GLU A 63 -9.14 7.29 -16.90
N LEU A 64 -9.10 6.32 -15.97
CA LEU A 64 -9.36 4.89 -16.22
C LEU A 64 -10.81 4.48 -15.95
N HIS A 65 -11.73 5.45 -15.75
CA HIS A 65 -13.14 5.21 -15.42
C HIS A 65 -13.34 4.47 -14.09
N PHE A 66 -12.85 5.04 -12.98
CA PHE A 66 -12.97 4.48 -11.63
C PHE A 66 -13.54 5.48 -10.61
N GLU A 67 -13.75 5.04 -9.36
CA GLU A 67 -14.20 5.87 -8.25
C GLU A 67 -13.11 5.98 -7.17
N ILE A 68 -12.40 7.10 -7.13
CA ILE A 68 -11.38 7.33 -6.11
C ILE A 68 -12.01 7.95 -4.87
N LYS A 69 -11.79 7.32 -3.70
CA LYS A 69 -12.27 7.80 -2.41
C LYS A 69 -11.09 7.96 -1.44
N PRO A 70 -10.32 9.07 -1.54
CA PRO A 70 -9.22 9.33 -0.63
C PRO A 70 -9.74 9.67 0.76
N HIS A 71 -9.05 9.16 1.78
CA HIS A 71 -9.34 9.39 3.18
C HIS A 71 -8.04 9.80 3.88
N ASP A 72 -7.69 11.08 3.76
CA ASP A 72 -6.61 11.68 4.51
C ASP A 72 -6.99 11.85 6.00
N ASP A 73 -6.00 12.21 6.81
CA ASP A 73 -6.19 12.64 8.20
C ASP A 73 -6.80 11.54 9.11
N CYS A 74 -6.43 10.28 8.84
CA CYS A 74 -6.97 9.08 9.47
C CYS A 74 -5.82 8.11 9.78
N THR A 75 -5.34 8.12 11.02
CA THR A 75 -4.33 7.17 11.49
C THR A 75 -4.94 5.77 11.55
N VAL A 76 -4.08 4.74 11.49
CA VAL A 76 -4.47 3.33 11.59
C VAL A 76 -5.46 3.03 12.72
N GLU A 77 -5.29 3.71 13.86
CA GLU A 77 -6.16 3.59 15.02
C GLU A 77 -7.65 3.80 14.68
N GLN A 78 -7.90 4.66 13.67
CA GLN A 78 -9.22 4.94 13.12
C GLN A 78 -9.50 4.09 11.86
N ILE A 79 -8.49 3.77 11.03
CA ILE A 79 -8.62 2.89 9.84
C ILE A 79 -9.22 1.52 10.19
N TYR A 80 -9.11 1.06 11.43
CA TYR A 80 -9.80 -0.14 11.91
C TYR A 80 -11.32 -0.11 11.63
N GLU A 81 -11.93 1.08 11.58
CA GLU A 81 -13.34 1.23 11.19
C GLU A 81 -13.60 0.87 9.72
N ILE A 82 -12.58 0.86 8.85
CA ILE A 82 -12.64 0.55 7.42
C ILE A 82 -12.37 -0.95 7.20
N LEU A 83 -11.35 -1.50 7.85
CA LEU A 83 -10.99 -2.92 7.69
C LEU A 83 -12.15 -3.86 8.06
N LYS A 84 -12.95 -3.49 9.06
CA LYS A 84 -14.17 -4.23 9.39
C LYS A 84 -15.19 -4.20 8.24
N ILE A 85 -15.29 -3.09 7.50
CA ILE A 85 -16.26 -2.89 6.39
C ILE A 85 -15.99 -3.88 5.25
N TYR A 86 -14.72 -4.25 5.04
CA TYR A 86 -14.33 -5.23 4.01
C TYR A 86 -15.08 -6.55 4.17
N GLN A 87 -15.42 -6.93 5.41
CA GLN A 87 -16.24 -8.10 5.71
C GLN A 87 -17.75 -7.81 5.59
N LEU A 88 -18.20 -6.60 5.96
CA LEU A 88 -19.61 -6.19 5.83
C LEU A 88 -20.11 -6.24 4.38
N MET A 89 -19.20 -6.08 3.42
CA MET A 89 -19.51 -6.16 1.99
C MET A 89 -20.04 -7.57 1.65
N ASP A 90 -19.18 -8.61 1.70
CA ASP A 90 -19.53 -10.00 1.34
C ASP A 90 -20.30 -10.05 -0.01
N HIS A 91 -19.71 -9.45 -1.05
CA HIS A 91 -20.25 -9.43 -2.41
C HIS A 91 -19.50 -10.41 -3.33
N SER A 92 -20.13 -10.71 -4.47
CA SER A 92 -19.61 -11.59 -5.53
C SER A 92 -19.32 -10.87 -6.84
N ASN A 93 -19.65 -9.57 -6.93
CA ASN A 93 -19.36 -8.70 -8.08
C ASN A 93 -18.19 -7.75 -7.75
N MET A 94 -17.90 -6.82 -8.68
CA MET A 94 -16.90 -5.77 -8.51
C MET A 94 -15.51 -6.36 -8.23
N ASP A 95 -14.99 -7.11 -9.21
CA ASP A 95 -13.64 -7.70 -9.19
C ASP A 95 -12.53 -6.66 -8.98
N CYS A 96 -12.79 -5.41 -9.35
CA CYS A 96 -11.89 -4.30 -9.12
C CYS A 96 -11.87 -3.87 -7.64
N PHE A 97 -10.74 -4.12 -6.96
CA PHE A 97 -10.52 -3.68 -5.59
C PHE A 97 -9.04 -3.65 -5.23
N ILE A 98 -8.50 -2.45 -5.03
CA ILE A 98 -7.08 -2.24 -4.71
C ILE A 98 -6.96 -1.46 -3.40
N CYS A 99 -6.07 -1.90 -2.52
CA CYS A 99 -5.74 -1.21 -1.27
C CYS A 99 -4.41 -0.46 -1.40
N CYS A 100 -4.42 0.88 -1.34
CA CYS A 100 -3.21 1.70 -1.38
C CYS A 100 -2.99 2.41 -0.04
N ILE A 101 -1.75 2.41 0.44
CA ILE A 101 -1.36 2.99 1.72
C ILE A 101 -0.07 3.80 1.56
N LEU A 102 0.01 4.92 2.29
CA LEU A 102 1.19 5.77 2.36
C LEU A 102 1.88 5.75 3.73
N SER A 103 1.13 5.44 4.80
CA SER A 103 1.70 5.34 6.15
C SER A 103 2.93 4.43 6.15
N HIS A 104 3.93 4.79 6.94
CA HIS A 104 5.11 3.95 7.11
C HIS A 104 4.77 2.69 7.91
N GLY A 105 5.77 1.85 8.17
CA GLY A 105 5.59 0.61 8.93
C GLY A 105 5.63 -0.62 8.02
N ASP A 106 6.83 -1.13 7.73
CA ASP A 106 7.02 -2.26 6.83
C ASP A 106 7.46 -3.50 7.62
N LYS A 107 8.76 -3.57 7.93
CA LYS A 107 9.41 -4.68 8.63
C LYS A 107 10.46 -4.10 9.57
N GLY A 108 10.68 -4.77 10.71
CA GLY A 108 11.66 -4.37 11.74
C GLY A 108 11.26 -3.14 12.54
N ILE A 109 10.92 -2.04 11.86
CA ILE A 109 10.37 -0.83 12.45
C ILE A 109 9.01 -1.08 13.10
N ILE A 110 8.75 -0.38 14.19
CA ILE A 110 7.44 -0.40 14.84
C ILE A 110 6.43 0.45 14.07
N TYR A 111 5.15 0.13 14.23
CA TYR A 111 4.03 0.94 13.78
C TYR A 111 4.13 2.37 14.35
N GLY A 112 4.48 2.57 15.62
CA GLY A 112 4.58 3.92 16.20
C GLY A 112 3.21 4.47 16.60
N THR A 113 3.01 5.79 16.48
CA THR A 113 1.76 6.47 16.86
C THR A 113 0.99 7.00 15.64
N ASP A 114 1.69 7.70 14.73
CA ASP A 114 1.14 8.29 13.50
C ASP A 114 1.57 7.52 12.25
N GLY A 115 2.79 6.97 12.26
CA GLY A 115 3.31 6.15 11.18
C GLY A 115 2.86 4.69 11.30
N GLN A 116 1.78 4.40 12.02
CA GLN A 116 1.25 3.04 12.18
C GLN A 116 0.86 2.45 10.83
N GLU A 117 0.83 1.10 10.75
CA GLU A 117 0.42 0.38 9.53
C GLU A 117 -0.62 -0.72 9.77
N ALA A 118 -1.10 -0.84 11.02
CA ALA A 118 -2.00 -1.89 11.46
C ALA A 118 -1.36 -3.29 11.39
N PRO A 119 -1.93 -4.28 12.09
CA PRO A 119 -1.42 -5.63 12.06
C PRO A 119 -1.79 -6.36 10.76
N ILE A 120 -0.90 -6.33 9.76
CA ILE A 120 -1.09 -7.08 8.49
C ILE A 120 -1.27 -8.60 8.68
N TYR A 121 -0.92 -9.14 9.86
CA TYR A 121 -1.09 -10.55 10.21
C TYR A 121 -2.41 -10.83 10.96
N GLU A 122 -3.13 -9.77 11.39
CA GLU A 122 -4.38 -9.90 12.15
C GLU A 122 -5.56 -9.40 11.33
N LEU A 123 -5.37 -8.35 10.52
CA LEU A 123 -6.37 -7.78 9.62
C LEU A 123 -6.65 -8.68 8.42
N THR A 124 -5.61 -9.12 7.70
CA THR A 124 -5.77 -10.01 6.54
C THR A 124 -6.29 -11.40 6.94
N SER A 125 -6.21 -11.72 8.24
CA SER A 125 -6.72 -12.94 8.85
C SER A 125 -8.22 -12.84 9.21
N GLN A 126 -8.92 -11.75 8.82
CA GLN A 126 -10.36 -11.55 9.05
C GLN A 126 -11.26 -11.84 7.84
N PHE A 127 -10.70 -11.86 6.61
CA PHE A 127 -11.44 -12.15 5.38
C PHE A 127 -11.08 -13.52 4.79
N THR A 128 -10.23 -14.28 5.49
CA THR A 128 -9.67 -15.56 5.06
C THR A 128 -10.77 -16.55 4.69
N GLY A 129 -10.61 -17.24 3.56
CA GLY A 129 -11.59 -18.21 3.07
C GLY A 129 -11.82 -19.43 3.97
N LEU A 130 -11.02 -19.58 5.03
CA LEU A 130 -11.13 -20.63 6.03
C LEU A 130 -11.72 -20.13 7.37
N LYS A 131 -11.92 -18.81 7.54
CA LYS A 131 -12.40 -18.19 8.78
C LYS A 131 -13.66 -17.35 8.55
N CYS A 132 -13.75 -16.68 7.39
CA CYS A 132 -14.87 -15.87 6.93
C CYS A 132 -14.83 -15.74 5.38
N PRO A 133 -15.21 -16.79 4.62
CA PRO A 133 -15.25 -16.77 3.16
C PRO A 133 -16.37 -15.86 2.63
N SER A 134 -16.10 -14.56 2.65
CA SER A 134 -17.03 -13.51 2.21
C SER A 134 -16.73 -13.07 0.78
N LEU A 135 -15.47 -12.71 0.50
CA LEU A 135 -15.01 -12.32 -0.83
C LEU A 135 -13.83 -13.18 -1.31
N ALA A 136 -13.60 -14.36 -0.71
CA ALA A 136 -12.51 -15.26 -1.07
C ALA A 136 -12.51 -15.65 -2.56
N GLY A 137 -13.69 -15.74 -3.19
CA GLY A 137 -13.82 -15.97 -4.63
C GLY A 137 -13.40 -14.78 -5.51
N LYS A 138 -13.04 -13.64 -4.90
CA LYS A 138 -12.55 -12.46 -5.58
C LYS A 138 -11.09 -12.18 -5.17
N PRO A 139 -10.20 -11.92 -6.15
CA PRO A 139 -8.82 -11.54 -5.88
C PRO A 139 -8.73 -10.16 -5.21
N LYS A 140 -7.52 -9.83 -4.76
CA LYS A 140 -7.17 -8.51 -4.22
C LYS A 140 -5.72 -8.17 -4.58
N VAL A 141 -5.44 -6.87 -4.67
CA VAL A 141 -4.12 -6.29 -4.93
C VAL A 141 -3.91 -5.09 -3.99
N PHE A 142 -2.66 -4.89 -3.59
CA PHE A 142 -2.25 -3.75 -2.78
C PHE A 142 -0.82 -3.34 -3.16
N PHE A 143 -0.58 -2.02 -3.24
CA PHE A 143 0.73 -1.46 -3.52
C PHE A 143 1.34 -0.99 -2.21
N ILE A 144 2.32 -1.75 -1.71
CA ILE A 144 3.07 -1.31 -0.53
C ILE A 144 3.94 -0.11 -0.88
N GLN A 145 4.20 0.74 0.11
CA GLN A 145 5.11 1.88 0.00
C GLN A 145 6.32 1.69 0.93
N ALA A 146 7.53 1.70 0.37
CA ALA A 146 8.78 1.58 1.11
C ALA A 146 9.88 2.46 0.47
N ALA A 147 10.53 3.28 1.30
CA ALA A 147 11.61 4.19 0.91
C ALA A 147 12.78 4.09 1.90
N GLN A 148 13.91 3.54 1.44
CA GLN A 148 15.15 3.45 2.20
C GLN A 148 16.35 3.39 1.24
N GLY A 149 17.57 3.53 1.79
CA GLY A 149 18.83 3.39 1.06
C GLY A 149 20.04 3.69 1.95
N ASP A 150 20.06 4.90 2.52
CA ASP A 150 21.11 5.40 3.39
C ASP A 150 20.75 5.16 4.87
N ASN A 151 21.26 4.06 5.46
CA ASN A 151 21.02 3.74 6.87
C ASN A 151 22.24 3.05 7.50
N TYR A 152 23.06 3.80 8.24
CA TYR A 152 24.26 3.31 8.93
C TYR A 152 24.50 4.05 10.26
N GLN A 153 25.45 3.53 11.04
CA GLN A 153 25.85 4.13 12.31
C GLN A 153 26.52 5.49 12.08
N LYS A 154 26.32 6.44 13.00
CA LYS A 154 26.84 7.81 12.90
C LYS A 154 26.52 8.46 11.54
N GLY A 155 25.29 8.25 11.04
CA GLY A 155 24.84 8.79 9.76
C GLY A 155 25.01 10.30 9.68
N ILE A 156 24.45 11.03 10.66
CA ILE A 156 24.46 12.49 10.71
C ILE A 156 24.25 13.00 12.15
N PRO A 157 24.59 14.29 12.44
CA PRO A 157 24.41 14.92 13.75
C PRO A 157 22.94 15.25 14.06
N VAL A 158 22.04 15.14 13.07
CA VAL A 158 20.61 15.36 13.27
C VAL A 158 20.07 14.43 14.37
N GLU A 159 19.04 14.92 15.07
CA GLU A 159 18.36 14.18 16.11
C GLU A 159 16.92 14.66 16.23
N THR A 160 16.22 14.11 17.23
CA THR A 160 14.88 14.52 17.65
C THR A 160 14.78 16.02 17.98
N ASP A 161 14.17 16.79 17.08
CA ASP A 161 13.95 18.24 17.26
C ASP A 161 12.53 18.58 17.73
N SER A 162 11.54 17.75 17.35
CA SER A 162 10.12 17.88 17.74
C SER A 162 9.69 16.88 18.81
N GLU A 163 10.55 15.93 19.18
CA GLU A 163 10.26 14.99 20.25
C GLU A 163 10.47 15.71 21.58
N GLU A 164 9.53 15.53 22.51
CA GLU A 164 9.58 16.12 23.84
C GLU A 164 10.73 15.51 24.70
N GLN A 165 10.75 15.76 26.02
CA GLN A 165 11.73 15.15 26.94
C GLN A 165 12.04 13.67 26.63
N PRO A 166 11.05 12.76 26.63
CA PRO A 166 11.22 11.39 26.17
C PRO A 166 11.36 11.34 24.65
N TYR A 167 12.58 11.64 24.17
CA TYR A 167 12.99 11.41 22.80
C TYR A 167 12.83 9.94 22.35
N LEU A 168 13.04 9.70 21.05
CA LEU A 168 13.03 8.37 20.45
C LEU A 168 14.44 7.88 20.13
N GLU A 169 14.54 6.63 19.69
CA GLU A 169 15.77 5.96 19.31
C GLU A 169 15.74 5.53 17.83
N MET A 170 16.91 5.24 17.27
CA MET A 170 17.10 4.77 15.89
C MET A 170 17.48 3.28 15.86
N ASP A 171 17.03 2.50 16.85
CA ASP A 171 17.30 1.07 16.95
C ASP A 171 16.22 0.25 16.23
N LEU A 172 16.28 -1.08 16.32
CA LEU A 172 15.35 -1.99 15.64
C LEU A 172 14.58 -2.83 16.67
N SER A 173 13.57 -3.58 16.22
CA SER A 173 12.84 -4.50 17.11
C SER A 173 13.51 -5.87 17.19
N SER A 174 13.51 -6.61 16.07
CA SER A 174 13.97 -8.01 15.90
C SER A 174 13.62 -8.54 14.50
N PRO A 175 12.32 -8.61 14.11
CA PRO A 175 11.90 -9.19 12.83
C PRO A 175 12.22 -8.27 11.64
N GLN A 176 13.43 -8.40 11.10
CA GLN A 176 13.95 -7.62 9.96
C GLN A 176 14.00 -8.40 8.64
N THR A 177 13.42 -9.61 8.64
CA THR A 177 13.37 -10.49 7.46
C THR A 177 12.29 -10.05 6.46
N ARG A 178 12.28 -10.69 5.27
CA ARG A 178 11.24 -10.51 4.25
C ARG A 178 9.87 -11.00 4.75
N TYR A 179 8.82 -10.72 3.97
CA TYR A 179 7.49 -11.23 4.23
C TYR A 179 6.81 -11.62 2.91
N ILE A 180 6.16 -12.79 2.90
CA ILE A 180 5.40 -13.32 1.77
C ILE A 180 4.13 -14.03 2.29
N PRO A 181 2.94 -13.79 1.71
CA PRO A 181 1.70 -14.48 2.06
C PRO A 181 1.61 -15.93 1.57
N ASP A 182 2.28 -16.26 0.44
CA ASP A 182 2.29 -17.58 -0.20
C ASP A 182 0.86 -18.07 -0.54
N GLU A 183 0.03 -17.17 -1.09
CA GLU A 183 -1.34 -17.45 -1.50
C GLU A 183 -1.44 -17.62 -3.02
N ALA A 184 -2.45 -18.35 -3.50
CA ALA A 184 -2.70 -18.55 -4.93
C ALA A 184 -3.91 -17.73 -5.42
N ASP A 185 -4.38 -16.75 -4.64
CA ASP A 185 -5.48 -15.86 -4.98
C ASP A 185 -5.27 -14.41 -4.49
N PHE A 186 -4.00 -14.01 -4.33
CA PHE A 186 -3.65 -12.67 -3.85
C PHE A 186 -2.43 -12.10 -4.56
N LEU A 187 -2.48 -10.81 -4.88
CA LEU A 187 -1.36 -10.11 -5.50
C LEU A 187 -0.57 -9.29 -4.48
N LEU A 188 0.76 -9.41 -4.54
CA LEU A 188 1.71 -8.65 -3.74
C LEU A 188 2.65 -7.81 -4.63
N GLY A 189 2.76 -6.52 -4.32
CA GLY A 189 3.66 -5.57 -4.98
C GLY A 189 4.74 -5.00 -4.06
N MET A 190 5.09 -5.70 -2.98
CA MET A 190 6.17 -5.30 -2.06
C MET A 190 7.55 -5.45 -2.71
N ALA A 191 8.45 -4.53 -2.39
CA ALA A 191 9.87 -4.62 -2.71
C ALA A 191 10.66 -5.33 -1.60
N PRO A 202 29.39 -4.50 -11.44
CA PRO A 202 28.34 -3.50 -11.24
C PRO A 202 27.28 -3.99 -10.23
N ALA A 203 27.49 -3.69 -8.95
CA ALA A 203 26.57 -4.04 -7.84
C ALA A 203 25.70 -2.85 -7.38
N GLU A 204 25.56 -1.82 -8.21
CA GLU A 204 24.81 -0.57 -7.94
C GLU A 204 23.42 -0.57 -8.62
N GLY A 205 22.93 -1.75 -9.00
CA GLY A 205 21.64 -1.97 -9.67
C GLY A 205 20.55 -2.32 -8.66
N THR A 206 19.91 -1.31 -8.06
CA THR A 206 18.82 -1.50 -7.10
C THR A 206 17.58 -0.70 -7.53
N TRP A 207 16.40 -1.24 -7.21
CA TRP A 207 15.10 -0.63 -7.53
C TRP A 207 14.33 -0.28 -6.25
N TYR A 208 13.32 0.58 -6.40
CA TYR A 208 12.48 1.06 -5.31
C TYR A 208 11.04 1.24 -5.75
N ILE A 209 10.13 1.39 -4.78
CA ILE A 209 8.71 1.60 -5.04
C ILE A 209 8.44 2.92 -5.79
N GLN A 210 9.33 3.91 -5.62
CA GLN A 210 9.23 5.22 -6.24
C GLN A 210 9.03 5.10 -7.76
N SER A 211 9.80 4.20 -8.40
CA SER A 211 9.77 3.89 -9.83
C SER A 211 8.91 2.66 -10.15
N LEU A 212 8.00 2.27 -9.25
CA LEU A 212 7.06 1.16 -9.38
C LEU A 212 5.63 1.68 -9.37
N CYS A 213 5.25 2.41 -8.31
CA CYS A 213 3.91 3.00 -8.19
C CYS A 213 3.64 4.07 -9.26
N GLN A 214 4.70 4.60 -9.89
CA GLN A 214 4.60 5.55 -11.00
C GLN A 214 4.77 4.92 -12.38
N SER A 215 5.47 3.79 -12.47
CA SER A 215 5.71 3.09 -13.75
C SER A 215 4.55 2.17 -14.10
N LEU A 216 3.84 1.62 -13.10
CA LEU A 216 2.67 0.79 -13.36
C LEU A 216 1.45 1.64 -13.73
N ARG A 217 1.28 2.80 -13.10
CA ARG A 217 0.13 3.66 -13.28
C ARG A 217 0.09 4.21 -14.72
N GLU A 218 1.27 4.55 -15.27
CA GLU A 218 1.43 5.05 -16.64
C GLU A 218 1.43 3.92 -17.68
N ARG A 219 1.89 2.71 -17.30
CA ARG A 219 1.91 1.51 -18.15
C ARG A 219 0.63 0.67 -18.04
N CYS A 220 -0.36 1.10 -17.24
CA CYS A 220 -1.69 0.50 -17.18
C CYS A 220 -2.35 0.40 -18.57
N PRO A 221 -2.60 1.53 -19.28
CA PRO A 221 -3.28 1.53 -20.57
C PRO A 221 -2.41 0.96 -21.71
N ARG A 222 -2.22 -0.37 -21.72
CA ARG A 222 -1.37 -1.10 -22.67
C ARG A 222 -1.98 -2.41 -23.14
N GLY A 223 -2.46 -3.23 -22.20
CA GLY A 223 -3.06 -4.55 -22.46
C GLY A 223 -2.42 -5.69 -21.65
N ASP A 224 -1.23 -5.49 -21.09
CA ASP A 224 -0.56 -6.49 -20.25
C ASP A 224 -1.19 -6.61 -18.85
N ASP A 225 -0.90 -7.70 -18.15
CA ASP A 225 -1.41 -7.95 -16.80
C ASP A 225 -0.63 -7.21 -15.72
N ILE A 226 -1.34 -6.60 -14.75
CA ILE A 226 -0.68 -5.88 -13.63
C ILE A 226 0.29 -6.78 -12.88
N LEU A 227 0.01 -8.08 -12.87
CA LEU A 227 0.86 -9.12 -12.32
C LEU A 227 2.26 -9.12 -12.92
N THR A 228 2.40 -8.76 -14.20
CA THR A 228 3.69 -8.58 -14.89
C THR A 228 4.17 -7.14 -14.79
N ILE A 229 3.27 -6.14 -14.77
CA ILE A 229 3.68 -4.72 -14.69
C ILE A 229 4.49 -4.46 -13.42
N LEU A 230 4.09 -5.02 -12.27
CA LEU A 230 4.83 -4.84 -11.02
C LEU A 230 6.23 -5.48 -11.08
N THR A 231 6.40 -6.48 -11.94
CA THR A 231 7.68 -7.14 -12.18
C THR A 231 8.46 -6.47 -13.29
N GLU A 232 7.86 -5.58 -14.10
CA GLU A 232 8.51 -4.92 -15.24
C GLU A 232 9.76 -4.14 -14.82
N VAL A 233 9.74 -3.57 -13.60
CA VAL A 233 10.88 -2.87 -13.00
C VAL A 233 12.08 -3.80 -12.74
N PRO A 251 12.68 -13.84 -5.84
CA PRO A 251 12.23 -12.71 -6.65
C PRO A 251 11.63 -11.63 -5.74
N GLN A 252 12.02 -10.37 -5.93
CA GLN A 252 11.37 -9.20 -5.33
C GLN A 252 9.84 -9.26 -5.51
N PRO A 253 9.32 -9.26 -6.75
CA PRO A 253 7.88 -9.23 -6.98
C PRO A 253 7.24 -10.58 -6.66
N THR A 254 5.96 -10.56 -6.25
CA THR A 254 5.23 -11.77 -5.88
C THR A 254 3.78 -11.74 -6.40
N PHE A 255 3.53 -12.40 -7.53
CA PHE A 255 2.21 -12.43 -8.16
C PHE A 255 1.68 -13.86 -8.25
N THR A 256 0.52 -14.13 -7.63
CA THR A 256 -0.04 -15.48 -7.58
C THR A 256 -1.56 -15.45 -7.37
N LEU A 257 -2.31 -15.57 -8.48
CA LEU A 257 -3.78 -15.56 -8.46
C LEU A 257 -4.34 -16.66 -9.37
N ARG A 258 -5.50 -17.22 -9.00
CA ARG A 258 -6.23 -18.22 -9.79
C ARG A 258 -6.67 -17.65 -11.13
N LYS A 259 -7.20 -16.42 -11.09
CA LYS A 259 -7.65 -15.65 -12.23
C LYS A 259 -6.51 -14.78 -12.76
N LYS A 260 -6.79 -14.01 -13.81
CA LYS A 260 -5.86 -13.08 -14.42
C LYS A 260 -6.23 -11.65 -14.00
N LEU A 261 -5.24 -10.89 -13.52
CA LEU A 261 -5.40 -9.53 -13.05
C LEU A 261 -4.82 -8.57 -14.09
N VAL A 262 -5.66 -8.00 -14.97
CA VAL A 262 -5.24 -7.06 -16.03
C VAL A 262 -6.00 -5.77 -15.86
N PHE A 263 -5.33 -4.65 -16.11
CA PHE A 263 -5.91 -3.31 -16.08
C PHE A 263 -5.81 -2.72 -17.50
N PRO A 264 -6.90 -2.71 -18.29
CA PRO A 264 -6.95 -2.07 -19.61
C PRO A 264 -6.84 -0.55 -19.53
N SER A 265 -7.01 0.14 -20.66
CA SER A 265 -7.04 1.61 -20.75
C SER A 265 -8.42 2.25 -20.52
N ASP A 266 -9.49 1.47 -20.68
CA ASP A 266 -10.91 1.85 -20.54
C ASP A 266 -11.63 0.86 -19.63
#